data_7UO6
#
_entry.id   7UO6
#
_entity_poly.entity_id   1
_entity_poly.type   'polypeptide(L)'
_entity_poly.pdbx_seq_one_letter_code
;SQAVMKDMTKNFIKAYEVCAKEYNLPEAAGAEVMNFWKEGYVLTSREAGCAILCLSSKLNLLDPEGTLHRGNTVEFAKQH
GSDDAMAHQLVDIVHACEKSVPPNEDNCLMALGISMCFKTEIHKLNWAPDHELLLEEMMAEMKQ
;
_entity_poly.pdbx_strand_id   A
#
# COMPACT_ATOMS: atom_id res chain seq x y z
N SER A 1 13.10 -8.64 -10.80
CA SER A 1 12.02 -9.05 -9.87
C SER A 1 10.88 -8.03 -9.87
N GLN A 2 9.67 -8.45 -10.24
CA GLN A 2 8.48 -7.58 -10.23
C GLN A 2 7.30 -8.17 -9.44
N ALA A 3 7.11 -9.48 -9.51
CA ALA A 3 5.96 -10.15 -8.85
C ALA A 3 6.03 -10.03 -7.34
N VAL A 4 7.24 -9.78 -6.87
CA VAL A 4 7.54 -9.55 -5.47
C VAL A 4 6.73 -8.40 -4.88
N MET A 5 6.34 -7.43 -5.69
CA MET A 5 5.51 -6.32 -5.19
C MET A 5 4.19 -6.81 -4.62
N LYS A 6 3.63 -7.86 -5.20
CA LYS A 6 2.36 -8.43 -4.74
C LYS A 6 2.56 -9.30 -3.50
N ASP A 7 3.65 -10.06 -3.51
CA ASP A 7 3.95 -10.96 -2.39
C ASP A 7 4.30 -10.17 -1.14
N MET A 8 4.89 -9.00 -1.34
CA MET A 8 5.23 -8.10 -0.25
C MET A 8 3.97 -7.53 0.41
N THR A 9 2.90 -7.33 -0.34
CA THR A 9 1.63 -6.89 0.22
C THR A 9 1.03 -8.01 1.07
N LYS A 10 1.09 -9.24 0.59
CA LYS A 10 0.63 -10.39 1.36
C LYS A 10 1.42 -10.56 2.65
N ASN A 11 2.72 -10.29 2.60
CA ASN A 11 3.56 -10.36 3.79
C ASN A 11 3.22 -9.28 4.80
N PHE A 12 2.76 -8.12 4.32
CA PHE A 12 2.36 -7.04 5.21
C PHE A 12 1.05 -7.39 5.92
N ILE A 13 0.11 -8.02 5.23
CA ILE A 13 -1.13 -8.46 5.89
C ILE A 13 -1.00 -9.81 6.60
N LYS A 14 0.21 -10.35 6.71
CA LYS A 14 0.39 -11.62 7.43
C LYS A 14 -0.03 -11.47 8.90
N ALA A 15 0.25 -10.31 9.47
CA ALA A 15 -0.15 -9.98 10.84
C ALA A 15 -1.52 -9.29 10.93
N TYR A 16 -2.34 -9.33 9.88
CA TYR A 16 -3.60 -8.59 9.86
C TYR A 16 -4.54 -8.97 10.99
N GLU A 17 -4.70 -10.27 11.25
CA GLU A 17 -5.61 -10.73 12.29
C GLU A 17 -5.19 -10.25 13.67
N VAL A 18 -3.87 -10.20 13.88
CA VAL A 18 -3.28 -9.76 15.14
C VAL A 18 -3.58 -8.27 15.32
N CYS A 19 -3.48 -7.53 14.22
CA CYS A 19 -3.71 -6.09 14.24
C CYS A 19 -5.18 -5.71 14.38
N ALA A 20 -6.05 -6.50 13.77
CA ALA A 20 -7.49 -6.30 13.89
C ALA A 20 -7.90 -6.46 15.36
N LYS A 21 -7.29 -7.42 16.04
CA LYS A 21 -7.53 -7.60 17.47
C LYS A 21 -6.97 -6.44 18.28
N GLU A 22 -5.82 -5.91 17.91
CA GLU A 22 -5.23 -4.77 18.63
C GLU A 22 -6.07 -3.51 18.52
N TYR A 23 -6.41 -3.12 17.30
CA TYR A 23 -7.14 -1.87 17.05
C TYR A 23 -8.64 -2.03 17.21
N ASN A 24 -9.08 -3.27 17.41
CA ASN A 24 -10.48 -3.66 17.61
C ASN A 24 -11.36 -3.19 16.46
N LEU A 25 -10.91 -3.52 15.26
CA LEU A 25 -11.60 -3.13 14.04
C LEU A 25 -12.70 -4.16 13.76
N PRO A 26 -13.76 -3.77 13.03
CA PRO A 26 -14.78 -4.79 12.76
C PRO A 26 -14.29 -5.81 11.74
N GLU A 27 -15.01 -6.91 11.56
CA GLU A 27 -14.66 -7.92 10.56
C GLU A 27 -14.72 -7.30 9.17
N ALA A 28 -15.63 -6.35 9.01
CA ALA A 28 -15.80 -5.61 7.78
C ALA A 28 -14.50 -4.95 7.29
N ALA A 29 -13.61 -4.57 8.19
CA ALA A 29 -12.33 -3.96 7.81
C ALA A 29 -11.51 -4.92 6.95
N GLY A 30 -11.55 -6.20 7.30
CA GLY A 30 -10.79 -7.20 6.55
C GLY A 30 -11.24 -7.27 5.11
N ALA A 31 -12.55 -7.19 4.93
CA ALA A 31 -13.14 -7.19 3.60
C ALA A 31 -12.81 -5.88 2.87
N GLU A 32 -12.86 -4.74 3.56
CA GLU A 32 -12.56 -3.46 2.91
C GLU A 32 -11.11 -3.36 2.45
N VAL A 33 -10.18 -3.92 3.21
CA VAL A 33 -8.78 -3.94 2.78
C VAL A 33 -8.65 -4.83 1.53
N MET A 34 -9.31 -5.97 1.52
CA MET A 34 -9.19 -6.86 0.36
C MET A 34 -10.01 -6.39 -0.85
N ASN A 35 -10.99 -5.53 -0.64
CA ASN A 35 -11.80 -4.99 -1.73
C ASN A 35 -10.94 -4.17 -2.69
N PHE A 36 -9.82 -3.63 -2.25
CA PHE A 36 -8.92 -2.89 -3.15
C PHE A 36 -8.31 -3.74 -4.28
N TRP A 37 -8.34 -5.06 -4.14
CA TRP A 37 -7.87 -5.94 -5.21
C TRP A 37 -8.86 -6.00 -6.36
N LYS A 38 -10.09 -5.55 -6.15
CA LYS A 38 -11.07 -5.51 -7.22
C LYS A 38 -10.67 -4.43 -8.20
N GLU A 39 -11.14 -4.56 -9.43
CA GLU A 39 -10.46 -3.97 -10.57
C GLU A 39 -11.34 -2.84 -11.10
N GLY A 40 -10.94 -1.60 -10.86
CA GLY A 40 -11.73 -0.42 -11.22
C GLY A 40 -12.67 0.00 -10.11
N TYR A 41 -13.21 -0.97 -9.39
CA TYR A 41 -14.05 -0.72 -8.22
C TYR A 41 -13.16 -0.79 -7.00
N VAL A 42 -12.81 0.36 -6.44
CA VAL A 42 -11.95 0.44 -5.25
C VAL A 42 -12.64 1.37 -4.27
N LEU A 43 -13.09 0.84 -3.14
CA LEU A 43 -13.76 1.64 -2.12
C LEU A 43 -12.74 2.38 -1.25
N THR A 44 -13.20 3.28 -0.41
CA THR A 44 -12.36 3.87 0.64
C THR A 44 -13.18 3.94 1.92
N SER A 45 -12.57 3.55 3.05
CA SER A 45 -13.24 3.54 4.34
C SER A 45 -12.21 3.81 5.42
N ARG A 46 -12.63 4.39 6.54
CA ARG A 46 -11.70 4.71 7.63
C ARG A 46 -11.11 3.43 8.21
N GLU A 47 -11.93 2.41 8.35
CA GLU A 47 -11.52 1.14 8.92
C GLU A 47 -10.40 0.46 8.12
N ALA A 48 -10.47 0.51 6.80
CA ALA A 48 -9.41 -0.07 5.97
C ALA A 48 -8.10 0.68 6.23
N GLY A 49 -8.21 1.99 6.36
CA GLY A 49 -7.04 2.79 6.64
C GLY A 49 -6.45 2.51 8.00
N CYS A 50 -7.28 2.25 8.99
CA CYS A 50 -6.80 1.98 10.34
C CYS A 50 -6.10 0.62 10.40
N ALA A 51 -6.51 -0.30 9.55
CA ALA A 51 -5.86 -1.61 9.49
C ALA A 51 -4.43 -1.48 8.98
N ILE A 52 -4.24 -0.63 7.98
CA ILE A 52 -2.92 -0.39 7.40
C ILE A 52 -2.08 0.38 8.40
N LEU A 53 -2.70 1.38 9.02
CA LEU A 53 -2.02 2.22 10.00
C LEU A 53 -1.52 1.38 11.16
N CYS A 54 -2.37 0.52 11.69
CA CYS A 54 -1.99 -0.27 12.85
C CYS A 54 -0.87 -1.23 12.48
N LEU A 55 -0.86 -1.80 11.28
CA LEU A 55 0.21 -2.75 10.93
C LEU A 55 1.56 -2.04 10.87
N SER A 56 1.56 -0.83 10.35
CA SER A 56 2.81 -0.09 10.27
C SER A 56 3.34 0.28 11.66
N SER A 57 2.47 0.56 12.62
CA SER A 57 2.92 0.85 13.99
C SER A 57 3.15 -0.41 14.83
N LYS A 58 2.49 -1.50 14.48
CA LYS A 58 2.66 -2.79 15.18
C LYS A 58 4.09 -3.23 15.03
N LEU A 59 4.64 -3.05 13.84
CA LEU A 59 6.01 -3.47 13.56
C LEU A 59 7.03 -2.34 13.53
N ASN A 60 6.55 -1.10 13.41
CA ASN A 60 7.38 0.11 13.35
C ASN A 60 8.46 0.01 12.28
N LEU A 61 8.09 -0.46 11.08
CA LEU A 61 9.03 -0.59 9.96
C LEU A 61 9.07 0.71 9.16
N LEU A 62 9.10 1.80 9.91
CA LEU A 62 9.06 3.17 9.43
C LEU A 62 10.14 3.87 10.23
N ASP A 63 10.52 5.07 9.82
CA ASP A 63 11.34 5.94 10.66
C ASP A 63 10.45 6.31 11.84
N PRO A 64 11.03 6.71 12.98
CA PRO A 64 10.10 7.06 14.08
C PRO A 64 9.30 8.34 13.80
N GLU A 65 9.73 9.10 12.80
CA GLU A 65 9.01 10.27 12.30
C GLU A 65 7.68 9.94 11.63
N GLY A 66 7.48 8.67 11.28
CA GLY A 66 6.29 8.28 10.54
C GLY A 66 6.48 8.40 9.04
N THR A 67 7.72 8.23 8.59
CA THR A 67 8.06 8.29 7.17
C THR A 67 8.65 6.92 6.82
N LEU A 68 8.50 6.48 5.58
CA LEU A 68 8.96 5.14 5.21
C LEU A 68 10.49 5.01 5.22
N HIS A 69 11.00 4.09 6.03
CA HIS A 69 12.43 3.86 6.17
C HIS A 69 12.96 3.05 4.98
N ARG A 70 14.03 3.54 4.35
CA ARG A 70 14.52 2.90 3.12
C ARG A 70 15.09 1.52 3.37
N GLY A 71 15.81 1.36 4.46
CA GLY A 71 16.34 0.06 4.82
C GLY A 71 15.26 -0.96 5.09
N ASN A 72 14.22 -0.59 5.83
CA ASN A 72 13.13 -1.54 6.10
C ASN A 72 12.43 -1.91 4.81
N THR A 73 12.32 -0.97 3.88
CA THR A 73 11.64 -1.25 2.63
C THR A 73 12.39 -2.32 1.83
N VAL A 74 13.70 -2.15 1.68
CA VAL A 74 14.46 -3.11 0.88
C VAL A 74 14.59 -4.44 1.61
N GLU A 75 14.69 -4.43 2.93
CA GLU A 75 14.80 -5.68 3.69
C GLU A 75 13.52 -6.50 3.64
N PHE A 76 12.37 -5.86 3.84
CA PHE A 76 11.11 -6.57 3.91
C PHE A 76 10.75 -7.13 2.54
N ALA A 77 11.19 -6.43 1.50
CA ALA A 77 11.00 -6.89 0.13
C ALA A 77 11.91 -8.08 -0.23
N LYS A 78 13.15 -8.06 0.25
CA LYS A 78 14.11 -9.13 -0.06
C LYS A 78 13.70 -10.47 0.54
N GLN A 79 12.85 -10.45 1.55
CA GLN A 79 12.25 -11.67 2.09
C GLN A 79 11.46 -12.47 1.06
N HIS A 80 11.03 -11.81 -0.01
CA HIS A 80 10.30 -12.46 -1.11
C HIS A 80 11.04 -12.28 -2.43
N GLY A 81 12.34 -12.02 -2.37
CA GLY A 81 13.18 -12.06 -3.56
C GLY A 81 13.25 -10.80 -4.40
N SER A 82 13.10 -9.63 -3.80
CA SER A 82 13.17 -8.38 -4.57
C SER A 82 14.59 -8.06 -5.03
N ASP A 83 14.68 -7.09 -5.92
CA ASP A 83 15.95 -6.43 -6.20
C ASP A 83 15.93 -5.20 -5.32
N ASP A 84 17.07 -4.83 -4.75
CA ASP A 84 17.12 -3.70 -3.82
C ASP A 84 16.78 -2.42 -4.54
N ALA A 85 17.27 -2.29 -5.77
CA ALA A 85 17.04 -1.08 -6.53
C ALA A 85 15.55 -0.85 -6.76
N MET A 86 14.83 -1.92 -7.06
CA MET A 86 13.39 -1.83 -7.28
C MET A 86 12.68 -1.41 -6.00
N ALA A 87 13.05 -2.03 -4.89
CA ALA A 87 12.41 -1.73 -3.62
C ALA A 87 12.76 -0.32 -3.12
N HIS A 88 13.96 0.15 -3.41
CA HIS A 88 14.38 1.50 -3.03
C HIS A 88 13.60 2.57 -3.79
N GLN A 89 13.29 2.30 -5.05
CA GLN A 89 12.48 3.21 -5.87
C GLN A 89 11.05 3.33 -5.32
N LEU A 90 10.58 2.33 -4.58
CA LEU A 90 9.25 2.40 -4.00
C LEU A 90 9.19 3.52 -2.97
N VAL A 91 10.29 3.81 -2.29
CA VAL A 91 10.28 4.88 -1.30
C VAL A 91 10.24 6.24 -2.02
N ASP A 92 10.85 6.30 -3.19
CA ASP A 92 10.86 7.55 -3.96
C ASP A 92 9.47 7.88 -4.50
N ILE A 93 8.72 6.88 -4.95
CA ILE A 93 7.36 7.15 -5.43
C ILE A 93 6.41 7.48 -4.28
N VAL A 94 6.73 7.10 -3.05
CA VAL A 94 5.95 7.51 -1.88
C VAL A 94 6.06 9.02 -1.69
N HIS A 95 7.19 9.64 -2.03
CA HIS A 95 7.27 11.09 -2.01
C HIS A 95 6.41 11.72 -3.12
N ALA A 96 6.42 11.12 -4.30
CA ALA A 96 5.61 11.64 -5.41
C ALA A 96 4.12 11.52 -5.07
N CYS A 97 3.77 10.46 -4.37
CA CYS A 97 2.40 10.18 -3.96
C CYS A 97 1.80 11.27 -3.07
N GLU A 98 2.63 12.03 -2.39
CA GLU A 98 2.14 13.15 -1.56
C GLU A 98 1.48 14.23 -2.39
N LYS A 99 1.87 14.36 -3.66
CA LYS A 99 1.24 15.35 -4.54
C LYS A 99 -0.21 14.95 -4.76
N SER A 100 -0.42 13.66 -5.00
CA SER A 100 -1.74 13.12 -5.25
C SER A 100 -2.60 12.99 -4.00
N VAL A 101 -1.95 12.78 -2.87
CA VAL A 101 -2.63 12.61 -1.58
C VAL A 101 -2.20 13.70 -0.62
N PRO A 102 -2.98 14.80 -0.55
CA PRO A 102 -2.62 15.76 0.50
C PRO A 102 -2.89 15.13 1.87
N PRO A 103 -2.32 15.70 2.95
CA PRO A 103 -2.61 15.10 4.25
C PRO A 103 -4.09 15.07 4.61
N ASN A 104 -4.46 14.13 5.46
CA ASN A 104 -5.84 13.99 5.93
C ASN A 104 -5.72 14.10 7.43
N GLU A 105 -6.78 14.57 8.08
CA GLU A 105 -6.71 14.89 9.50
C GLU A 105 -6.54 13.60 10.30
N ASP A 106 -7.34 12.60 9.96
CA ASP A 106 -7.27 11.31 10.63
C ASP A 106 -6.15 10.48 10.01
N ASN A 107 -5.32 9.88 10.85
CA ASN A 107 -4.16 9.13 10.39
C ASN A 107 -4.53 7.89 9.59
N CYS A 108 -5.70 7.31 9.87
CA CYS A 108 -6.17 6.15 9.12
C CYS A 108 -6.47 6.56 7.69
N LEU A 109 -7.12 7.71 7.54
CA LEU A 109 -7.53 8.17 6.22
C LEU A 109 -6.31 8.52 5.40
N MET A 110 -5.31 9.13 6.02
CA MET A 110 -4.08 9.45 5.30
C MET A 110 -3.36 8.17 4.89
N ALA A 111 -3.33 7.19 5.78
CA ALA A 111 -2.69 5.91 5.48
C ALA A 111 -3.33 5.24 4.27
N LEU A 112 -4.65 5.20 4.22
CA LEU A 112 -5.33 4.57 3.08
C LEU A 112 -5.10 5.33 1.78
N GLY A 113 -5.11 6.65 1.86
CA GLY A 113 -4.94 7.45 0.64
C GLY A 113 -3.59 7.19 0.01
N ILE A 114 -2.55 7.23 0.83
CA ILE A 114 -1.19 6.97 0.35
C ILE A 114 -1.13 5.53 -0.14
N SER A 115 -1.73 4.59 0.56
CA SER A 115 -1.68 3.18 0.16
C SER A 115 -2.27 2.87 -1.21
N MET A 116 -3.33 3.56 -1.58
CA MET A 116 -3.92 3.35 -2.90
C MET A 116 -3.06 4.02 -3.97
N CYS A 117 -2.62 5.23 -3.66
CA CYS A 117 -1.84 6.00 -4.63
C CYS A 117 -0.44 5.42 -4.82
N PHE A 118 0.08 4.72 -3.83
CA PHE A 118 1.33 3.97 -3.96
C PHE A 118 1.27 2.97 -5.11
N LYS A 119 0.13 2.32 -5.30
CA LYS A 119 -0.03 1.45 -6.46
C LYS A 119 -0.22 2.26 -7.72
N THR A 120 -1.04 3.30 -7.67
CA THR A 120 -1.26 4.16 -8.84
C THR A 120 0.04 4.75 -9.39
N GLU A 121 0.97 5.13 -8.52
CA GLU A 121 2.28 5.62 -8.94
C GLU A 121 3.14 4.57 -9.65
N ILE A 122 3.19 3.34 -9.17
CA ILE A 122 4.01 2.30 -9.82
C ILE A 122 3.32 1.83 -11.09
N HIS A 123 1.99 1.92 -11.09
CA HIS A 123 1.18 1.60 -12.27
C HIS A 123 1.47 2.61 -13.37
N LYS A 124 1.50 3.89 -13.05
CA LYS A 124 1.79 4.91 -14.07
C LYS A 124 3.22 4.86 -14.57
N LEU A 125 4.15 4.36 -13.79
CA LEU A 125 5.50 4.13 -14.31
C LEU A 125 5.61 2.91 -15.23
N ASN A 126 4.54 2.11 -15.27
CA ASN A 126 4.42 0.87 -16.04
C ASN A 126 5.28 -0.26 -15.46
N TRP A 127 5.84 -0.05 -14.28
CA TRP A 127 6.81 -0.99 -13.71
C TRP A 127 6.15 -2.14 -12.95
N ALA A 128 4.89 -1.98 -12.61
CA ALA A 128 4.15 -3.00 -11.85
C ALA A 128 4.05 -4.31 -12.63
N PRO A 129 3.96 -5.47 -11.93
CA PRO A 129 3.87 -6.70 -12.73
C PRO A 129 2.55 -6.89 -13.48
N ASP A 130 1.47 -6.28 -12.97
CA ASP A 130 0.14 -6.47 -13.53
C ASP A 130 -0.13 -5.44 -14.64
N HIS A 131 0.31 -5.72 -15.86
CA HIS A 131 0.21 -4.71 -16.92
C HIS A 131 -1.24 -4.41 -17.28
N GLU A 132 -2.10 -5.40 -17.26
CA GLU A 132 -3.52 -5.18 -17.53
C GLU A 132 -4.20 -4.35 -16.44
N LEU A 133 -3.67 -4.34 -15.23
CA LEU A 133 -4.28 -3.56 -14.14
C LEU A 133 -3.93 -2.09 -14.29
N LEU A 134 -2.67 -1.82 -14.62
CA LEU A 134 -2.22 -0.44 -14.83
C LEU A 134 -2.83 0.12 -16.10
N LEU A 135 -2.95 -0.73 -17.11
CA LEU A 135 -3.59 -0.35 -18.37
C LEU A 135 -5.04 -0.02 -18.13
N GLU A 136 -5.73 -0.81 -17.32
CA GLU A 136 -7.13 -0.51 -17.05
C GLU A 136 -7.27 0.79 -16.27
N GLU A 137 -6.38 1.09 -15.34
CA GLU A 137 -6.53 2.34 -14.60
C GLU A 137 -6.36 3.56 -15.51
N MET A 138 -5.49 3.44 -16.50
CA MET A 138 -5.31 4.51 -17.49
C MET A 138 -6.45 4.53 -18.51
N MET A 139 -7.00 3.37 -18.88
CA MET A 139 -8.14 3.33 -19.79
C MET A 139 -9.41 3.80 -19.13
N ALA A 140 -9.61 3.49 -17.86
CA ALA A 140 -10.82 3.90 -17.15
C ALA A 140 -10.86 5.43 -17.03
N GLU A 141 -9.68 6.03 -16.93
CA GLU A 141 -9.57 7.48 -16.96
C GLU A 141 -10.05 8.03 -18.31
N MET A 142 -9.75 7.34 -19.40
CA MET A 142 -10.19 7.77 -20.73
C MET A 142 -11.67 7.49 -20.98
N LYS A 143 -12.20 6.46 -20.33
CA LYS A 143 -13.61 6.08 -20.47
C LYS A 143 -14.55 7.12 -19.87
N GLN A 144 -14.07 7.92 -18.92
CA GLN A 144 -14.86 8.98 -18.29
C GLN A 144 -14.31 10.35 -18.62
N SER A 1 11.16 -8.19 -9.23
CA SER A 1 10.28 -9.38 -9.29
C SER A 1 8.84 -8.99 -8.99
N GLN A 2 7.95 -9.15 -9.95
CA GLN A 2 6.59 -8.60 -9.83
C GLN A 2 5.69 -9.31 -8.83
N ALA A 3 5.77 -10.62 -8.69
CA ALA A 3 4.93 -11.32 -7.71
C ALA A 3 5.33 -10.97 -6.29
N VAL A 4 6.61 -10.66 -6.09
CA VAL A 4 7.11 -10.26 -4.78
C VAL A 4 6.43 -8.97 -4.33
N MET A 5 6.12 -8.07 -5.25
CA MET A 5 5.43 -6.84 -4.89
C MET A 5 4.07 -7.14 -4.24
N LYS A 6 3.36 -8.14 -4.78
CA LYS A 6 2.09 -8.55 -4.22
C LYS A 6 2.26 -9.32 -2.91
N ASP A 7 3.22 -10.23 -2.90
CA ASP A 7 3.43 -11.12 -1.75
C ASP A 7 3.99 -10.36 -0.54
N MET A 8 4.64 -9.23 -0.79
CA MET A 8 5.07 -8.32 0.25
C MET A 8 3.87 -7.76 1.00
N THR A 9 2.78 -7.49 0.28
CA THR A 9 1.56 -7.01 0.93
C THR A 9 0.99 -8.12 1.80
N LYS A 10 1.04 -9.35 1.30
CA LYS A 10 0.57 -10.50 2.09
C LYS A 10 1.39 -10.70 3.36
N ASN A 11 2.70 -10.46 3.30
CA ASN A 11 3.52 -10.48 4.51
C ASN A 11 3.19 -9.32 5.44
N PHE A 12 2.88 -8.15 4.90
CA PHE A 12 2.52 -7.01 5.75
C PHE A 12 1.23 -7.30 6.53
N ILE A 13 0.26 -7.94 5.88
CA ILE A 13 -1.00 -8.30 6.55
C ILE A 13 -0.94 -9.66 7.25
N LYS A 14 0.23 -10.28 7.34
CA LYS A 14 0.33 -11.56 8.05
C LYS A 14 -0.03 -11.40 9.53
N ALA A 15 0.27 -10.23 10.08
CA ALA A 15 -0.10 -9.91 11.46
C ALA A 15 -1.48 -9.23 11.56
N TYR A 16 -2.30 -9.25 10.52
CA TYR A 16 -3.56 -8.51 10.52
C TYR A 16 -4.48 -8.93 11.66
N GLU A 17 -4.66 -10.22 11.84
CA GLU A 17 -5.56 -10.73 12.87
C GLU A 17 -5.07 -10.33 14.26
N VAL A 18 -3.76 -10.32 14.44
CA VAL A 18 -3.15 -9.98 15.72
C VAL A 18 -3.36 -8.50 16.00
N CYS A 19 -3.12 -7.68 14.98
CA CYS A 19 -3.32 -6.24 15.07
C CYS A 19 -4.79 -5.92 15.33
N ALA A 20 -5.69 -6.65 14.68
CA ALA A 20 -7.12 -6.43 14.85
C ALA A 20 -7.55 -6.72 16.29
N LYS A 21 -6.90 -7.66 16.97
CA LYS A 21 -7.16 -7.88 18.40
C LYS A 21 -6.63 -6.73 19.24
N GLU A 22 -5.43 -6.27 18.92
CA GLU A 22 -4.77 -5.19 19.68
C GLU A 22 -5.45 -3.82 19.57
N TYR A 23 -6.03 -3.53 18.41
CA TYR A 23 -6.77 -2.27 18.18
C TYR A 23 -8.27 -2.48 18.41
N ASN A 24 -8.65 -3.71 18.74
CA ASN A 24 -10.06 -4.13 18.88
C ASN A 24 -10.89 -3.77 17.64
N LEU A 25 -10.31 -3.93 16.46
CA LEU A 25 -10.98 -3.55 15.20
C LEU A 25 -12.21 -4.41 14.95
N PRO A 26 -13.25 -3.86 14.31
CA PRO A 26 -14.42 -4.70 14.01
C PRO A 26 -14.10 -5.71 12.91
N GLU A 27 -14.88 -6.77 12.84
CA GLU A 27 -14.63 -7.86 11.88
C GLU A 27 -14.80 -7.41 10.44
N ALA A 28 -15.69 -6.44 10.23
CA ALA A 28 -15.93 -5.87 8.91
C ALA A 28 -14.66 -5.25 8.31
N ALA A 29 -13.75 -4.78 9.14
CA ALA A 29 -12.50 -4.18 8.67
C ALA A 29 -11.66 -5.23 7.92
N GLY A 30 -11.72 -6.48 8.35
CA GLY A 30 -10.99 -7.54 7.67
C GLY A 30 -11.50 -7.70 6.24
N ALA A 31 -12.82 -7.70 6.12
CA ALA A 31 -13.46 -7.81 4.82
C ALA A 31 -13.17 -6.57 3.94
N GLU A 32 -13.03 -5.39 4.53
CA GLU A 32 -12.66 -4.20 3.75
C GLU A 32 -11.25 -4.34 3.16
N VAL A 33 -10.32 -4.88 3.92
CA VAL A 33 -8.94 -5.03 3.46
C VAL A 33 -8.87 -6.14 2.40
N MET A 34 -9.72 -7.14 2.50
CA MET A 34 -9.86 -8.12 1.42
C MET A 34 -10.50 -7.49 0.18
N ASN A 35 -11.43 -6.56 0.36
CA ASN A 35 -12.06 -5.90 -0.78
C ASN A 35 -11.07 -4.99 -1.50
N PHE A 36 -10.09 -4.42 -0.80
CA PHE A 36 -9.02 -3.69 -1.48
C PHE A 36 -8.25 -4.58 -2.44
N TRP A 37 -8.06 -5.83 -2.03
CA TRP A 37 -7.31 -6.77 -2.84
C TRP A 37 -8.11 -7.30 -4.03
N LYS A 38 -9.43 -7.20 -3.97
CA LYS A 38 -10.25 -7.59 -5.12
C LYS A 38 -10.03 -6.54 -6.20
N GLU A 39 -9.70 -6.98 -7.39
CA GLU A 39 -9.27 -6.07 -8.42
C GLU A 39 -10.45 -5.23 -8.92
N GLY A 40 -10.25 -3.93 -9.03
CA GLY A 40 -11.30 -3.04 -9.50
C GLY A 40 -12.25 -2.52 -8.44
N TYR A 41 -12.14 -3.02 -7.22
CA TYR A 41 -12.96 -2.55 -6.12
C TYR A 41 -12.34 -1.26 -5.59
N VAL A 42 -13.17 -0.35 -5.09
CA VAL A 42 -12.72 0.95 -4.57
C VAL A 42 -13.44 1.21 -3.25
N LEU A 43 -12.77 1.02 -2.12
CA LEU A 43 -13.37 1.22 -0.78
C LEU A 43 -12.44 2.08 0.06
N THR A 44 -13.00 2.89 0.95
CA THR A 44 -12.23 3.76 1.85
C THR A 44 -12.85 3.83 3.26
N SER A 45 -12.81 2.73 3.98
CA SER A 45 -13.26 2.67 5.38
C SER A 45 -12.18 3.16 6.34
N ARG A 46 -12.57 3.78 7.45
CA ARG A 46 -11.60 4.33 8.40
C ARG A 46 -10.77 3.20 9.00
N GLU A 47 -11.42 2.11 9.39
CA GLU A 47 -10.72 1.04 10.09
C GLU A 47 -9.79 0.25 9.17
N ALA A 48 -10.09 0.24 7.87
CA ALA A 48 -9.22 -0.42 6.89
C ALA A 48 -7.87 0.30 6.84
N GLY A 49 -7.92 1.61 7.05
CA GLY A 49 -6.71 2.40 7.12
C GLY A 49 -6.02 2.31 8.45
N CYS A 50 -6.80 2.12 9.51
CA CYS A 50 -6.24 2.01 10.85
C CYS A 50 -5.49 0.70 10.97
N ALA A 51 -5.88 -0.30 10.20
CA ALA A 51 -5.11 -1.53 10.14
C ALA A 51 -3.70 -1.28 9.60
N ILE A 52 -3.55 -0.42 8.60
CA ILE A 52 -2.22 -0.15 8.04
C ILE A 52 -1.39 0.58 9.10
N LEU A 53 -2.02 1.56 9.73
CA LEU A 53 -1.37 2.40 10.74
C LEU A 53 -0.92 1.56 11.93
N CYS A 54 -1.75 0.61 12.32
CA CYS A 54 -1.45 -0.37 13.35
C CYS A 54 -0.33 -1.32 12.94
N LEU A 55 -0.42 -1.90 11.75
CA LEU A 55 0.57 -2.89 11.31
C LEU A 55 1.95 -2.30 11.12
N SER A 56 2.04 -1.06 10.65
CA SER A 56 3.33 -0.40 10.51
C SER A 56 3.92 -0.09 11.89
N SER A 57 3.09 0.39 12.80
CA SER A 57 3.54 0.74 14.14
C SER A 57 3.85 -0.47 15.01
N LYS A 58 3.22 -1.60 14.72
CA LYS A 58 3.48 -2.84 15.43
C LYS A 58 4.93 -3.29 15.25
N LEU A 59 5.48 -3.06 14.07
CA LEU A 59 6.84 -3.52 13.79
C LEU A 59 7.88 -2.40 13.73
N ASN A 60 7.42 -1.15 13.75
CA ASN A 60 8.27 0.04 13.80
C ASN A 60 9.29 0.07 12.65
N LEU A 61 8.85 -0.30 11.45
CA LEU A 61 9.72 -0.34 10.27
C LEU A 61 9.68 0.98 9.52
N LEU A 62 8.93 1.91 10.06
CA LEU A 62 8.96 3.29 9.58
C LEU A 62 10.18 3.94 10.26
N ASP A 63 10.54 5.11 9.79
CA ASP A 63 11.49 5.99 10.49
C ASP A 63 10.80 6.43 11.77
N PRO A 64 11.52 6.94 12.78
CA PRO A 64 10.77 7.35 13.97
C PRO A 64 9.83 8.55 13.73
N GLU A 65 10.01 9.27 12.63
CA GLU A 65 9.09 10.32 12.22
C GLU A 65 7.79 9.77 11.61
N GLY A 66 7.72 8.47 11.38
CA GLY A 66 6.52 7.85 10.82
C GLY A 66 6.45 7.96 9.32
N THR A 67 7.62 8.02 8.69
CA THR A 67 7.74 8.09 7.23
C THR A 67 8.41 6.80 6.82
N LEU A 68 8.28 6.36 5.58
CA LEU A 68 8.83 5.06 5.20
C LEU A 68 10.36 5.14 5.12
N HIS A 69 11.04 4.19 5.75
CA HIS A 69 12.50 4.17 5.79
C HIS A 69 13.03 3.30 4.65
N ARG A 70 13.99 3.80 3.87
CA ARG A 70 14.47 3.10 2.67
C ARG A 70 15.09 1.75 2.97
N GLY A 71 15.93 1.67 4.00
CA GLY A 71 16.54 0.41 4.37
C GLY A 71 15.51 -0.63 4.74
N ASN A 72 14.51 -0.23 5.52
CA ASN A 72 13.47 -1.17 5.92
C ASN A 72 12.62 -1.60 4.74
N THR A 73 12.47 -0.74 3.75
CA THR A 73 11.71 -1.09 2.55
C THR A 73 12.44 -2.16 1.76
N VAL A 74 13.74 -1.97 1.52
CA VAL A 74 14.47 -2.93 0.70
C VAL A 74 14.64 -4.24 1.46
N GLU A 75 14.86 -4.19 2.77
CA GLU A 75 14.97 -5.42 3.56
C GLU A 75 13.67 -6.19 3.59
N PHE A 76 12.55 -5.52 3.82
CA PHE A 76 11.27 -6.21 3.93
C PHE A 76 10.86 -6.79 2.59
N ALA A 77 11.15 -6.10 1.50
CA ALA A 77 10.83 -6.61 0.18
C ALA A 77 11.72 -7.81 -0.18
N LYS A 78 13.00 -7.77 0.19
CA LYS A 78 13.91 -8.89 -0.05
C LYS A 78 13.68 -10.10 0.85
N GLN A 79 12.79 -10.01 1.82
CA GLN A 79 12.33 -11.22 2.51
C GLN A 79 11.63 -12.17 1.54
N HIS A 80 10.94 -11.67 0.53
CA HIS A 80 10.35 -12.52 -0.52
C HIS A 80 11.21 -12.57 -1.78
N GLY A 81 12.25 -11.74 -1.85
CA GLY A 81 13.17 -11.75 -2.98
C GLY A 81 13.00 -10.67 -4.03
N SER A 82 12.84 -9.43 -3.61
CA SER A 82 12.73 -8.29 -4.53
C SER A 82 14.07 -7.88 -5.09
N ASP A 83 14.08 -6.89 -5.96
CA ASP A 83 15.30 -6.15 -6.27
C ASP A 83 15.37 -4.90 -5.40
N ASP A 84 16.57 -4.48 -5.04
CA ASP A 84 16.75 -3.29 -4.20
C ASP A 84 16.29 -2.05 -4.93
N ALA A 85 16.62 -1.94 -6.21
CA ALA A 85 16.29 -0.75 -6.98
C ALA A 85 14.78 -0.58 -7.11
N MET A 86 14.10 -1.71 -7.26
CA MET A 86 12.65 -1.68 -7.42
C MET A 86 12.01 -1.27 -6.11
N ALA A 87 12.52 -1.80 -5.00
CA ALA A 87 11.99 -1.47 -3.68
C ALA A 87 12.31 -0.03 -3.27
N HIS A 88 13.49 0.47 -3.61
CA HIS A 88 13.87 1.85 -3.32
C HIS A 88 12.95 2.83 -4.06
N GLN A 89 12.56 2.49 -5.27
CA GLN A 89 11.66 3.36 -6.04
C GLN A 89 10.29 3.49 -5.37
N LEU A 90 9.87 2.51 -4.59
CA LEU A 90 8.59 2.59 -3.90
C LEU A 90 8.60 3.73 -2.90
N VAL A 91 9.75 4.00 -2.31
CA VAL A 91 9.86 5.07 -1.31
C VAL A 91 9.84 6.41 -2.02
N ASP A 92 10.47 6.48 -3.19
CA ASP A 92 10.53 7.71 -3.96
C ASP A 92 9.17 8.15 -4.48
N ILE A 93 8.40 7.22 -5.04
CA ILE A 93 7.15 7.58 -5.70
C ILE A 93 6.01 7.91 -4.72
N VAL A 94 6.17 7.55 -3.45
CA VAL A 94 5.26 8.03 -2.40
C VAL A 94 5.29 9.56 -2.33
N HIS A 95 6.42 10.19 -2.64
CA HIS A 95 6.49 11.65 -2.65
C HIS A 95 5.55 12.29 -3.69
N ALA A 96 5.51 11.73 -4.89
CA ALA A 96 4.60 12.24 -5.92
C ALA A 96 3.16 11.85 -5.59
N CYS A 97 2.99 10.69 -4.97
CA CYS A 97 1.68 10.19 -4.58
C CYS A 97 1.00 11.13 -3.58
N GLU A 98 1.75 11.88 -2.79
CA GLU A 98 1.14 12.85 -1.88
C GLU A 98 0.35 13.94 -2.59
N LYS A 99 0.65 14.20 -3.85
CA LYS A 99 -0.10 15.22 -4.58
C LYS A 99 -1.56 14.80 -4.77
N SER A 100 -1.85 13.51 -4.85
CA SER A 100 -3.22 13.01 -4.90
C SER A 100 -3.69 12.49 -3.53
N VAL A 101 -2.79 12.42 -2.57
CA VAL A 101 -3.12 11.98 -1.19
C VAL A 101 -2.75 13.07 -0.19
N PRO A 102 -3.66 14.03 0.03
CA PRO A 102 -3.36 15.05 1.04
C PRO A 102 -3.49 14.47 2.46
N PRO A 103 -3.02 15.21 3.48
CA PRO A 103 -3.39 14.76 4.84
C PRO A 103 -4.90 14.79 5.06
N ASN A 104 -5.39 14.01 6.01
CA ASN A 104 -6.81 13.95 6.35
C ASN A 104 -6.95 14.30 7.82
N GLU A 105 -8.18 14.45 8.29
CA GLU A 105 -8.44 14.68 9.71
C GLU A 105 -8.08 13.46 10.56
N ASP A 106 -7.99 12.30 9.92
CA ASP A 106 -7.65 11.06 10.61
C ASP A 106 -6.49 10.38 9.87
N ASN A 107 -5.47 9.97 10.61
CA ASN A 107 -4.27 9.41 10.02
C ASN A 107 -4.53 8.06 9.35
N CYS A 108 -5.58 7.37 9.76
CA CYS A 108 -5.95 6.10 9.14
C CYS A 108 -6.35 6.33 7.70
N LEU A 109 -7.10 7.39 7.46
CA LEU A 109 -7.60 7.67 6.11
C LEU A 109 -6.45 8.13 5.22
N MET A 110 -5.48 8.82 5.79
CA MET A 110 -4.29 9.21 5.04
C MET A 110 -3.49 7.96 4.66
N ALA A 111 -3.31 7.05 5.61
CA ALA A 111 -2.58 5.81 5.36
C ALA A 111 -3.25 4.99 4.25
N LEU A 112 -4.58 4.94 4.30
CA LEU A 112 -5.33 4.20 3.29
C LEU A 112 -5.25 4.83 1.91
N GLY A 113 -5.26 6.15 1.86
CA GLY A 113 -5.15 6.85 0.59
C GLY A 113 -3.82 6.56 -0.06
N ILE A 114 -2.77 6.47 0.75
CA ILE A 114 -1.45 6.12 0.23
C ILE A 114 -1.51 4.71 -0.32
N SER A 115 -2.11 3.76 0.39
CA SER A 115 -2.10 2.36 -0.08
C SER A 115 -2.76 2.13 -1.44
N MET A 116 -3.74 2.95 -1.78
CA MET A 116 -4.41 2.82 -3.07
C MET A 116 -3.62 3.53 -4.18
N CYS A 117 -3.11 4.72 -3.88
CA CYS A 117 -2.33 5.50 -4.84
C CYS A 117 -0.92 4.92 -5.05
N PHE A 118 -0.48 4.14 -4.08
CA PHE A 118 0.74 3.34 -4.18
C PHE A 118 0.68 2.47 -5.43
N LYS A 119 -0.44 1.79 -5.66
CA LYS A 119 -0.55 0.95 -6.84
C LYS A 119 -0.52 1.81 -8.09
N THR A 120 -1.21 2.94 -8.06
CA THR A 120 -1.32 3.83 -9.20
C THR A 120 0.03 4.33 -9.69
N GLU A 121 0.92 4.73 -8.78
CA GLU A 121 2.24 5.19 -9.20
C GLU A 121 3.04 4.09 -9.89
N ILE A 122 2.90 2.85 -9.44
CA ILE A 122 3.66 1.77 -10.04
C ILE A 122 3.06 1.40 -11.40
N HIS A 123 1.76 1.61 -11.57
CA HIS A 123 1.14 1.47 -12.89
C HIS A 123 1.69 2.55 -13.82
N LYS A 124 1.86 3.76 -13.33
CA LYS A 124 2.41 4.85 -14.14
C LYS A 124 3.86 4.59 -14.54
N LEU A 125 4.60 3.88 -13.70
CA LEU A 125 5.95 3.45 -14.05
C LEU A 125 5.99 2.33 -15.08
N ASN A 126 4.87 1.67 -15.32
CA ASN A 126 4.80 0.42 -16.10
C ASN A 126 5.70 -0.64 -15.47
N TRP A 127 5.71 -0.70 -14.14
CA TRP A 127 6.46 -1.74 -13.42
C TRP A 127 5.51 -2.71 -12.74
N ALA A 128 4.23 -2.34 -12.68
CA ALA A 128 3.27 -3.10 -11.89
C ALA A 128 2.90 -4.43 -12.55
N PRO A 129 2.49 -5.43 -11.75
CA PRO A 129 2.03 -6.67 -12.39
C PRO A 129 0.80 -6.51 -13.30
N ASP A 130 -0.04 -5.53 -13.00
CA ASP A 130 -1.29 -5.35 -13.74
C ASP A 130 -1.10 -4.49 -14.99
N HIS A 131 -0.64 -5.10 -16.08
CA HIS A 131 -0.43 -4.40 -17.34
C HIS A 131 -1.75 -3.88 -17.92
N GLU A 132 -2.84 -4.57 -17.64
CA GLU A 132 -4.16 -4.07 -18.04
C GLU A 132 -4.46 -2.71 -17.42
N LEU A 133 -4.01 -2.48 -16.20
CA LEU A 133 -4.36 -1.25 -15.48
C LEU A 133 -3.50 -0.07 -15.95
N LEU A 134 -2.34 -0.36 -16.52
CA LEU A 134 -1.58 0.66 -17.25
C LEU A 134 -2.42 1.04 -18.46
N LEU A 135 -2.80 0.05 -19.26
CA LEU A 135 -3.43 0.31 -20.54
C LEU A 135 -4.78 0.97 -20.40
N GLU A 136 -5.56 0.59 -19.39
CA GLU A 136 -6.88 1.17 -19.20
C GLU A 136 -6.76 2.67 -18.90
N GLU A 137 -5.72 3.05 -18.17
CA GLU A 137 -5.48 4.46 -17.86
C GLU A 137 -5.03 5.20 -19.11
N MET A 138 -4.21 4.57 -19.93
CA MET A 138 -3.76 5.18 -21.18
C MET A 138 -4.87 5.29 -22.21
N MET A 139 -5.80 4.34 -22.26
CA MET A 139 -6.95 4.47 -23.16
C MET A 139 -7.86 5.61 -22.68
N ALA A 140 -7.94 5.81 -21.39
CA ALA A 140 -8.70 6.94 -20.85
C ALA A 140 -8.02 8.27 -21.18
N GLU A 141 -6.70 8.29 -21.30
CA GLU A 141 -5.97 9.47 -21.75
C GLU A 141 -6.11 9.72 -23.25
N MET A 142 -6.26 8.67 -24.03
CA MET A 142 -6.52 8.82 -25.47
C MET A 142 -7.89 9.45 -25.66
N LYS A 143 -8.85 9.06 -24.83
CA LYS A 143 -10.19 9.64 -24.90
C LYS A 143 -10.18 11.10 -24.50
N GLN A 144 -9.53 11.42 -23.38
CA GLN A 144 -9.56 12.76 -22.80
C GLN A 144 -8.17 13.35 -22.70
N SER A 1 7.70 -12.11 -13.00
CA SER A 1 8.81 -11.11 -13.11
C SER A 1 8.87 -10.23 -11.87
N GLN A 2 7.75 -9.69 -11.40
CA GLN A 2 7.68 -8.87 -10.19
C GLN A 2 6.65 -9.46 -9.22
N ALA A 3 6.57 -10.79 -9.22
CA ALA A 3 5.62 -11.52 -8.37
C ALA A 3 5.95 -11.28 -6.90
N VAL A 4 7.23 -11.04 -6.64
CA VAL A 4 7.73 -10.70 -5.32
C VAL A 4 7.12 -9.44 -4.72
N MET A 5 6.68 -8.50 -5.56
CA MET A 5 6.09 -7.27 -5.04
C MET A 5 4.68 -7.57 -4.54
N LYS A 6 4.04 -8.57 -5.14
CA LYS A 6 2.69 -8.97 -4.72
C LYS A 6 2.78 -9.72 -3.40
N ASP A 7 3.84 -10.49 -3.26
CA ASP A 7 4.08 -11.26 -2.05
C ASP A 7 4.52 -10.35 -0.90
N MET A 8 5.19 -9.26 -1.24
CA MET A 8 5.52 -8.22 -0.25
C MET A 8 4.26 -7.61 0.35
N THR A 9 3.22 -7.46 -0.46
CA THR A 9 1.94 -7.00 0.06
C THR A 9 1.36 -8.03 1.02
N LYS A 10 1.39 -9.31 0.63
CA LYS A 10 0.83 -10.37 1.48
C LYS A 10 1.55 -10.44 2.80
N ASN A 11 2.87 -10.31 2.78
CA ASN A 11 3.65 -10.33 4.00
C ASN A 11 3.39 -9.12 4.90
N PHE A 12 3.04 -7.98 4.33
CA PHE A 12 2.72 -6.82 5.18
C PHE A 12 1.39 -7.05 5.90
N ILE A 13 0.42 -7.61 5.21
CA ILE A 13 -0.89 -7.90 5.80
C ILE A 13 -0.93 -9.29 6.45
N LYS A 14 0.22 -9.94 6.59
CA LYS A 14 0.29 -11.26 7.22
C LYS A 14 -0.13 -11.15 8.68
N ALA A 15 0.23 -10.05 9.31
CA ALA A 15 -0.17 -9.78 10.69
C ALA A 15 -1.54 -9.10 10.79
N TYR A 16 -2.36 -9.08 9.73
CA TYR A 16 -3.64 -8.38 9.76
C TYR A 16 -4.55 -8.86 10.89
N GLU A 17 -4.70 -10.17 11.04
CA GLU A 17 -5.56 -10.71 12.10
C GLU A 17 -5.03 -10.36 13.48
N VAL A 18 -3.71 -10.38 13.61
CA VAL A 18 -3.06 -10.12 14.90
C VAL A 18 -3.32 -8.66 15.27
N CYS A 19 -3.16 -7.78 14.29
CA CYS A 19 -3.46 -6.36 14.45
C CYS A 19 -4.95 -6.13 14.72
N ALA A 20 -5.83 -6.83 14.02
CA ALA A 20 -7.27 -6.65 14.18
C ALA A 20 -7.71 -6.97 15.60
N LYS A 21 -7.05 -7.93 16.24
CA LYS A 21 -7.31 -8.22 17.65
C LYS A 21 -6.76 -7.13 18.56
N GLU A 22 -5.59 -6.59 18.26
CA GLU A 22 -4.98 -5.53 19.06
C GLU A 22 -5.74 -4.20 18.97
N TYR A 23 -6.20 -3.85 17.78
CA TYR A 23 -6.95 -2.61 17.55
C TYR A 23 -8.45 -2.80 17.77
N ASN A 24 -8.85 -4.04 18.08
CA ASN A 24 -10.26 -4.43 18.27
C ASN A 24 -11.14 -4.03 17.08
N LEU A 25 -10.63 -4.26 15.88
CA LEU A 25 -11.36 -3.92 14.65
C LEU A 25 -12.51 -4.90 14.48
N PRO A 26 -13.64 -4.47 13.89
CA PRO A 26 -14.67 -5.48 13.62
C PRO A 26 -14.29 -6.37 12.43
N GLU A 27 -14.99 -7.47 12.23
CA GLU A 27 -14.81 -8.33 11.07
C GLU A 27 -15.19 -7.59 9.77
N ALA A 28 -16.09 -6.62 9.89
CA ALA A 28 -16.49 -5.78 8.77
C ALA A 28 -15.30 -4.98 8.20
N ALA A 29 -14.30 -4.71 9.04
CA ALA A 29 -13.14 -3.96 8.61
C ALA A 29 -12.28 -4.76 7.63
N GLY A 30 -12.32 -6.09 7.73
CA GLY A 30 -11.50 -6.93 6.86
C GLY A 30 -12.13 -7.02 5.49
N ALA A 31 -13.44 -6.90 5.44
CA ALA A 31 -14.16 -6.88 4.18
C ALA A 31 -13.73 -5.67 3.37
N GLU A 32 -13.50 -4.54 4.04
CA GLU A 32 -13.05 -3.33 3.34
C GLU A 32 -11.69 -3.50 2.69
N VAL A 33 -10.80 -4.22 3.37
CA VAL A 33 -9.45 -4.45 2.86
C VAL A 33 -9.54 -5.37 1.65
N MET A 34 -10.24 -6.49 1.79
CA MET A 34 -10.30 -7.42 0.68
C MET A 34 -11.14 -6.90 -0.48
N ASN A 35 -12.09 -6.02 -0.21
CA ASN A 35 -12.83 -5.33 -1.27
C ASN A 35 -11.95 -4.32 -1.99
N PHE A 36 -11.05 -3.66 -1.30
CA PHE A 36 -10.08 -2.77 -1.96
C PHE A 36 -9.22 -3.58 -2.92
N TRP A 37 -8.88 -4.80 -2.56
CA TRP A 37 -8.14 -5.67 -3.46
C TRP A 37 -8.94 -6.15 -4.69
N LYS A 38 -10.24 -5.93 -4.73
CA LYS A 38 -11.03 -6.24 -5.93
C LYS A 38 -10.90 -5.05 -6.87
N GLU A 39 -10.21 -5.27 -7.97
CA GLU A 39 -9.95 -4.19 -8.92
C GLU A 39 -11.24 -3.60 -9.48
N GLY A 40 -11.26 -2.27 -9.54
CA GLY A 40 -12.42 -1.53 -9.99
C GLY A 40 -13.44 -1.23 -8.90
N TYR A 41 -13.18 -1.70 -7.68
CA TYR A 41 -14.11 -1.51 -6.57
C TYR A 41 -13.38 -0.85 -5.39
N VAL A 42 -13.60 0.44 -5.21
CA VAL A 42 -12.93 1.21 -4.17
C VAL A 42 -14.00 1.71 -3.20
N LEU A 43 -13.68 1.64 -1.92
CA LEU A 43 -14.55 2.05 -0.82
C LEU A 43 -13.69 2.92 0.08
N THR A 44 -14.30 3.77 0.90
CA THR A 44 -13.58 4.48 1.96
C THR A 44 -14.16 4.09 3.31
N SER A 45 -13.33 3.65 4.24
CA SER A 45 -13.77 3.38 5.60
C SER A 45 -12.59 3.63 6.52
N ARG A 46 -12.82 4.14 7.73
CA ARG A 46 -11.72 4.49 8.63
C ARG A 46 -10.94 3.26 9.08
N GLU A 47 -11.64 2.18 9.38
CA GLU A 47 -10.99 0.99 9.91
C GLU A 47 -10.09 0.30 8.88
N ALA A 48 -10.37 0.51 7.61
CA ALA A 48 -9.54 -0.04 6.54
C ALA A 48 -8.13 0.57 6.61
N GLY A 49 -8.07 1.86 6.89
CA GLY A 49 -6.79 2.53 6.99
C GLY A 49 -6.18 2.43 8.36
N CYS A 50 -7.00 2.22 9.38
CA CYS A 50 -6.46 2.03 10.72
C CYS A 50 -5.73 0.71 10.80
N ALA A 51 -6.12 -0.27 10.00
CA ALA A 51 -5.33 -1.50 9.89
C ALA A 51 -3.93 -1.22 9.36
N ILE A 52 -3.81 -0.33 8.39
CA ILE A 52 -2.50 -0.02 7.80
C ILE A 52 -1.67 0.76 8.81
N LEU A 53 -2.29 1.71 9.50
CA LEU A 53 -1.61 2.51 10.52
C LEU A 53 -1.15 1.61 11.68
N CYS A 54 -1.99 0.66 12.02
CA CYS A 54 -1.65 -0.36 13.01
C CYS A 54 -0.49 -1.23 12.53
N LEU A 55 -0.57 -1.80 11.34
CA LEU A 55 0.48 -2.69 10.85
C LEU A 55 1.82 -1.98 10.67
N SER A 56 1.80 -0.76 10.17
CA SER A 56 3.04 -0.02 9.93
C SER A 56 3.76 0.29 11.24
N SER A 57 3.02 0.57 12.29
CA SER A 57 3.61 0.83 13.61
C SER A 57 3.87 -0.44 14.43
N LYS A 58 3.17 -1.52 14.10
CA LYS A 58 3.37 -2.82 14.75
C LYS A 58 4.63 -3.49 14.22
N LEU A 59 4.76 -3.53 12.91
CA LEU A 59 5.95 -4.12 12.29
C LEU A 59 7.07 -3.09 12.42
N ASN A 60 6.65 -1.85 12.59
CA ASN A 60 7.49 -0.72 13.01
C ASN A 60 8.62 -0.45 12.02
N LEU A 61 8.28 -0.59 10.75
CA LEU A 61 9.21 -0.55 9.63
C LEU A 61 9.40 0.89 9.15
N LEU A 62 9.57 1.78 10.11
CA LEU A 62 9.54 3.22 9.89
C LEU A 62 10.76 3.84 10.57
N ASP A 63 11.05 5.08 10.22
CA ASP A 63 12.13 5.84 10.83
C ASP A 63 11.73 6.13 12.28
N PRO A 64 12.68 6.51 13.16
CA PRO A 64 12.20 6.84 14.51
C PRO A 64 11.34 8.11 14.55
N GLU A 65 11.37 8.87 13.47
CA GLU A 65 10.52 10.04 13.28
C GLU A 65 9.14 9.66 12.71
N GLY A 66 8.94 8.39 12.40
CA GLY A 66 7.67 7.89 11.91
C GLY A 66 7.50 7.90 10.40
N THR A 67 8.47 8.51 9.73
CA THR A 67 8.49 8.62 8.28
C THR A 67 8.91 7.31 7.61
N LEU A 68 8.73 7.23 6.30
CA LEU A 68 9.01 6.01 5.55
C LEU A 68 10.51 5.75 5.44
N HIS A 69 10.98 4.70 6.08
CA HIS A 69 12.41 4.39 6.13
C HIS A 69 12.90 3.68 4.87
N ARG A 70 13.95 4.21 4.25
CA ARG A 70 14.47 3.64 2.99
C ARG A 70 14.98 2.23 3.23
N GLY A 71 15.74 2.06 4.30
CA GLY A 71 16.31 0.77 4.63
C GLY A 71 15.25 -0.26 4.92
N ASN A 72 14.25 0.02 5.75
CA ASN A 72 13.23 -1.00 6.03
C ASN A 72 12.43 -1.35 4.78
N THR A 73 12.25 -0.41 3.88
CA THR A 73 11.54 -0.71 2.64
C THR A 73 12.34 -1.72 1.82
N VAL A 74 13.64 -1.51 1.66
CA VAL A 74 14.44 -2.44 0.87
C VAL A 74 14.64 -3.77 1.61
N GLU A 75 14.86 -3.74 2.92
CA GLU A 75 15.11 -4.97 3.67
C GLU A 75 13.90 -5.88 3.68
N PHE A 76 12.72 -5.32 3.87
CA PHE A 76 11.51 -6.13 3.90
C PHE A 76 11.27 -6.75 2.54
N ALA A 77 11.38 -5.94 1.50
CA ALA A 77 11.11 -6.42 0.15
C ALA A 77 12.09 -7.55 -0.25
N LYS A 78 13.35 -7.39 0.12
CA LYS A 78 14.39 -8.36 -0.24
C LYS A 78 14.18 -9.73 0.39
N GLN A 79 13.46 -9.78 1.51
CA GLN A 79 13.12 -11.07 2.14
C GLN A 79 12.25 -11.92 1.25
N HIS A 80 11.52 -11.31 0.33
CA HIS A 80 10.66 -12.04 -0.60
C HIS A 80 11.38 -12.32 -1.90
N GLY A 81 12.55 -11.73 -2.05
CA GLY A 81 13.33 -11.82 -3.26
C GLY A 81 13.17 -10.63 -4.17
N SER A 82 12.63 -9.53 -3.67
CA SER A 82 12.51 -8.31 -4.47
C SER A 82 13.87 -7.65 -4.58
N ASP A 83 14.06 -6.82 -5.58
CA ASP A 83 15.33 -6.13 -5.77
C ASP A 83 15.32 -4.77 -5.11
N ASP A 84 16.47 -4.38 -4.55
CA ASP A 84 16.60 -3.10 -3.83
C ASP A 84 16.33 -1.92 -4.75
N ALA A 85 16.65 -2.07 -6.03
CA ALA A 85 16.37 -1.03 -7.01
C ALA A 85 14.86 -0.78 -7.19
N MET A 86 14.05 -1.82 -7.08
CA MET A 86 12.61 -1.66 -7.20
C MET A 86 12.03 -1.20 -5.88
N ALA A 87 12.55 -1.71 -4.78
CA ALA A 87 12.04 -1.33 -3.47
C ALA A 87 12.35 0.12 -3.11
N HIS A 88 13.53 0.62 -3.44
CA HIS A 88 13.84 2.03 -3.17
C HIS A 88 13.00 2.96 -4.04
N GLN A 89 12.61 2.48 -5.22
CA GLN A 89 11.77 3.27 -6.12
C GLN A 89 10.45 3.63 -5.45
N LEU A 90 9.95 2.73 -4.62
CA LEU A 90 8.70 2.96 -3.89
C LEU A 90 8.82 4.18 -2.98
N VAL A 91 9.97 4.35 -2.35
CA VAL A 91 10.15 5.43 -1.39
C VAL A 91 10.19 6.76 -2.13
N ASP A 92 10.75 6.75 -3.33
CA ASP A 92 10.82 7.95 -4.16
C ASP A 92 9.45 8.37 -4.69
N ILE A 93 8.66 7.42 -5.16
CA ILE A 93 7.38 7.77 -5.77
C ILE A 93 6.28 8.07 -4.76
N VAL A 94 6.46 7.67 -3.50
CA VAL A 94 5.56 8.13 -2.43
C VAL A 94 5.67 9.65 -2.25
N HIS A 95 6.82 10.24 -2.54
CA HIS A 95 6.92 11.70 -2.48
C HIS A 95 6.00 12.38 -3.49
N ALA A 96 5.88 11.82 -4.70
CA ALA A 96 4.97 12.36 -5.72
C ALA A 96 3.51 12.04 -5.37
N CYS A 97 3.32 10.90 -4.74
CA CYS A 97 2.00 10.41 -4.35
C CYS A 97 1.26 11.38 -3.45
N GLU A 98 1.99 12.19 -2.69
CA GLU A 98 1.37 13.18 -1.82
C GLU A 98 0.50 14.20 -2.53
N LYS A 99 0.72 14.45 -3.83
CA LYS A 99 -0.15 15.35 -4.57
C LYS A 99 -1.56 14.78 -4.67
N SER A 100 -1.64 13.47 -4.91
CA SER A 100 -2.93 12.80 -5.03
C SER A 100 -3.48 12.36 -3.68
N VAL A 101 -2.64 12.36 -2.66
CA VAL A 101 -3.05 12.03 -1.29
C VAL A 101 -2.65 13.19 -0.37
N PRO A 102 -3.48 14.24 -0.31
CA PRO A 102 -3.15 15.31 0.64
C PRO A 102 -3.34 14.77 2.06
N PRO A 103 -2.83 15.49 3.08
CA PRO A 103 -3.09 14.89 4.39
C PRO A 103 -4.57 14.89 4.76
N ASN A 104 -5.01 13.89 5.50
CA ASN A 104 -6.37 13.84 5.98
C ASN A 104 -6.38 14.36 7.40
N GLU A 105 -7.58 14.65 7.89
CA GLU A 105 -7.79 15.03 9.29
C GLU A 105 -7.51 13.85 10.23
N ASP A 106 -7.56 12.63 9.69
CA ASP A 106 -7.33 11.41 10.46
C ASP A 106 -6.23 10.59 9.81
N ASN A 107 -5.26 10.14 10.61
CA ASN A 107 -4.11 9.40 10.08
C ASN A 107 -4.48 8.05 9.48
N CYS A 108 -5.59 7.46 9.88
CA CYS A 108 -6.06 6.22 9.28
C CYS A 108 -6.48 6.49 7.83
N LEU A 109 -7.23 7.55 7.63
CA LEU A 109 -7.74 7.87 6.30
C LEU A 109 -6.57 8.22 5.39
N MET A 110 -5.57 8.89 5.94
CA MET A 110 -4.38 9.22 5.18
C MET A 110 -3.62 7.95 4.78
N ALA A 111 -3.50 7.00 5.70
CA ALA A 111 -2.82 5.74 5.40
C ALA A 111 -3.54 4.95 4.30
N LEU A 112 -4.87 4.98 4.32
CA LEU A 112 -5.65 4.32 3.27
C LEU A 112 -5.38 4.95 1.90
N GLY A 113 -5.32 6.28 1.85
CA GLY A 113 -5.07 6.96 0.59
C GLY A 113 -3.70 6.61 0.05
N ILE A 114 -2.71 6.55 0.94
CA ILE A 114 -1.35 6.20 0.55
C ILE A 114 -1.35 4.78 -0.04
N SER A 115 -2.06 3.84 0.53
CA SER A 115 -2.07 2.47 -0.02
C SER A 115 -2.77 2.36 -1.37
N MET A 116 -3.75 3.20 -1.62
CA MET A 116 -4.45 3.20 -2.92
C MET A 116 -3.55 3.79 -4.00
N CYS A 117 -2.87 4.87 -3.64
CA CYS A 117 -1.97 5.57 -4.54
C CYS A 117 -0.64 4.84 -4.77
N PHE A 118 -0.31 3.96 -3.84
CA PHE A 118 0.86 3.09 -3.97
C PHE A 118 0.76 2.25 -5.23
N LYS A 119 -0.46 1.81 -5.54
CA LYS A 119 -0.70 1.06 -6.76
C LYS A 119 -0.65 2.02 -7.94
N THR A 120 -1.30 3.17 -7.84
CA THR A 120 -1.35 4.15 -8.92
C THR A 120 0.01 4.61 -9.45
N GLU A 121 0.95 4.94 -8.57
CA GLU A 121 2.27 5.41 -9.02
C GLU A 121 2.98 4.32 -9.84
N ILE A 122 2.87 3.08 -9.40
CA ILE A 122 3.50 1.94 -10.08
C ILE A 122 2.76 1.60 -11.38
N HIS A 123 1.45 1.78 -11.42
CA HIS A 123 0.69 1.57 -12.64
C HIS A 123 1.10 2.62 -13.67
N LYS A 124 1.26 3.86 -13.24
CA LYS A 124 1.71 4.94 -14.15
C LYS A 124 3.12 4.74 -14.66
N LEU A 125 3.96 4.11 -13.85
CA LEU A 125 5.32 3.74 -14.26
C LEU A 125 5.39 2.60 -15.27
N ASN A 126 4.26 1.93 -15.52
CA ASN A 126 4.17 0.72 -16.36
C ASN A 126 5.00 -0.42 -15.75
N TRP A 127 5.13 -0.45 -14.43
CA TRP A 127 5.96 -1.45 -13.74
C TRP A 127 5.16 -2.33 -12.79
N ALA A 128 3.85 -2.39 -12.96
CA ALA A 128 3.03 -3.20 -12.08
C ALA A 128 3.17 -4.68 -12.44
N PRO A 129 3.08 -5.60 -11.46
CA PRO A 129 3.11 -7.03 -11.80
C PRO A 129 1.87 -7.50 -12.57
N ASP A 130 0.84 -6.68 -12.52
CA ASP A 130 -0.44 -6.95 -13.16
C ASP A 130 -0.56 -6.03 -14.38
N HIS A 131 0.20 -6.31 -15.42
CA HIS A 131 0.19 -5.45 -16.61
C HIS A 131 -1.19 -5.36 -17.25
N GLU A 132 -1.95 -6.43 -17.28
CA GLU A 132 -3.28 -6.39 -17.90
C GLU A 132 -4.20 -5.36 -17.22
N LEU A 133 -4.10 -5.28 -15.90
CA LEU A 133 -4.87 -4.29 -15.15
C LEU A 133 -4.34 -2.89 -15.43
N LEU A 134 -3.02 -2.72 -15.42
CA LEU A 134 -2.44 -1.40 -15.60
C LEU A 134 -2.73 -0.88 -17.02
N LEU A 135 -2.68 -1.75 -18.01
CA LEU A 135 -2.88 -1.35 -19.40
C LEU A 135 -4.29 -0.86 -19.61
N GLU A 136 -5.25 -1.53 -18.97
CA GLU A 136 -6.65 -1.13 -19.07
C GLU A 136 -6.82 0.27 -18.49
N GLU A 137 -6.09 0.58 -17.43
CA GLU A 137 -6.13 1.91 -16.85
C GLU A 137 -5.35 2.95 -17.65
N MET A 138 -4.31 2.56 -18.38
CA MET A 138 -3.63 3.49 -19.27
C MET A 138 -4.60 3.91 -20.36
N MET A 139 -5.37 2.96 -20.88
CA MET A 139 -6.33 3.26 -21.93
C MET A 139 -7.49 4.08 -21.40
N ALA A 140 -7.91 3.84 -20.16
CA ALA A 140 -8.94 4.66 -19.54
C ALA A 140 -8.44 6.10 -19.37
N GLU A 141 -7.19 6.24 -18.95
CA GLU A 141 -6.59 7.54 -18.70
C GLU A 141 -6.48 8.39 -19.97
N MET A 142 -6.42 7.75 -21.13
CA MET A 142 -6.38 8.47 -22.40
C MET A 142 -7.69 9.19 -22.70
N LYS A 143 -8.79 8.77 -22.10
CA LYS A 143 -10.11 9.31 -22.44
C LYS A 143 -10.42 10.68 -21.85
N GLN A 144 -9.82 10.99 -20.71
CA GLN A 144 -10.15 12.20 -19.93
C GLN A 144 -8.86 12.88 -19.50
N SER A 1 13.60 -9.57 -7.83
CA SER A 1 12.52 -10.24 -8.60
C SER A 1 11.26 -9.38 -8.59
N GLN A 2 10.58 -9.27 -9.73
CA GLN A 2 9.40 -8.44 -9.86
C GLN A 2 8.17 -9.09 -9.22
N ALA A 3 8.17 -10.41 -9.08
CA ALA A 3 7.10 -11.11 -8.38
C ALA A 3 6.97 -10.68 -6.92
N VAL A 4 8.06 -10.17 -6.34
CA VAL A 4 8.06 -9.68 -4.97
C VAL A 4 7.17 -8.45 -4.80
N MET A 5 6.94 -7.69 -5.87
CA MET A 5 6.05 -6.54 -5.80
C MET A 5 4.61 -7.00 -5.48
N LYS A 6 4.30 -8.25 -5.83
CA LYS A 6 3.04 -8.88 -5.44
C LYS A 6 3.17 -9.65 -4.12
N ASP A 7 4.26 -10.37 -3.93
CA ASP A 7 4.42 -11.20 -2.73
C ASP A 7 4.65 -10.44 -1.43
N MET A 8 5.17 -9.22 -1.51
CA MET A 8 5.37 -8.40 -0.30
C MET A 8 4.02 -8.04 0.32
N THR A 9 2.95 -8.06 -0.46
CA THR A 9 1.62 -7.84 0.08
C THR A 9 1.32 -8.90 1.14
N LYS A 10 1.64 -10.16 0.82
CA LYS A 10 1.38 -11.28 1.71
C LYS A 10 2.25 -11.19 2.95
N ASN A 11 3.47 -10.71 2.76
CA ASN A 11 4.40 -10.54 3.87
C ASN A 11 3.90 -9.48 4.85
N PHE A 12 3.29 -8.43 4.33
CA PHE A 12 2.78 -7.35 5.17
C PHE A 12 1.52 -7.74 5.93
N ILE A 13 0.61 -8.46 5.28
CA ILE A 13 -0.64 -8.88 5.93
C ILE A 13 -0.48 -10.15 6.76
N LYS A 14 0.74 -10.62 6.95
CA LYS A 14 0.98 -11.85 7.70
C LYS A 14 0.46 -11.77 9.15
N ALA A 15 0.45 -10.57 9.70
CA ALA A 15 -0.07 -10.32 11.03
C ALA A 15 -1.43 -9.59 11.02
N TYR A 16 -2.15 -9.60 9.90
CA TYR A 16 -3.41 -8.87 9.77
C TYR A 16 -4.47 -9.39 10.75
N GLU A 17 -4.53 -10.69 10.94
CA GLU A 17 -5.45 -11.29 11.91
C GLU A 17 -5.06 -10.91 13.34
N VAL A 18 -3.75 -10.84 13.59
CA VAL A 18 -3.23 -10.55 14.92
C VAL A 18 -3.60 -9.11 15.23
N CYS A 19 -3.46 -8.26 14.23
CA CYS A 19 -3.82 -6.85 14.36
C CYS A 19 -5.31 -6.66 14.63
N ALA A 20 -6.17 -7.45 14.01
CA ALA A 20 -7.61 -7.34 14.24
C ALA A 20 -7.94 -7.57 15.72
N LYS A 21 -7.16 -8.42 16.37
CA LYS A 21 -7.30 -8.65 17.81
C LYS A 21 -6.64 -7.53 18.60
N GLU A 22 -5.43 -7.14 18.23
CA GLU A 22 -4.66 -6.12 18.96
C GLU A 22 -5.23 -4.71 18.95
N TYR A 23 -5.87 -4.32 17.85
CA TYR A 23 -6.47 -2.99 17.71
C TYR A 23 -7.99 -3.10 17.86
N ASN A 24 -8.43 -4.30 18.18
CA ASN A 24 -9.84 -4.63 18.39
C ASN A 24 -10.74 -4.16 17.25
N LEU A 25 -10.29 -4.39 16.03
CA LEU A 25 -10.95 -3.89 14.83
C LEU A 25 -12.21 -4.69 14.53
N PRO A 26 -13.19 -4.08 13.85
CA PRO A 26 -14.32 -4.91 13.40
C PRO A 26 -13.89 -5.87 12.29
N GLU A 27 -14.60 -6.96 12.09
CA GLU A 27 -14.27 -7.87 10.99
C GLU A 27 -14.49 -7.16 9.66
N ALA A 28 -15.37 -6.18 9.67
CA ALA A 28 -15.65 -5.34 8.51
C ALA A 28 -14.42 -4.57 8.00
N ALA A 29 -13.40 -4.37 8.82
CA ALA A 29 -12.19 -3.68 8.37
C ALA A 29 -11.52 -4.46 7.24
N GLY A 30 -11.55 -5.79 7.34
CA GLY A 30 -11.01 -6.64 6.30
C GLY A 30 -11.76 -6.46 4.99
N ALA A 31 -13.08 -6.49 5.09
CA ALA A 31 -13.95 -6.30 3.93
C ALA A 31 -13.73 -4.93 3.30
N GLU A 32 -13.55 -3.91 4.13
CA GLU A 32 -13.33 -2.56 3.62
C GLU A 32 -11.99 -2.38 2.91
N VAL A 33 -10.93 -3.05 3.34
CA VAL A 33 -9.68 -3.00 2.57
C VAL A 33 -9.91 -3.72 1.24
N MET A 34 -10.52 -4.89 1.31
CA MET A 34 -10.73 -5.73 0.13
C MET A 34 -11.67 -5.13 -0.91
N ASN A 35 -12.52 -4.22 -0.50
CA ASN A 35 -13.43 -3.53 -1.42
C ASN A 35 -12.69 -2.74 -2.48
N PHE A 36 -11.45 -2.32 -2.23
CA PHE A 36 -10.67 -1.54 -3.20
C PHE A 36 -10.44 -2.29 -4.52
N TRP A 37 -10.43 -3.61 -4.45
CA TRP A 37 -10.29 -4.45 -5.64
C TRP A 37 -11.47 -4.37 -6.58
N LYS A 38 -12.63 -3.97 -6.10
CA LYS A 38 -13.82 -3.93 -6.94
C LYS A 38 -13.64 -2.86 -8.00
N GLU A 39 -13.91 -3.20 -9.24
CA GLU A 39 -13.68 -2.30 -10.37
C GLU A 39 -14.62 -1.10 -10.25
N GLY A 40 -14.11 0.09 -10.51
CA GLY A 40 -14.89 1.32 -10.42
C GLY A 40 -15.10 1.88 -9.02
N TYR A 41 -15.25 0.99 -8.05
CA TYR A 41 -15.51 1.40 -6.67
C TYR A 41 -14.22 1.61 -5.89
N VAL A 42 -14.16 2.71 -5.16
CA VAL A 42 -13.06 2.98 -4.23
C VAL A 42 -13.72 3.48 -2.96
N LEU A 43 -13.64 2.70 -1.89
CA LEU A 43 -14.21 3.08 -0.61
C LEU A 43 -13.07 3.28 0.38
N THR A 44 -13.31 4.08 1.40
CA THR A 44 -12.38 4.24 2.50
C THR A 44 -13.17 4.11 3.80
N SER A 45 -12.52 3.71 4.88
CA SER A 45 -13.14 3.69 6.19
C SER A 45 -11.98 3.87 7.14
N ARG A 46 -12.25 4.33 8.35
CA ARG A 46 -11.17 4.56 9.32
C ARG A 46 -10.48 3.26 9.67
N GLU A 47 -11.24 2.20 9.90
CA GLU A 47 -10.65 0.95 10.41
C GLU A 47 -9.87 0.19 9.35
N ALA A 48 -10.24 0.35 8.07
CA ALA A 48 -9.44 -0.23 6.99
C ALA A 48 -8.05 0.39 7.02
N GLY A 49 -8.01 1.69 7.27
CA GLY A 49 -6.75 2.38 7.35
C GLY A 49 -5.98 2.06 8.62
N CYS A 50 -6.71 1.89 9.72
CA CYS A 50 -6.07 1.57 10.98
C CYS A 50 -5.49 0.18 10.94
N ALA A 51 -6.05 -0.72 10.16
CA ALA A 51 -5.48 -2.06 9.98
C ALA A 51 -4.07 -1.97 9.36
N ILE A 52 -3.93 -1.08 8.39
CA ILE A 52 -2.66 -0.91 7.67
C ILE A 52 -1.65 -0.15 8.55
N LEU A 53 -2.12 0.86 9.25
CA LEU A 53 -1.27 1.62 10.17
C LEU A 53 -0.80 0.76 11.35
N CYS A 54 -1.67 -0.11 11.81
CA CYS A 54 -1.36 -1.06 12.87
C CYS A 54 -0.24 -1.99 12.46
N LEU A 55 -0.27 -2.50 11.25
CA LEU A 55 0.77 -3.43 10.82
C LEU A 55 2.16 -2.81 10.75
N SER A 56 2.26 -1.55 10.33
CA SER A 56 3.56 -0.90 10.33
C SER A 56 4.00 -0.55 11.76
N SER A 57 3.08 -0.09 12.59
CA SER A 57 3.40 0.29 13.97
C SER A 57 3.64 -0.92 14.87
N LYS A 58 3.22 -2.10 14.44
CA LYS A 58 3.54 -3.35 15.15
C LYS A 58 5.04 -3.58 15.17
N LEU A 59 5.74 -3.11 14.15
CA LEU A 59 7.20 -3.22 14.10
C LEU A 59 7.91 -1.89 14.36
N ASN A 60 7.24 -0.78 14.07
CA ASN A 60 7.78 0.58 14.19
C ASN A 60 9.11 0.72 13.46
N LEU A 61 9.17 0.21 12.24
CA LEU A 61 10.39 0.32 11.43
C LEU A 61 10.25 1.45 10.43
N LEU A 62 9.12 2.14 10.49
CA LEU A 62 8.94 3.41 9.78
C LEU A 62 9.81 4.44 10.51
N ASP A 63 9.88 5.64 9.96
CA ASP A 63 10.52 6.75 10.68
C ASP A 63 9.62 7.06 11.88
N PRO A 64 10.15 7.74 12.92
CA PRO A 64 9.19 8.09 13.99
C PRO A 64 8.18 9.17 13.57
N GLU A 65 8.42 9.82 12.45
CA GLU A 65 7.45 10.71 11.81
C GLU A 65 6.28 9.95 11.17
N GLY A 66 6.41 8.64 11.06
CA GLY A 66 5.38 7.83 10.42
C GLY A 66 5.56 7.73 8.92
N THR A 67 6.64 8.31 8.41
CA THR A 67 6.96 8.27 6.99
C THR A 67 7.71 6.98 6.69
N LEU A 68 7.63 6.52 5.45
CA LEU A 68 8.27 5.26 5.06
C LEU A 68 9.79 5.39 5.01
N HIS A 69 10.45 4.66 5.90
CA HIS A 69 11.90 4.70 6.02
C HIS A 69 12.52 3.95 4.83
N ARG A 70 13.50 4.54 4.15
CA ARG A 70 14.07 3.93 2.94
C ARG A 70 14.69 2.58 3.23
N GLY A 71 15.47 2.51 4.31
CA GLY A 71 16.08 1.26 4.72
C GLY A 71 15.06 0.19 5.02
N ASN A 72 13.96 0.53 5.68
CA ASN A 72 12.95 -0.48 6.01
C ASN A 72 12.29 -1.01 4.74
N THR A 73 12.13 -0.17 3.73
CA THR A 73 11.48 -0.62 2.51
C THR A 73 12.33 -1.67 1.82
N VAL A 74 13.62 -1.39 1.67
CA VAL A 74 14.50 -2.34 0.99
C VAL A 74 14.72 -3.58 1.84
N GLU A 75 14.69 -3.45 3.16
CA GLU A 75 14.80 -4.61 4.04
C GLU A 75 13.57 -5.51 4.01
N PHE A 76 12.39 -4.93 4.13
CA PHE A 76 11.17 -5.71 4.22
C PHE A 76 10.87 -6.40 2.89
N ALA A 77 11.19 -5.72 1.79
CA ALA A 77 11.04 -6.32 0.48
C ALA A 77 12.04 -7.48 0.27
N LYS A 78 13.27 -7.35 0.76
CA LYS A 78 14.28 -8.40 0.59
C LYS A 78 13.95 -9.70 1.29
N GLN A 79 12.98 -9.71 2.19
CA GLN A 79 12.50 -10.95 2.81
C GLN A 79 11.86 -11.91 1.79
N HIS A 80 11.49 -11.42 0.60
CA HIS A 80 11.06 -12.29 -0.50
C HIS A 80 12.03 -12.24 -1.69
N GLY A 81 13.13 -11.51 -1.58
CA GLY A 81 14.09 -11.45 -2.68
C GLY A 81 13.86 -10.38 -3.73
N SER A 82 13.48 -9.19 -3.31
CA SER A 82 13.33 -8.05 -4.22
C SER A 82 14.68 -7.58 -4.69
N ASP A 83 14.69 -6.62 -5.61
CA ASP A 83 15.92 -5.89 -5.92
C ASP A 83 15.80 -4.57 -5.18
N ASP A 84 16.89 -4.07 -4.61
CA ASP A 84 16.84 -2.84 -3.83
C ASP A 84 16.54 -1.64 -4.72
N ALA A 85 16.93 -1.72 -5.99
CA ALA A 85 16.61 -0.68 -6.97
C ALA A 85 15.09 -0.54 -7.13
N MET A 86 14.39 -1.66 -7.10
CA MET A 86 12.94 -1.67 -7.25
C MET A 86 12.27 -1.25 -5.95
N ALA A 87 12.77 -1.75 -4.83
CA ALA A 87 12.16 -1.43 -3.55
C ALA A 87 12.37 0.04 -3.14
N HIS A 88 13.53 0.62 -3.43
CA HIS A 88 13.76 2.03 -3.11
C HIS A 88 12.85 2.95 -3.92
N GLN A 89 12.49 2.52 -5.13
CA GLN A 89 11.59 3.30 -5.98
C GLN A 89 10.26 3.53 -5.30
N LEU A 90 9.83 2.55 -4.51
CA LEU A 90 8.55 2.63 -3.80
C LEU A 90 8.53 3.78 -2.81
N VAL A 91 9.69 4.19 -2.30
CA VAL A 91 9.75 5.29 -1.35
C VAL A 91 9.73 6.62 -2.10
N ASP A 92 10.44 6.69 -3.21
CA ASP A 92 10.54 7.93 -3.97
C ASP A 92 9.20 8.31 -4.56
N ILE A 93 8.46 7.34 -5.09
CA ILE A 93 7.17 7.61 -5.70
C ILE A 93 6.07 7.97 -4.70
N VAL A 94 6.32 7.84 -3.40
CA VAL A 94 5.38 8.36 -2.40
C VAL A 94 5.27 9.87 -2.60
N HIS A 95 6.36 10.54 -2.94
CA HIS A 95 6.30 11.99 -3.10
C HIS A 95 5.41 12.43 -4.27
N ALA A 96 5.39 11.64 -5.33
CA ALA A 96 4.47 11.89 -6.43
C ALA A 96 3.03 11.58 -5.99
N CYS A 97 2.90 10.49 -5.25
CA CYS A 97 1.61 10.07 -4.71
C CYS A 97 0.99 11.10 -3.78
N GLU A 98 1.78 11.91 -3.09
CA GLU A 98 1.26 13.00 -2.24
C GLU A 98 0.37 13.97 -3.02
N LYS A 99 0.62 14.15 -4.31
CA LYS A 99 -0.22 15.02 -5.13
C LYS A 99 -1.61 14.43 -5.28
N SER A 100 -1.67 13.12 -5.51
CA SER A 100 -2.94 12.42 -5.64
C SER A 100 -3.63 12.17 -4.30
N VAL A 101 -2.85 12.11 -3.24
CA VAL A 101 -3.31 11.82 -1.88
C VAL A 101 -2.84 12.92 -0.92
N PRO A 102 -3.63 14.01 -0.79
CA PRO A 102 -3.23 15.02 0.21
C PRO A 102 -3.39 14.44 1.62
N PRO A 103 -2.74 15.04 2.63
CA PRO A 103 -2.85 14.41 3.96
C PRO A 103 -4.26 14.35 4.51
N ASN A 104 -4.56 13.28 5.23
CA ASN A 104 -5.85 13.12 5.90
C ASN A 104 -5.65 13.55 7.35
N GLU A 105 -6.74 13.81 8.05
CA GLU A 105 -6.68 14.22 9.45
C GLU A 105 -6.17 13.05 10.29
N ASP A 106 -6.74 11.89 10.03
CA ASP A 106 -6.43 10.69 10.80
C ASP A 106 -5.29 9.96 10.10
N ASN A 107 -4.29 9.55 10.86
CA ASN A 107 -3.15 8.83 10.30
C ASN A 107 -3.57 7.48 9.74
N CYS A 108 -4.68 6.93 10.21
CA CYS A 108 -5.23 5.70 9.64
C CYS A 108 -5.64 5.94 8.18
N LEU A 109 -6.38 7.01 7.95
CA LEU A 109 -6.87 7.30 6.59
C LEU A 109 -5.73 7.72 5.70
N MET A 110 -4.72 8.36 6.28
CA MET A 110 -3.51 8.71 5.54
C MET A 110 -2.79 7.45 5.09
N ALA A 111 -2.62 6.48 5.98
CA ALA A 111 -1.98 5.22 5.63
C ALA A 111 -2.79 4.48 4.56
N LEU A 112 -4.11 4.59 4.63
CA LEU A 112 -4.98 3.98 3.62
C LEU A 112 -4.81 4.62 2.24
N GLY A 113 -4.70 5.94 2.17
CA GLY A 113 -4.53 6.59 0.88
C GLY A 113 -3.19 6.23 0.28
N ILE A 114 -2.18 6.21 1.13
CA ILE A 114 -0.83 5.81 0.74
C ILE A 114 -0.84 4.34 0.29
N SER A 115 -1.64 3.49 0.89
CA SER A 115 -1.70 2.09 0.48
C SER A 115 -2.32 1.89 -0.89
N MET A 116 -3.24 2.76 -1.27
CA MET A 116 -3.86 2.68 -2.59
C MET A 116 -2.91 3.25 -3.63
N CYS A 117 -2.27 4.36 -3.32
CA CYS A 117 -1.39 5.01 -4.29
C CYS A 117 -0.09 4.24 -4.50
N PHE A 118 0.21 3.33 -3.60
CA PHE A 118 1.36 2.42 -3.73
C PHE A 118 1.27 1.68 -5.05
N LYS A 119 0.09 1.16 -5.34
CA LYS A 119 -0.12 0.41 -6.57
C LYS A 119 -0.33 1.37 -7.72
N THR A 120 -1.03 2.47 -7.49
CA THR A 120 -1.27 3.46 -8.53
C THR A 120 0.03 3.98 -9.16
N GLU A 121 1.03 4.28 -8.34
CA GLU A 121 2.29 4.79 -8.88
C GLU A 121 3.04 3.76 -9.72
N ILE A 122 3.08 2.49 -9.32
CA ILE A 122 3.76 1.48 -10.14
C ILE A 122 2.95 1.12 -11.39
N HIS A 123 1.64 1.34 -11.33
CA HIS A 123 0.78 1.21 -12.51
C HIS A 123 1.03 2.36 -13.48
N LYS A 124 1.25 3.57 -12.97
CA LYS A 124 1.62 4.69 -13.84
C LYS A 124 3.03 4.53 -14.42
N LEU A 125 3.93 3.95 -13.66
CA LEU A 125 5.30 3.65 -14.14
C LEU A 125 5.35 2.54 -15.20
N ASN A 126 4.26 1.79 -15.37
CA ASN A 126 4.22 0.60 -16.22
C ASN A 126 5.31 -0.38 -15.80
N TRP A 127 5.47 -0.53 -14.49
CA TRP A 127 6.48 -1.44 -13.91
C TRP A 127 5.84 -2.49 -13.00
N ALA A 128 4.53 -2.44 -12.85
CA ALA A 128 3.82 -3.38 -11.99
C ALA A 128 3.82 -4.80 -12.58
N PRO A 129 3.75 -5.85 -11.73
CA PRO A 129 3.53 -7.18 -12.32
C PRO A 129 2.18 -7.35 -12.99
N ASP A 130 1.23 -6.49 -12.66
CA ASP A 130 -0.16 -6.61 -13.09
C ASP A 130 -0.48 -5.63 -14.20
N HIS A 131 0.06 -5.90 -15.37
CA HIS A 131 -0.08 -5.00 -16.51
C HIS A 131 -1.54 -4.79 -16.91
N GLU A 132 -2.41 -5.78 -16.79
CA GLU A 132 -3.81 -5.56 -17.20
C GLU A 132 -4.54 -4.52 -16.36
N LEU A 133 -4.12 -4.32 -15.11
CA LEU A 133 -4.74 -3.28 -14.29
C LEU A 133 -4.32 -1.90 -14.77
N LEU A 134 -3.05 -1.75 -15.12
CA LEU A 134 -2.59 -0.45 -15.60
C LEU A 134 -2.96 -0.21 -17.05
N LEU A 135 -3.19 -1.28 -17.79
CA LEU A 135 -3.68 -1.17 -19.16
C LEU A 135 -5.08 -0.60 -19.12
N GLU A 136 -5.88 -1.05 -18.17
CA GLU A 136 -7.23 -0.51 -18.00
C GLU A 136 -7.16 0.97 -17.60
N GLU A 137 -6.22 1.29 -16.71
CA GLU A 137 -6.01 2.66 -16.26
C GLU A 137 -5.58 3.57 -17.42
N MET A 138 -4.72 3.06 -18.27
CA MET A 138 -4.22 3.81 -19.43
C MET A 138 -5.27 3.96 -20.51
N MET A 139 -6.03 2.92 -20.79
CA MET A 139 -7.06 3.01 -21.82
C MET A 139 -8.21 3.90 -21.39
N ALA A 140 -8.47 3.99 -20.09
CA ALA A 140 -9.47 4.92 -19.58
C ALA A 140 -9.01 6.36 -19.86
N GLU A 141 -7.73 6.62 -19.62
CA GLU A 141 -7.19 7.96 -19.88
C GLU A 141 -7.14 8.29 -21.38
N MET A 142 -6.92 7.27 -22.21
CA MET A 142 -6.96 7.47 -23.66
C MET A 142 -8.36 7.75 -24.19
N LYS A 143 -9.40 7.36 -23.47
CA LYS A 143 -10.78 7.74 -23.83
C LYS A 143 -11.08 9.18 -23.46
N GLN A 144 -10.43 9.68 -22.41
CA GLN A 144 -10.61 11.06 -21.96
C GLN A 144 -9.82 12.02 -22.85
N SER A 1 11.63 -9.06 -9.53
CA SER A 1 10.41 -9.50 -10.26
C SER A 1 9.20 -8.76 -9.73
N GLN A 2 8.16 -8.59 -10.53
CA GLN A 2 7.04 -7.71 -10.17
C GLN A 2 6.03 -8.31 -9.19
N ALA A 3 5.80 -9.62 -9.27
CA ALA A 3 4.83 -10.31 -8.43
C ALA A 3 5.12 -10.24 -6.93
N VAL A 4 6.37 -9.94 -6.61
CA VAL A 4 6.82 -9.71 -5.25
C VAL A 4 5.96 -8.66 -4.55
N MET A 5 5.45 -7.68 -5.28
CA MET A 5 4.59 -6.65 -4.70
C MET A 5 3.37 -7.21 -3.95
N LYS A 6 2.80 -8.30 -4.44
CA LYS A 6 1.63 -8.91 -3.82
C LYS A 6 2.04 -9.87 -2.71
N ASP A 7 3.12 -10.60 -2.90
CA ASP A 7 3.58 -11.54 -1.86
C ASP A 7 4.14 -10.79 -0.65
N MET A 8 4.71 -9.63 -0.89
CA MET A 8 5.16 -8.74 0.19
C MET A 8 3.97 -8.22 0.99
N THR A 9 2.85 -8.01 0.33
CA THR A 9 1.64 -7.58 1.03
C THR A 9 1.17 -8.74 1.93
N LYS A 10 1.21 -9.97 1.44
CA LYS A 10 0.86 -11.12 2.29
C LYS A 10 1.76 -11.21 3.52
N ASN A 11 3.05 -10.96 3.34
CA ASN A 11 3.95 -10.91 4.48
C ASN A 11 3.60 -9.80 5.46
N PHE A 12 3.33 -8.60 4.97
CA PHE A 12 3.00 -7.51 5.87
C PHE A 12 1.69 -7.76 6.63
N ILE A 13 0.69 -8.39 6.02
CA ILE A 13 -0.54 -8.72 6.74
C ILE A 13 -0.44 -9.97 7.62
N LYS A 14 0.72 -10.60 7.74
CA LYS A 14 0.85 -11.75 8.65
C LYS A 14 0.51 -11.35 10.10
N ALA A 15 0.86 -10.14 10.49
CA ALA A 15 0.50 -9.57 11.80
C ALA A 15 -0.88 -8.87 11.84
N TYR A 16 -1.69 -9.01 10.79
CA TYR A 16 -2.96 -8.30 10.73
C TYR A 16 -3.88 -8.62 11.90
N GLU A 17 -4.02 -9.90 12.23
CA GLU A 17 -4.95 -10.29 13.28
C GLU A 17 -4.53 -9.71 14.63
N VAL A 18 -3.23 -9.66 14.92
CA VAL A 18 -2.77 -9.07 16.17
C VAL A 18 -3.08 -7.58 16.17
N CYS A 19 -2.83 -6.91 15.07
CA CYS A 19 -3.07 -5.47 15.00
C CYS A 19 -4.58 -5.18 15.10
N ALA A 20 -5.40 -6.03 14.50
CA ALA A 20 -6.85 -5.92 14.54
C ALA A 20 -7.38 -6.13 15.96
N LYS A 21 -6.80 -7.06 16.71
CA LYS A 21 -7.16 -7.26 18.11
C LYS A 21 -6.78 -6.06 18.96
N GLU A 22 -5.60 -5.51 18.73
CA GLU A 22 -5.15 -4.36 19.52
C GLU A 22 -5.97 -3.11 19.25
N TYR A 23 -6.43 -2.92 18.02
CA TYR A 23 -7.32 -1.80 17.70
C TYR A 23 -8.79 -2.11 17.94
N ASN A 24 -9.07 -3.36 18.29
CA ASN A 24 -10.42 -3.90 18.51
C ASN A 24 -11.33 -3.71 17.27
N LEU A 25 -10.74 -3.90 16.10
CA LEU A 25 -11.46 -3.66 14.83
C LEU A 25 -12.61 -4.63 14.61
N PRO A 26 -13.63 -4.24 13.83
CA PRO A 26 -14.69 -5.20 13.55
C PRO A 26 -14.27 -6.24 12.51
N GLU A 27 -15.05 -7.30 12.37
CA GLU A 27 -14.86 -8.29 11.31
C GLU A 27 -15.01 -7.69 9.91
N ALA A 28 -15.75 -6.60 9.79
CA ALA A 28 -15.92 -5.91 8.52
C ALA A 28 -14.60 -5.34 8.00
N ALA A 29 -13.68 -5.01 8.90
CA ALA A 29 -12.38 -4.47 8.51
C ALA A 29 -11.63 -5.49 7.64
N GLY A 30 -11.75 -6.76 7.99
CA GLY A 30 -11.11 -7.81 7.24
C GLY A 30 -11.62 -7.88 5.82
N ALA A 31 -12.92 -7.70 5.64
CA ALA A 31 -13.53 -7.72 4.31
C ALA A 31 -13.03 -6.51 3.49
N GLU A 32 -12.97 -5.36 4.13
CA GLU A 32 -12.51 -4.14 3.46
C GLU A 32 -11.06 -4.25 3.02
N VAL A 33 -10.20 -4.83 3.84
CA VAL A 33 -8.78 -5.01 3.49
C VAL A 33 -8.65 -5.94 2.29
N MET A 34 -9.44 -7.01 2.26
CA MET A 34 -9.39 -7.93 1.11
C MET A 34 -9.96 -7.32 -0.16
N ASN A 35 -10.83 -6.33 -0.04
CA ASN A 35 -11.45 -5.71 -1.20
C ASN A 35 -10.43 -4.97 -2.05
N PHE A 36 -9.31 -4.56 -1.48
CA PHE A 36 -8.28 -3.89 -2.27
C PHE A 36 -7.52 -4.83 -3.18
N TRP A 37 -7.61 -6.13 -2.93
CA TRP A 37 -6.94 -7.12 -3.76
C TRP A 37 -7.81 -7.52 -4.94
N LYS A 38 -9.09 -7.18 -4.86
CA LYS A 38 -10.06 -7.52 -5.90
C LYS A 38 -9.86 -6.62 -7.11
N GLU A 39 -10.07 -7.18 -8.28
CA GLU A 39 -9.87 -6.44 -9.51
C GLU A 39 -11.07 -5.52 -9.73
N GLY A 40 -10.83 -4.27 -10.08
CA GLY A 40 -11.91 -3.34 -10.38
C GLY A 40 -12.61 -2.77 -9.16
N TYR A 41 -12.03 -2.94 -7.99
CA TYR A 41 -12.62 -2.48 -6.73
C TYR A 41 -11.94 -1.21 -6.23
N VAL A 42 -12.72 -0.32 -5.62
CA VAL A 42 -12.23 0.90 -4.98
C VAL A 42 -13.04 1.04 -3.70
N LEU A 43 -12.39 1.11 -2.54
CA LEU A 43 -13.09 1.21 -1.25
C LEU A 43 -12.52 2.35 -0.42
N THR A 44 -13.31 2.84 0.51
CA THR A 44 -12.89 3.91 1.42
C THR A 44 -13.56 3.68 2.78
N SER A 45 -12.81 3.26 3.79
CA SER A 45 -13.33 3.07 5.14
C SER A 45 -12.28 3.38 6.19
N ARG A 46 -12.73 3.77 7.38
CA ARG A 46 -11.82 4.03 8.50
C ARG A 46 -11.12 2.76 8.90
N GLU A 47 -11.85 1.66 8.87
CA GLU A 47 -11.37 0.42 9.47
C GLU A 47 -10.16 -0.17 8.74
N ALA A 48 -10.23 -0.20 7.42
CA ALA A 48 -9.10 -0.69 6.63
C ALA A 48 -7.93 0.29 6.76
N GLY A 49 -8.25 1.57 6.89
CA GLY A 49 -7.22 2.56 7.08
C GLY A 49 -6.46 2.40 8.37
N CYS A 50 -7.16 2.12 9.47
CA CYS A 50 -6.50 1.95 10.75
C CYS A 50 -5.73 0.64 10.79
N ALA A 51 -6.15 -0.35 10.03
CA ALA A 51 -5.38 -1.59 9.91
C ALA A 51 -4.00 -1.34 9.28
N ILE A 52 -3.97 -0.49 8.27
CA ILE A 52 -2.71 -0.18 7.59
C ILE A 52 -1.87 0.74 8.49
N LEU A 53 -2.52 1.71 9.10
CA LEU A 53 -1.85 2.69 9.97
C LEU A 53 -1.21 2.03 11.20
N CYS A 54 -1.90 1.07 11.81
CA CYS A 54 -1.39 0.44 13.02
C CYS A 54 -0.21 -0.48 12.69
N LEU A 55 -0.15 -0.99 11.48
CA LEU A 55 0.85 -2.01 11.17
C LEU A 55 2.26 -1.43 11.11
N SER A 56 2.37 -0.23 10.57
CA SER A 56 3.66 0.40 10.37
C SER A 56 4.33 0.70 11.70
N SER A 57 3.52 0.95 12.72
CA SER A 57 4.02 1.14 14.08
C SER A 57 4.12 -0.19 14.83
N LYS A 58 3.24 -1.14 14.55
CA LYS A 58 3.27 -2.45 15.23
C LYS A 58 4.56 -3.18 15.00
N LEU A 59 5.02 -3.19 13.75
CA LEU A 59 6.23 -3.93 13.39
C LEU A 59 7.42 -2.99 13.22
N ASN A 60 7.20 -1.71 13.51
CA ASN A 60 8.22 -0.66 13.43
C ASN A 60 8.95 -0.66 12.09
N LEU A 61 8.14 -0.63 11.05
CA LEU A 61 8.60 -0.72 9.66
C LEU A 61 9.10 0.63 9.15
N LEU A 62 8.78 1.68 9.88
CA LEU A 62 9.18 3.03 9.50
C LEU A 62 10.48 3.41 10.19
N ASP A 63 11.03 4.54 9.77
CA ASP A 63 12.19 5.14 10.41
C ASP A 63 11.77 5.58 11.82
N PRO A 64 12.73 5.80 12.74
CA PRO A 64 12.27 6.29 14.05
C PRO A 64 11.68 7.71 13.99
N GLU A 65 11.93 8.42 12.89
CA GLU A 65 11.27 9.70 12.61
C GLU A 65 9.80 9.54 12.17
N GLY A 66 9.31 8.32 12.00
CA GLY A 66 7.94 8.10 11.59
C GLY A 66 7.71 8.30 10.11
N THR A 67 8.75 8.08 9.32
CA THR A 67 8.72 8.29 7.87
C THR A 67 9.10 6.99 7.16
N LEU A 68 8.76 6.85 5.88
CA LEU A 68 9.04 5.61 5.15
C LEU A 68 10.53 5.37 5.00
N HIS A 69 11.00 4.30 5.63
CA HIS A 69 12.43 3.99 5.68
C HIS A 69 12.90 3.26 4.42
N ARG A 70 13.87 3.82 3.72
CA ARG A 70 14.38 3.18 2.50
C ARG A 70 14.98 1.82 2.75
N GLY A 71 15.69 1.68 3.86
CA GLY A 71 16.30 0.40 4.18
C GLY A 71 15.27 -0.69 4.39
N ASN A 72 14.25 -0.47 5.20
CA ASN A 72 13.25 -1.51 5.43
C ASN A 72 12.46 -1.81 4.16
N THR A 73 12.25 -0.79 3.34
CA THR A 73 11.52 -1.00 2.10
C THR A 73 12.28 -1.93 1.17
N VAL A 74 13.60 -1.79 1.05
CA VAL A 74 14.36 -2.75 0.24
C VAL A 74 14.53 -4.08 0.97
N GLU A 75 14.70 -4.07 2.28
CA GLU A 75 14.94 -5.30 3.03
C GLU A 75 13.79 -6.27 3.04
N PHE A 76 12.58 -5.82 3.36
CA PHE A 76 11.46 -6.75 3.46
C PHE A 76 11.06 -7.24 2.08
N ALA A 77 11.23 -6.39 1.08
CA ALA A 77 10.95 -6.81 -0.29
C ALA A 77 11.98 -7.83 -0.78
N LYS A 78 13.23 -7.69 -0.38
CA LYS A 78 14.27 -8.65 -0.80
C LYS A 78 14.12 -10.02 -0.14
N GLN A 79 13.38 -10.12 0.95
CA GLN A 79 13.02 -11.43 1.50
C GLN A 79 12.21 -12.26 0.50
N HIS A 80 11.50 -11.56 -0.38
CA HIS A 80 10.72 -12.21 -1.43
C HIS A 80 11.46 -12.24 -2.77
N GLY A 81 12.65 -11.67 -2.83
CA GLY A 81 13.40 -11.62 -4.07
C GLY A 81 13.08 -10.43 -4.96
N SER A 82 12.82 -9.26 -4.38
CA SER A 82 12.56 -8.07 -5.18
C SER A 82 13.80 -7.60 -5.94
N ASP A 83 13.58 -6.64 -6.83
CA ASP A 83 14.70 -5.88 -7.40
C ASP A 83 14.95 -4.71 -6.45
N ASP A 84 16.20 -4.26 -6.35
CA ASP A 84 16.51 -3.10 -5.51
C ASP A 84 15.91 -1.87 -6.17
N ALA A 85 15.96 -1.84 -7.49
CA ALA A 85 15.43 -0.70 -8.24
C ALA A 85 13.93 -0.56 -8.00
N MET A 86 13.22 -1.68 -7.98
CA MET A 86 11.78 -1.67 -7.70
C MET A 86 11.56 -1.12 -6.31
N ALA A 87 12.19 -1.73 -5.31
CA ALA A 87 11.92 -1.37 -3.93
C ALA A 87 12.32 0.06 -3.56
N HIS A 88 13.44 0.54 -4.05
CA HIS A 88 13.87 1.90 -3.77
C HIS A 88 12.94 2.92 -4.44
N GLN A 89 12.51 2.63 -5.66
CA GLN A 89 11.56 3.49 -6.36
C GLN A 89 10.22 3.56 -5.62
N LEU A 90 9.83 2.49 -4.94
CA LEU A 90 8.58 2.51 -4.17
C LEU A 90 8.60 3.53 -3.02
N VAL A 91 9.76 3.93 -2.55
CA VAL A 91 9.80 5.02 -1.57
C VAL A 91 9.65 6.35 -2.30
N ASP A 92 10.33 6.49 -3.43
CA ASP A 92 10.32 7.78 -4.13
C ASP A 92 8.94 8.17 -4.64
N ILE A 93 8.20 7.21 -5.17
CA ILE A 93 6.86 7.50 -5.69
C ILE A 93 5.82 7.83 -4.63
N VAL A 94 6.06 7.48 -3.36
CA VAL A 94 5.04 7.73 -2.34
C VAL A 94 4.90 9.23 -2.12
N HIS A 95 5.97 9.97 -2.40
CA HIS A 95 5.95 11.42 -2.29
C HIS A 95 5.07 12.03 -3.38
N ALA A 96 5.10 11.42 -4.56
CA ALA A 96 4.29 11.87 -5.68
C ALA A 96 2.81 11.57 -5.41
N CYS A 97 2.56 10.45 -4.75
CA CYS A 97 1.20 10.01 -4.40
C CYS A 97 0.48 10.99 -3.47
N GLU A 98 1.22 11.78 -2.70
CA GLU A 98 0.60 12.78 -1.81
C GLU A 98 -0.21 13.83 -2.58
N LYS A 99 0.14 14.06 -3.84
CA LYS A 99 -0.64 15.00 -4.66
C LYS A 99 -2.05 14.49 -4.90
N SER A 100 -2.19 13.18 -5.00
CA SER A 100 -3.49 12.55 -5.26
C SER A 100 -4.22 12.21 -3.97
N VAL A 101 -3.52 12.28 -2.85
CA VAL A 101 -4.08 11.94 -1.54
C VAL A 101 -3.93 13.12 -0.58
N PRO A 102 -4.98 13.94 -0.48
CA PRO A 102 -4.85 15.03 0.49
C PRO A 102 -4.91 14.51 1.92
N PRO A 103 -4.42 15.29 2.90
CA PRO A 103 -4.62 14.87 4.29
C PRO A 103 -6.10 14.78 4.65
N ASN A 104 -6.39 14.00 5.69
CA ASN A 104 -7.74 13.87 6.23
C ASN A 104 -7.59 14.14 7.72
N GLU A 105 -8.73 14.33 8.40
CA GLU A 105 -8.74 14.63 9.84
C GLU A 105 -8.22 13.48 10.68
N ASP A 106 -8.37 12.29 10.13
CA ASP A 106 -7.97 11.05 10.79
C ASP A 106 -6.90 10.43 9.89
N ASN A 107 -5.77 10.10 10.49
CA ASN A 107 -4.62 9.60 9.75
C ASN A 107 -4.89 8.20 9.20
N CYS A 108 -5.87 7.48 9.75
CA CYS A 108 -6.27 6.19 9.19
C CYS A 108 -6.77 6.38 7.77
N LEU A 109 -7.54 7.44 7.57
CA LEU A 109 -8.17 7.67 6.27
C LEU A 109 -7.10 8.01 5.24
N MET A 110 -6.12 8.80 5.65
CA MET A 110 -5.04 9.16 4.72
C MET A 110 -4.18 7.93 4.43
N ALA A 111 -3.94 7.09 5.42
CA ALA A 111 -3.11 5.89 5.23
C ALA A 111 -3.71 4.96 4.17
N LEU A 112 -5.03 4.81 4.18
CA LEU A 112 -5.72 4.00 3.18
C LEU A 112 -5.63 4.64 1.80
N GLY A 113 -5.78 5.96 1.77
CA GLY A 113 -5.74 6.68 0.53
C GLY A 113 -4.39 6.56 -0.13
N ILE A 114 -3.33 6.67 0.65
CA ILE A 114 -1.98 6.51 0.14
C ILE A 114 -1.86 5.08 -0.37
N SER A 115 -2.34 4.10 0.36
CA SER A 115 -2.19 2.71 -0.10
C SER A 115 -2.87 2.42 -1.43
N MET A 116 -4.02 3.03 -1.69
CA MET A 116 -4.70 2.85 -2.98
C MET A 116 -3.99 3.59 -4.12
N CYS A 117 -3.54 4.81 -3.87
CA CYS A 117 -2.89 5.63 -4.91
C CYS A 117 -1.44 5.19 -5.16
N PHE A 118 -0.86 4.52 -4.19
CA PHE A 118 0.47 3.93 -4.31
C PHE A 118 0.49 3.00 -5.51
N LYS A 119 -0.56 2.20 -5.68
CA LYS A 119 -0.66 1.32 -6.85
C LYS A 119 -0.63 2.13 -8.14
N THR A 120 -1.37 3.21 -8.17
CA THR A 120 -1.52 4.04 -9.35
C THR A 120 -0.19 4.62 -9.83
N GLU A 121 0.71 4.97 -8.93
CA GLU A 121 2.02 5.47 -9.37
C GLU A 121 2.81 4.36 -10.09
N ILE A 122 2.74 3.16 -9.54
CA ILE A 122 3.47 2.00 -10.07
C ILE A 122 2.84 1.60 -11.41
N HIS A 123 1.52 1.78 -11.49
CA HIS A 123 0.76 1.53 -12.71
C HIS A 123 1.21 2.48 -13.82
N LYS A 124 1.36 3.76 -13.51
CA LYS A 124 1.76 4.75 -14.52
C LYS A 124 3.16 4.51 -15.03
N LEU A 125 4.04 4.05 -14.16
CA LEU A 125 5.40 3.70 -14.56
C LEU A 125 5.46 2.39 -15.35
N ASN A 126 4.35 1.65 -15.39
CA ASN A 126 4.30 0.30 -15.96
C ASN A 126 5.31 -0.61 -15.26
N TRP A 127 5.42 -0.47 -13.96
CA TRP A 127 6.29 -1.33 -13.16
C TRP A 127 5.45 -2.36 -12.42
N ALA A 128 4.14 -2.19 -12.42
CA ALA A 128 3.26 -3.09 -11.69
C ALA A 128 3.05 -4.39 -12.48
N PRO A 129 2.78 -5.52 -11.79
CA PRO A 129 2.57 -6.74 -12.59
C PRO A 129 1.28 -6.77 -13.39
N ASP A 130 0.28 -6.01 -12.97
CA ASP A 130 -1.05 -6.05 -13.58
C ASP A 130 -1.13 -5.16 -14.81
N HIS A 131 -0.57 -5.64 -15.90
CA HIS A 131 -0.48 -4.85 -17.13
C HIS A 131 -1.86 -4.44 -17.64
N GLU A 132 -2.86 -5.29 -17.56
CA GLU A 132 -4.17 -4.93 -18.10
C GLU A 132 -4.86 -3.87 -17.24
N LEU A 133 -4.64 -3.92 -15.93
CA LEU A 133 -5.24 -2.95 -15.01
C LEU A 133 -4.65 -1.57 -15.27
N LEU A 134 -3.34 -1.53 -15.43
CA LEU A 134 -2.65 -0.26 -15.66
C LEU A 134 -2.83 0.23 -17.10
N LEU A 135 -3.01 -0.66 -18.05
CA LEU A 135 -3.20 -0.27 -19.44
C LEU A 135 -4.49 0.52 -19.56
N GLU A 136 -5.55 0.06 -18.91
CA GLU A 136 -6.82 0.79 -18.98
C GLU A 136 -6.66 2.20 -18.41
N GLU A 137 -5.86 2.34 -17.37
CA GLU A 137 -5.60 3.66 -16.79
C GLU A 137 -4.75 4.53 -17.72
N MET A 138 -3.73 3.95 -18.34
CA MET A 138 -2.84 4.69 -19.23
C MET A 138 -3.58 5.13 -20.49
N MET A 139 -4.46 4.28 -21.01
CA MET A 139 -5.26 4.66 -22.18
C MET A 139 -6.25 5.77 -21.82
N ALA A 140 -6.67 5.84 -20.56
CA ALA A 140 -7.54 6.91 -20.11
C ALA A 140 -6.78 8.23 -20.04
N GLU A 141 -5.53 8.18 -19.60
CA GLU A 141 -4.70 9.41 -19.53
C GLU A 141 -4.41 9.99 -20.90
N MET A 142 -4.39 9.17 -21.94
CA MET A 142 -4.17 9.66 -23.31
C MET A 142 -5.31 10.58 -23.76
N LYS A 143 -6.46 10.48 -23.10
CA LYS A 143 -7.64 11.27 -23.47
C LYS A 143 -7.62 12.64 -22.81
N GLN A 144 -6.68 12.87 -21.89
CA GLN A 144 -6.57 14.12 -21.15
C GLN A 144 -5.24 14.79 -21.44
N SER A 1 11.55 -10.54 -9.54
CA SER A 1 11.53 -9.29 -8.75
C SER A 1 10.12 -8.69 -8.65
N GLN A 2 9.37 -8.56 -9.74
CA GLN A 2 8.04 -7.92 -9.65
C GLN A 2 7.02 -8.77 -8.89
N ALA A 3 7.14 -10.09 -8.93
CA ALA A 3 6.25 -10.98 -8.16
C ALA A 3 6.28 -10.69 -6.66
N VAL A 4 7.41 -10.18 -6.17
CA VAL A 4 7.55 -9.78 -4.78
C VAL A 4 6.50 -8.75 -4.40
N MET A 5 6.07 -7.89 -5.30
CA MET A 5 5.10 -6.86 -4.91
C MET A 5 3.79 -7.47 -4.42
N LYS A 6 3.41 -8.62 -4.94
CA LYS A 6 2.21 -9.32 -4.47
C LYS A 6 2.51 -10.12 -3.20
N ASP A 7 3.65 -10.78 -3.15
CA ASP A 7 4.03 -11.58 -1.98
C ASP A 7 4.26 -10.72 -0.74
N MET A 8 4.81 -9.54 -0.96
CA MET A 8 5.09 -8.59 0.12
C MET A 8 3.81 -8.01 0.68
N THR A 9 2.74 -7.97 -0.11
CA THR A 9 1.45 -7.55 0.44
C THR A 9 0.97 -8.61 1.42
N LYS A 10 1.07 -9.88 1.06
CA LYS A 10 0.65 -10.97 1.94
C LYS A 10 1.48 -10.97 3.22
N ASN A 11 2.76 -10.70 3.09
CA ASN A 11 3.68 -10.62 4.22
C ASN A 11 3.33 -9.42 5.13
N PHE A 12 2.99 -8.29 4.52
CA PHE A 12 2.62 -7.10 5.28
C PHE A 12 1.35 -7.32 6.08
N ILE A 13 0.39 -8.06 5.53
CA ILE A 13 -0.84 -8.38 6.25
C ILE A 13 -0.73 -9.68 7.04
N LYS A 14 0.45 -10.25 7.20
CA LYS A 14 0.58 -11.50 7.95
C LYS A 14 0.13 -11.33 9.40
N ALA A 15 0.45 -10.20 10.01
CA ALA A 15 0.00 -9.87 11.36
C ALA A 15 -1.36 -9.15 11.42
N TYR A 16 -2.15 -9.18 10.36
CA TYR A 16 -3.40 -8.41 10.32
C TYR A 16 -4.38 -8.83 11.42
N GLU A 17 -4.51 -10.13 11.66
CA GLU A 17 -5.39 -10.61 12.74
C GLU A 17 -4.89 -10.16 14.12
N VAL A 18 -3.58 -10.14 14.30
CA VAL A 18 -2.98 -9.74 15.57
C VAL A 18 -3.31 -8.26 15.81
N CYS A 19 -3.20 -7.46 14.75
CA CYS A 19 -3.57 -6.06 14.81
C CYS A 19 -5.06 -5.88 15.06
N ALA A 20 -5.90 -6.68 14.42
CA ALA A 20 -7.35 -6.57 14.56
C ALA A 20 -7.74 -6.82 16.00
N LYS A 21 -7.12 -7.79 16.65
CA LYS A 21 -7.39 -8.05 18.07
C LYS A 21 -6.84 -6.94 18.94
N GLU A 22 -5.63 -6.46 18.65
CA GLU A 22 -5.02 -5.39 19.45
C GLU A 22 -5.81 -4.08 19.42
N TYR A 23 -6.20 -3.64 18.23
CA TYR A 23 -6.89 -2.35 18.07
C TYR A 23 -8.40 -2.52 18.16
N ASN A 24 -8.83 -3.75 18.39
CA ASN A 24 -10.25 -4.13 18.50
C ASN A 24 -11.06 -3.71 17.26
N LEU A 25 -10.51 -3.99 16.09
CA LEU A 25 -11.15 -3.62 14.83
C LEU A 25 -12.16 -4.70 14.39
N PRO A 26 -13.25 -4.32 13.70
CA PRO A 26 -14.21 -5.34 13.25
C PRO A 26 -13.70 -6.18 12.08
N GLU A 27 -14.33 -7.33 11.85
CA GLU A 27 -13.90 -8.25 10.78
C GLU A 27 -14.08 -7.63 9.40
N ALA A 28 -15.02 -6.71 9.29
CA ALA A 28 -15.25 -5.96 8.05
C ALA A 28 -14.05 -5.14 7.61
N ALA A 29 -13.17 -4.75 8.53
CA ALA A 29 -11.97 -4.01 8.15
C ALA A 29 -11.13 -4.90 7.24
N GLY A 30 -11.04 -6.17 7.63
CA GLY A 30 -10.29 -7.14 6.85
C GLY A 30 -10.93 -7.41 5.51
N ALA A 31 -12.25 -7.52 5.50
CA ALA A 31 -12.98 -7.78 4.27
C ALA A 31 -12.78 -6.64 3.28
N GLU A 32 -12.81 -5.40 3.78
CA GLU A 32 -12.59 -4.23 2.93
C GLU A 32 -11.19 -4.17 2.35
N VAL A 33 -10.16 -4.52 3.12
CA VAL A 33 -8.81 -4.54 2.58
C VAL A 33 -8.73 -5.59 1.47
N MET A 34 -9.35 -6.74 1.65
CA MET A 34 -9.35 -7.74 0.57
C MET A 34 -10.19 -7.30 -0.63
N ASN A 35 -11.20 -6.49 -0.42
CA ASN A 35 -12.02 -5.96 -1.51
C ASN A 35 -11.23 -5.03 -2.41
N PHE A 36 -10.12 -4.46 -1.94
CA PHE A 36 -9.31 -3.57 -2.78
C PHE A 36 -8.72 -4.27 -4.02
N TRP A 37 -8.64 -5.60 -3.99
CA TRP A 37 -8.18 -6.37 -5.15
C TRP A 37 -9.20 -6.40 -6.29
N LYS A 38 -10.46 -6.11 -5.98
CA LYS A 38 -11.53 -6.11 -6.98
C LYS A 38 -11.28 -4.95 -7.93
N GLU A 39 -11.37 -5.18 -9.22
CA GLU A 39 -11.11 -4.13 -10.21
C GLU A 39 -12.20 -3.07 -10.09
N GLY A 40 -11.79 -1.80 -10.03
CA GLY A 40 -12.74 -0.69 -9.97
C GLY A 40 -13.36 -0.39 -8.61
N TYR A 41 -13.67 -1.40 -7.81
CA TYR A 41 -14.21 -1.15 -6.48
C TYR A 41 -13.09 -0.72 -5.55
N VAL A 42 -13.28 0.35 -4.82
CA VAL A 42 -12.29 0.85 -3.86
C VAL A 42 -12.95 0.96 -2.49
N LEU A 43 -12.33 0.36 -1.49
CA LEU A 43 -12.81 0.47 -0.11
C LEU A 43 -12.54 1.88 0.40
N THR A 44 -13.39 2.38 1.28
CA THR A 44 -13.18 3.71 1.87
C THR A 44 -13.37 3.73 3.38
N SER A 45 -13.44 2.57 4.01
CA SER A 45 -13.69 2.49 5.45
C SER A 45 -12.50 2.95 6.30
N ARG A 46 -12.80 3.59 7.42
CA ARG A 46 -11.76 4.12 8.32
C ARG A 46 -10.97 3.01 8.96
N GLU A 47 -11.65 1.95 9.36
CA GLU A 47 -11.03 0.88 10.13
C GLU A 47 -10.01 0.12 9.29
N ALA A 48 -10.27 0.01 7.99
CA ALA A 48 -9.34 -0.65 7.09
C ALA A 48 -8.06 0.18 6.93
N GLY A 49 -8.18 1.50 6.97
CA GLY A 49 -7.01 2.36 6.89
C GLY A 49 -6.23 2.28 8.19
N CYS A 50 -6.95 2.19 9.30
CA CYS A 50 -6.32 2.08 10.61
C CYS A 50 -5.58 0.76 10.74
N ALA A 51 -6.11 -0.28 10.13
CA ALA A 51 -5.48 -1.59 10.14
C ALA A 51 -4.11 -1.58 9.45
N ILE A 52 -3.99 -0.88 8.33
CA ILE A 52 -2.71 -0.81 7.62
C ILE A 52 -1.77 0.15 8.34
N LEU A 53 -2.29 1.24 8.89
CA LEU A 53 -1.47 2.17 9.67
C LEU A 53 -0.88 1.43 10.87
N CYS A 54 -1.71 0.60 11.50
CA CYS A 54 -1.30 -0.25 12.60
C CYS A 54 -0.22 -1.24 12.17
N LEU A 55 -0.36 -1.87 11.02
CA LEU A 55 0.65 -2.84 10.59
C LEU A 55 2.01 -2.22 10.34
N SER A 56 2.02 -1.00 9.82
CA SER A 56 3.29 -0.31 9.59
C SER A 56 4.02 -0.05 10.91
N SER A 57 3.29 0.21 11.99
CA SER A 57 3.90 0.41 13.30
C SER A 57 4.07 -0.90 14.07
N LYS A 58 3.30 -1.93 13.75
CA LYS A 58 3.35 -3.22 14.46
C LYS A 58 4.65 -3.95 14.25
N LEU A 59 5.19 -3.86 13.04
CA LEU A 59 6.52 -4.41 12.76
C LEU A 59 7.54 -3.28 12.70
N ASN A 60 7.07 -2.08 13.04
CA ASN A 60 7.86 -0.86 13.10
C ASN A 60 8.72 -0.62 11.86
N LEU A 61 8.04 -0.64 10.72
CA LEU A 61 8.65 -0.53 9.41
C LEU A 61 8.82 0.94 9.00
N LEU A 62 8.52 1.81 9.94
CA LEU A 62 8.64 3.26 9.78
C LEU A 62 9.89 3.72 10.51
N ASP A 63 10.34 4.92 10.19
CA ASP A 63 11.40 5.60 10.95
C ASP A 63 10.85 5.97 12.33
N PRO A 64 11.71 6.34 13.30
CA PRO A 64 11.09 6.71 14.58
C PRO A 64 10.28 8.01 14.51
N GLU A 65 10.47 8.79 13.46
CA GLU A 65 9.65 9.97 13.20
C GLU A 65 8.29 9.62 12.55
N GLY A 66 8.07 8.35 12.26
CA GLY A 66 6.82 7.91 11.66
C GLY A 66 6.79 8.08 10.15
N THR A 67 7.93 8.43 9.57
CA THR A 67 8.05 8.63 8.13
C THR A 67 8.41 7.30 7.48
N LEU A 68 8.13 7.14 6.19
CA LEU A 68 8.40 5.88 5.50
C LEU A 68 9.90 5.69 5.29
N HIS A 69 10.42 4.58 5.80
CA HIS A 69 11.87 4.34 5.80
C HIS A 69 12.32 3.51 4.60
N ARG A 70 13.28 4.02 3.84
CA ARG A 70 13.81 3.29 2.67
C ARG A 70 14.41 1.97 3.07
N GLY A 71 15.14 1.95 4.18
CA GLY A 71 15.80 0.74 4.63
C GLY A 71 14.82 -0.37 4.94
N ASN A 72 13.75 -0.07 5.67
CA ASN A 72 12.74 -1.09 5.95
C ASN A 72 11.97 -1.50 4.70
N THR A 73 11.82 -0.60 3.74
CA THR A 73 11.14 -0.95 2.50
C THR A 73 11.96 -1.98 1.73
N VAL A 74 13.27 -1.77 1.59
CA VAL A 74 14.10 -2.75 0.88
C VAL A 74 14.25 -4.03 1.71
N GLU A 75 14.36 -3.91 3.03
CA GLU A 75 14.51 -5.09 3.89
C GLU A 75 13.34 -6.05 3.78
N PHE A 76 12.13 -5.51 3.93
CA PHE A 76 10.94 -6.34 3.99
C PHE A 76 10.66 -6.94 2.61
N ALA A 77 11.01 -6.21 1.56
CA ALA A 77 10.90 -6.75 0.21
C ALA A 77 11.91 -7.88 -0.02
N LYS A 78 13.14 -7.72 0.46
CA LYS A 78 14.17 -8.74 0.23
C LYS A 78 13.97 -10.03 1.00
N GLN A 79 12.99 -10.07 1.89
CA GLN A 79 12.56 -11.34 2.49
C GLN A 79 11.98 -12.29 1.42
N HIS A 80 11.68 -11.75 0.25
CA HIS A 80 11.20 -12.52 -0.89
C HIS A 80 12.21 -12.58 -2.03
N GLY A 81 13.43 -12.11 -1.82
CA GLY A 81 14.44 -12.13 -2.88
C GLY A 81 14.32 -11.01 -3.91
N SER A 82 13.86 -9.85 -3.46
CA SER A 82 13.62 -8.73 -4.36
C SER A 82 14.85 -8.04 -4.92
N ASP A 83 14.61 -7.08 -5.79
CA ASP A 83 15.65 -6.15 -6.24
C ASP A 83 15.47 -4.89 -5.41
N ASP A 84 16.52 -4.46 -4.72
CA ASP A 84 16.42 -3.31 -3.81
C ASP A 84 16.07 -2.06 -4.59
N ALA A 85 16.54 -1.99 -5.83
CA ALA A 85 16.32 -0.81 -6.65
C ALA A 85 14.83 -0.55 -6.88
N MET A 86 14.04 -1.61 -6.93
CA MET A 86 12.60 -1.48 -7.13
C MET A 86 11.96 -0.87 -5.88
N ALA A 87 12.35 -1.35 -4.71
CA ALA A 87 11.81 -0.84 -3.45
C ALA A 87 12.29 0.58 -3.16
N HIS A 88 13.54 0.87 -3.48
CA HIS A 88 14.08 2.21 -3.32
C HIS A 88 13.33 3.20 -4.20
N GLN A 89 12.96 2.77 -5.40
CA GLN A 89 12.16 3.59 -6.30
C GLN A 89 10.74 3.76 -5.78
N LEU A 90 10.16 2.75 -5.15
CA LEU A 90 8.79 2.85 -4.63
C LEU A 90 8.67 3.98 -3.61
N VAL A 91 9.62 4.13 -2.71
CA VAL A 91 9.54 5.20 -1.70
C VAL A 91 9.61 6.58 -2.37
N ASP A 92 10.34 6.66 -3.47
CA ASP A 92 10.51 7.94 -4.18
C ASP A 92 9.22 8.30 -4.92
N ILE A 93 8.55 7.32 -5.50
CA ILE A 93 7.30 7.60 -6.21
C ILE A 93 6.14 7.76 -5.23
N VAL A 94 6.21 7.19 -4.03
CA VAL A 94 5.25 7.50 -2.96
C VAL A 94 5.33 8.99 -2.63
N HIS A 95 6.52 9.56 -2.58
CA HIS A 95 6.65 11.00 -2.35
C HIS A 95 6.00 11.82 -3.46
N ALA A 96 6.16 11.39 -4.70
CA ALA A 96 5.55 12.09 -5.82
C ALA A 96 4.02 11.95 -5.78
N CYS A 97 3.55 10.83 -5.27
CA CYS A 97 2.12 10.56 -5.17
C CYS A 97 1.38 11.51 -4.24
N GLU A 98 2.11 12.14 -3.32
CA GLU A 98 1.53 13.08 -2.37
C GLU A 98 0.97 14.31 -3.06
N LYS A 99 1.35 14.55 -4.31
CA LYS A 99 0.73 15.64 -5.07
C LYS A 99 -0.72 15.30 -5.43
N SER A 100 -1.01 14.02 -5.65
CA SER A 100 -2.37 13.59 -5.97
C SER A 100 -3.19 13.33 -4.71
N VAL A 101 -2.55 12.86 -3.65
CA VAL A 101 -3.23 12.52 -2.41
C VAL A 101 -3.23 13.75 -1.50
N PRO A 102 -4.41 14.36 -1.24
CA PRO A 102 -4.35 15.52 -0.35
C PRO A 102 -4.10 15.08 1.09
N PRO A 103 -3.69 15.99 1.98
CA PRO A 103 -3.61 15.51 3.37
C PRO A 103 -5.01 15.19 3.89
N ASN A 104 -5.12 14.33 4.88
CA ASN A 104 -6.42 13.96 5.45
C ASN A 104 -6.39 14.33 6.93
N GLU A 105 -7.57 14.42 7.53
CA GLU A 105 -7.70 14.78 8.94
C GLU A 105 -7.15 13.65 9.82
N ASP A 106 -7.51 12.43 9.44
CA ASP A 106 -7.22 11.26 10.26
C ASP A 106 -6.05 10.52 9.67
N ASN A 107 -5.18 10.02 10.52
CA ASN A 107 -4.01 9.25 10.06
C ASN A 107 -4.42 7.96 9.37
N CYS A 108 -5.54 7.38 9.76
CA CYS A 108 -6.07 6.20 9.06
C CYS A 108 -6.46 6.52 7.62
N LEU A 109 -7.13 7.65 7.43
CA LEU A 109 -7.57 8.06 6.10
C LEU A 109 -6.37 8.44 5.25
N MET A 110 -5.36 9.03 5.88
CA MET A 110 -4.10 9.34 5.22
C MET A 110 -3.41 8.06 4.75
N ALA A 111 -3.32 7.07 5.61
CA ALA A 111 -2.69 5.80 5.26
C ALA A 111 -3.45 5.14 4.12
N LEU A 112 -4.77 5.22 4.13
CA LEU A 112 -5.58 4.68 3.05
C LEU A 112 -5.37 5.41 1.73
N GLY A 113 -5.27 6.74 1.74
CA GLY A 113 -5.08 7.46 0.50
C GLY A 113 -3.76 7.08 -0.15
N ILE A 114 -2.73 6.93 0.66
CA ILE A 114 -1.42 6.49 0.17
C ILE A 114 -1.53 5.04 -0.32
N SER A 115 -2.26 4.19 0.38
CA SER A 115 -2.41 2.78 0.00
C SER A 115 -3.15 2.61 -1.34
N MET A 116 -4.08 3.50 -1.66
CA MET A 116 -4.74 3.44 -2.96
C MET A 116 -3.74 3.80 -4.05
N CYS A 117 -2.99 4.87 -3.81
CA CYS A 117 -2.16 5.44 -4.86
C CYS A 117 -0.81 4.75 -5.03
N PHE A 118 -0.52 3.85 -4.10
CA PHE A 118 0.64 2.96 -4.18
C PHE A 118 0.57 2.18 -5.48
N LYS A 119 -0.63 1.72 -5.84
CA LYS A 119 -0.80 1.02 -7.11
C LYS A 119 -0.74 1.99 -8.29
N THR A 120 -1.34 3.16 -8.17
CA THR A 120 -1.31 4.15 -9.25
C THR A 120 0.10 4.49 -9.70
N GLU A 121 1.03 4.72 -8.78
CA GLU A 121 2.37 5.09 -9.22
C GLU A 121 3.10 3.97 -9.96
N ILE A 122 2.99 2.73 -9.51
CA ILE A 122 3.66 1.64 -10.23
C ILE A 122 2.94 1.35 -11.54
N HIS A 123 1.64 1.62 -11.59
CA HIS A 123 0.90 1.52 -12.84
C HIS A 123 1.45 2.56 -13.81
N LYS A 124 1.64 3.80 -13.36
CA LYS A 124 2.19 4.86 -14.21
C LYS A 124 3.62 4.59 -14.66
N LEU A 125 4.43 3.95 -13.84
CA LEU A 125 5.79 3.56 -14.26
C LEU A 125 5.81 2.39 -15.24
N ASN A 126 4.66 1.78 -15.49
CA ASN A 126 4.50 0.60 -16.36
C ASN A 126 5.23 -0.63 -15.82
N TRP A 127 5.42 -0.70 -14.51
CA TRP A 127 6.17 -1.81 -13.89
C TRP A 127 5.31 -2.67 -12.95
N ALA A 128 4.01 -2.48 -13.00
CA ALA A 128 3.13 -3.22 -12.11
C ALA A 128 3.09 -4.69 -12.54
N PRO A 129 3.00 -5.64 -11.58
CA PRO A 129 2.86 -7.03 -12.03
C PRO A 129 1.55 -7.27 -12.78
N ASP A 130 0.52 -6.51 -12.43
CA ASP A 130 -0.76 -6.57 -13.12
C ASP A 130 -0.73 -5.61 -14.30
N HIS A 131 -0.14 -6.06 -15.39
CA HIS A 131 -0.02 -5.23 -16.58
C HIS A 131 -1.36 -4.92 -17.21
N GLU A 132 -2.32 -5.84 -17.13
CA GLU A 132 -3.64 -5.57 -17.69
C GLU A 132 -4.25 -4.38 -16.97
N LEU A 133 -4.07 -4.31 -15.65
CA LEU A 133 -4.64 -3.22 -14.89
C LEU A 133 -3.96 -1.89 -15.17
N LEU A 134 -2.64 -1.90 -15.30
CA LEU A 134 -1.91 -0.66 -15.57
C LEU A 134 -2.33 -0.10 -16.93
N LEU A 135 -2.51 -1.01 -17.88
CA LEU A 135 -2.92 -0.64 -19.21
C LEU A 135 -4.38 -0.18 -19.23
N GLU A 136 -5.21 -0.81 -18.43
CA GLU A 136 -6.63 -0.42 -18.33
C GLU A 136 -6.75 1.00 -17.79
N GLU A 137 -5.91 1.37 -16.83
CA GLU A 137 -5.93 2.75 -16.31
C GLU A 137 -5.47 3.76 -17.36
N MET A 138 -4.53 3.41 -18.23
CA MET A 138 -4.15 4.34 -19.30
C MET A 138 -5.29 4.48 -20.29
N MET A 139 -5.98 3.38 -20.60
CA MET A 139 -7.12 3.45 -21.51
C MET A 139 -8.30 4.21 -20.89
N ALA A 140 -8.38 4.23 -19.56
CA ALA A 140 -9.42 4.99 -18.88
C ALA A 140 -9.12 6.49 -19.02
N GLU A 141 -7.86 6.86 -18.94
CA GLU A 141 -7.47 8.26 -19.03
C GLU A 141 -7.74 8.86 -20.41
N MET A 142 -7.82 8.02 -21.44
CA MET A 142 -8.13 8.50 -22.79
C MET A 142 -9.53 9.11 -22.92
N LYS A 143 -10.41 8.89 -21.96
CA LYS A 143 -11.74 9.51 -22.01
C LYS A 143 -11.68 11.01 -21.72
N GLN A 144 -10.55 11.49 -21.20
CA GLN A 144 -10.37 12.89 -20.85
C GLN A 144 -9.95 13.63 -22.12
N SER A 1 7.58 -8.07 -14.42
CA SER A 1 6.49 -8.62 -13.58
C SER A 1 6.96 -8.82 -12.14
N GLN A 2 6.69 -7.85 -11.28
CA GLN A 2 7.15 -7.86 -9.89
C GLN A 2 6.21 -8.65 -8.96
N ALA A 3 6.17 -9.97 -9.12
CA ALA A 3 5.38 -10.85 -8.25
C ALA A 3 5.80 -10.70 -6.79
N VAL A 4 7.06 -10.36 -6.61
CA VAL A 4 7.65 -10.09 -5.30
C VAL A 4 6.90 -9.00 -4.53
N MET A 5 6.37 -7.99 -5.19
CA MET A 5 5.63 -6.94 -4.48
C MET A 5 4.37 -7.50 -3.84
N LYS A 6 3.69 -8.42 -4.52
CA LYS A 6 2.50 -9.06 -3.97
C LYS A 6 2.89 -10.00 -2.84
N ASP A 7 4.04 -10.64 -2.95
CA ASP A 7 4.50 -11.56 -1.91
C ASP A 7 4.91 -10.81 -0.66
N MET A 8 5.45 -9.61 -0.80
CA MET A 8 5.76 -8.76 0.36
C MET A 8 4.46 -8.38 1.08
N THR A 9 3.40 -8.12 0.32
CA THR A 9 2.09 -7.84 0.90
C THR A 9 1.61 -9.02 1.74
N LYS A 10 1.83 -10.25 1.26
CA LYS A 10 1.44 -11.44 2.05
C LYS A 10 2.13 -11.50 3.40
N ASN A 11 3.39 -11.08 3.47
CA ASN A 11 4.07 -11.07 4.75
C ASN A 11 3.57 -9.95 5.66
N PHE A 12 3.17 -8.81 5.11
CA PHE A 12 2.56 -7.77 5.94
C PHE A 12 1.27 -8.27 6.57
N ILE A 13 0.35 -8.79 5.75
CA ILE A 13 -0.98 -9.19 6.21
C ILE A 13 -0.96 -10.49 7.02
N LYS A 14 0.21 -11.11 7.11
CA LYS A 14 0.40 -12.27 7.99
C LYS A 14 0.05 -11.92 9.44
N ALA A 15 0.30 -10.67 9.82
CA ALA A 15 0.00 -10.18 11.16
C ALA A 15 -1.35 -9.44 11.26
N TYR A 16 -2.21 -9.58 10.25
CA TYR A 16 -3.50 -8.87 10.24
C TYR A 16 -4.33 -9.19 11.48
N GLU A 17 -4.42 -10.47 11.85
CA GLU A 17 -5.21 -10.87 13.01
C GLU A 17 -4.67 -10.25 14.30
N VAL A 18 -3.34 -10.15 14.40
CA VAL A 18 -2.73 -9.63 15.61
C VAL A 18 -3.11 -8.15 15.73
N CYS A 19 -3.03 -7.42 14.63
CA CYS A 19 -3.48 -6.03 14.63
C CYS A 19 -4.98 -5.90 14.88
N ALA A 20 -5.78 -6.78 14.30
CA ALA A 20 -7.23 -6.70 14.47
C ALA A 20 -7.60 -6.85 15.94
N LYS A 21 -6.89 -7.71 16.64
CA LYS A 21 -7.06 -7.85 18.10
C LYS A 21 -6.55 -6.62 18.86
N GLU A 22 -5.42 -6.06 18.45
CA GLU A 22 -4.85 -4.88 19.11
C GLU A 22 -5.76 -3.67 19.00
N TYR A 23 -6.18 -3.36 17.78
CA TYR A 23 -6.97 -2.17 17.47
C TYR A 23 -8.46 -2.39 17.70
N ASN A 24 -8.82 -3.61 18.10
CA ASN A 24 -10.20 -4.03 18.32
C ASN A 24 -11.06 -3.75 17.08
N LEU A 25 -10.51 -4.09 15.91
CA LEU A 25 -11.22 -3.85 14.65
C LEU A 25 -12.38 -4.83 14.53
N PRO A 26 -13.49 -4.42 13.88
CA PRO A 26 -14.55 -5.41 13.65
C PRO A 26 -14.10 -6.42 12.59
N GLU A 27 -14.70 -7.58 12.56
CA GLU A 27 -14.27 -8.63 11.62
C GLU A 27 -14.59 -8.26 10.17
N ALA A 28 -15.57 -7.38 9.98
CA ALA A 28 -15.89 -6.82 8.67
C ALA A 28 -14.73 -6.05 8.04
N ALA A 29 -13.82 -5.56 8.88
CA ALA A 29 -12.66 -4.80 8.41
C ALA A 29 -11.75 -5.65 7.52
N GLY A 30 -11.72 -6.95 7.76
CA GLY A 30 -10.88 -7.84 6.97
C GLY A 30 -11.33 -7.90 5.53
N ALA A 31 -12.66 -7.91 5.35
CA ALA A 31 -13.24 -7.92 4.02
C ALA A 31 -12.96 -6.59 3.32
N GLU A 32 -12.93 -5.49 4.06
CA GLU A 32 -12.72 -4.18 3.45
C GLU A 32 -11.37 -4.00 2.78
N VAL A 33 -10.30 -4.57 3.31
CA VAL A 33 -9.00 -4.44 2.65
C VAL A 33 -9.02 -5.31 1.38
N MET A 34 -9.65 -6.47 1.48
CA MET A 34 -9.72 -7.38 0.34
C MET A 34 -10.63 -6.85 -0.76
N ASN A 35 -11.56 -5.99 -0.39
CA ASN A 35 -12.46 -5.37 -1.36
C ASN A 35 -11.70 -4.48 -2.34
N PHE A 36 -10.58 -3.89 -1.96
CA PHE A 36 -9.83 -3.02 -2.88
C PHE A 36 -9.27 -3.77 -4.10
N TRP A 37 -9.08 -5.08 -4.00
CA TRP A 37 -8.61 -5.86 -5.16
C TRP A 37 -9.69 -6.04 -6.22
N LYS A 38 -10.95 -5.91 -5.84
CA LYS A 38 -12.07 -6.21 -6.75
C LYS A 38 -12.13 -5.14 -7.84
N GLU A 39 -12.21 -5.58 -9.08
CA GLU A 39 -12.20 -4.65 -10.21
C GLU A 39 -13.45 -3.78 -10.25
N GLY A 40 -13.24 -2.51 -10.55
CA GLY A 40 -14.30 -1.53 -10.69
C GLY A 40 -14.81 -0.95 -9.38
N TYR A 41 -14.92 -1.80 -8.37
CA TYR A 41 -15.40 -1.40 -7.05
C TYR A 41 -14.26 -1.00 -6.13
N VAL A 42 -14.06 0.29 -5.93
CA VAL A 42 -13.03 0.80 -5.03
C VAL A 42 -13.77 1.49 -3.90
N LEU A 43 -13.61 0.93 -2.71
CA LEU A 43 -14.31 1.39 -1.51
C LEU A 43 -13.27 1.99 -0.57
N THR A 44 -13.71 2.60 0.52
CA THR A 44 -12.81 3.11 1.55
C THR A 44 -13.54 3.08 2.90
N SER A 45 -12.84 2.85 3.99
CA SER A 45 -13.42 2.90 5.33
C SER A 45 -12.29 3.20 6.30
N ARG A 46 -12.61 3.68 7.49
CA ARG A 46 -11.59 3.96 8.51
C ARG A 46 -10.81 2.70 8.85
N GLU A 47 -11.53 1.61 8.98
CA GLU A 47 -10.98 0.35 9.45
C GLU A 47 -10.04 -0.28 8.43
N ALA A 48 -10.30 -0.07 7.15
CA ALA A 48 -9.41 -0.56 6.10
C ALA A 48 -8.07 0.16 6.23
N GLY A 49 -8.13 1.44 6.55
CA GLY A 49 -6.91 2.22 6.72
C GLY A 49 -6.17 1.95 8.00
N CYS A 50 -6.89 1.67 9.07
CA CYS A 50 -6.23 1.39 10.34
C CYS A 50 -5.50 0.07 10.25
N ALA A 51 -5.99 -0.87 9.48
CA ALA A 51 -5.28 -2.12 9.25
C ALA A 51 -3.93 -1.91 8.55
N ILE A 52 -3.85 -0.93 7.66
CA ILE A 52 -2.60 -0.68 6.95
C ILE A 52 -1.66 0.07 7.89
N LEU A 53 -2.18 1.05 8.60
CA LEU A 53 -1.38 1.85 9.54
C LEU A 53 -0.81 1.00 10.68
N CYS A 54 -1.63 0.13 11.23
CA CYS A 54 -1.23 -0.64 12.40
C CYS A 54 -0.12 -1.63 12.12
N LEU A 55 -0.01 -2.17 10.91
CA LEU A 55 1.00 -3.20 10.66
C LEU A 55 2.39 -2.60 10.69
N SER A 56 2.52 -1.42 10.11
CA SER A 56 3.82 -0.76 10.10
C SER A 56 4.15 -0.19 11.47
N SER A 57 3.17 0.43 12.12
CA SER A 57 3.40 1.03 13.44
C SER A 57 3.50 0.01 14.56
N LYS A 58 3.05 -1.21 14.35
CA LYS A 58 3.28 -2.31 15.30
C LYS A 58 4.76 -2.53 15.52
N LEU A 59 5.54 -2.41 14.45
CA LEU A 59 6.98 -2.60 14.52
C LEU A 59 7.72 -1.26 14.50
N ASN A 60 6.95 -0.20 14.29
CA ASN A 60 7.43 1.16 14.10
C ASN A 60 8.54 1.19 13.05
N LEU A 61 8.22 0.65 11.88
CA LEU A 61 9.18 0.52 10.78
C LEU A 61 9.69 1.86 10.28
N LEU A 62 8.87 2.91 10.38
CA LEU A 62 9.26 4.24 9.94
C LEU A 62 10.48 4.75 10.69
N ASP A 63 11.16 5.71 10.07
CA ASP A 63 12.31 6.36 10.68
C ASP A 63 11.80 7.13 11.88
N PRO A 64 12.66 7.45 12.89
CA PRO A 64 12.09 8.13 14.05
C PRO A 64 11.61 9.55 13.78
N GLU A 65 12.01 10.12 12.65
CA GLU A 65 11.54 11.42 12.20
C GLU A 65 10.13 11.33 11.58
N GLY A 66 9.55 10.13 11.57
CA GLY A 66 8.22 9.93 11.03
C GLY A 66 8.24 9.87 9.52
N THR A 67 9.41 9.54 8.96
CA THR A 67 9.62 9.55 7.52
C THR A 67 9.81 8.14 6.97
N LEU A 68 9.59 8.02 5.68
CA LEU A 68 9.56 6.72 5.00
C LEU A 68 10.87 5.96 5.12
N HIS A 69 10.74 4.68 5.39
CA HIS A 69 11.88 3.86 5.79
C HIS A 69 12.64 3.23 4.63
N ARG A 70 13.59 3.94 4.05
CA ARG A 70 14.36 3.40 2.93
C ARG A 70 15.09 2.11 3.27
N GLY A 71 15.51 1.94 4.52
CA GLY A 71 16.10 0.66 4.92
C GLY A 71 15.09 -0.47 5.00
N ASN A 72 14.04 -0.33 5.79
CA ASN A 72 13.06 -1.40 5.93
C ASN A 72 12.31 -1.72 4.63
N THR A 73 12.15 -0.75 3.74
CA THR A 73 11.46 -1.02 2.48
C THR A 73 12.28 -2.00 1.65
N VAL A 74 13.59 -1.78 1.56
CA VAL A 74 14.41 -2.70 0.79
C VAL A 74 14.61 -4.00 1.55
N GLU A 75 14.69 -3.98 2.87
CA GLU A 75 14.89 -5.22 3.64
C GLU A 75 13.71 -6.18 3.55
N PHE A 76 12.51 -5.69 3.82
CA PHE A 76 11.35 -6.58 3.81
C PHE A 76 11.01 -7.04 2.40
N ALA A 77 11.44 -6.30 1.39
CA ALA A 77 11.29 -6.75 0.01
C ALA A 77 12.39 -7.75 -0.38
N LYS A 78 13.60 -7.57 0.13
CA LYS A 78 14.71 -8.51 -0.12
C LYS A 78 14.45 -9.86 0.52
N GLN A 79 13.67 -9.89 1.58
CA GLN A 79 13.19 -11.15 2.16
C GLN A 79 12.34 -11.97 1.18
N HIS A 80 11.85 -11.35 0.11
CA HIS A 80 11.13 -12.06 -0.95
C HIS A 80 11.87 -11.95 -2.28
N GLY A 81 13.13 -11.53 -2.22
CA GLY A 81 13.97 -11.48 -3.41
C GLY A 81 13.88 -10.28 -4.34
N SER A 82 13.40 -9.14 -3.87
CA SER A 82 13.29 -7.95 -4.72
C SER A 82 14.65 -7.41 -5.11
N ASP A 83 14.71 -6.80 -6.29
CA ASP A 83 15.80 -5.88 -6.62
C ASP A 83 15.66 -4.69 -5.66
N ASP A 84 16.73 -4.32 -4.99
CA ASP A 84 16.72 -3.18 -4.07
C ASP A 84 16.40 -1.91 -4.81
N ALA A 85 16.79 -1.83 -6.07
CA ALA A 85 16.52 -0.64 -6.86
C ALA A 85 15.01 -0.43 -7.02
N MET A 86 14.28 -1.52 -7.19
CA MET A 86 12.84 -1.43 -7.37
C MET A 86 12.20 -1.02 -6.05
N ALA A 87 12.64 -1.62 -4.95
CA ALA A 87 12.06 -1.32 -3.64
C ALA A 87 12.37 0.12 -3.20
N HIS A 88 13.54 0.62 -3.53
CA HIS A 88 13.91 2.01 -3.24
C HIS A 88 13.04 2.98 -4.04
N GLN A 89 12.73 2.65 -5.29
CA GLN A 89 11.85 3.47 -6.11
C GLN A 89 10.43 3.50 -5.52
N LEU A 90 10.02 2.44 -4.85
CA LEU A 90 8.71 2.44 -4.19
C LEU A 90 8.65 3.40 -3.00
N VAL A 91 9.79 3.85 -2.49
CA VAL A 91 9.77 4.93 -1.50
C VAL A 91 9.59 6.25 -2.24
N ASP A 92 10.30 6.40 -3.35
CA ASP A 92 10.31 7.66 -4.08
C ASP A 92 8.94 8.03 -4.64
N ILE A 93 8.17 7.06 -5.12
CA ILE A 93 6.85 7.36 -5.67
C ILE A 93 5.81 7.87 -4.66
N VAL A 94 6.02 7.68 -3.37
CA VAL A 94 5.05 8.12 -2.36
C VAL A 94 4.99 9.65 -2.35
N HIS A 95 6.11 10.28 -2.67
CA HIS A 95 6.16 11.74 -2.74
C HIS A 95 5.31 12.29 -3.88
N ALA A 96 5.24 11.58 -4.99
CA ALA A 96 4.38 11.97 -6.10
C ALA A 96 2.91 11.69 -5.75
N CYS A 97 2.70 10.58 -5.06
CA CYS A 97 1.38 10.16 -4.61
C CYS A 97 0.74 11.17 -3.64
N GLU A 98 1.56 11.87 -2.87
CA GLU A 98 1.09 12.86 -1.91
C GLU A 98 0.24 13.96 -2.54
N LYS A 99 0.46 14.24 -3.81
CA LYS A 99 -0.34 15.24 -4.52
C LYS A 99 -1.76 14.74 -4.79
N SER A 100 -1.93 13.44 -4.91
CA SER A 100 -3.24 12.84 -5.18
C SER A 100 -4.05 12.60 -3.92
N VAL A 101 -3.39 12.32 -2.81
CA VAL A 101 -4.07 12.10 -1.52
C VAL A 101 -3.86 13.33 -0.61
N PRO A 102 -4.88 14.19 -0.46
CA PRO A 102 -4.66 15.25 0.52
C PRO A 102 -4.68 14.66 1.94
N PRO A 103 -4.13 15.36 2.93
CA PRO A 103 -4.25 14.75 4.27
C PRO A 103 -5.69 14.57 4.73
N ASN A 104 -5.92 13.60 5.60
CA ASN A 104 -7.25 13.37 6.16
C ASN A 104 -7.15 13.67 7.64
N GLU A 105 -8.30 13.92 8.26
CA GLU A 105 -8.38 14.25 9.67
C GLU A 105 -7.97 13.06 10.54
N ASP A 106 -8.16 11.86 10.02
CA ASP A 106 -7.76 10.63 10.69
C ASP A 106 -6.52 10.05 10.03
N ASN A 107 -5.54 9.64 10.83
CA ASN A 107 -4.29 9.08 10.30
C ASN A 107 -4.56 7.79 9.52
N CYS A 108 -5.56 7.02 9.94
CA CYS A 108 -5.90 5.77 9.26
C CYS A 108 -6.39 6.06 7.85
N LEU A 109 -7.21 7.10 7.71
CA LEU A 109 -7.79 7.41 6.42
C LEU A 109 -6.72 7.94 5.48
N MET A 110 -5.76 8.73 5.99
CA MET A 110 -4.70 9.20 5.11
C MET A 110 -3.82 8.03 4.68
N ALA A 111 -3.54 7.12 5.60
CA ALA A 111 -2.75 5.93 5.28
C ALA A 111 -3.39 5.11 4.17
N LEU A 112 -4.70 4.96 4.22
CA LEU A 112 -5.44 4.27 3.15
C LEU A 112 -5.41 5.00 1.83
N GLY A 113 -5.51 6.32 1.87
CA GLY A 113 -5.48 7.10 0.64
C GLY A 113 -4.15 6.92 -0.03
N ILE A 114 -3.08 6.94 0.75
CA ILE A 114 -1.74 6.73 0.23
C ILE A 114 -1.63 5.32 -0.33
N SER A 115 -2.10 4.30 0.37
CA SER A 115 -1.90 2.93 -0.12
C SER A 115 -2.70 2.62 -1.38
N MET A 116 -3.84 3.26 -1.58
CA MET A 116 -4.58 3.08 -2.83
C MET A 116 -3.90 3.85 -3.97
N CYS A 117 -3.42 5.05 -3.69
CA CYS A 117 -2.76 5.89 -4.69
C CYS A 117 -1.33 5.43 -5.01
N PHE A 118 -0.77 4.62 -4.11
CA PHE A 118 0.50 3.95 -4.36
C PHE A 118 0.37 3.09 -5.60
N LYS A 119 -0.73 2.38 -5.74
CA LYS A 119 -0.96 1.58 -6.95
C LYS A 119 -0.99 2.48 -8.16
N THR A 120 -1.66 3.62 -8.08
CA THR A 120 -1.69 4.58 -9.19
C THR A 120 -0.31 5.01 -9.64
N GLU A 121 0.60 5.31 -8.73
CA GLU A 121 1.93 5.73 -9.15
C GLU A 121 2.74 4.62 -9.80
N ILE A 122 2.63 3.38 -9.33
CA ILE A 122 3.34 2.27 -9.97
C ILE A 122 2.62 1.88 -11.27
N HIS A 123 1.34 2.18 -11.41
CA HIS A 123 0.65 2.04 -12.70
C HIS A 123 1.19 3.06 -13.70
N LYS A 124 1.46 4.27 -13.26
CA LYS A 124 2.03 5.30 -14.14
C LYS A 124 3.44 4.92 -14.58
N LEU A 125 4.15 4.17 -13.77
CA LEU A 125 5.47 3.66 -14.14
C LEU A 125 5.42 2.42 -15.02
N ASN A 126 4.23 1.85 -15.24
CA ASN A 126 4.03 0.61 -15.99
C ASN A 126 4.78 -0.59 -15.42
N TRP A 127 5.00 -0.60 -14.10
CA TRP A 127 5.73 -1.68 -13.44
C TRP A 127 4.91 -2.39 -12.35
N ALA A 128 3.62 -2.10 -12.30
CA ALA A 128 2.76 -2.67 -11.27
C ALA A 128 2.48 -4.16 -11.52
N PRO A 129 2.35 -4.98 -10.46
CA PRO A 129 2.00 -6.39 -10.71
C PRO A 129 0.61 -6.64 -11.30
N ASP A 130 -0.31 -5.70 -11.13
CA ASP A 130 -1.67 -5.86 -11.64
C ASP A 130 -1.77 -5.40 -13.09
N HIS A 131 -1.50 -6.31 -14.03
CA HIS A 131 -1.52 -6.00 -15.45
C HIS A 131 -2.89 -5.51 -15.94
N GLU A 132 -3.97 -6.00 -15.36
CA GLU A 132 -5.29 -5.52 -15.76
C GLU A 132 -5.49 -4.04 -15.45
N LEU A 133 -4.90 -3.57 -14.35
CA LEU A 133 -5.00 -2.15 -14.02
C LEU A 133 -3.96 -1.36 -14.81
N LEU A 134 -2.86 -1.98 -15.20
CA LEU A 134 -1.89 -1.32 -16.08
C LEU A 134 -2.46 -1.05 -17.46
N LEU A 135 -3.09 -2.04 -18.07
CA LEU A 135 -3.63 -1.85 -19.41
C LEU A 135 -4.74 -0.82 -19.34
N GLU A 136 -5.54 -0.90 -18.29
CA GLU A 136 -6.61 0.06 -18.08
C GLU A 136 -6.06 1.48 -17.89
N GLU A 137 -4.92 1.63 -17.23
CA GLU A 137 -4.30 2.94 -17.05
C GLU A 137 -3.66 3.48 -18.34
N MET A 138 -3.09 2.60 -19.13
CA MET A 138 -2.50 3.01 -20.42
C MET A 138 -3.59 3.38 -21.41
N MET A 139 -4.77 2.79 -21.30
CA MET A 139 -5.91 3.25 -22.11
C MET A 139 -6.52 4.51 -21.52
N ALA A 140 -6.47 4.68 -20.20
CA ALA A 140 -6.96 5.90 -19.56
C ALA A 140 -6.11 7.09 -19.98
N GLU A 141 -4.85 6.83 -20.32
CA GLU A 141 -3.94 7.86 -20.83
C GLU A 141 -4.41 8.48 -22.15
N MET A 142 -5.28 7.80 -22.88
CA MET A 142 -5.82 8.34 -24.13
C MET A 142 -6.84 9.44 -23.85
N LYS A 143 -7.40 9.46 -22.63
CA LYS A 143 -8.30 10.54 -22.21
C LYS A 143 -7.49 11.79 -21.88
N GLN A 144 -6.27 11.60 -21.39
CA GLN A 144 -5.42 12.70 -20.94
C GLN A 144 -4.34 13.00 -21.97
N SER A 1 10.03 -10.84 -10.67
CA SER A 1 10.36 -9.56 -9.97
C SER A 1 9.12 -8.78 -9.60
N GLN A 2 8.18 -8.56 -10.51
CA GLN A 2 7.03 -7.71 -10.21
C GLN A 2 6.07 -8.35 -9.19
N ALA A 3 5.96 -9.68 -9.21
CA ALA A 3 5.08 -10.39 -8.29
C ALA A 3 5.48 -10.26 -6.81
N VAL A 4 6.73 -9.88 -6.56
CA VAL A 4 7.21 -9.64 -5.19
C VAL A 4 6.37 -8.58 -4.50
N MET A 5 5.84 -7.64 -5.25
CA MET A 5 5.03 -6.56 -4.69
C MET A 5 3.77 -7.07 -3.98
N LYS A 6 3.33 -8.27 -4.29
CA LYS A 6 2.22 -8.91 -3.58
C LYS A 6 2.70 -9.79 -2.44
N ASP A 7 3.77 -10.53 -2.63
CA ASP A 7 4.27 -11.42 -1.57
C ASP A 7 4.85 -10.62 -0.40
N MET A 8 5.37 -9.45 -0.69
CA MET A 8 5.86 -8.55 0.35
C MET A 8 4.70 -8.09 1.24
N THR A 9 3.55 -7.83 0.64
CA THR A 9 2.36 -7.44 1.39
C THR A 9 1.93 -8.56 2.32
N LYS A 10 1.98 -9.79 1.81
CA LYS A 10 1.58 -10.96 2.60
C LYS A 10 2.43 -11.07 3.86
N ASN A 11 3.70 -10.73 3.80
CA ASN A 11 4.54 -10.75 4.99
C ASN A 11 4.14 -9.71 6.03
N PHE A 12 3.69 -8.54 5.60
CA PHE A 12 3.30 -7.52 6.57
C PHE A 12 1.94 -7.81 7.20
N ILE A 13 1.07 -8.49 6.46
CA ILE A 13 -0.24 -8.87 6.98
C ILE A 13 -0.21 -10.24 7.66
N LYS A 14 0.97 -10.78 7.87
CA LYS A 14 1.13 -12.07 8.58
C LYS A 14 0.62 -12.00 10.01
N ALA A 15 0.55 -10.79 10.56
CA ALA A 15 0.01 -10.53 11.89
C ALA A 15 -1.27 -9.69 11.84
N TYR A 16 -1.95 -9.67 10.69
CA TYR A 16 -3.15 -8.83 10.52
C TYR A 16 -4.23 -9.23 11.51
N GLU A 17 -4.42 -10.52 11.72
CA GLU A 17 -5.45 -10.98 12.64
C GLU A 17 -5.11 -10.59 14.09
N VAL A 18 -3.83 -10.60 14.42
CA VAL A 18 -3.37 -10.23 15.76
C VAL A 18 -3.69 -8.76 15.98
N CYS A 19 -3.34 -7.92 15.01
CA CYS A 19 -3.61 -6.48 15.10
C CYS A 19 -5.12 -6.22 15.14
N ALA A 20 -5.90 -6.93 14.34
CA ALA A 20 -7.34 -6.72 14.29
C ALA A 20 -7.99 -7.02 15.65
N LYS A 21 -7.46 -8.00 16.36
CA LYS A 21 -7.93 -8.29 17.72
C LYS A 21 -7.45 -7.26 18.74
N GLU A 22 -6.20 -6.82 18.65
CA GLU A 22 -5.66 -5.83 19.60
C GLU A 22 -6.38 -4.50 19.47
N TYR A 23 -6.58 -4.08 18.23
CA TYR A 23 -7.22 -2.80 17.92
C TYR A 23 -8.74 -2.94 17.91
N ASN A 24 -9.21 -4.16 18.17
CA ASN A 24 -10.62 -4.50 18.29
C ASN A 24 -11.47 -3.99 17.12
N LEU A 25 -10.99 -4.26 15.92
CA LEU A 25 -11.64 -3.82 14.69
C LEU A 25 -12.64 -4.88 14.23
N PRO A 26 -13.70 -4.47 13.50
CA PRO A 26 -14.68 -5.45 13.03
C PRO A 26 -14.12 -6.35 11.93
N GLU A 27 -14.81 -7.45 11.67
CA GLU A 27 -14.38 -8.41 10.63
C GLU A 27 -14.50 -7.76 9.26
N ALA A 28 -15.38 -6.76 9.20
CA ALA A 28 -15.57 -5.93 8.02
C ALA A 28 -14.28 -5.30 7.52
N ALA A 29 -13.35 -4.98 8.40
CA ALA A 29 -12.10 -4.32 8.01
C ALA A 29 -11.36 -5.16 6.96
N GLY A 30 -11.35 -6.48 7.13
CA GLY A 30 -10.68 -7.35 6.17
C GLY A 30 -11.29 -7.33 4.79
N ALA A 31 -12.62 -7.27 4.74
CA ALA A 31 -13.34 -7.25 3.47
C ALA A 31 -13.12 -5.92 2.77
N GLU A 32 -13.05 -4.85 3.55
CA GLU A 32 -12.80 -3.53 2.97
C GLU A 32 -11.39 -3.44 2.41
N VAL A 33 -10.39 -4.03 3.06
CA VAL A 33 -9.03 -4.05 2.49
C VAL A 33 -9.05 -4.73 1.13
N MET A 34 -9.84 -5.78 0.98
CA MET A 34 -9.95 -6.45 -0.32
C MET A 34 -10.80 -5.71 -1.36
N ASN A 35 -11.59 -4.72 -0.97
CA ASN A 35 -12.33 -3.94 -1.98
C ASN A 35 -11.36 -3.17 -2.86
N PHE A 36 -10.18 -2.85 -2.35
CA PHE A 36 -9.16 -2.21 -3.18
C PHE A 36 -8.70 -3.13 -4.32
N TRP A 37 -8.66 -4.43 -4.07
CA TRP A 37 -8.24 -5.40 -5.07
C TRP A 37 -9.37 -5.77 -6.02
N LYS A 38 -10.61 -5.52 -5.64
CA LYS A 38 -11.74 -5.73 -6.53
C LYS A 38 -11.83 -4.56 -7.51
N GLU A 39 -11.66 -4.86 -8.78
CA GLU A 39 -11.75 -3.83 -9.82
C GLU A 39 -13.14 -3.20 -9.79
N GLY A 40 -13.19 -1.87 -9.84
CA GLY A 40 -14.45 -1.15 -9.83
C GLY A 40 -15.03 -0.85 -8.46
N TYR A 41 -14.33 -1.22 -7.40
CA TYR A 41 -14.77 -0.92 -6.04
C TYR A 41 -13.77 0.02 -5.41
N VAL A 42 -14.19 0.79 -4.43
CA VAL A 42 -13.34 1.75 -3.75
C VAL A 42 -13.92 1.83 -2.35
N LEU A 43 -13.12 2.23 -1.38
CA LEU A 43 -13.55 2.29 0.01
C LEU A 43 -12.77 3.41 0.68
N THR A 44 -13.38 3.97 1.70
CA THR A 44 -12.79 5.04 2.51
C THR A 44 -13.06 4.72 3.97
N SER A 45 -13.44 3.47 4.23
CA SER A 45 -13.84 3.06 5.56
C SER A 45 -12.66 3.13 6.51
N ARG A 46 -12.89 3.80 7.64
CA ARG A 46 -11.81 4.13 8.57
C ARG A 46 -11.13 2.88 9.11
N GLU A 47 -11.89 1.82 9.31
CA GLU A 47 -11.35 0.59 9.90
C GLU A 47 -10.33 -0.11 9.01
N ALA A 48 -10.46 -0.01 7.70
CA ALA A 48 -9.47 -0.62 6.81
C ALA A 48 -8.15 0.13 6.94
N GLY A 49 -8.25 1.45 6.99
CA GLY A 49 -7.07 2.27 7.15
C GLY A 49 -6.43 2.03 8.50
N CYS A 50 -7.25 1.91 9.54
CA CYS A 50 -6.75 1.69 10.88
C CYS A 50 -6.12 0.32 11.04
N ALA A 51 -6.56 -0.69 10.30
CA ALA A 51 -5.97 -2.02 10.43
C ALA A 51 -4.52 -2.01 9.97
N ILE A 52 -4.27 -1.35 8.85
CA ILE A 52 -2.93 -1.32 8.29
C ILE A 52 -2.08 -0.31 9.05
N LEU A 53 -2.67 0.78 9.54
CA LEU A 53 -1.95 1.71 10.40
C LEU A 53 -1.52 1.04 11.71
N CYS A 54 -2.43 0.24 12.28
CA CYS A 54 -2.14 -0.52 13.49
C CYS A 54 -1.02 -1.51 13.22
N LEU A 55 -1.08 -2.23 12.12
CA LEU A 55 -0.03 -3.18 11.78
C LEU A 55 1.33 -2.52 11.58
N SER A 56 1.35 -1.39 10.89
CA SER A 56 2.60 -0.73 10.57
C SER A 56 3.23 -0.09 11.81
N SER A 57 2.42 0.45 12.69
CA SER A 57 2.94 0.99 13.95
C SER A 57 3.34 -0.14 14.90
N LYS A 58 2.61 -1.25 14.90
CA LYS A 58 2.92 -2.41 15.75
C LYS A 58 4.29 -2.99 15.45
N LEU A 59 4.62 -3.13 14.17
CA LEU A 59 5.92 -3.67 13.80
C LEU A 59 6.97 -2.58 13.64
N ASN A 60 6.57 -1.33 13.85
CA ASN A 60 7.41 -0.14 13.67
C ASN A 60 8.05 -0.11 12.27
N LEU A 61 7.21 -0.20 11.25
CA LEU A 61 7.65 -0.20 9.86
C LEU A 61 7.95 1.22 9.35
N LEU A 62 8.63 2.01 10.15
CA LEU A 62 8.97 3.40 9.83
C LEU A 62 10.37 3.64 10.38
N ASP A 63 11.02 4.69 9.91
CA ASP A 63 12.24 5.19 10.53
C ASP A 63 11.84 5.76 11.90
N PRO A 64 12.79 6.02 12.80
CA PRO A 64 12.34 6.71 14.03
C PRO A 64 11.85 8.14 13.76
N GLU A 65 12.14 8.70 12.60
CA GLU A 65 11.63 10.00 12.18
C GLU A 65 10.21 9.94 11.61
N GLY A 66 9.61 8.75 11.56
CA GLY A 66 8.25 8.62 11.06
C GLY A 66 8.15 8.78 9.56
N THR A 67 9.21 8.43 8.86
CA THR A 67 9.28 8.47 7.41
C THR A 67 9.37 7.01 7.00
N LEU A 68 9.11 6.69 5.73
CA LEU A 68 9.18 5.29 5.31
C LEU A 68 10.64 4.85 5.38
N HIS A 69 10.85 3.68 5.97
CA HIS A 69 12.17 3.21 6.36
C HIS A 69 12.94 2.70 5.14
N ARG A 70 13.90 3.47 4.66
CA ARG A 70 14.60 3.12 3.41
C ARG A 70 15.35 1.81 3.47
N GLY A 71 15.95 1.51 4.61
CA GLY A 71 16.70 0.26 4.73
C GLY A 71 15.78 -0.94 4.79
N ASN A 72 14.77 -0.87 5.63
CA ASN A 72 13.86 -2.01 5.79
C ASN A 72 13.07 -2.25 4.52
N THR A 73 12.80 -1.21 3.75
CA THR A 73 12.01 -1.42 2.54
C THR A 73 12.76 -2.34 1.58
N VAL A 74 14.04 -2.11 1.37
CA VAL A 74 14.77 -2.99 0.46
C VAL A 74 14.99 -4.36 1.12
N GLU A 75 15.18 -4.40 2.44
CA GLU A 75 15.36 -5.69 3.12
C GLU A 75 14.13 -6.58 3.00
N PHE A 76 12.95 -6.05 3.32
CA PHE A 76 11.73 -6.86 3.26
C PHE A 76 11.34 -7.23 1.84
N ALA A 77 11.71 -6.41 0.87
CA ALA A 77 11.42 -6.75 -0.51
C ALA A 77 12.40 -7.81 -1.04
N LYS A 78 13.69 -7.71 -0.72
CA LYS A 78 14.65 -8.73 -1.15
C LYS A 78 14.48 -10.06 -0.46
N GLN A 79 13.78 -10.09 0.66
CA GLN A 79 13.38 -11.35 1.30
C GLN A 79 12.46 -12.21 0.41
N HIS A 80 11.90 -11.63 -0.64
CA HIS A 80 11.14 -12.39 -1.66
C HIS A 80 11.78 -12.28 -3.05
N GLY A 81 12.98 -11.72 -3.13
CA GLY A 81 13.67 -11.58 -4.41
C GLY A 81 13.46 -10.31 -5.23
N SER A 82 13.12 -9.19 -4.62
CA SER A 82 13.00 -7.92 -5.34
C SER A 82 14.34 -7.39 -5.84
N ASP A 83 14.29 -6.42 -6.74
CA ASP A 83 15.45 -5.57 -7.03
C ASP A 83 15.49 -4.49 -5.97
N ASP A 84 16.67 -4.01 -5.57
CA ASP A 84 16.73 -2.92 -4.59
C ASP A 84 16.24 -1.64 -5.21
N ALA A 85 16.57 -1.43 -6.48
CA ALA A 85 16.14 -0.23 -7.18
C ALA A 85 14.62 -0.09 -7.19
N MET A 86 13.92 -1.20 -7.36
CA MET A 86 12.45 -1.16 -7.40
C MET A 86 11.91 -0.73 -6.05
N ALA A 87 12.43 -1.37 -5.01
CA ALA A 87 11.97 -1.15 -3.66
C ALA A 87 12.32 0.26 -3.15
N HIS A 88 13.51 0.75 -3.47
CA HIS A 88 13.93 2.06 -3.00
C HIS A 88 13.26 3.20 -3.77
N GLN A 89 13.03 3.04 -5.06
CA GLN A 89 12.32 4.06 -5.83
C GLN A 89 10.87 4.17 -5.33
N LEU A 90 10.30 3.09 -4.82
CA LEU A 90 8.98 3.15 -4.18
C LEU A 90 8.94 4.00 -2.92
N VAL A 91 10.08 4.21 -2.26
CA VAL A 91 10.16 5.09 -1.09
C VAL A 91 10.21 6.54 -1.55
N ASP A 92 10.66 6.78 -2.78
CA ASP A 92 10.72 8.15 -3.30
C ASP A 92 9.42 8.59 -3.97
N ILE A 93 8.82 7.73 -4.79
CA ILE A 93 7.61 8.11 -5.54
C ILE A 93 6.38 8.25 -4.65
N VAL A 94 6.49 7.84 -3.40
CA VAL A 94 5.43 8.12 -2.42
C VAL A 94 5.29 9.63 -2.16
N HIS A 95 6.26 10.43 -2.57
CA HIS A 95 6.11 11.88 -2.48
C HIS A 95 5.25 12.43 -3.61
N ALA A 96 5.33 11.84 -4.80
CA ALA A 96 4.45 12.20 -5.89
C ALA A 96 3.02 11.75 -5.58
N CYS A 97 2.91 10.67 -4.82
CA CYS A 97 1.62 10.18 -4.35
C CYS A 97 0.86 11.21 -3.51
N GLU A 98 1.58 12.03 -2.75
CA GLU A 98 0.96 13.05 -1.91
C GLU A 98 0.13 14.06 -2.69
N LYS A 99 0.44 14.27 -3.96
CA LYS A 99 -0.33 15.19 -4.80
C LYS A 99 -1.78 14.75 -4.95
N SER A 100 -2.03 13.46 -4.84
CA SER A 100 -3.39 12.93 -4.92
C SER A 100 -3.99 12.65 -3.55
N VAL A 101 -3.17 12.67 -2.51
CA VAL A 101 -3.62 12.34 -1.15
C VAL A 101 -3.36 13.52 -0.22
N PRO A 102 -4.36 14.41 -0.07
CA PRO A 102 -4.09 15.46 0.93
C PRO A 102 -4.12 14.87 2.34
N PRO A 103 -3.44 15.51 3.30
CA PRO A 103 -3.56 14.93 4.65
C PRO A 103 -5.00 14.99 5.14
N ASN A 104 -5.39 14.04 5.96
CA ASN A 104 -6.74 14.00 6.52
C ASN A 104 -6.59 14.33 8.00
N GLU A 105 -7.69 14.64 8.66
CA GLU A 105 -7.69 14.92 10.10
C GLU A 105 -7.27 13.67 10.84
N ASP A 106 -7.71 12.55 10.30
CA ASP A 106 -7.54 11.23 10.89
C ASP A 106 -6.42 10.46 10.19
N ASN A 107 -5.48 9.94 10.97
CA ASN A 107 -4.33 9.26 10.39
C ASN A 107 -4.70 7.94 9.73
N CYS A 108 -5.77 7.29 10.15
CA CYS A 108 -6.19 6.06 9.48
C CYS A 108 -6.61 6.40 8.06
N LEU A 109 -7.32 7.51 7.91
CA LEU A 109 -7.82 7.90 6.59
C LEU A 109 -6.70 8.42 5.71
N MET A 110 -5.71 9.10 6.27
CA MET A 110 -4.58 9.55 5.45
C MET A 110 -3.77 8.34 5.00
N ALA A 111 -3.49 7.41 5.91
CA ALA A 111 -2.70 6.23 5.59
C ALA A 111 -3.45 5.36 4.58
N LEU A 112 -4.78 5.30 4.68
CA LEU A 112 -5.58 4.59 3.69
C LEU A 112 -5.41 5.19 2.30
N GLY A 113 -5.46 6.51 2.20
CA GLY A 113 -5.27 7.14 0.91
C GLY A 113 -3.89 6.87 0.36
N ILE A 114 -2.86 6.98 1.19
CA ILE A 114 -1.49 6.74 0.76
C ILE A 114 -1.37 5.29 0.30
N SER A 115 -1.90 4.34 1.06
CA SER A 115 -1.75 2.92 0.71
C SER A 115 -2.41 2.56 -0.62
N MET A 116 -3.54 3.15 -0.96
CA MET A 116 -4.17 2.86 -2.24
C MET A 116 -3.41 3.56 -3.38
N CYS A 117 -2.98 4.78 -3.14
CA CYS A 117 -2.25 5.56 -4.14
C CYS A 117 -0.82 5.06 -4.37
N PHE A 118 -0.29 4.30 -3.43
CA PHE A 118 1.00 3.63 -3.57
C PHE A 118 1.01 2.71 -4.79
N LYS A 119 -0.13 2.13 -5.11
CA LYS A 119 -0.25 1.32 -6.33
C LYS A 119 -0.40 2.19 -7.57
N THR A 120 -1.07 3.32 -7.46
CA THR A 120 -1.23 4.25 -8.59
C THR A 120 0.13 4.71 -9.09
N GLU A 121 1.05 5.00 -8.17
CA GLU A 121 2.38 5.46 -8.57
C GLU A 121 3.14 4.46 -9.43
N ILE A 122 3.16 3.20 -9.02
CA ILE A 122 3.89 2.18 -9.79
C ILE A 122 3.13 1.83 -11.07
N HIS A 123 1.81 2.00 -11.06
CA HIS A 123 1.05 1.86 -12.30
C HIS A 123 1.39 2.98 -13.28
N LYS A 124 1.57 4.22 -12.84
CA LYS A 124 1.98 5.28 -13.76
C LYS A 124 3.40 5.09 -14.26
N LEU A 125 4.25 4.42 -13.48
CA LEU A 125 5.59 4.02 -13.97
C LEU A 125 5.56 2.80 -14.89
N ASN A 126 4.39 2.16 -15.00
CA ASN A 126 4.15 0.93 -15.77
C ASN A 126 4.90 -0.30 -15.26
N TRP A 127 5.38 -0.28 -14.03
CA TRP A 127 6.19 -1.39 -13.49
C TRP A 127 5.39 -2.32 -12.58
N ALA A 128 4.09 -2.09 -12.51
CA ALA A 128 3.20 -2.89 -11.66
C ALA A 128 3.05 -4.33 -12.20
N PRO A 129 2.83 -5.33 -11.32
CA PRO A 129 2.48 -6.64 -11.87
C PRO A 129 1.08 -6.75 -12.49
N ASP A 130 0.15 -5.90 -12.08
CA ASP A 130 -1.24 -5.98 -12.56
C ASP A 130 -1.37 -5.35 -13.96
N HIS A 131 -1.08 -6.17 -14.96
CA HIS A 131 -1.03 -5.74 -16.35
C HIS A 131 -2.38 -5.26 -16.89
N GLU A 132 -3.47 -5.90 -16.51
CA GLU A 132 -4.77 -5.46 -17.02
C GLU A 132 -5.11 -4.10 -16.45
N LEU A 133 -4.75 -3.87 -15.20
CA LEU A 133 -5.03 -2.59 -14.56
C LEU A 133 -4.14 -1.49 -15.14
N LEU A 134 -2.95 -1.83 -15.62
CA LEU A 134 -2.15 -0.88 -16.39
C LEU A 134 -2.86 -0.54 -17.70
N LEU A 135 -3.29 -1.57 -18.41
CA LEU A 135 -3.89 -1.40 -19.72
C LEU A 135 -5.17 -0.58 -19.63
N GLU A 136 -5.99 -0.86 -18.64
CA GLU A 136 -7.23 -0.13 -18.47
C GLU A 136 -7.02 1.35 -18.20
N GLU A 137 -5.96 1.73 -17.50
CA GLU A 137 -5.69 3.16 -17.28
C GLU A 137 -5.24 3.81 -18.57
N MET A 138 -4.37 3.15 -19.32
CA MET A 138 -3.82 3.74 -20.54
C MET A 138 -4.92 3.85 -21.59
N MET A 139 -5.79 2.87 -21.68
CA MET A 139 -6.90 2.92 -22.63
C MET A 139 -7.91 3.99 -22.23
N ALA A 140 -8.09 4.22 -20.94
CA ALA A 140 -8.99 5.29 -20.51
C ALA A 140 -8.39 6.66 -20.86
N GLU A 141 -7.09 6.80 -20.64
CA GLU A 141 -6.39 8.06 -20.89
C GLU A 141 -6.34 8.39 -22.39
N MET A 142 -6.29 7.35 -23.21
CA MET A 142 -6.29 7.49 -24.67
C MET A 142 -7.60 8.05 -25.22
N LYS A 143 -8.72 7.81 -24.54
CA LYS A 143 -10.06 8.19 -25.02
C LYS A 143 -10.43 9.66 -24.82
N GLN A 144 -9.63 10.51 -25.45
CA GLN A 144 -9.79 11.97 -25.43
C GLN A 144 -10.74 12.38 -26.53
N SER A 1 11.79 -8.66 -9.69
CA SER A 1 10.70 -9.58 -10.08
C SER A 1 9.38 -8.87 -9.96
N GLN A 2 8.42 -9.17 -10.84
CA GLN A 2 7.13 -8.48 -10.83
C GLN A 2 6.23 -9.09 -9.75
N ALA A 3 6.26 -10.42 -9.65
CA ALA A 3 5.41 -11.14 -8.69
C ALA A 3 5.77 -10.79 -7.24
N VAL A 4 7.04 -10.52 -7.00
CA VAL A 4 7.50 -10.13 -5.66
C VAL A 4 6.80 -8.86 -5.20
N MET A 5 6.48 -7.94 -6.11
CA MET A 5 5.82 -6.69 -5.70
C MET A 5 4.43 -6.94 -5.13
N LYS A 6 3.77 -7.98 -5.63
CA LYS A 6 2.42 -8.32 -5.19
C LYS A 6 2.45 -9.24 -3.98
N ASP A 7 3.45 -10.10 -3.91
CA ASP A 7 3.65 -10.96 -2.75
C ASP A 7 4.14 -10.15 -1.54
N MET A 8 4.81 -9.05 -1.81
CA MET A 8 5.20 -8.09 -0.76
C MET A 8 3.95 -7.49 -0.13
N THR A 9 2.91 -7.26 -0.91
CA THR A 9 1.64 -6.79 -0.37
C THR A 9 1.06 -7.84 0.56
N LYS A 10 1.12 -9.10 0.17
CA LYS A 10 0.64 -10.18 1.03
C LYS A 10 1.45 -10.24 2.32
N ASN A 11 2.75 -10.00 2.25
CA ASN A 11 3.58 -9.94 3.45
C ASN A 11 3.20 -8.77 4.35
N PHE A 12 2.86 -7.62 3.78
CA PHE A 12 2.49 -6.46 4.59
C PHE A 12 1.24 -6.72 5.42
N ILE A 13 0.34 -7.56 4.93
CA ILE A 13 -0.89 -7.90 5.65
C ILE A 13 -0.88 -9.31 6.25
N LYS A 14 0.26 -9.98 6.28
CA LYS A 14 0.29 -11.35 6.82
C LYS A 14 -0.12 -11.39 8.30
N ALA A 15 0.27 -10.37 9.05
CA ALA A 15 -0.10 -10.22 10.46
C ALA A 15 -1.47 -9.57 10.70
N TYR A 16 -2.32 -9.46 9.68
CA TYR A 16 -3.59 -8.74 9.78
C TYR A 16 -4.51 -9.24 10.91
N GLU A 17 -4.62 -10.55 11.07
CA GLU A 17 -5.45 -11.11 12.14
C GLU A 17 -4.94 -10.73 13.53
N VAL A 18 -3.61 -10.70 13.66
CA VAL A 18 -2.98 -10.45 14.96
C VAL A 18 -3.08 -8.96 15.26
N CYS A 19 -3.02 -8.15 14.21
CA CYS A 19 -3.26 -6.72 14.32
C CYS A 19 -4.72 -6.44 14.68
N ALA A 20 -5.65 -7.19 14.11
CA ALA A 20 -7.06 -7.01 14.43
C ALA A 20 -7.30 -7.27 15.92
N LYS A 21 -6.66 -8.28 16.47
CA LYS A 21 -6.73 -8.54 17.92
C LYS A 21 -6.07 -7.44 18.73
N GLU A 22 -4.97 -6.90 18.24
CA GLU A 22 -4.24 -5.82 18.95
C GLU A 22 -5.05 -4.53 19.04
N TYR A 23 -5.64 -4.10 17.93
CA TYR A 23 -6.39 -2.84 17.90
C TYR A 23 -7.88 -3.03 18.22
N ASN A 24 -8.30 -4.28 18.36
CA ASN A 24 -9.70 -4.66 18.52
C ASN A 24 -10.56 -4.15 17.37
N LEU A 25 -10.08 -4.38 16.16
CA LEU A 25 -10.77 -3.95 14.94
C LEU A 25 -11.95 -4.88 14.67
N PRO A 26 -13.04 -4.36 14.07
CA PRO A 26 -14.15 -5.27 13.80
C PRO A 26 -13.88 -6.19 12.62
N GLU A 27 -14.70 -7.23 12.51
CA GLU A 27 -14.68 -8.14 11.35
C GLU A 27 -14.94 -7.40 10.04
N ALA A 28 -15.71 -6.32 10.10
CA ALA A 28 -16.00 -5.50 8.93
C ALA A 28 -14.72 -4.87 8.35
N ALA A 29 -13.72 -4.62 9.18
CA ALA A 29 -12.45 -4.08 8.69
C ALA A 29 -11.81 -5.11 7.75
N GLY A 30 -11.87 -6.38 8.14
CA GLY A 30 -11.30 -7.44 7.32
C GLY A 30 -12.04 -7.56 6.01
N ALA A 31 -13.35 -7.39 6.05
CA ALA A 31 -14.15 -7.44 4.84
C ALA A 31 -13.75 -6.29 3.92
N GLU A 32 -13.60 -5.09 4.46
CA GLU A 32 -13.21 -3.92 3.68
C GLU A 32 -11.84 -4.03 3.03
N VAL A 33 -10.85 -4.51 3.77
CA VAL A 33 -9.50 -4.62 3.23
C VAL A 33 -9.47 -5.72 2.17
N MET A 34 -10.17 -6.83 2.38
CA MET A 34 -10.22 -7.84 1.34
C MET A 34 -11.04 -7.38 0.13
N ASN A 35 -12.01 -6.50 0.32
CA ASN A 35 -12.73 -5.92 -0.81
C ASN A 35 -11.80 -5.05 -1.63
N PHE A 36 -10.90 -4.33 -0.99
CA PHE A 36 -9.96 -3.46 -1.70
C PHE A 36 -9.05 -4.24 -2.65
N TRP A 37 -8.75 -5.49 -2.33
CA TRP A 37 -7.96 -6.30 -3.23
C TRP A 37 -8.72 -6.75 -4.47
N LYS A 38 -10.04 -6.72 -4.46
CA LYS A 38 -10.82 -7.18 -5.62
C LYS A 38 -10.69 -6.15 -6.72
N GLU A 39 -10.53 -6.58 -7.96
CA GLU A 39 -10.35 -5.63 -9.05
C GLU A 39 -11.66 -4.86 -9.25
N GLY A 40 -11.58 -3.55 -9.29
CA GLY A 40 -12.75 -2.69 -9.44
C GLY A 40 -13.40 -2.22 -8.15
N TYR A 41 -12.88 -2.61 -7.00
CA TYR A 41 -13.49 -2.26 -5.70
C TYR A 41 -12.56 -1.41 -4.82
N VAL A 42 -12.89 -0.15 -4.63
CA VAL A 42 -12.15 0.73 -3.71
C VAL A 42 -13.17 1.50 -2.89
N LEU A 43 -13.12 1.38 -1.56
CA LEU A 43 -14.06 2.06 -0.67
C LEU A 43 -13.26 2.70 0.47
N THR A 44 -13.84 3.66 1.17
CA THR A 44 -13.17 4.36 2.27
C THR A 44 -13.89 4.08 3.60
N SER A 45 -13.15 3.63 4.61
CA SER A 45 -13.69 3.46 5.95
C SER A 45 -12.52 3.77 6.88
N ARG A 46 -12.77 4.21 8.10
CA ARG A 46 -11.70 4.50 9.05
C ARG A 46 -10.96 3.22 9.41
N GLU A 47 -11.71 2.15 9.59
CA GLU A 47 -11.14 0.88 10.07
C GLU A 47 -10.13 0.29 9.10
N ALA A 48 -10.37 0.40 7.81
CA ALA A 48 -9.44 -0.14 6.82
C ALA A 48 -8.08 0.58 6.86
N GLY A 49 -8.11 1.85 7.24
CA GLY A 49 -6.87 2.60 7.36
C GLY A 49 -6.21 2.40 8.70
N CYS A 50 -7.02 2.17 9.73
CA CYS A 50 -6.48 1.92 11.06
C CYS A 50 -5.83 0.55 11.07
N ALA A 51 -6.26 -0.36 10.21
CA ALA A 51 -5.58 -1.65 10.04
C ALA A 51 -4.13 -1.47 9.57
N ILE A 52 -3.90 -0.52 8.67
CA ILE A 52 -2.56 -0.26 8.13
C ILE A 52 -1.71 0.39 9.22
N LEU A 53 -2.30 1.37 9.90
CA LEU A 53 -1.61 2.10 10.96
C LEU A 53 -1.26 1.17 12.11
N CYS A 54 -2.15 0.22 12.36
CA CYS A 54 -1.93 -0.82 13.33
C CYS A 54 -0.76 -1.72 12.91
N LEU A 55 -0.69 -2.16 11.66
CA LEU A 55 0.41 -3.03 11.22
C LEU A 55 1.76 -2.31 11.31
N SER A 56 1.82 -1.06 10.87
CA SER A 56 3.09 -0.34 10.89
C SER A 56 3.55 -0.08 12.32
N SER A 57 2.63 0.24 13.21
CA SER A 57 2.96 0.47 14.62
C SER A 57 3.24 -0.81 15.38
N LYS A 58 2.74 -1.94 14.88
CA LYS A 58 2.91 -3.22 15.58
C LYS A 58 4.37 -3.61 15.64
N LEU A 59 5.12 -3.21 14.63
CA LEU A 59 6.55 -3.50 14.57
C LEU A 59 7.41 -2.23 14.55
N ASN A 60 6.77 -1.08 14.53
CA ASN A 60 7.41 0.24 14.49
C ASN A 60 8.47 0.35 13.39
N LEU A 61 8.11 -0.12 12.20
CA LEU A 61 9.06 -0.21 11.08
C LEU A 61 9.25 1.11 10.32
N LEU A 62 8.55 2.15 10.75
CA LEU A 62 8.67 3.45 10.13
C LEU A 62 9.90 4.18 10.66
N ASP A 63 10.24 5.27 10.01
CA ASP A 63 11.34 6.15 10.39
C ASP A 63 10.92 6.85 11.68
N PRO A 64 11.86 7.29 12.54
CA PRO A 64 11.35 7.97 13.74
C PRO A 64 10.64 9.31 13.50
N GLU A 65 10.73 9.88 12.30
CA GLU A 65 9.93 11.06 11.94
C GLU A 65 8.53 10.68 11.44
N GLY A 66 8.21 9.40 11.50
CA GLY A 66 6.89 8.91 11.14
C GLY A 66 6.68 8.74 9.64
N THR A 67 7.77 8.55 8.92
CA THR A 67 7.77 8.46 7.47
C THR A 67 8.24 7.07 7.04
N LEU A 68 8.19 6.76 5.76
CA LEU A 68 8.61 5.45 5.27
C LEU A 68 10.13 5.32 5.35
N HIS A 69 10.61 4.40 6.16
CA HIS A 69 12.06 4.19 6.31
C HIS A 69 12.65 3.42 5.12
N ARG A 70 13.76 3.92 4.58
CA ARG A 70 14.38 3.32 3.40
C ARG A 70 14.91 1.93 3.65
N GLY A 71 15.57 1.75 4.78
CA GLY A 71 16.11 0.44 5.12
C GLY A 71 15.00 -0.57 5.27
N ASN A 72 13.95 -0.21 5.96
CA ASN A 72 12.78 -1.08 6.11
C ASN A 72 12.19 -1.45 4.75
N THR A 73 12.10 -0.50 3.83
CA THR A 73 11.52 -0.81 2.53
C THR A 73 12.33 -1.86 1.78
N VAL A 74 13.64 -1.69 1.72
CA VAL A 74 14.45 -2.65 0.98
C VAL A 74 14.54 -3.99 1.71
N GLU A 75 14.60 -3.98 3.04
CA GLU A 75 14.67 -5.22 3.81
C GLU A 75 13.39 -6.05 3.74
N PHE A 76 12.25 -5.38 3.83
CA PHE A 76 10.97 -6.08 3.85
C PHE A 76 10.63 -6.60 2.46
N ALA A 77 10.99 -5.85 1.43
CA ALA A 77 10.77 -6.31 0.07
C ALA A 77 11.64 -7.55 -0.21
N LYS A 78 12.85 -7.55 0.34
CA LYS A 78 13.80 -8.66 0.19
C LYS A 78 13.38 -9.96 0.90
N GLN A 79 12.31 -9.94 1.69
CA GLN A 79 11.70 -11.16 2.20
C GLN A 79 11.38 -12.14 1.06
N HIS A 80 11.02 -11.62 -0.10
CA HIS A 80 10.81 -12.44 -1.31
C HIS A 80 11.82 -12.18 -2.42
N GLY A 81 12.88 -11.44 -2.15
CA GLY A 81 13.93 -11.24 -3.14
C GLY A 81 13.67 -10.21 -4.22
N SER A 82 13.28 -9.00 -3.82
CA SER A 82 13.14 -7.88 -4.75
C SER A 82 14.50 -7.35 -5.20
N ASP A 83 14.51 -6.55 -6.25
CA ASP A 83 15.71 -5.79 -6.60
C ASP A 83 15.77 -4.61 -5.64
N ASP A 84 16.94 -4.36 -5.02
CA ASP A 84 17.06 -3.27 -4.04
C ASP A 84 16.85 -1.90 -4.67
N ALA A 85 17.26 -1.75 -5.92
CA ALA A 85 17.08 -0.47 -6.60
C ALA A 85 15.59 -0.19 -6.79
N MET A 86 14.84 -1.22 -7.14
CA MET A 86 13.40 -1.07 -7.37
C MET A 86 12.68 -0.79 -6.05
N ALA A 87 13.09 -1.45 -4.99
CA ALA A 87 12.47 -1.24 -3.68
C ALA A 87 12.78 0.15 -3.14
N HIS A 88 14.01 0.62 -3.30
CA HIS A 88 14.40 1.94 -2.82
C HIS A 88 13.65 3.08 -3.52
N GLN A 89 13.39 2.94 -4.81
CA GLN A 89 12.66 3.96 -5.56
C GLN A 89 11.25 4.18 -5.02
N LEU A 90 10.65 3.19 -4.36
CA LEU A 90 9.30 3.37 -3.80
C LEU A 90 9.27 4.47 -2.75
N VAL A 91 10.38 4.67 -2.05
CA VAL A 91 10.46 5.66 -0.99
C VAL A 91 10.61 7.05 -1.57
N ASP A 92 11.21 7.13 -2.75
CA ASP A 92 11.37 8.42 -3.43
C ASP A 92 10.11 8.81 -4.18
N ILE A 93 9.47 7.86 -4.86
CA ILE A 93 8.30 8.15 -5.69
C ILE A 93 7.05 8.40 -4.85
N VAL A 94 6.98 7.92 -3.62
CA VAL A 94 5.85 8.25 -2.75
C VAL A 94 5.75 9.75 -2.43
N HIS A 95 6.80 10.51 -2.72
CA HIS A 95 6.74 11.99 -2.70
C HIS A 95 5.63 12.51 -3.63
N ALA A 96 5.41 11.85 -4.75
CA ALA A 96 4.35 12.22 -5.67
C ALA A 96 2.99 11.80 -5.08
N CYS A 97 2.95 10.65 -4.45
CA CYS A 97 1.72 10.18 -3.82
C CYS A 97 1.25 11.09 -2.69
N GLU A 98 2.18 11.69 -1.97
CA GLU A 98 1.82 12.66 -0.93
C GLU A 98 1.06 13.85 -1.51
N LYS A 99 1.31 14.22 -2.76
CA LYS A 99 0.56 15.31 -3.37
C LYS A 99 -0.86 14.88 -3.72
N SER A 100 -1.07 13.60 -3.98
CA SER A 100 -2.43 13.09 -4.25
C SER A 100 -3.16 12.77 -2.95
N VAL A 101 -2.44 12.72 -1.83
CA VAL A 101 -3.00 12.39 -0.52
C VAL A 101 -2.69 13.52 0.47
N PRO A 102 -3.59 14.52 0.56
CA PRO A 102 -3.28 15.54 1.59
C PRO A 102 -3.40 14.93 2.98
N PRO A 103 -2.71 15.50 3.99
CA PRO A 103 -2.93 14.90 5.31
C PRO A 103 -4.38 15.02 5.76
N ASN A 104 -4.84 14.03 6.51
CA ASN A 104 -6.22 14.02 7.02
C ASN A 104 -6.16 14.40 8.49
N GLU A 105 -7.30 14.65 9.11
CA GLU A 105 -7.35 14.84 10.56
C GLU A 105 -6.96 13.54 11.25
N ASP A 106 -7.41 12.45 10.65
CA ASP A 106 -7.22 11.12 11.22
C ASP A 106 -6.03 10.43 10.57
N ASN A 107 -5.17 9.81 11.37
CA ASN A 107 -3.99 9.15 10.83
C ASN A 107 -4.41 7.93 10.02
N CYS A 108 -5.53 7.32 10.38
CA CYS A 108 -6.02 6.16 9.64
C CYS A 108 -6.40 6.52 8.22
N LEU A 109 -7.08 7.65 8.04
CA LEU A 109 -7.52 8.07 6.72
C LEU A 109 -6.34 8.40 5.83
N MET A 110 -5.29 9.00 6.39
CA MET A 110 -4.13 9.33 5.59
C MET A 110 -3.41 8.04 5.18
N ALA A 111 -3.30 7.08 6.11
CA ALA A 111 -2.67 5.80 5.81
C ALA A 111 -3.43 5.07 4.70
N LEU A 112 -4.76 5.14 4.74
CA LEU A 112 -5.57 4.52 3.69
C LEU A 112 -5.37 5.20 2.35
N GLY A 113 -5.27 6.52 2.31
CA GLY A 113 -5.03 7.20 1.05
C GLY A 113 -3.67 6.83 0.47
N ILE A 114 -2.67 6.72 1.33
CA ILE A 114 -1.34 6.30 0.90
C ILE A 114 -1.42 4.86 0.35
N SER A 115 -2.21 3.98 0.95
CA SER A 115 -2.35 2.63 0.40
C SER A 115 -3.06 2.58 -0.96
N MET A 116 -3.99 3.48 -1.19
CA MET A 116 -4.64 3.55 -2.50
C MET A 116 -3.58 3.99 -3.50
N CYS A 117 -2.76 4.96 -3.11
CA CYS A 117 -1.71 5.45 -3.97
C CYS A 117 -0.53 4.48 -4.14
N PHE A 118 -0.41 3.47 -3.29
CA PHE A 118 0.73 2.55 -3.34
C PHE A 118 0.75 1.79 -4.67
N LYS A 119 -0.42 1.43 -5.17
CA LYS A 119 -0.51 0.85 -6.51
C LYS A 119 -0.41 1.93 -7.57
N THR A 120 -0.97 3.11 -7.30
CA THR A 120 -0.91 4.22 -8.26
C THR A 120 0.51 4.63 -8.62
N GLU A 121 1.44 4.71 -7.67
CA GLU A 121 2.81 5.11 -8.00
C GLU A 121 3.45 4.14 -9.00
N ILE A 122 3.38 2.85 -8.77
CA ILE A 122 3.96 1.88 -9.71
C ILE A 122 3.13 1.77 -10.99
N HIS A 123 1.85 2.09 -10.93
CA HIS A 123 0.99 2.15 -12.11
C HIS A 123 1.39 3.31 -13.01
N LYS A 124 1.67 4.48 -12.44
CA LYS A 124 2.11 5.64 -13.22
C LYS A 124 3.52 5.45 -13.77
N LEU A 125 4.35 4.71 -13.05
CA LEU A 125 5.67 4.32 -13.56
C LEU A 125 5.59 3.24 -14.63
N ASN A 126 4.43 2.62 -14.79
CA ASN A 126 4.20 1.48 -15.68
C ASN A 126 5.08 0.29 -15.30
N TRP A 127 5.39 0.19 -14.01
CA TRP A 127 6.21 -0.89 -13.45
C TRP A 127 5.36 -1.80 -12.57
N ALA A 128 4.04 -1.65 -12.67
CA ALA A 128 3.15 -2.48 -11.87
C ALA A 128 3.11 -3.91 -12.41
N PRO A 129 2.97 -4.93 -11.55
CA PRO A 129 2.72 -6.25 -12.12
C PRO A 129 1.33 -6.40 -12.74
N ASP A 130 0.39 -5.54 -12.36
CA ASP A 130 -0.96 -5.54 -12.94
C ASP A 130 -0.96 -4.83 -14.30
N HIS A 131 -0.50 -5.58 -15.29
CA HIS A 131 -0.36 -5.13 -16.66
C HIS A 131 -1.74 -4.91 -17.31
N GLU A 132 -2.73 -5.66 -16.87
CA GLU A 132 -4.09 -5.45 -17.36
C GLU A 132 -4.65 -4.09 -16.97
N LEU A 133 -4.38 -3.61 -15.76
CA LEU A 133 -4.86 -2.28 -15.39
C LEU A 133 -4.10 -1.18 -16.13
N LEU A 134 -2.85 -1.44 -16.47
CA LEU A 134 -2.09 -0.51 -17.31
C LEU A 134 -2.74 -0.46 -18.70
N LEU A 135 -3.15 -1.61 -19.21
CA LEU A 135 -3.81 -1.67 -20.52
C LEU A 135 -5.14 -0.93 -20.49
N GLU A 136 -5.90 -1.09 -19.42
CA GLU A 136 -7.18 -0.41 -19.30
C GLU A 136 -7.00 1.12 -19.31
N GLU A 137 -5.93 1.60 -18.69
CA GLU A 137 -5.61 3.02 -18.72
C GLU A 137 -5.22 3.48 -20.12
N MET A 138 -4.45 2.68 -20.84
CA MET A 138 -4.05 3.03 -22.20
C MET A 138 -5.20 2.97 -23.19
N MET A 139 -6.20 2.15 -22.91
CA MET A 139 -7.42 2.14 -23.71
C MET A 139 -8.27 3.38 -23.42
N ALA A 140 -8.27 3.87 -22.19
CA ALA A 140 -8.95 5.12 -21.89
C ALA A 140 -8.24 6.29 -22.57
N GLU A 141 -6.93 6.21 -22.70
CA GLU A 141 -6.13 7.25 -23.36
C GLU A 141 -6.48 7.42 -24.85
N MET A 142 -7.08 6.40 -25.46
CA MET A 142 -7.54 6.52 -26.85
C MET A 142 -8.62 7.59 -26.97
N LYS A 143 -9.35 7.82 -25.89
CA LYS A 143 -10.44 8.80 -25.88
C LYS A 143 -9.89 10.22 -25.83
N GLN A 144 -8.66 10.38 -25.36
CA GLN A 144 -8.06 11.70 -25.14
C GLN A 144 -6.81 11.90 -25.98
N SER A 1 9.58 -11.89 -13.08
CA SER A 1 8.28 -11.18 -13.02
C SER A 1 8.19 -10.36 -11.76
N GLN A 2 7.06 -9.73 -11.49
CA GLN A 2 6.87 -8.90 -10.30
C GLN A 2 5.76 -9.45 -9.41
N ALA A 3 5.63 -10.77 -9.35
CA ALA A 3 4.65 -11.43 -8.48
C ALA A 3 4.95 -11.08 -7.02
N VAL A 4 6.23 -10.82 -6.75
CA VAL A 4 6.67 -10.37 -5.43
C VAL A 4 6.02 -9.07 -4.97
N MET A 5 5.51 -8.24 -5.87
CA MET A 5 4.87 -7.00 -5.46
C MET A 5 3.44 -7.27 -5.00
N LYS A 6 2.80 -8.29 -5.57
CA LYS A 6 1.44 -8.66 -5.15
C LYS A 6 1.52 -9.44 -3.85
N ASP A 7 2.52 -10.30 -3.74
CA ASP A 7 2.73 -11.09 -2.53
C ASP A 7 3.20 -10.24 -1.35
N MET A 8 3.90 -9.16 -1.63
CA MET A 8 4.28 -8.22 -0.58
C MET A 8 3.05 -7.57 0.06
N THR A 9 1.97 -7.37 -0.68
CA THR A 9 0.75 -6.83 -0.08
C THR A 9 0.22 -7.83 0.96
N LYS A 10 0.23 -9.10 0.59
CA LYS A 10 -0.24 -10.16 1.50
C LYS A 10 0.64 -10.22 2.73
N ASN A 11 1.95 -10.17 2.53
CA ASN A 11 2.88 -10.24 3.65
C ASN A 11 2.78 -9.03 4.56
N PHE A 12 2.50 -7.86 4.00
CA PHE A 12 2.32 -6.66 4.81
C PHE A 12 1.16 -6.87 5.77
N ILE A 13 0.09 -7.50 5.31
CA ILE A 13 -1.07 -7.80 6.15
C ILE A 13 -1.03 -9.18 6.80
N LYS A 14 0.14 -9.81 6.86
CA LYS A 14 0.25 -11.14 7.48
C LYS A 14 -0.14 -11.12 8.95
N ALA A 15 0.17 -10.04 9.64
CA ALA A 15 -0.25 -9.86 11.03
C ALA A 15 -1.62 -9.14 11.16
N TYR A 16 -2.44 -9.16 10.12
CA TYR A 16 -3.73 -8.45 10.13
C TYR A 16 -4.60 -8.88 11.30
N GLU A 17 -4.74 -10.17 11.53
CA GLU A 17 -5.62 -10.65 12.59
C GLU A 17 -5.13 -10.19 13.96
N VAL A 18 -3.81 -10.18 14.14
CA VAL A 18 -3.22 -9.78 15.41
C VAL A 18 -3.47 -8.30 15.63
N CYS A 19 -3.27 -7.51 14.58
CA CYS A 19 -3.56 -6.09 14.62
C CYS A 19 -5.05 -5.83 14.87
N ALA A 20 -5.92 -6.62 14.27
CA ALA A 20 -7.37 -6.43 14.43
C ALA A 20 -7.78 -6.68 15.86
N LYS A 21 -7.11 -7.61 16.53
CA LYS A 21 -7.35 -7.86 17.96
C LYS A 21 -6.81 -6.73 18.82
N GLU A 22 -5.68 -6.15 18.45
CA GLU A 22 -5.11 -5.02 19.18
C GLU A 22 -5.92 -3.73 19.02
N TYR A 23 -6.25 -3.37 17.79
CA TYR A 23 -6.97 -2.13 17.50
C TYR A 23 -8.49 -2.29 17.63
N ASN A 24 -8.92 -3.51 17.98
CA ASN A 24 -10.32 -3.86 18.17
C ASN A 24 -11.19 -3.54 16.94
N LEU A 25 -10.67 -3.87 15.77
CA LEU A 25 -11.36 -3.56 14.52
C LEU A 25 -12.58 -4.47 14.36
N PRO A 26 -13.60 -4.02 13.60
CA PRO A 26 -14.69 -4.97 13.36
C PRO A 26 -14.22 -6.09 12.45
N GLU A 27 -14.93 -7.21 12.43
CA GLU A 27 -14.56 -8.34 11.59
C GLU A 27 -14.74 -7.91 10.14
N ALA A 28 -15.69 -7.01 9.93
CA ALA A 28 -15.94 -6.37 8.65
C ALA A 28 -14.73 -5.67 8.01
N ALA A 29 -13.77 -5.26 8.83
CA ALA A 29 -12.58 -4.61 8.32
C ALA A 29 -11.71 -5.59 7.53
N GLY A 30 -11.87 -6.89 7.78
CA GLY A 30 -11.12 -7.89 7.04
C GLY A 30 -11.52 -7.89 5.60
N ALA A 31 -12.82 -7.76 5.34
CA ALA A 31 -13.33 -7.67 3.98
C ALA A 31 -12.82 -6.39 3.33
N GLU A 32 -12.83 -5.29 4.07
CA GLU A 32 -12.41 -4.00 3.53
C GLU A 32 -10.94 -3.96 3.10
N VAL A 33 -10.07 -4.61 3.85
CA VAL A 33 -8.65 -4.72 3.47
C VAL A 33 -8.50 -5.69 2.29
N MET A 34 -9.24 -6.78 2.28
CA MET A 34 -9.16 -7.72 1.15
C MET A 34 -9.69 -7.10 -0.13
N ASN A 35 -10.63 -6.17 -0.03
CA ASN A 35 -11.17 -5.51 -1.22
C ASN A 35 -10.11 -4.70 -1.97
N PHE A 36 -9.08 -4.23 -1.28
CA PHE A 36 -7.98 -3.51 -1.94
C PHE A 36 -7.08 -4.47 -2.74
N TRP A 37 -7.06 -5.73 -2.33
CA TRP A 37 -6.26 -6.75 -3.01
C TRP A 37 -7.00 -7.37 -4.18
N LYS A 38 -8.33 -7.34 -4.15
CA LYS A 38 -9.14 -7.82 -5.28
C LYS A 38 -8.89 -6.90 -6.46
N GLU A 39 -8.72 -7.46 -7.64
CA GLU A 39 -8.37 -6.66 -8.81
C GLU A 39 -9.60 -5.89 -9.30
N GLY A 40 -9.41 -4.62 -9.61
CA GLY A 40 -10.49 -3.76 -10.09
C GLY A 40 -11.24 -3.02 -9.01
N TYR A 41 -11.41 -3.65 -7.85
CA TYR A 41 -12.18 -3.06 -6.74
C TYR A 41 -11.52 -1.82 -6.15
N VAL A 42 -12.34 -0.82 -5.82
CA VAL A 42 -11.88 0.40 -5.16
C VAL A 42 -12.77 0.67 -3.95
N LEU A 43 -12.24 0.45 -2.75
CA LEU A 43 -12.95 0.73 -1.51
C LEU A 43 -11.97 1.52 -0.65
N THR A 44 -12.48 2.50 0.08
CA THR A 44 -11.65 3.47 0.80
C THR A 44 -12.08 3.61 2.26
N SER A 45 -12.40 2.48 2.89
CA SER A 45 -12.90 2.47 4.26
C SER A 45 -11.91 2.98 5.30
N ARG A 46 -12.40 3.67 6.32
CA ARG A 46 -11.59 4.16 7.44
C ARG A 46 -10.88 3.00 8.12
N GLU A 47 -11.61 1.92 8.33
CA GLU A 47 -11.06 0.75 9.01
C GLU A 47 -9.90 0.12 8.25
N ALA A 48 -9.94 0.15 6.92
CA ALA A 48 -8.85 -0.43 6.14
C ALA A 48 -7.57 0.38 6.35
N GLY A 49 -7.71 1.69 6.43
CA GLY A 49 -6.54 2.53 6.68
C GLY A 49 -6.04 2.39 8.10
N CYS A 50 -6.95 2.17 9.03
CA CYS A 50 -6.56 1.97 10.42
C CYS A 50 -5.79 0.68 10.54
N ALA A 51 -6.20 -0.35 9.81
CA ALA A 51 -5.48 -1.62 9.79
C ALA A 51 -4.05 -1.47 9.27
N ILE A 52 -3.87 -0.69 8.21
CA ILE A 52 -2.56 -0.48 7.60
C ILE A 52 -1.65 0.33 8.52
N LEU A 53 -2.18 1.39 9.10
CA LEU A 53 -1.38 2.25 9.98
C LEU A 53 -1.03 1.49 11.27
N CYS A 54 -1.94 0.64 11.70
CA CYS A 54 -1.70 -0.24 12.84
C CYS A 54 -0.54 -1.19 12.56
N LEU A 55 -0.48 -1.78 11.37
CA LEU A 55 0.60 -2.71 11.05
C LEU A 55 1.96 -2.03 11.04
N SER A 56 2.06 -0.84 10.47
CA SER A 56 3.36 -0.17 10.41
C SER A 56 3.81 0.25 11.81
N SER A 57 2.89 0.75 12.62
CA SER A 57 3.21 1.18 13.98
C SER A 57 3.39 0.04 14.98
N LYS A 58 2.90 -1.15 14.66
CA LYS A 58 3.06 -2.32 15.54
C LYS A 58 4.53 -2.65 15.74
N LEU A 59 5.30 -2.51 14.67
CA LEU A 59 6.73 -2.81 14.73
C LEU A 59 7.56 -1.53 14.56
N ASN A 60 6.87 -0.41 14.46
CA ASN A 60 7.44 0.94 14.32
C ASN A 60 8.45 1.02 13.17
N LEU A 61 8.14 0.34 12.06
CA LEU A 61 9.15 0.07 11.03
C LEU A 61 9.48 1.26 10.14
N LEU A 62 8.69 2.31 10.22
CA LEU A 62 8.98 3.55 9.52
C LEU A 62 10.08 4.29 10.29
N ASP A 63 10.53 5.42 9.79
CA ASP A 63 11.51 6.22 10.52
C ASP A 63 10.87 6.84 11.74
N PRO A 64 11.66 7.31 12.72
CA PRO A 64 10.99 7.97 13.86
C PRO A 64 10.29 9.29 13.51
N GLU A 65 10.61 9.87 12.36
CA GLU A 65 9.91 11.07 11.87
C GLU A 65 8.61 10.74 11.15
N GLY A 66 8.33 9.45 10.97
CA GLY A 66 7.17 9.02 10.21
C GLY A 66 7.45 8.90 8.73
N THR A 67 8.64 9.28 8.30
CA THR A 67 9.04 9.16 6.90
C THR A 67 9.23 7.68 6.55
N LEU A 68 9.06 7.35 5.28
CA LEU A 68 9.23 5.97 4.85
C LEU A 68 10.70 5.59 4.95
N HIS A 69 10.99 4.57 5.75
CA HIS A 69 12.36 4.10 5.94
C HIS A 69 12.79 3.31 4.71
N ARG A 70 13.86 3.75 4.06
CA ARG A 70 14.38 3.06 2.86
C ARG A 70 14.75 1.63 3.18
N GLY A 71 15.30 1.40 4.37
CA GLY A 71 15.65 0.05 4.78
C GLY A 71 14.45 -0.87 4.92
N ASN A 72 13.40 -0.45 5.59
CA ASN A 72 12.18 -1.28 5.72
C ASN A 72 11.59 -1.56 4.35
N THR A 73 11.65 -0.58 3.47
CA THR A 73 11.08 -0.74 2.14
C THR A 73 11.80 -1.85 1.38
N VAL A 74 13.12 -1.83 1.37
CA VAL A 74 13.86 -2.83 0.61
C VAL A 74 13.94 -4.17 1.31
N GLU A 75 14.12 -4.22 2.62
CA GLU A 75 14.28 -5.48 3.33
C GLU A 75 13.01 -6.31 3.28
N PHE A 76 11.87 -5.68 3.53
CA PHE A 76 10.62 -6.45 3.59
C PHE A 76 10.23 -6.94 2.22
N ALA A 77 10.58 -6.19 1.19
CA ALA A 77 10.32 -6.60 -0.17
C ALA A 77 11.28 -7.74 -0.59
N LYS A 78 12.54 -7.63 -0.18
CA LYS A 78 13.55 -8.67 -0.47
C LYS A 78 13.26 -9.97 0.25
N GLN A 79 12.57 -9.91 1.37
CA GLN A 79 12.05 -11.11 2.02
C GLN A 79 11.09 -11.92 1.14
N HIS A 80 10.45 -11.31 0.14
CA HIS A 80 9.67 -12.06 -0.85
C HIS A 80 10.44 -12.28 -2.16
N GLY A 81 11.57 -11.61 -2.30
CA GLY A 81 12.42 -11.76 -3.47
C GLY A 81 12.50 -10.58 -4.42
N SER A 82 12.17 -9.37 -3.97
CA SER A 82 12.37 -8.20 -4.83
C SER A 82 13.85 -7.85 -4.91
N ASP A 83 14.19 -6.95 -5.81
CA ASP A 83 15.54 -6.42 -5.94
C ASP A 83 15.56 -5.05 -5.26
N ASP A 84 16.71 -4.58 -4.81
CA ASP A 84 16.81 -3.32 -4.08
C ASP A 84 16.37 -2.15 -4.93
N ALA A 85 16.70 -2.17 -6.23
CA ALA A 85 16.35 -1.06 -7.11
C ALA A 85 14.83 -0.93 -7.26
N MET A 86 14.14 -2.05 -7.44
CA MET A 86 12.69 -2.02 -7.61
C MET A 86 12.04 -1.58 -6.32
N ALA A 87 12.54 -2.08 -5.19
CA ALA A 87 11.96 -1.73 -3.92
C ALA A 87 12.22 -0.25 -3.55
N HIS A 88 13.39 0.28 -3.87
CA HIS A 88 13.67 1.69 -3.59
C HIS A 88 12.80 2.66 -4.40
N GLN A 89 12.35 2.22 -5.57
CA GLN A 89 11.45 3.05 -6.38
C GLN A 89 10.17 3.39 -5.61
N LEU A 90 9.76 2.48 -4.72
CA LEU A 90 8.57 2.68 -3.89
C LEU A 90 8.74 3.82 -2.88
N VAL A 91 9.99 4.16 -2.56
CA VAL A 91 10.26 5.29 -1.67
C VAL A 91 10.25 6.56 -2.49
N ASP A 92 10.82 6.50 -3.68
CA ASP A 92 10.98 7.68 -4.51
C ASP A 92 9.62 8.25 -4.95
N ILE A 93 8.67 7.38 -5.22
CA ILE A 93 7.33 7.81 -5.58
C ILE A 93 6.53 8.48 -4.44
N VAL A 94 6.98 8.39 -3.20
CA VAL A 94 6.25 9.02 -2.08
C VAL A 94 6.23 10.54 -2.29
N HIS A 95 7.26 11.08 -2.90
CA HIS A 95 7.28 12.53 -3.17
C HIS A 95 6.11 12.97 -4.06
N ALA A 96 5.71 12.12 -5.00
CA ALA A 96 4.52 12.39 -5.81
C ALA A 96 3.24 12.06 -5.03
N CYS A 97 3.28 11.01 -4.22
CA CYS A 97 2.11 10.61 -3.43
C CYS A 97 1.67 11.66 -2.44
N GLU A 98 2.59 12.41 -1.84
CA GLU A 98 2.20 13.50 -0.95
C GLU A 98 1.34 14.54 -1.67
N LYS A 99 1.60 14.72 -2.97
CA LYS A 99 0.85 15.69 -3.74
C LYS A 99 -0.52 15.18 -4.16
N SER A 100 -0.67 13.89 -4.36
CA SER A 100 -1.94 13.30 -4.82
C SER A 100 -2.79 12.73 -3.68
N VAL A 101 -2.21 12.66 -2.50
CA VAL A 101 -2.89 12.22 -1.29
C VAL A 101 -2.78 13.37 -0.28
N PRO A 102 -3.81 14.20 -0.16
CA PRO A 102 -3.70 15.29 0.82
C PRO A 102 -3.77 14.77 2.25
N PRO A 103 -3.36 15.59 3.24
CA PRO A 103 -3.74 15.17 4.60
C PRO A 103 -5.26 15.08 4.76
N ASN A 104 -5.72 14.25 5.68
CA ASN A 104 -7.15 14.06 5.92
C ASN A 104 -7.42 14.39 7.37
N GLU A 105 -8.69 14.46 7.74
CA GLU A 105 -9.07 14.70 9.14
C GLU A 105 -8.60 13.56 10.02
N ASP A 106 -8.68 12.35 9.47
CA ASP A 106 -8.32 11.15 10.23
C ASP A 106 -7.01 10.56 9.72
N ASN A 107 -6.17 10.10 10.65
CA ASN A 107 -4.87 9.53 10.32
C ASN A 107 -5.03 8.25 9.48
N CYS A 108 -6.08 7.49 9.72
CA CYS A 108 -6.33 6.26 9.00
C CYS A 108 -6.63 6.54 7.53
N LEU A 109 -7.44 7.56 7.28
CA LEU A 109 -7.84 7.88 5.92
C LEU A 109 -6.62 8.28 5.10
N MET A 110 -5.74 9.07 5.72
CA MET A 110 -4.54 9.49 5.04
C MET A 110 -3.63 8.29 4.79
N ALA A 111 -3.50 7.41 5.78
CA ALA A 111 -2.68 6.22 5.63
C ALA A 111 -3.16 5.32 4.48
N LEU A 112 -4.46 5.17 4.33
CA LEU A 112 -5.00 4.39 3.23
C LEU A 112 -4.71 5.06 1.90
N GLY A 113 -4.82 6.37 1.82
CA GLY A 113 -4.57 7.06 0.56
C GLY A 113 -3.13 6.86 0.13
N ILE A 114 -2.21 6.91 1.09
CA ILE A 114 -0.79 6.68 0.84
C ILE A 114 -0.59 5.26 0.34
N SER A 115 -1.29 4.29 0.92
CA SER A 115 -1.17 2.90 0.47
C SER A 115 -1.85 2.61 -0.86
N MET A 116 -2.84 3.40 -1.26
CA MET A 116 -3.38 3.28 -2.61
C MET A 116 -2.35 3.83 -3.58
N CYS A 117 -1.75 4.97 -3.23
CA CYS A 117 -0.77 5.61 -4.10
C CYS A 117 0.50 4.78 -4.31
N PHE A 118 0.77 3.91 -3.34
CA PHE A 118 1.84 2.92 -3.43
C PHE A 118 1.69 2.05 -4.68
N LYS A 119 0.46 1.75 -5.05
CA LYS A 119 0.18 1.11 -6.33
C LYS A 119 0.04 2.15 -7.45
N THR A 120 -0.75 3.20 -7.23
CA THR A 120 -1.05 4.17 -8.28
C THR A 120 0.15 4.82 -8.97
N GLU A 121 1.19 5.18 -8.25
CA GLU A 121 2.34 5.78 -8.91
C GLU A 121 3.12 4.75 -9.74
N ILE A 122 3.15 3.51 -9.29
CA ILE A 122 3.81 2.44 -10.04
C ILE A 122 2.94 2.10 -11.26
N HIS A 123 1.63 2.28 -11.13
CA HIS A 123 0.74 2.15 -12.28
C HIS A 123 1.02 3.23 -13.31
N LYS A 124 1.26 4.46 -12.88
CA LYS A 124 1.59 5.55 -13.81
C LYS A 124 2.95 5.34 -14.45
N LEU A 125 3.86 4.68 -13.75
CA LEU A 125 5.18 4.32 -14.28
C LEU A 125 5.12 3.07 -15.16
N ASN A 126 3.96 2.43 -15.20
CA ASN A 126 3.70 1.21 -15.97
C ASN A 126 4.63 0.05 -15.57
N TRP A 127 4.91 -0.11 -14.29
CA TRP A 127 5.79 -1.19 -13.81
C TRP A 127 5.13 -2.22 -12.90
N ALA A 128 3.84 -2.08 -12.66
CA ALA A 128 3.13 -3.01 -11.77
C ALA A 128 2.96 -4.39 -12.42
N PRO A 129 2.82 -5.47 -11.62
CA PRO A 129 2.60 -6.78 -12.25
C PRO A 129 1.26 -6.96 -12.96
N ASP A 130 0.26 -6.17 -12.60
CA ASP A 130 -1.06 -6.24 -13.22
C ASP A 130 -1.04 -5.43 -14.53
N HIS A 131 -0.42 -6.03 -15.55
CA HIS A 131 -0.25 -5.41 -16.86
C HIS A 131 -1.59 -5.09 -17.51
N GLU A 132 -2.59 -5.93 -17.27
CA GLU A 132 -3.92 -5.65 -17.78
C GLU A 132 -4.47 -4.37 -17.18
N LEU A 133 -4.26 -4.14 -15.89
CA LEU A 133 -4.70 -2.90 -15.26
C LEU A 133 -3.87 -1.73 -15.76
N LEU A 134 -2.61 -1.95 -16.10
CA LEU A 134 -1.79 -0.85 -16.62
C LEU A 134 -2.44 -0.30 -17.87
N LEU A 135 -2.85 -1.19 -18.77
CA LEU A 135 -3.52 -0.76 -19.98
C LEU A 135 -4.89 -0.17 -19.68
N GLU A 136 -5.64 -0.81 -18.80
CA GLU A 136 -7.01 -0.40 -18.49
C GLU A 136 -7.08 0.99 -17.86
N GLU A 137 -6.15 1.29 -16.96
CA GLU A 137 -6.11 2.59 -16.31
C GLU A 137 -5.51 3.63 -17.24
N MET A 138 -4.62 3.26 -18.14
CA MET A 138 -4.13 4.21 -19.14
C MET A 138 -5.24 4.62 -20.08
N MET A 139 -6.10 3.68 -20.49
CA MET A 139 -7.22 4.03 -21.35
C MET A 139 -8.19 4.96 -20.63
N ALA A 140 -8.44 4.69 -19.35
CA ALA A 140 -9.33 5.53 -18.55
C ALA A 140 -8.74 6.93 -18.37
N GLU A 141 -7.43 7.01 -18.17
CA GLU A 141 -6.73 8.29 -18.04
C GLU A 141 -6.78 9.08 -19.34
N MET A 142 -6.69 8.41 -20.47
CA MET A 142 -6.77 9.09 -21.76
C MET A 142 -8.19 9.55 -22.09
N LYS A 143 -9.21 8.89 -21.54
CA LYS A 143 -10.59 9.36 -21.71
C LYS A 143 -10.79 10.62 -20.87
N GLN A 144 -10.95 11.74 -21.55
CA GLN A 144 -11.07 13.06 -20.92
C GLN A 144 -12.16 13.82 -21.65
N SER A 1 9.89 -9.49 -13.83
CA SER A 1 8.55 -9.19 -13.26
C SER A 1 8.71 -8.65 -11.86
N GLN A 2 7.84 -7.76 -11.42
CA GLN A 2 7.85 -7.26 -10.04
C GLN A 2 6.89 -8.07 -9.15
N ALA A 3 6.97 -9.39 -9.25
CA ALA A 3 6.15 -10.30 -8.44
C ALA A 3 6.39 -10.11 -6.94
N VAL A 4 7.58 -9.66 -6.60
CA VAL A 4 7.93 -9.32 -5.22
C VAL A 4 6.96 -8.30 -4.63
N MET A 5 6.43 -7.37 -5.41
CA MET A 5 5.49 -6.39 -4.83
C MET A 5 4.24 -7.05 -4.25
N LYS A 6 3.78 -8.10 -4.91
CA LYS A 6 2.59 -8.84 -4.47
C LYS A 6 2.92 -9.60 -3.19
N ASP A 7 4.11 -10.20 -3.16
CA ASP A 7 4.53 -10.97 -1.99
C ASP A 7 4.91 -10.08 -0.81
N MET A 8 5.33 -8.86 -1.10
CA MET A 8 5.63 -7.87 -0.09
C MET A 8 4.33 -7.44 0.60
N THR A 9 3.25 -7.37 -0.17
CA THR A 9 1.92 -7.13 0.43
C THR A 9 1.58 -8.29 1.35
N LYS A 10 1.81 -9.52 0.89
CA LYS A 10 1.51 -10.71 1.71
C LYS A 10 2.29 -10.69 3.02
N ASN A 11 3.56 -10.33 2.97
CA ASN A 11 4.37 -10.25 4.17
C ASN A 11 3.90 -9.13 5.11
N PHE A 12 3.46 -8.01 4.54
CA PHE A 12 2.92 -6.91 5.33
C PHE A 12 1.66 -7.33 6.07
N ILE A 13 0.80 -8.11 5.42
CA ILE A 13 -0.46 -8.56 6.03
C ILE A 13 -0.36 -9.94 6.69
N LYS A 14 0.86 -10.43 6.89
CA LYS A 14 1.06 -11.73 7.55
C LYS A 14 0.45 -11.72 8.94
N ALA A 15 0.55 -10.59 9.63
CA ALA A 15 -0.04 -10.38 10.95
C ALA A 15 -1.43 -9.72 10.94
N TYR A 16 -2.15 -9.73 9.82
CA TYR A 16 -3.44 -9.03 9.71
C TYR A 16 -4.46 -9.50 10.76
N GLU A 17 -4.57 -10.79 10.99
CA GLU A 17 -5.51 -11.33 11.98
C GLU A 17 -5.09 -10.96 13.41
N VAL A 18 -3.78 -10.95 13.65
CA VAL A 18 -3.22 -10.65 14.96
C VAL A 18 -3.57 -9.20 15.27
N CYS A 19 -3.36 -8.36 14.28
CA CYS A 19 -3.69 -6.94 14.35
C CYS A 19 -5.18 -6.71 14.56
N ALA A 20 -6.02 -7.46 13.85
CA ALA A 20 -7.46 -7.31 13.99
C ALA A 20 -7.91 -7.57 15.43
N LYS A 21 -7.24 -8.45 16.17
CA LYS A 21 -7.55 -8.61 17.60
C LYS A 21 -7.08 -7.40 18.40
N GLU A 22 -5.88 -6.91 18.13
CA GLU A 22 -5.31 -5.80 18.90
C GLU A 22 -6.10 -4.49 18.73
N TYR A 23 -6.47 -4.18 17.50
CA TYR A 23 -7.16 -2.93 17.19
C TYR A 23 -8.68 -3.15 17.19
N ASN A 24 -9.09 -4.36 17.54
CA ASN A 24 -10.50 -4.78 17.63
C ASN A 24 -11.27 -4.42 16.35
N LEU A 25 -10.67 -4.76 15.22
CA LEU A 25 -11.21 -4.36 13.92
C LEU A 25 -12.28 -5.34 13.48
N PRO A 26 -13.30 -4.88 12.74
CA PRO A 26 -14.32 -5.83 12.31
C PRO A 26 -13.86 -6.73 11.17
N GLU A 27 -14.62 -7.79 10.96
CA GLU A 27 -14.45 -8.67 9.80
C GLU A 27 -14.73 -7.90 8.50
N ALA A 28 -15.57 -6.88 8.58
CA ALA A 28 -15.90 -6.05 7.43
C ALA A 28 -14.68 -5.31 6.87
N ALA A 29 -13.72 -4.99 7.72
CA ALA A 29 -12.51 -4.29 7.28
C ALA A 29 -11.68 -5.18 6.36
N GLY A 30 -11.79 -6.49 6.52
CA GLY A 30 -11.08 -7.41 5.64
C GLY A 30 -11.56 -7.27 4.22
N ALA A 31 -12.89 -7.22 4.06
CA ALA A 31 -13.51 -7.08 2.75
C ALA A 31 -13.22 -5.70 2.15
N GLU A 32 -13.05 -4.68 2.98
CA GLU A 32 -12.72 -3.36 2.46
C GLU A 32 -11.36 -3.35 1.77
N VAL A 33 -10.38 -4.08 2.30
CA VAL A 33 -9.08 -4.14 1.65
C VAL A 33 -9.23 -4.87 0.31
N MET A 34 -10.11 -5.86 0.27
CA MET A 34 -10.39 -6.57 -0.98
C MET A 34 -11.16 -5.71 -1.99
N ASN A 35 -11.96 -4.76 -1.52
CA ASN A 35 -12.70 -3.87 -2.42
C ASN A 35 -11.75 -2.99 -3.19
N PHE A 36 -10.56 -2.74 -2.66
CA PHE A 36 -9.57 -1.98 -3.40
C PHE A 36 -8.88 -2.77 -4.53
N TRP A 37 -9.22 -4.04 -4.66
CA TRP A 37 -8.82 -4.85 -5.82
C TRP A 37 -10.00 -5.01 -6.80
N LYS A 38 -11.16 -4.49 -6.44
CA LYS A 38 -12.34 -4.55 -7.31
C LYS A 38 -12.28 -3.26 -8.13
N GLU A 39 -12.24 -3.36 -9.44
CA GLU A 39 -12.07 -2.17 -10.28
C GLU A 39 -13.23 -1.20 -10.12
N GLY A 40 -12.91 0.09 -10.14
CA GLY A 40 -13.89 1.14 -9.93
C GLY A 40 -14.15 1.51 -8.48
N TYR A 41 -13.73 0.67 -7.53
CA TYR A 41 -14.00 0.93 -6.11
C TYR A 41 -12.77 1.42 -5.37
N VAL A 42 -12.94 2.53 -4.66
CA VAL A 42 -11.90 3.17 -3.87
C VAL A 42 -12.58 3.45 -2.53
N LEU A 43 -12.39 2.55 -1.58
CA LEU A 43 -13.07 2.59 -0.29
C LEU A 43 -12.46 3.65 0.63
N THR A 44 -13.19 4.10 1.64
CA THR A 44 -12.73 5.16 2.53
C THR A 44 -13.02 4.92 4.02
N SER A 45 -13.13 3.67 4.47
CA SER A 45 -13.38 3.40 5.89
C SER A 45 -12.17 3.60 6.78
N ARG A 46 -12.43 4.04 8.02
CA ARG A 46 -11.36 4.26 8.99
C ARG A 46 -10.73 2.93 9.35
N GLU A 47 -11.54 1.91 9.47
CA GLU A 47 -11.09 0.60 9.93
C GLU A 47 -10.06 -0.05 9.02
N ALA A 48 -10.24 0.07 7.70
CA ALA A 48 -9.25 -0.48 6.77
C ALA A 48 -7.94 0.28 6.89
N GLY A 49 -8.03 1.59 7.10
CA GLY A 49 -6.83 2.38 7.32
C GLY A 49 -6.14 2.04 8.62
N CYS A 50 -6.92 1.72 9.64
CA CYS A 50 -6.35 1.35 10.93
C CYS A 50 -5.67 0.01 10.84
N ALA A 51 -6.13 -0.88 9.96
CA ALA A 51 -5.47 -2.16 9.77
C ALA A 51 -4.03 -1.95 9.26
N ILE A 52 -3.87 -1.01 8.36
CA ILE A 52 -2.56 -0.68 7.77
C ILE A 52 -1.69 -0.01 8.83
N LEU A 53 -2.26 0.95 9.55
CA LEU A 53 -1.53 1.69 10.58
C LEU A 53 -1.02 0.78 11.68
N CYS A 54 -1.89 -0.15 12.04
CA CYS A 54 -1.60 -1.15 13.05
C CYS A 54 -0.43 -2.03 12.67
N LEU A 55 -0.37 -2.50 11.44
CA LEU A 55 0.73 -3.36 11.01
C LEU A 55 2.05 -2.59 10.99
N SER A 56 2.01 -1.36 10.50
CA SER A 56 3.23 -0.55 10.43
C SER A 56 3.79 -0.23 11.81
N SER A 57 2.92 0.05 12.77
CA SER A 57 3.36 0.34 14.13
C SER A 57 3.72 -0.92 14.92
N LYS A 58 2.99 -2.01 14.71
CA LYS A 58 3.24 -3.28 15.41
C LYS A 58 4.64 -3.81 15.11
N LEU A 59 5.01 -3.73 13.83
CA LEU A 59 6.28 -4.28 13.38
C LEU A 59 7.33 -3.18 13.28
N ASN A 60 6.94 -1.97 13.64
CA ASN A 60 7.80 -0.78 13.64
C ASN A 60 8.57 -0.61 12.33
N LEU A 61 7.83 -0.61 11.23
CA LEU A 61 8.39 -0.61 9.87
C LEU A 61 8.90 0.75 9.42
N LEU A 62 8.87 1.71 10.32
CA LEU A 62 9.16 3.11 10.05
C LEU A 62 10.38 3.56 10.84
N ASP A 63 10.88 4.74 10.52
CA ASP A 63 11.94 5.37 11.29
C ASP A 63 11.35 5.69 12.65
N PRO A 64 12.19 5.92 13.69
CA PRO A 64 11.59 6.27 14.98
C PRO A 64 10.89 7.63 15.00
N GLU A 65 11.09 8.43 13.98
CA GLU A 65 10.37 9.70 13.83
C GLU A 65 9.01 9.50 13.15
N GLY A 66 8.63 8.27 12.87
CA GLY A 66 7.32 7.97 12.31
C GLY A 66 7.20 8.21 10.82
N THR A 67 8.31 8.08 10.11
CA THR A 67 8.34 8.32 8.67
C THR A 67 8.83 7.08 7.93
N LEU A 68 8.51 6.97 6.66
CA LEU A 68 8.88 5.81 5.87
C LEU A 68 10.40 5.67 5.74
N HIS A 69 10.93 4.59 6.31
CA HIS A 69 12.38 4.40 6.34
C HIS A 69 12.84 3.61 5.12
N ARG A 70 13.79 4.17 4.39
CA ARG A 70 14.30 3.55 3.16
C ARG A 70 14.95 2.21 3.44
N GLY A 71 15.71 2.12 4.53
CA GLY A 71 16.35 0.86 4.86
C GLY A 71 15.34 -0.23 5.13
N ASN A 72 14.31 0.07 5.91
CA ASN A 72 13.27 -0.93 6.20
C ASN A 72 12.51 -1.32 4.94
N THR A 73 12.32 -0.36 4.03
CA THR A 73 11.65 -0.64 2.78
C THR A 73 12.48 -1.60 1.93
N VAL A 74 13.77 -1.33 1.76
CA VAL A 74 14.59 -2.18 0.90
C VAL A 74 14.80 -3.55 1.56
N GLU A 75 14.93 -3.62 2.88
CA GLU A 75 15.12 -4.92 3.53
C GLU A 75 13.90 -5.80 3.45
N PHE A 76 12.71 -5.25 3.68
CA PHE A 76 11.51 -6.08 3.63
C PHE A 76 11.22 -6.51 2.21
N ALA A 77 11.48 -5.65 1.25
CA ALA A 77 11.27 -6.03 -0.14
C ALA A 77 12.28 -7.13 -0.54
N LYS A 78 13.50 -7.06 -0.04
CA LYS A 78 14.49 -8.11 -0.31
C LYS A 78 14.28 -9.43 0.41
N GLN A 79 13.38 -9.48 1.37
CA GLN A 79 12.98 -10.77 1.94
C GLN A 79 12.38 -11.64 0.84
N HIS A 80 11.65 -11.04 -0.08
CA HIS A 80 11.09 -11.78 -1.22
C HIS A 80 11.93 -11.59 -2.50
N GLY A 81 12.84 -10.63 -2.49
CA GLY A 81 13.89 -10.56 -3.50
C GLY A 81 13.87 -9.44 -4.52
N SER A 82 13.46 -8.24 -4.13
CA SER A 82 13.48 -7.09 -5.04
C SER A 82 14.90 -6.68 -5.39
N ASP A 83 15.05 -5.83 -6.38
CA ASP A 83 16.29 -5.08 -6.55
C ASP A 83 16.17 -3.88 -5.60
N ASP A 84 17.27 -3.52 -4.95
CA ASP A 84 17.28 -2.37 -4.04
C ASP A 84 16.92 -1.09 -4.75
N ALA A 85 17.32 -0.97 -6.01
CA ALA A 85 17.06 0.24 -6.77
C ALA A 85 15.55 0.46 -6.93
N MET A 86 14.83 -0.65 -7.12
CA MET A 86 13.39 -0.59 -7.32
C MET A 86 12.72 -0.30 -5.98
N ALA A 87 13.20 -0.92 -4.92
CA ALA A 87 12.62 -0.73 -3.60
C ALA A 87 12.88 0.67 -3.03
N HIS A 88 14.05 1.23 -3.30
CA HIS A 88 14.37 2.59 -2.86
C HIS A 88 13.47 3.59 -3.58
N GLN A 89 13.17 3.31 -4.84
CA GLN A 89 12.30 4.17 -5.64
C GLN A 89 10.89 4.25 -5.08
N LEU A 90 10.47 3.21 -4.36
CA LEU A 90 9.14 3.18 -3.77
C LEU A 90 8.95 4.30 -2.75
N VAL A 91 10.01 4.66 -2.05
CA VAL A 91 9.92 5.72 -1.04
C VAL A 91 9.82 7.08 -1.73
N ASP A 92 10.51 7.23 -2.86
CA ASP A 92 10.47 8.48 -3.61
C ASP A 92 9.10 8.71 -4.23
N ILE A 93 8.48 7.66 -4.77
CA ILE A 93 7.16 7.85 -5.35
C ILE A 93 6.11 8.05 -4.26
N VAL A 94 6.34 7.56 -3.04
CA VAL A 94 5.47 7.92 -1.90
C VAL A 94 5.60 9.40 -1.57
N HIS A 95 6.76 10.02 -1.74
CA HIS A 95 6.84 11.47 -1.53
C HIS A 95 5.98 12.22 -2.55
N ALA A 96 5.98 11.74 -3.79
CA ALA A 96 5.14 12.34 -4.82
C ALA A 96 3.65 12.09 -4.54
N CYS A 97 3.36 10.92 -3.98
CA CYS A 97 2.00 10.51 -3.61
C CYS A 97 1.38 11.43 -2.57
N GLU A 98 2.18 12.14 -1.79
CA GLU A 98 1.65 13.10 -0.80
C GLU A 98 0.86 14.23 -1.44
N LYS A 99 1.08 14.49 -2.72
CA LYS A 99 0.28 15.49 -3.43
C LYS A 99 -1.18 15.03 -3.54
N SER A 100 -1.37 13.73 -3.69
CA SER A 100 -2.71 13.15 -3.77
C SER A 100 -3.32 12.83 -2.39
N VAL A 101 -2.52 12.45 -1.42
CA VAL A 101 -3.04 12.20 -0.05
C VAL A 101 -2.68 13.36 0.90
N PRO A 102 -3.67 14.20 1.26
CA PRO A 102 -3.34 15.29 2.18
C PRO A 102 -3.12 14.80 3.62
N PRO A 103 -2.61 15.67 4.52
CA PRO A 103 -2.66 15.30 5.93
C PRO A 103 -4.08 15.04 6.43
N ASN A 104 -4.18 14.32 7.55
CA ASN A 104 -5.46 13.99 8.17
C ASN A 104 -5.37 14.13 9.68
N GLU A 105 -6.51 14.28 10.34
CA GLU A 105 -6.56 14.41 11.80
C GLU A 105 -6.25 13.08 12.46
N ASP A 106 -6.62 12.01 11.77
CA ASP A 106 -6.49 10.65 12.27
C ASP A 106 -5.57 9.86 11.36
N ASN A 107 -4.62 9.18 11.98
CA ASN A 107 -3.54 8.50 11.27
C ASN A 107 -4.03 7.32 10.43
N CYS A 108 -5.17 6.74 10.78
CA CYS A 108 -5.71 5.62 10.01
C CYS A 108 -6.10 6.12 8.62
N LEU A 109 -6.68 7.30 8.59
CA LEU A 109 -7.19 7.88 7.34
C LEU A 109 -6.02 8.15 6.40
N MET A 110 -4.94 8.64 7.00
CA MET A 110 -3.75 8.94 6.22
C MET A 110 -3.08 7.65 5.73
N ALA A 111 -3.00 6.63 6.58
CA ALA A 111 -2.38 5.36 6.19
C ALA A 111 -3.12 4.71 5.02
N LEU A 112 -4.45 4.78 5.04
CA LEU A 112 -5.24 4.28 3.92
C LEU A 112 -4.95 5.09 2.68
N GLY A 113 -4.93 6.41 2.81
CA GLY A 113 -4.75 7.27 1.65
C GLY A 113 -3.42 7.08 0.98
N ILE A 114 -2.37 6.93 1.78
CA ILE A 114 -1.02 6.68 1.26
C ILE A 114 -1.06 5.33 0.57
N SER A 115 -1.62 4.31 1.19
CA SER A 115 -1.62 2.98 0.57
C SER A 115 -2.38 2.93 -0.75
N MET A 116 -3.50 3.62 -0.84
CA MET A 116 -4.27 3.61 -2.08
C MET A 116 -3.59 4.39 -3.20
N CYS A 117 -2.98 5.53 -2.89
CA CYS A 117 -2.32 6.32 -3.91
C CYS A 117 -0.92 5.75 -4.24
N PHE A 118 -0.33 4.98 -3.33
CA PHE A 118 0.90 4.25 -3.63
C PHE A 118 0.68 3.25 -4.75
N LYS A 119 -0.47 2.59 -4.80
CA LYS A 119 -0.75 1.74 -5.97
C LYS A 119 -0.76 2.59 -7.23
N THR A 120 -1.42 3.74 -7.21
CA THR A 120 -1.47 4.63 -8.38
C THR A 120 -0.07 5.04 -8.86
N GLU A 121 0.83 5.32 -7.95
CA GLU A 121 2.19 5.66 -8.33
C GLU A 121 2.90 4.54 -9.07
N ILE A 122 2.69 3.31 -8.61
CA ILE A 122 3.33 2.14 -9.23
C ILE A 122 2.62 1.83 -10.56
N HIS A 123 1.32 2.11 -10.64
CA HIS A 123 0.56 1.96 -11.88
C HIS A 123 1.09 2.90 -12.96
N LYS A 124 1.48 4.12 -12.59
CA LYS A 124 2.08 5.05 -13.56
C LYS A 124 3.43 4.54 -14.06
N LEU A 125 4.13 3.81 -13.23
CA LEU A 125 5.40 3.19 -13.63
C LEU A 125 5.18 1.93 -14.47
N ASN A 126 3.93 1.45 -14.52
CA ASN A 126 3.50 0.24 -15.23
C ASN A 126 4.11 -1.03 -14.63
N TRP A 127 4.46 -0.96 -13.35
CA TRP A 127 5.20 -2.04 -12.68
C TRP A 127 4.41 -2.76 -11.58
N ALA A 128 3.10 -2.56 -11.51
CA ALA A 128 2.28 -3.18 -10.48
C ALA A 128 1.91 -4.63 -10.87
N PRO A 129 1.50 -5.46 -9.91
CA PRO A 129 0.96 -6.77 -10.32
C PRO A 129 -0.28 -6.72 -11.23
N ASP A 130 -1.09 -5.68 -11.06
CA ASP A 130 -2.41 -5.58 -11.71
C ASP A 130 -2.36 -5.22 -13.20
N HIS A 131 -2.22 -6.22 -14.07
CA HIS A 131 -2.15 -5.97 -15.50
C HIS A 131 -3.53 -5.64 -16.07
N GLU A 132 -4.60 -6.10 -15.43
CA GLU A 132 -5.94 -5.80 -15.93
C GLU A 132 -6.22 -4.30 -15.89
N LEU A 133 -5.70 -3.61 -14.89
CA LEU A 133 -5.93 -2.18 -14.79
C LEU A 133 -5.20 -1.45 -15.91
N LEU A 134 -4.00 -1.90 -16.23
CA LEU A 134 -3.25 -1.34 -17.36
C LEU A 134 -3.96 -1.64 -18.67
N LEU A 135 -4.54 -2.82 -18.81
CA LEU A 135 -5.23 -3.17 -20.05
C LEU A 135 -6.38 -2.20 -20.29
N GLU A 136 -7.13 -1.89 -19.24
CA GLU A 136 -8.24 -0.96 -19.41
C GLU A 136 -7.75 0.42 -19.80
N GLU A 137 -6.66 0.86 -19.18
CA GLU A 137 -6.07 2.16 -19.50
C GLU A 137 -5.53 2.21 -20.92
N MET A 138 -4.89 1.14 -21.38
CA MET A 138 -4.32 1.12 -22.72
C MET A 138 -5.40 1.09 -23.78
N MET A 139 -6.52 0.43 -23.51
CA MET A 139 -7.63 0.46 -24.46
C MET A 139 -8.33 1.82 -24.42
N ALA A 140 -8.33 2.46 -23.26
CA ALA A 140 -8.94 3.79 -23.13
C ALA A 140 -8.10 4.84 -23.85
N GLU A 141 -6.79 4.64 -23.92
CA GLU A 141 -5.88 5.51 -24.66
C GLU A 141 -6.13 5.48 -26.16
N MET A 142 -6.77 4.43 -26.67
CA MET A 142 -7.06 4.37 -28.10
C MET A 142 -8.22 5.31 -28.45
N LYS A 143 -9.07 5.60 -27.47
CA LYS A 143 -10.29 6.36 -27.72
C LYS A 143 -10.05 7.87 -27.88
N GLN A 144 -8.96 8.35 -27.30
CA GLN A 144 -8.59 9.77 -27.33
C GLN A 144 -7.20 9.84 -27.93
N SER A 1 12.49 -9.39 -10.07
CA SER A 1 12.10 -9.09 -8.67
C SER A 1 10.80 -8.27 -8.62
N GLN A 2 9.99 -8.24 -9.67
CA GLN A 2 8.76 -7.43 -9.65
C GLN A 2 7.65 -7.96 -8.73
N ALA A 3 7.53 -9.28 -8.62
CA ALA A 3 6.46 -9.91 -7.86
C ALA A 3 6.46 -9.55 -6.38
N VAL A 4 7.61 -9.15 -5.86
CA VAL A 4 7.75 -8.70 -4.48
C VAL A 4 6.78 -7.57 -4.16
N MET A 5 6.50 -6.69 -5.10
CA MET A 5 5.63 -5.55 -4.83
C MET A 5 4.16 -5.93 -4.60
N LYS A 6 3.80 -7.17 -4.91
CA LYS A 6 2.50 -7.73 -4.52
C LYS A 6 2.65 -8.74 -3.36
N ASP A 7 3.69 -9.55 -3.42
CA ASP A 7 3.91 -10.60 -2.43
C ASP A 7 4.20 -10.04 -1.03
N MET A 8 4.79 -8.86 -0.97
CA MET A 8 5.07 -8.21 0.30
C MET A 8 3.80 -7.89 1.07
N THR A 9 2.72 -7.59 0.36
CA THR A 9 1.43 -7.30 0.98
C THR A 9 0.97 -8.51 1.78
N LYS A 10 1.20 -9.69 1.22
CA LYS A 10 0.78 -10.94 1.87
C LYS A 10 1.50 -11.14 3.19
N ASN A 11 2.76 -10.73 3.30
CA ASN A 11 3.45 -10.85 4.57
C ASN A 11 3.01 -9.81 5.60
N PHE A 12 2.64 -8.63 5.14
CA PHE A 12 2.09 -7.62 6.04
C PHE A 12 0.79 -8.14 6.66
N ILE A 13 -0.12 -8.63 5.83
CA ILE A 13 -1.41 -9.13 6.31
C ILE A 13 -1.33 -10.51 6.96
N LYS A 14 -0.13 -11.06 7.08
CA LYS A 14 0.06 -12.32 7.84
C LYS A 14 -0.27 -12.08 9.32
N ALA A 15 -0.14 -10.83 9.76
CA ALA A 15 -0.50 -10.41 11.11
C ALA A 15 -1.82 -9.61 11.15
N TYR A 16 -2.65 -9.74 10.11
CA TYR A 16 -3.87 -8.93 10.03
C TYR A 16 -4.82 -9.19 11.18
N GLU A 17 -5.05 -10.45 11.51
CA GLU A 17 -5.96 -10.79 12.60
C GLU A 17 -5.41 -10.32 13.95
N VAL A 18 -4.09 -10.31 14.08
CA VAL A 18 -3.45 -9.86 15.32
C VAL A 18 -3.78 -8.39 15.52
N CYS A 19 -3.67 -7.61 14.45
CA CYS A 19 -4.00 -6.19 14.50
C CYS A 19 -5.51 -5.99 14.72
N ALA A 20 -6.34 -6.80 14.07
CA ALA A 20 -7.78 -6.69 14.24
C ALA A 20 -8.18 -6.90 15.69
N LYS A 21 -7.53 -7.83 16.38
CA LYS A 21 -7.78 -8.02 17.81
C LYS A 21 -7.18 -6.91 18.66
N GLU A 22 -5.98 -6.47 18.32
CA GLU A 22 -5.27 -5.45 19.08
C GLU A 22 -5.97 -4.09 19.07
N TYR A 23 -6.53 -3.73 17.93
CA TYR A 23 -7.20 -2.44 17.75
C TYR A 23 -8.72 -2.62 17.85
N ASN A 24 -9.12 -3.85 18.17
CA ASN A 24 -10.51 -4.26 18.37
C ASN A 24 -11.44 -3.92 17.20
N LEU A 25 -10.92 -4.11 15.99
CA LEU A 25 -11.59 -3.69 14.77
C LEU A 25 -12.75 -4.61 14.40
N PRO A 26 -13.78 -4.11 13.69
CA PRO A 26 -14.87 -5.00 13.27
C PRO A 26 -14.43 -5.98 12.17
N GLU A 27 -15.24 -6.99 11.92
CA GLU A 27 -14.96 -7.98 10.87
C GLU A 27 -15.08 -7.33 9.50
N ALA A 28 -15.88 -6.27 9.44
CA ALA A 28 -16.01 -5.44 8.26
C ALA A 28 -14.67 -4.87 7.79
N ALA A 29 -13.74 -4.59 8.70
CA ALA A 29 -12.44 -4.05 8.30
C ALA A 29 -11.70 -5.05 7.40
N GLY A 30 -11.80 -6.32 7.75
CA GLY A 30 -11.16 -7.37 6.95
C GLY A 30 -11.74 -7.42 5.55
N ALA A 31 -13.06 -7.31 5.47
CA ALA A 31 -13.74 -7.31 4.18
C ALA A 31 -13.37 -6.09 3.34
N GLU A 32 -13.23 -4.93 3.99
CA GLU A 32 -12.83 -3.71 3.29
C GLU A 32 -11.42 -3.80 2.73
N VAL A 33 -10.48 -4.34 3.49
CA VAL A 33 -9.10 -4.42 2.99
C VAL A 33 -9.05 -5.45 1.86
N MET A 34 -9.82 -6.53 1.98
CA MET A 34 -9.93 -7.48 0.86
C MET A 34 -10.68 -6.90 -0.33
N ASN A 35 -11.51 -5.88 -0.15
CA ASN A 35 -12.16 -5.26 -1.30
C ASN A 35 -11.13 -4.60 -2.18
N PHE A 36 -10.07 -4.01 -1.64
CA PHE A 36 -9.06 -3.39 -2.50
C PHE A 36 -8.25 -4.44 -3.26
N TRP A 37 -8.21 -5.66 -2.74
CA TRP A 37 -7.50 -6.76 -3.39
C TRP A 37 -8.28 -7.23 -4.64
N LYS A 38 -9.58 -6.96 -4.66
CA LYS A 38 -10.39 -7.27 -5.83
C LYS A 38 -9.96 -6.33 -6.95
N GLU A 39 -9.98 -6.81 -8.17
CA GLU A 39 -9.59 -5.99 -9.31
C GLU A 39 -10.62 -4.88 -9.52
N GLY A 40 -10.17 -3.65 -9.73
CA GLY A 40 -11.09 -2.57 -10.04
C GLY A 40 -11.94 -2.05 -8.87
N TYR A 41 -11.36 -1.93 -7.68
CA TYR A 41 -12.10 -1.49 -6.50
C TYR A 41 -11.51 -0.31 -5.71
N VAL A 42 -12.39 0.58 -5.24
CA VAL A 42 -12.05 1.70 -4.36
C VAL A 42 -13.06 1.77 -3.22
N LEU A 43 -12.60 1.75 -1.98
CA LEU A 43 -13.44 1.82 -0.78
C LEU A 43 -12.83 2.90 0.12
N THR A 44 -13.56 3.40 1.10
CA THR A 44 -13.04 4.43 2.01
C THR A 44 -13.58 4.31 3.43
N SER A 45 -12.95 3.49 4.26
CA SER A 45 -13.41 3.27 5.63
C SER A 45 -12.29 3.37 6.67
N ARG A 46 -12.60 3.87 7.85
CA ARG A 46 -11.58 4.19 8.85
C ARG A 46 -10.88 2.97 9.41
N GLU A 47 -11.63 1.93 9.73
CA GLU A 47 -11.03 0.76 10.40
C GLU A 47 -10.15 0.00 9.42
N ALA A 48 -10.55 0.02 8.16
CA ALA A 48 -9.72 -0.53 7.08
C ALA A 48 -8.37 0.18 7.03
N GLY A 49 -8.38 1.49 7.27
CA GLY A 49 -7.15 2.25 7.32
C GLY A 49 -6.30 1.98 8.54
N CYS A 50 -6.94 1.74 9.68
CA CYS A 50 -6.22 1.46 10.90
C CYS A 50 -5.56 0.08 10.78
N ALA A 51 -6.21 -0.79 10.04
CA ALA A 51 -5.69 -2.12 9.70
C ALA A 51 -4.47 -2.11 8.76
N ILE A 52 -4.07 -0.94 8.30
CA ILE A 52 -2.85 -0.78 7.49
C ILE A 52 -1.81 -0.09 8.35
N LEU A 53 -2.25 0.95 9.05
CA LEU A 53 -1.37 1.74 9.91
C LEU A 53 -0.74 0.87 11.01
N CYS A 54 -1.51 -0.07 11.54
CA CYS A 54 -0.97 -0.98 12.55
C CYS A 54 0.14 -1.88 12.03
N LEU A 55 0.14 -2.25 10.75
CA LEU A 55 1.06 -3.28 10.29
C LEU A 55 2.45 -2.73 10.06
N SER A 56 2.55 -1.48 9.61
CA SER A 56 3.87 -0.85 9.46
C SER A 56 4.41 -0.43 10.82
N SER A 57 3.54 0.00 11.71
CA SER A 57 3.95 0.42 13.05
C SER A 57 4.29 -0.76 13.96
N LYS A 58 3.73 -1.93 13.69
CA LYS A 58 4.04 -3.14 14.47
C LYS A 58 5.53 -3.46 14.49
N LEU A 59 6.18 -3.21 13.37
CA LEU A 59 7.61 -3.48 13.23
C LEU A 59 8.42 -2.20 13.11
N ASN A 60 7.72 -1.06 13.20
CA ASN A 60 8.28 0.28 13.05
C ASN A 60 9.13 0.41 11.79
N LEU A 61 8.51 0.08 10.66
CA LEU A 61 9.18 0.13 9.36
C LEU A 61 9.30 1.56 8.83
N LEU A 62 8.68 2.49 9.55
CA LEU A 62 8.75 3.91 9.26
C LEU A 62 9.93 4.53 10.01
N ASP A 63 10.28 5.75 9.61
CA ASP A 63 11.24 6.59 10.31
C ASP A 63 10.64 6.96 11.67
N PRO A 64 11.45 7.49 12.62
CA PRO A 64 10.77 7.95 13.85
C PRO A 64 9.83 9.13 13.63
N GLU A 65 9.97 9.83 12.51
CA GLU A 65 9.03 10.88 12.11
C GLU A 65 7.74 10.35 11.49
N GLY A 66 7.68 9.04 11.24
CA GLY A 66 6.52 8.45 10.58
C GLY A 66 6.59 8.55 9.06
N THR A 67 7.73 8.98 8.55
CA THR A 67 7.97 9.08 7.12
C THR A 67 8.52 7.74 6.64
N LEU A 68 8.54 7.50 5.33
CA LEU A 68 8.95 6.21 4.79
C LEU A 68 10.47 5.98 4.77
N HIS A 69 10.97 5.12 5.62
CA HIS A 69 12.43 4.92 5.72
C HIS A 69 13.00 4.13 4.54
N ARG A 70 13.97 4.72 3.85
CA ARG A 70 14.55 4.10 2.66
C ARG A 70 15.27 2.78 2.93
N GLY A 71 15.82 2.63 4.13
CA GLY A 71 16.50 1.38 4.46
C GLY A 71 15.50 0.27 4.73
N ASN A 72 14.48 0.52 5.54
CA ASN A 72 13.49 -0.51 5.84
C ASN A 72 12.70 -0.89 4.60
N THR A 73 12.55 0.04 3.67
CA THR A 73 11.88 -0.25 2.41
C THR A 73 12.59 -1.35 1.64
N VAL A 74 13.91 -1.33 1.58
CA VAL A 74 14.62 -2.39 0.87
C VAL A 74 14.81 -3.62 1.75
N GLU A 75 14.96 -3.42 3.04
CA GLU A 75 15.19 -4.50 3.99
C GLU A 75 14.02 -5.48 4.09
N PHE A 76 12.81 -4.95 4.24
CA PHE A 76 11.65 -5.82 4.35
C PHE A 76 11.41 -6.51 3.02
N ALA A 77 11.63 -5.77 1.94
CA ALA A 77 11.40 -6.32 0.61
C ALA A 77 12.41 -7.43 0.26
N LYS A 78 13.62 -7.38 0.80
CA LYS A 78 14.61 -8.43 0.56
C LYS A 78 14.25 -9.76 1.20
N GLN A 79 13.33 -9.76 2.15
CA GLN A 79 12.77 -11.01 2.68
C GLN A 79 12.12 -11.82 1.56
N HIS A 80 11.52 -11.11 0.61
CA HIS A 80 10.87 -11.71 -0.56
C HIS A 80 11.78 -11.77 -1.77
N GLY A 81 12.98 -11.22 -1.66
CA GLY A 81 13.94 -11.20 -2.75
C GLY A 81 13.87 -10.00 -3.68
N SER A 82 13.61 -8.82 -3.16
CA SER A 82 13.61 -7.61 -3.99
C SER A 82 15.00 -7.22 -4.44
N ASP A 83 15.08 -6.47 -5.53
CA ASP A 83 16.31 -5.77 -5.83
C ASP A 83 16.26 -4.46 -5.06
N ASP A 84 17.39 -4.04 -4.52
CA ASP A 84 17.44 -2.83 -3.70
C ASP A 84 17.03 -1.60 -4.49
N ALA A 85 17.39 -1.55 -5.77
CA ALA A 85 17.02 -0.41 -6.61
C ALA A 85 15.51 -0.39 -6.87
N MET A 86 14.92 -1.55 -7.09
CA MET A 86 13.49 -1.66 -7.36
C MET A 86 12.70 -1.25 -6.13
N ALA A 87 13.13 -1.72 -4.97
CA ALA A 87 12.45 -1.38 -3.73
C ALA A 87 12.68 0.09 -3.35
N HIS A 88 13.87 0.64 -3.60
CA HIS A 88 14.11 2.07 -3.33
C HIS A 88 13.21 2.96 -4.19
N GLN A 89 12.90 2.51 -5.39
CA GLN A 89 12.07 3.28 -6.31
C GLN A 89 10.70 3.59 -5.70
N LEU A 90 10.23 2.71 -4.83
CA LEU A 90 8.95 2.89 -4.15
C LEU A 90 8.91 4.15 -3.28
N VAL A 91 10.04 4.57 -2.74
CA VAL A 91 10.07 5.78 -1.91
C VAL A 91 10.01 7.01 -2.81
N ASP A 92 10.62 6.91 -3.97
CA ASP A 92 10.69 8.06 -4.86
C ASP A 92 9.37 8.33 -5.58
N ILE A 93 8.69 7.28 -6.01
CA ILE A 93 7.38 7.44 -6.68
C ILE A 93 6.28 7.80 -5.68
N VAL A 94 6.54 7.55 -4.41
CA VAL A 94 5.67 7.99 -3.31
C VAL A 94 5.49 9.51 -3.32
N HIS A 95 6.50 10.25 -3.76
CA HIS A 95 6.41 11.71 -3.79
C HIS A 95 5.28 12.20 -4.69
N ALA A 96 5.10 11.56 -5.83
CA ALA A 96 4.01 11.92 -6.73
C ALA A 96 2.67 11.49 -6.12
N CYS A 97 2.67 10.33 -5.46
CA CYS A 97 1.44 9.83 -4.87
C CYS A 97 0.98 10.62 -3.64
N GLU A 98 1.89 11.31 -2.98
CA GLU A 98 1.53 12.21 -1.88
C GLU A 98 0.70 13.37 -2.42
N LYS A 99 0.92 13.77 -3.66
CA LYS A 99 0.13 14.87 -4.24
C LYS A 99 -1.32 14.43 -4.43
N SER A 100 -1.53 13.14 -4.67
CA SER A 100 -2.87 12.57 -4.80
C SER A 100 -3.48 12.14 -3.47
N VAL A 101 -2.68 12.10 -2.41
CA VAL A 101 -3.18 11.78 -1.06
C VAL A 101 -2.71 12.87 -0.09
N PRO A 102 -3.48 13.98 0.01
CA PRO A 102 -3.08 15.00 0.99
C PRO A 102 -3.20 14.47 2.42
N PRO A 103 -2.55 15.13 3.39
CA PRO A 103 -2.72 14.64 4.76
C PRO A 103 -4.18 14.71 5.23
N ASN A 104 -4.55 13.83 6.15
CA ASN A 104 -5.91 13.80 6.69
C ASN A 104 -5.84 13.94 8.20
N GLU A 105 -6.92 14.44 8.77
CA GLU A 105 -7.08 14.61 10.21
C GLU A 105 -6.97 13.27 10.94
N ASP A 106 -7.34 12.18 10.29
CA ASP A 106 -7.17 10.86 10.86
C ASP A 106 -6.10 10.07 10.12
N ASN A 107 -5.13 9.57 10.87
CA ASN A 107 -4.00 8.86 10.28
C ASN A 107 -4.42 7.53 9.67
N CYS A 108 -5.52 6.95 10.12
CA CYS A 108 -6.00 5.72 9.49
C CYS A 108 -6.48 6.01 8.08
N LEU A 109 -7.21 7.09 7.88
CA LEU A 109 -7.72 7.42 6.54
C LEU A 109 -6.59 7.86 5.62
N MET A 110 -5.59 8.49 6.21
CA MET A 110 -4.40 8.87 5.45
C MET A 110 -3.64 7.62 5.01
N ALA A 111 -3.47 6.66 5.92
CA ALA A 111 -2.80 5.40 5.59
C ALA A 111 -3.58 4.62 4.54
N LEU A 112 -4.91 4.67 4.60
CA LEU A 112 -5.74 4.00 3.61
C LEU A 112 -5.51 4.58 2.22
N GLY A 113 -5.46 5.91 2.13
CA GLY A 113 -5.24 6.56 0.86
C GLY A 113 -3.88 6.22 0.31
N ILE A 114 -2.86 6.23 1.16
CA ILE A 114 -1.50 5.90 0.75
C ILE A 114 -1.42 4.44 0.30
N SER A 115 -2.13 3.51 0.96
CA SER A 115 -2.09 2.11 0.52
C SER A 115 -2.76 1.90 -0.84
N MET A 116 -3.77 2.71 -1.12
CA MET A 116 -4.43 2.64 -2.42
C MET A 116 -3.47 3.19 -3.46
N CYS A 117 -2.80 4.28 -3.10
CA CYS A 117 -1.83 4.93 -3.97
C CYS A 117 -0.57 4.10 -4.23
N PHE A 118 -0.19 3.26 -3.27
CA PHE A 118 0.93 2.32 -3.46
C PHE A 118 0.69 1.44 -4.68
N LYS A 119 -0.53 0.94 -4.87
CA LYS A 119 -0.75 0.12 -6.06
C LYS A 119 -0.82 1.01 -7.32
N THR A 120 -1.43 2.18 -7.18
CA THR A 120 -1.56 3.16 -8.28
C THR A 120 -0.22 3.62 -8.88
N GLU A 121 0.74 3.97 -8.06
CA GLU A 121 2.04 4.48 -8.53
C GLU A 121 2.84 3.40 -9.29
N ILE A 122 2.63 2.15 -8.92
CA ILE A 122 3.34 1.03 -9.55
C ILE A 122 2.63 0.69 -10.87
N HIS A 123 1.31 0.89 -10.95
CA HIS A 123 0.60 0.79 -12.23
C HIS A 123 1.14 1.85 -13.20
N LYS A 124 1.41 3.06 -12.72
CA LYS A 124 1.90 4.13 -13.60
C LYS A 124 3.25 3.77 -14.20
N LEU A 125 4.06 3.08 -13.43
CA LEU A 125 5.38 2.63 -13.91
C LEU A 125 5.30 1.41 -14.82
N ASN A 126 4.11 0.81 -14.93
CA ASN A 126 3.87 -0.46 -15.64
C ASN A 126 4.67 -1.60 -14.99
N TRP A 127 4.91 -1.48 -13.70
CA TRP A 127 5.66 -2.52 -13.00
C TRP A 127 4.72 -3.49 -12.30
N ALA A 128 3.46 -3.08 -12.15
CA ALA A 128 2.47 -3.90 -11.47
C ALA A 128 2.13 -5.11 -12.36
N PRO A 129 1.64 -6.22 -11.78
CA PRO A 129 1.31 -7.30 -12.71
C PRO A 129 0.10 -6.98 -13.58
N ASP A 130 -0.83 -6.22 -13.03
CA ASP A 130 -2.18 -6.04 -13.58
C ASP A 130 -2.26 -5.23 -14.87
N HIS A 131 -2.07 -5.90 -16.00
CA HIS A 131 -2.03 -5.24 -17.29
C HIS A 131 -3.35 -4.59 -17.65
N GLU A 132 -4.48 -5.18 -17.31
CA GLU A 132 -5.78 -4.58 -17.65
C GLU A 132 -5.99 -3.24 -16.98
N LEU A 133 -5.40 -3.06 -15.80
CA LEU A 133 -5.54 -1.81 -15.07
C LEU A 133 -4.61 -0.75 -15.64
N LEU A 134 -3.47 -1.16 -16.17
CA LEU A 134 -2.58 -0.24 -16.89
C LEU A 134 -3.32 0.24 -18.13
N LEU A 135 -3.91 -0.69 -18.86
CA LEU A 135 -4.58 -0.35 -20.11
C LEU A 135 -5.72 0.60 -19.80
N GLU A 136 -6.44 0.36 -18.72
CA GLU A 136 -7.57 1.21 -18.37
C GLU A 136 -7.11 2.64 -18.05
N GLU A 137 -5.98 2.76 -17.37
CA GLU A 137 -5.42 4.07 -17.06
C GLU A 137 -4.97 4.80 -18.31
N MET A 138 -4.31 4.09 -19.21
CA MET A 138 -3.80 4.72 -20.42
C MET A 138 -4.93 5.09 -21.36
N MET A 139 -5.96 4.26 -21.46
CA MET A 139 -7.11 4.54 -22.33
C MET A 139 -7.92 5.71 -21.80
N ALA A 140 -8.03 5.86 -20.49
CA ALA A 140 -8.78 6.99 -19.92
C ALA A 140 -8.08 8.31 -20.28
N GLU A 141 -6.76 8.27 -20.30
CA GLU A 141 -5.97 9.44 -20.67
C GLU A 141 -5.88 9.60 -22.19
N MET A 142 -6.10 8.53 -22.93
CA MET A 142 -6.08 8.57 -24.39
C MET A 142 -7.26 9.40 -24.89
N LYS A 143 -8.38 9.28 -24.20
CA LYS A 143 -9.61 10.05 -24.51
C LYS A 143 -9.43 11.56 -24.46
N GLN A 144 -8.45 12.03 -23.69
CA GLN A 144 -8.11 13.45 -23.60
C GLN A 144 -7.65 13.96 -24.97
N SER A 1 11.81 -9.44 -13.77
CA SER A 1 10.83 -10.07 -12.85
C SER A 1 10.40 -9.09 -11.77
N GLN A 2 9.11 -8.80 -11.66
CA GLN A 2 8.59 -7.82 -10.72
C GLN A 2 7.37 -8.41 -9.99
N ALA A 3 7.45 -9.69 -9.70
CA ALA A 3 6.35 -10.43 -9.08
C ALA A 3 6.28 -10.18 -7.57
N VAL A 4 7.43 -9.91 -6.98
CA VAL A 4 7.58 -9.72 -5.54
C VAL A 4 6.71 -8.57 -5.05
N MET A 5 6.50 -7.55 -5.87
CA MET A 5 5.58 -6.46 -5.53
C MET A 5 4.14 -6.89 -5.20
N LYS A 6 3.69 -8.03 -5.71
CA LYS A 6 2.36 -8.55 -5.37
C LYS A 6 2.42 -9.37 -4.10
N ASP A 7 3.49 -10.14 -3.96
CA ASP A 7 3.67 -11.00 -2.79
C ASP A 7 3.94 -10.19 -1.53
N MET A 8 4.54 -9.03 -1.71
CA MET A 8 4.82 -8.10 -0.62
C MET A 8 3.54 -7.64 0.05
N THR A 9 2.45 -7.51 -0.70
CA THR A 9 1.17 -7.14 -0.11
C THR A 9 0.70 -8.24 0.82
N LYS A 10 0.80 -9.50 0.37
CA LYS A 10 0.40 -10.64 1.19
C LYS A 10 1.26 -10.73 2.43
N ASN A 11 2.55 -10.47 2.27
CA ASN A 11 3.48 -10.53 3.40
C ASN A 11 3.21 -9.43 4.41
N PHE A 12 2.72 -8.27 3.97
CA PHE A 12 2.39 -7.17 4.87
C PHE A 12 1.16 -7.53 5.68
N ILE A 13 0.13 -8.04 5.01
CA ILE A 13 -1.10 -8.46 5.69
C ILE A 13 -0.97 -9.85 6.34
N LYS A 14 0.23 -10.40 6.42
CA LYS A 14 0.39 -11.72 7.05
C LYS A 14 -0.03 -11.68 8.51
N ALA A 15 0.26 -10.56 9.17
CA ALA A 15 -0.13 -10.34 10.57
C ALA A 15 -1.51 -9.66 10.73
N TYR A 16 -2.34 -9.67 9.69
CA TYR A 16 -3.64 -9.00 9.72
C TYR A 16 -4.53 -9.51 10.85
N GLU A 17 -4.55 -10.81 11.06
CA GLU A 17 -5.31 -11.41 12.16
C GLU A 17 -4.83 -10.92 13.53
N VAL A 18 -3.53 -10.79 13.68
CA VAL A 18 -2.93 -10.42 14.97
C VAL A 18 -3.33 -8.98 15.27
N CYS A 19 -3.29 -8.13 14.25
CA CYS A 19 -3.74 -6.74 14.38
C CYS A 19 -5.23 -6.66 14.68
N ALA A 20 -6.04 -7.44 13.98
CA ALA A 20 -7.49 -7.40 14.14
C ALA A 20 -7.89 -7.77 15.57
N LYS A 21 -7.11 -8.64 16.21
CA LYS A 21 -7.33 -8.95 17.62
C LYS A 21 -6.80 -7.86 18.54
N GLU A 22 -5.61 -7.32 18.28
CA GLU A 22 -5.03 -6.31 19.16
C GLU A 22 -5.82 -5.00 19.18
N TYR A 23 -6.28 -4.56 18.01
CA TYR A 23 -6.98 -3.28 17.87
C TYR A 23 -8.49 -3.50 17.90
N ASN A 24 -8.88 -4.76 18.09
CA ASN A 24 -10.27 -5.21 18.09
C ASN A 24 -11.05 -4.74 16.86
N LEU A 25 -10.43 -4.80 15.70
CA LEU A 25 -11.05 -4.30 14.48
C LEU A 25 -12.18 -5.26 14.09
N PRO A 26 -13.30 -4.73 13.57
CA PRO A 26 -14.35 -5.68 13.19
C PRO A 26 -13.97 -6.48 11.96
N GLU A 27 -14.68 -7.57 11.71
CA GLU A 27 -14.41 -8.41 10.54
C GLU A 27 -14.75 -7.68 9.25
N ALA A 28 -15.50 -6.59 9.38
CA ALA A 28 -15.76 -5.65 8.29
C ALA A 28 -14.47 -5.10 7.68
N ALA A 29 -13.45 -4.88 8.49
CA ALA A 29 -12.20 -4.28 8.03
C ALA A 29 -11.57 -5.17 6.95
N GLY A 30 -11.64 -6.48 7.15
CA GLY A 30 -11.07 -7.41 6.18
C GLY A 30 -11.72 -7.29 4.82
N ALA A 31 -13.02 -7.05 4.78
CA ALA A 31 -13.69 -6.86 3.51
C ALA A 31 -13.26 -5.53 2.90
N GLU A 32 -13.16 -4.48 3.70
CA GLU A 32 -12.82 -3.17 3.16
C GLU A 32 -11.41 -3.10 2.58
N VAL A 33 -10.44 -3.72 3.25
CA VAL A 33 -9.06 -3.70 2.73
C VAL A 33 -9.01 -4.50 1.42
N MET A 34 -9.75 -5.59 1.35
CA MET A 34 -9.82 -6.37 0.10
C MET A 34 -10.66 -5.70 -0.99
N ASN A 35 -11.61 -4.86 -0.61
CA ASN A 35 -12.45 -4.14 -1.58
C ASN A 35 -11.66 -3.12 -2.37
N PHE A 36 -10.50 -2.73 -1.87
CA PHE A 36 -9.59 -1.91 -2.66
C PHE A 36 -9.15 -2.66 -3.92
N TRP A 37 -8.94 -3.95 -3.80
CA TRP A 37 -8.51 -4.79 -4.92
C TRP A 37 -9.65 -5.25 -5.83
N LYS A 38 -10.88 -5.02 -5.39
CA LYS A 38 -12.04 -5.17 -6.27
C LYS A 38 -12.07 -3.95 -7.17
N GLU A 39 -12.49 -4.17 -8.40
CA GLU A 39 -12.55 -3.14 -9.42
C GLU A 39 -13.89 -2.42 -9.32
N GLY A 40 -13.86 -1.09 -9.32
CA GLY A 40 -15.07 -0.29 -9.23
C GLY A 40 -15.64 -0.16 -7.83
N TYR A 41 -15.05 -0.84 -6.87
CA TYR A 41 -15.45 -0.73 -5.47
C TYR A 41 -14.65 0.44 -4.93
N VAL A 42 -15.23 1.21 -4.04
CA VAL A 42 -14.61 2.42 -3.49
C VAL A 42 -14.86 2.46 -2.00
N LEU A 43 -13.84 2.69 -1.20
CA LEU A 43 -13.99 2.78 0.25
C LEU A 43 -13.04 3.82 0.86
N THR A 44 -13.45 4.36 1.99
CA THR A 44 -12.67 5.35 2.76
C THR A 44 -12.86 5.11 4.26
N SER A 45 -13.31 3.91 4.60
CA SER A 45 -13.66 3.53 5.98
C SER A 45 -12.44 3.54 6.90
N ARG A 46 -12.61 4.03 8.12
CA ARG A 46 -11.49 4.21 9.04
C ARG A 46 -10.90 2.87 9.45
N GLU A 47 -11.73 1.85 9.55
CA GLU A 47 -11.29 0.51 9.93
C GLU A 47 -10.27 -0.04 8.95
N ALA A 48 -10.47 0.25 7.67
CA ALA A 48 -9.56 -0.22 6.63
C ALA A 48 -8.21 0.43 6.81
N GLY A 49 -8.24 1.71 7.17
CA GLY A 49 -7.01 2.44 7.40
C GLY A 49 -6.29 2.04 8.66
N CYS A 50 -7.04 1.68 9.69
CA CYS A 50 -6.43 1.26 10.95
C CYS A 50 -5.78 -0.10 10.78
N ALA A 51 -6.30 -0.92 9.88
CA ALA A 51 -5.67 -2.18 9.54
C ALA A 51 -4.30 -1.99 8.88
N ILE A 52 -4.08 -0.86 8.23
CA ILE A 52 -2.79 -0.55 7.60
C ILE A 52 -1.87 0.09 8.64
N LEU A 53 -2.43 0.98 9.45
CA LEU A 53 -1.68 1.66 10.52
C LEU A 53 -1.16 0.69 11.57
N CYS A 54 -1.96 -0.28 11.96
CA CYS A 54 -1.55 -1.19 13.02
C CYS A 54 -0.35 -2.04 12.65
N LEU A 55 -0.22 -2.41 11.38
CA LEU A 55 0.85 -3.32 10.97
C LEU A 55 2.18 -2.60 11.04
N SER A 56 2.22 -1.33 10.66
CA SER A 56 3.47 -0.58 10.74
C SER A 56 3.77 -0.17 12.18
N SER A 57 2.75 0.21 12.95
CA SER A 57 2.96 0.67 14.32
C SER A 57 3.26 -0.45 15.30
N LYS A 58 2.94 -1.69 14.94
CA LYS A 58 3.34 -2.82 15.79
C LYS A 58 4.84 -3.02 15.78
N LEU A 59 5.50 -2.61 14.69
CA LEU A 59 6.94 -2.80 14.55
C LEU A 59 7.77 -1.52 14.65
N ASN A 60 7.16 -0.38 14.35
CA ASN A 60 7.80 0.95 14.43
C ASN A 60 9.10 1.05 13.62
N LEU A 61 9.10 0.44 12.45
CA LEU A 61 10.27 0.44 11.56
C LEU A 61 10.24 1.58 10.55
N LEU A 62 9.23 2.43 10.69
CA LEU A 62 9.12 3.66 9.91
C LEU A 62 10.15 4.65 10.44
N ASP A 63 10.38 5.74 9.72
CA ASP A 63 11.26 6.81 10.16
C ASP A 63 10.66 7.48 11.42
N PRO A 64 11.45 8.26 12.19
CA PRO A 64 10.86 8.87 13.38
C PRO A 64 9.78 9.93 13.09
N GLU A 65 9.65 10.32 11.84
CA GLU A 65 8.63 11.26 11.38
C GLU A 65 7.35 10.56 10.96
N GLY A 66 7.31 9.24 11.12
CA GLY A 66 6.15 8.44 10.77
C GLY A 66 6.04 8.14 9.29
N THR A 67 7.13 8.36 8.58
CA THR A 67 7.20 8.20 7.12
C THR A 67 7.80 6.87 6.71
N LEU A 68 7.51 6.43 5.50
CA LEU A 68 8.05 5.19 4.96
C LEU A 68 9.55 5.30 4.85
N HIS A 69 10.26 4.27 5.25
CA HIS A 69 11.72 4.31 5.40
C HIS A 69 12.39 3.44 4.35
N ARG A 70 13.40 3.96 3.66
CA ARG A 70 14.05 3.23 2.55
C ARG A 70 14.61 1.89 2.98
N GLY A 71 15.38 1.88 4.06
CA GLY A 71 15.97 0.63 4.53
C GLY A 71 14.93 -0.41 4.88
N ASN A 72 13.87 0.02 5.55
CA ASN A 72 12.79 -0.91 5.93
C ASN A 72 12.06 -1.43 4.68
N THR A 73 11.91 -0.58 3.69
CA THR A 73 11.23 -1.00 2.46
C THR A 73 12.07 -2.02 1.70
N VAL A 74 13.37 -1.76 1.55
CA VAL A 74 14.21 -2.70 0.79
C VAL A 74 14.33 -4.01 1.56
N GLU A 75 14.48 -3.97 2.88
CA GLU A 75 14.63 -5.20 3.65
C GLU A 75 13.38 -6.06 3.68
N PHE A 76 12.22 -5.47 3.82
CA PHE A 76 10.99 -6.25 3.90
C PHE A 76 10.69 -6.90 2.55
N ALA A 77 10.98 -6.19 1.48
CA ALA A 77 10.77 -6.74 0.15
C ALA A 77 11.79 -7.85 -0.14
N LYS A 78 13.02 -7.71 0.35
CA LYS A 78 14.07 -8.72 0.13
C LYS A 78 13.82 -10.06 0.80
N GLN A 79 12.96 -10.07 1.81
CA GLN A 79 12.53 -11.32 2.44
C GLN A 79 11.87 -12.24 1.41
N HIS A 80 11.28 -11.67 0.36
CA HIS A 80 10.69 -12.45 -0.73
C HIS A 80 11.48 -12.36 -2.04
N GLY A 81 12.65 -11.74 -2.00
CA GLY A 81 13.53 -11.69 -3.16
C GLY A 81 13.47 -10.52 -4.12
N SER A 82 13.14 -9.32 -3.66
CA SER A 82 13.19 -8.15 -4.53
C SER A 82 14.63 -7.71 -4.79
N ASP A 83 14.80 -6.81 -5.73
CA ASP A 83 16.06 -6.07 -5.91
C ASP A 83 15.92 -4.79 -5.10
N ASP A 84 16.97 -4.38 -4.41
CA ASP A 84 16.92 -3.16 -3.59
C ASP A 84 16.60 -1.95 -4.44
N ALA A 85 17.09 -1.91 -5.67
CA ALA A 85 16.91 -0.75 -6.53
C ALA A 85 15.42 -0.54 -6.84
N MET A 86 14.67 -1.62 -6.96
CA MET A 86 13.25 -1.53 -7.23
C MET A 86 12.47 -1.17 -5.97
N ALA A 87 12.91 -1.66 -4.82
CA ALA A 87 12.22 -1.33 -3.58
C ALA A 87 12.51 0.11 -3.13
N HIS A 88 13.70 0.62 -3.43
CA HIS A 88 14.05 2.02 -3.19
C HIS A 88 13.19 2.95 -4.05
N GLN A 89 12.88 2.51 -5.26
CA GLN A 89 12.05 3.28 -6.20
C GLN A 89 10.70 3.60 -5.57
N LEU A 90 10.21 2.69 -4.75
CA LEU A 90 8.89 2.86 -4.13
C LEU A 90 8.85 4.04 -3.18
N VAL A 91 9.93 4.26 -2.45
CA VAL A 91 10.00 5.35 -1.48
C VAL A 91 10.30 6.67 -2.21
N ASP A 92 10.98 6.55 -3.34
CA ASP A 92 11.25 7.74 -4.16
C ASP A 92 9.96 8.31 -4.75
N ILE A 93 9.11 7.44 -5.28
CA ILE A 93 7.86 7.89 -5.90
C ILE A 93 6.79 8.22 -4.85
N VAL A 94 7.00 7.78 -3.62
CA VAL A 94 6.16 8.16 -2.49
C VAL A 94 6.18 9.67 -2.27
N HIS A 95 7.26 10.35 -2.63
CA HIS A 95 7.29 11.82 -2.56
C HIS A 95 6.27 12.46 -3.50
N ALA A 96 6.10 11.90 -4.70
CA ALA A 96 5.14 12.44 -5.65
C ALA A 96 3.72 12.16 -5.14
N CYS A 97 3.58 11.03 -4.49
CA CYS A 97 2.29 10.63 -3.94
C CYS A 97 1.75 11.54 -2.85
N GLU A 98 2.61 12.27 -2.16
CA GLU A 98 2.15 13.19 -1.12
C GLU A 98 1.29 14.30 -1.70
N LYS A 99 1.46 14.61 -2.97
CA LYS A 99 0.66 15.64 -3.60
C LYS A 99 -0.73 15.08 -3.91
N SER A 100 -0.82 13.78 -4.08
CA SER A 100 -2.08 13.11 -4.36
C SER A 100 -2.88 12.80 -3.09
N VAL A 101 -2.21 12.51 -1.98
CA VAL A 101 -2.87 12.27 -0.70
C VAL A 101 -2.50 13.34 0.34
N PRO A 102 -3.43 14.26 0.65
CA PRO A 102 -3.08 15.21 1.71
C PRO A 102 -3.12 14.53 3.08
N PRO A 103 -2.44 15.10 4.10
CA PRO A 103 -2.61 14.46 5.41
C PRO A 103 -4.06 14.52 5.90
N ASN A 104 -4.48 13.52 6.66
CA ASN A 104 -5.82 13.53 7.26
C ASN A 104 -5.65 13.86 8.74
N GLU A 105 -6.74 14.26 9.38
CA GLU A 105 -6.73 14.51 10.83
C GLU A 105 -6.42 13.22 11.57
N ASP A 106 -6.96 12.11 11.08
CA ASP A 106 -6.74 10.82 11.73
C ASP A 106 -5.74 9.97 10.96
N ASN A 107 -4.82 9.36 11.69
CA ASN A 107 -3.74 8.60 11.08
C ASN A 107 -4.21 7.34 10.37
N CYS A 108 -5.34 6.76 10.76
CA CYS A 108 -5.85 5.61 10.01
C CYS A 108 -6.26 6.07 8.62
N LEU A 109 -6.93 7.21 8.54
CA LEU A 109 -7.41 7.71 7.26
C LEU A 109 -6.24 8.10 6.38
N MET A 110 -5.20 8.66 6.99
CA MET A 110 -4.00 9.01 6.24
C MET A 110 -3.29 7.75 5.74
N ALA A 111 -3.21 6.72 6.57
CA ALA A 111 -2.58 5.46 6.18
C ALA A 111 -3.33 4.81 5.02
N LEU A 112 -4.65 4.90 5.04
CA LEU A 112 -5.45 4.37 3.93
C LEU A 112 -5.13 5.13 2.66
N GLY A 113 -5.04 6.45 2.73
CA GLY A 113 -4.75 7.24 1.55
C GLY A 113 -3.37 6.98 0.99
N ILE A 114 -2.38 6.87 1.87
CA ILE A 114 -1.01 6.59 1.47
C ILE A 114 -0.95 5.21 0.83
N SER A 115 -1.60 4.21 1.41
CA SER A 115 -1.57 2.86 0.83
C SER A 115 -2.20 2.80 -0.56
N MET A 116 -3.26 3.56 -0.76
CA MET A 116 -3.91 3.57 -2.06
C MET A 116 -3.05 4.30 -3.07
N CYS A 117 -2.38 5.36 -2.63
CA CYS A 117 -1.52 6.12 -3.52
C CYS A 117 -0.28 5.31 -3.89
N PHE A 118 0.17 4.46 -2.99
CA PHE A 118 1.36 3.65 -3.19
C PHE A 118 1.30 2.88 -4.51
N LYS A 119 0.15 2.29 -4.84
CA LYS A 119 0.05 1.60 -6.13
C LYS A 119 -0.06 2.57 -7.30
N THR A 120 -0.66 3.73 -7.11
CA THR A 120 -0.92 4.69 -8.18
C THR A 120 0.36 5.10 -8.91
N GLU A 121 1.46 5.30 -8.19
CA GLU A 121 2.69 5.68 -8.88
C GLU A 121 3.33 4.55 -9.66
N ILE A 122 3.31 3.32 -9.16
CA ILE A 122 3.91 2.21 -9.91
C ILE A 122 2.99 1.84 -11.08
N HIS A 123 1.70 2.13 -10.94
CA HIS A 123 0.73 2.03 -12.04
C HIS A 123 1.05 3.05 -13.13
N LYS A 124 1.43 4.27 -12.77
CA LYS A 124 1.82 5.29 -13.74
C LYS A 124 3.13 4.94 -14.44
N LEU A 125 4.05 4.31 -13.71
CA LEU A 125 5.30 3.83 -14.29
C LEU A 125 5.11 2.59 -15.15
N ASN A 126 3.93 1.99 -15.03
CA ASN A 126 3.52 0.77 -15.73
C ASN A 126 4.42 -0.43 -15.43
N TRP A 127 4.94 -0.46 -14.21
CA TRP A 127 5.79 -1.55 -13.74
C TRP A 127 5.07 -2.35 -12.66
N ALA A 128 3.76 -2.12 -12.55
CA ALA A 128 2.94 -2.74 -11.54
C ALA A 128 2.65 -4.21 -11.86
N PRO A 129 2.36 -5.05 -10.84
CA PRO A 129 2.11 -6.46 -11.19
C PRO A 129 0.85 -6.75 -12.01
N ASP A 130 -0.19 -5.94 -11.86
CA ASP A 130 -1.49 -6.23 -12.46
C ASP A 130 -1.54 -5.77 -13.91
N HIS A 131 -1.11 -6.63 -14.81
CA HIS A 131 -0.98 -6.30 -16.23
C HIS A 131 -2.35 -5.95 -16.83
N GLU A 132 -3.41 -6.60 -16.37
CA GLU A 132 -4.74 -6.26 -16.87
C GLU A 132 -5.11 -4.83 -16.54
N LEU A 133 -4.74 -4.37 -15.35
CA LEU A 133 -5.05 -3.01 -14.93
C LEU A 133 -4.17 -2.01 -15.67
N LEU A 134 -2.95 -2.40 -16.01
CA LEU A 134 -2.08 -1.51 -16.79
C LEU A 134 -2.74 -1.25 -18.14
N LEU A 135 -3.23 -2.31 -18.76
CA LEU A 135 -3.90 -2.19 -20.05
C LEU A 135 -5.20 -1.42 -19.91
N GLU A 136 -5.94 -1.65 -18.84
CA GLU A 136 -7.20 -0.96 -18.60
C GLU A 136 -6.99 0.55 -18.46
N GLU A 137 -5.94 0.95 -17.75
CA GLU A 137 -5.61 2.36 -17.61
C GLU A 137 -5.15 2.97 -18.92
N MET A 138 -4.34 2.26 -19.68
CA MET A 138 -3.83 2.80 -20.93
C MET A 138 -4.96 2.92 -21.94
N MET A 139 -5.81 1.92 -22.06
CA MET A 139 -6.93 1.99 -23.00
C MET A 139 -7.90 3.09 -22.59
N ALA A 140 -8.10 3.32 -21.31
CA ALA A 140 -8.97 4.41 -20.87
C ALA A 140 -8.40 5.77 -21.27
N GLU A 141 -7.10 5.94 -21.07
CA GLU A 141 -6.47 7.23 -21.38
C GLU A 141 -6.46 7.48 -22.88
N MET A 142 -6.21 6.44 -23.66
CA MET A 142 -6.10 6.54 -25.12
C MET A 142 -7.47 6.65 -25.81
N LYS A 143 -8.54 6.29 -25.12
CA LYS A 143 -9.91 6.39 -25.64
C LYS A 143 -10.39 7.83 -25.57
N GLN A 144 -10.16 8.60 -26.63
CA GLN A 144 -10.54 10.00 -26.71
C GLN A 144 -11.20 10.21 -28.06
N SER A 1 10.78 -10.93 -10.66
CA SER A 1 10.81 -9.51 -11.10
C SER A 1 9.66 -8.71 -10.49
N GLN A 2 8.55 -8.55 -11.19
CA GLN A 2 7.47 -7.66 -10.77
C GLN A 2 6.37 -8.33 -9.98
N ALA A 3 6.16 -9.64 -10.17
CA ALA A 3 5.13 -10.39 -9.44
C ALA A 3 5.32 -10.30 -7.91
N VAL A 4 6.56 -10.07 -7.52
CA VAL A 4 6.94 -9.86 -6.13
C VAL A 4 6.11 -8.76 -5.49
N MET A 5 5.76 -7.73 -6.23
CA MET A 5 5.04 -6.60 -5.67
C MET A 5 3.66 -6.98 -5.14
N LYS A 6 3.04 -8.00 -5.70
CA LYS A 6 1.76 -8.48 -5.16
C LYS A 6 2.00 -9.34 -3.93
N ASP A 7 3.04 -10.15 -3.99
CA ASP A 7 3.36 -11.09 -2.92
C ASP A 7 3.84 -10.34 -1.68
N MET A 8 4.41 -9.17 -1.90
CA MET A 8 4.85 -8.26 -0.84
C MET A 8 3.68 -7.75 -0.01
N THR A 9 2.49 -7.64 -0.58
CA THR A 9 1.30 -7.31 0.20
C THR A 9 1.00 -8.46 1.15
N LYS A 10 1.09 -9.68 0.66
CA LYS A 10 0.83 -10.86 1.50
C LYS A 10 1.86 -10.95 2.63
N ASN A 11 3.10 -10.57 2.35
CA ASN A 11 4.12 -10.54 3.38
C ASN A 11 3.84 -9.48 4.44
N PHE A 12 3.35 -8.31 4.03
CA PHE A 12 3.02 -7.24 4.97
C PHE A 12 1.90 -7.63 5.91
N ILE A 13 0.87 -8.31 5.42
CA ILE A 13 -0.29 -8.65 6.23
C ILE A 13 -0.11 -9.91 7.08
N LYS A 14 1.12 -10.40 7.21
CA LYS A 14 1.38 -11.60 8.01
C LYS A 14 0.85 -11.49 9.44
N ALA A 15 1.00 -10.33 10.08
CA ALA A 15 0.46 -10.11 11.43
C ALA A 15 -0.76 -9.18 11.45
N TYR A 16 -1.56 -9.20 10.38
CA TYR A 16 -2.78 -8.40 10.28
C TYR A 16 -3.75 -8.72 11.41
N GLU A 17 -3.89 -9.98 11.74
CA GLU A 17 -4.78 -10.44 12.81
C GLU A 17 -4.35 -9.91 14.17
N VAL A 18 -3.04 -9.83 14.40
CA VAL A 18 -2.52 -9.36 15.68
C VAL A 18 -2.90 -7.89 15.83
N CYS A 19 -2.79 -7.13 14.74
CA CYS A 19 -3.16 -5.73 14.82
C CYS A 19 -4.68 -5.52 14.87
N ALA A 20 -5.41 -6.45 14.27
CA ALA A 20 -6.86 -6.40 14.32
C ALA A 20 -7.33 -6.58 15.76
N LYS A 21 -6.66 -7.45 16.50
CA LYS A 21 -6.93 -7.61 17.93
C LYS A 21 -6.53 -6.37 18.71
N GLU A 22 -5.38 -5.80 18.37
CA GLU A 22 -4.86 -4.62 19.07
C GLU A 22 -5.77 -3.40 18.96
N TYR A 23 -6.27 -3.12 17.77
CA TYR A 23 -7.16 -1.98 17.59
C TYR A 23 -8.62 -2.38 17.78
N ASN A 24 -8.85 -3.66 18.04
CA ASN A 24 -10.18 -4.28 18.19
C ASN A 24 -11.08 -3.98 16.98
N LEU A 25 -10.50 -4.09 15.79
CA LEU A 25 -11.20 -3.77 14.55
C LEU A 25 -12.26 -4.83 14.23
N PRO A 26 -13.34 -4.46 13.52
CA PRO A 26 -14.23 -5.52 13.07
C PRO A 26 -13.59 -6.36 11.97
N GLU A 27 -14.12 -7.56 11.76
CA GLU A 27 -13.74 -8.43 10.65
C GLU A 27 -13.98 -7.76 9.29
N ALA A 28 -14.92 -6.81 9.25
CA ALA A 28 -15.20 -6.03 8.06
C ALA A 28 -13.97 -5.25 7.56
N ALA A 29 -13.06 -4.89 8.45
CA ALA A 29 -11.84 -4.17 8.05
C ALA A 29 -11.01 -5.04 7.10
N GLY A 30 -11.01 -6.35 7.32
CA GLY A 30 -10.27 -7.26 6.47
C GLY A 30 -10.83 -7.25 5.06
N ALA A 31 -12.14 -7.27 4.96
CA ALA A 31 -12.80 -7.24 3.66
C ALA A 31 -12.56 -5.90 2.97
N GLU A 32 -12.60 -4.81 3.72
CA GLU A 32 -12.37 -3.49 3.15
C GLU A 32 -10.96 -3.32 2.58
N VAL A 33 -9.96 -3.87 3.27
CA VAL A 33 -8.58 -3.81 2.77
C VAL A 33 -8.48 -4.65 1.50
N MET A 34 -9.14 -5.81 1.46
CA MET A 34 -9.13 -6.63 0.24
C MET A 34 -9.91 -6.01 -0.92
N ASN A 35 -10.93 -5.21 -0.62
CA ASN A 35 -11.75 -4.60 -1.67
C ASN A 35 -10.92 -3.67 -2.55
N PHE A 36 -9.87 -3.08 -2.02
CA PHE A 36 -8.98 -2.24 -2.84
C PHE A 36 -8.37 -3.02 -4.00
N TRP A 37 -8.03 -4.28 -3.78
CA TRP A 37 -7.36 -5.09 -4.79
C TRP A 37 -8.31 -5.62 -5.85
N LYS A 38 -9.61 -5.58 -5.59
CA LYS A 38 -10.59 -6.06 -6.55
C LYS A 38 -10.59 -5.15 -7.77
N GLU A 39 -10.82 -5.72 -8.93
CA GLU A 39 -10.73 -4.94 -10.16
C GLU A 39 -11.99 -4.10 -10.32
N GLY A 40 -11.81 -2.80 -10.55
CA GLY A 40 -12.95 -1.90 -10.70
C GLY A 40 -13.73 -1.59 -9.44
N TYR A 41 -13.03 -1.53 -8.31
CA TYR A 41 -13.63 -1.25 -7.00
C TYR A 41 -12.99 -0.04 -6.33
N VAL A 42 -13.77 0.75 -5.61
CA VAL A 42 -13.25 1.85 -4.79
C VAL A 42 -14.03 1.87 -3.48
N LEU A 43 -13.35 1.76 -2.35
CA LEU A 43 -13.95 1.82 -1.02
C LEU A 43 -13.15 2.78 -0.14
N THR A 44 -13.80 3.36 0.86
CA THR A 44 -13.12 4.15 1.88
C THR A 44 -13.75 3.96 3.27
N SER A 45 -13.05 3.29 4.17
CA SER A 45 -13.46 3.21 5.57
C SER A 45 -12.29 3.53 6.50
N ARG A 46 -12.61 4.04 7.69
CA ARG A 46 -11.58 4.38 8.66
C ARG A 46 -10.85 3.12 9.09
N GLU A 47 -11.56 2.03 9.25
CA GLU A 47 -10.98 0.79 9.76
C GLU A 47 -9.96 0.20 8.80
N ALA A 48 -10.18 0.35 7.49
CA ALA A 48 -9.23 -0.16 6.51
C ALA A 48 -7.90 0.59 6.65
N GLY A 49 -8.00 1.90 6.86
CA GLY A 49 -6.81 2.70 7.03
C GLY A 49 -6.14 2.44 8.36
N CYS A 50 -6.94 2.21 9.39
CA CYS A 50 -6.39 1.94 10.71
C CYS A 50 -5.67 0.60 10.73
N ALA A 51 -6.12 -0.37 9.95
CA ALA A 51 -5.42 -1.65 9.89
C ALA A 51 -3.99 -1.47 9.38
N ILE A 52 -3.83 -0.63 8.37
CA ILE A 52 -2.53 -0.42 7.74
C ILE A 52 -1.65 0.45 8.66
N LEU A 53 -2.25 1.49 9.22
CA LEU A 53 -1.54 2.38 10.13
C LEU A 53 -1.08 1.61 11.36
N CYS A 54 -1.99 0.85 11.95
CA CYS A 54 -1.68 0.16 13.19
C CYS A 54 -0.64 -0.90 12.94
N LEU A 55 -0.67 -1.61 11.82
CA LEU A 55 0.32 -2.69 11.64
C LEU A 55 1.74 -2.14 11.53
N SER A 56 1.89 -1.02 10.85
CA SER A 56 3.21 -0.40 10.74
C SER A 56 3.75 0.07 12.10
N SER A 57 2.85 0.48 12.98
CA SER A 57 3.23 0.99 14.30
C SER A 57 3.22 -0.06 15.41
N LYS A 58 2.50 -1.16 15.24
CA LYS A 58 2.51 -2.29 16.18
C LYS A 58 3.87 -2.97 16.10
N LEU A 59 4.40 -3.07 14.90
CA LEU A 59 5.74 -3.60 14.71
C LEU A 59 6.80 -2.51 14.78
N ASN A 60 6.35 -1.25 14.81
CA ASN A 60 7.21 -0.06 14.88
C ASN A 60 8.23 -0.06 13.74
N LEU A 61 7.79 -0.41 12.54
CA LEU A 61 8.71 -0.57 11.41
C LEU A 61 9.29 0.74 10.93
N LEU A 62 8.61 1.86 11.15
CA LEU A 62 9.13 3.15 10.72
C LEU A 62 10.45 3.46 11.43
N ASP A 63 11.18 4.40 10.84
CA ASP A 63 12.45 4.89 11.38
C ASP A 63 12.19 5.49 12.76
N PRO A 64 13.23 5.66 13.60
CA PRO A 64 12.93 6.29 14.91
C PRO A 64 12.49 7.75 14.82
N GLU A 65 12.59 8.37 13.65
CA GLU A 65 12.07 9.71 13.43
C GLU A 65 10.62 9.71 12.91
N GLY A 66 10.02 8.53 12.78
CA GLY A 66 8.66 8.43 12.24
C GLY A 66 8.62 8.64 10.74
N THR A 67 9.69 8.25 10.08
CA THR A 67 9.83 8.43 8.63
C THR A 67 9.89 7.06 7.96
N LEU A 68 9.64 7.04 6.66
CA LEU A 68 9.50 5.81 5.88
C LEU A 68 10.78 4.99 5.88
N HIS A 69 10.63 3.70 6.12
CA HIS A 69 11.78 2.84 6.38
C HIS A 69 12.52 2.31 5.15
N ARG A 70 13.52 3.02 4.63
CA ARG A 70 14.27 2.53 3.46
C ARG A 70 14.95 1.19 3.72
N GLY A 71 15.42 0.96 4.94
CA GLY A 71 16.02 -0.32 5.27
C GLY A 71 15.02 -1.46 5.28
N ASN A 72 13.96 -1.35 6.07
CA ASN A 72 12.96 -2.42 6.13
C ASN A 72 12.26 -2.64 4.79
N THR A 73 12.12 -1.61 3.96
CA THR A 73 11.46 -1.81 2.67
C THR A 73 12.25 -2.74 1.78
N VAL A 74 13.57 -2.55 1.66
CA VAL A 74 14.34 -3.42 0.78
C VAL A 74 14.39 -4.82 1.40
N GLU A 75 14.45 -4.90 2.72
CA GLU A 75 14.47 -6.19 3.40
C GLU A 75 13.17 -6.97 3.15
N PHE A 76 12.02 -6.38 3.46
CA PHE A 76 10.76 -7.10 3.32
C PHE A 76 10.41 -7.42 1.88
N ALA A 77 10.73 -6.54 0.93
CA ALA A 77 10.42 -6.82 -0.46
C ALA A 77 11.24 -8.01 -0.95
N LYS A 78 12.49 -8.09 -0.53
CA LYS A 78 13.36 -9.21 -0.90
C LYS A 78 13.00 -10.53 -0.24
N GLN A 79 12.10 -10.54 0.74
CA GLN A 79 11.61 -11.80 1.29
C GLN A 79 10.79 -12.60 0.27
N HIS A 80 10.28 -11.94 -0.77
CA HIS A 80 9.71 -12.63 -1.94
C HIS A 80 10.49 -12.38 -3.23
N GLY A 81 11.74 -11.94 -3.10
CA GLY A 81 12.63 -11.90 -4.26
C GLY A 81 12.66 -10.66 -5.14
N SER A 82 12.46 -9.47 -4.58
CA SER A 82 12.49 -8.24 -5.38
C SER A 82 13.91 -7.85 -5.77
N ASP A 83 14.01 -6.81 -6.57
CA ASP A 83 15.27 -6.12 -6.83
C ASP A 83 15.40 -5.03 -5.77
N ASP A 84 16.61 -4.68 -5.36
CA ASP A 84 16.79 -3.65 -4.33
C ASP A 84 16.32 -2.29 -4.80
N ALA A 85 16.62 -1.93 -6.04
CA ALA A 85 16.29 -0.61 -6.54
C ALA A 85 14.77 -0.43 -6.69
N MET A 86 14.08 -1.50 -7.07
CA MET A 86 12.63 -1.44 -7.18
C MET A 86 12.05 -1.22 -5.79
N ALA A 87 12.60 -1.90 -4.79
CA ALA A 87 12.11 -1.74 -3.43
C ALA A 87 12.46 -0.37 -2.84
N HIS A 88 13.64 0.15 -3.12
CA HIS A 88 14.04 1.47 -2.66
C HIS A 88 13.18 2.57 -3.29
N GLN A 89 12.80 2.37 -4.55
CA GLN A 89 11.90 3.28 -5.25
C GLN A 89 10.52 3.35 -4.59
N LEU A 90 10.11 2.32 -3.85
CA LEU A 90 8.83 2.37 -3.13
C LEU A 90 8.82 3.44 -2.04
N VAL A 91 9.97 3.78 -1.48
CA VAL A 91 10.00 4.88 -0.50
C VAL A 91 10.04 6.19 -1.27
N ASP A 92 10.79 6.21 -2.35
CA ASP A 92 10.96 7.44 -3.12
C ASP A 92 9.64 7.92 -3.72
N ILE A 93 8.78 7.03 -4.19
CA ILE A 93 7.47 7.43 -4.70
C ILE A 93 6.50 8.00 -3.66
N VAL A 94 6.70 7.81 -2.37
CA VAL A 94 5.73 8.33 -1.41
C VAL A 94 5.81 9.86 -1.38
N HIS A 95 6.98 10.36 -1.73
CA HIS A 95 7.21 11.79 -1.82
C HIS A 95 6.37 12.41 -2.94
N ALA A 96 6.12 11.64 -4.00
CA ALA A 96 5.17 12.04 -5.04
C ALA A 96 3.73 11.80 -4.56
N CYS A 97 3.53 10.66 -3.93
CA CYS A 97 2.21 10.19 -3.52
C CYS A 97 1.49 11.15 -2.59
N GLU A 98 2.23 11.76 -1.68
CA GLU A 98 1.69 12.75 -0.75
C GLU A 98 0.96 13.90 -1.44
N LYS A 99 1.30 14.21 -2.69
CA LYS A 99 0.63 15.27 -3.43
C LYS A 99 -0.82 14.92 -3.72
N SER A 100 -1.12 13.65 -3.95
CA SER A 100 -2.48 13.22 -4.25
C SER A 100 -3.27 12.91 -2.99
N VAL A 101 -2.59 12.90 -1.86
CA VAL A 101 -3.20 12.54 -0.58
C VAL A 101 -3.18 13.76 0.33
N PRO A 102 -4.24 14.58 0.30
CA PRO A 102 -4.17 15.64 1.31
C PRO A 102 -4.27 15.02 2.71
N PRO A 103 -3.60 15.62 3.71
CA PRO A 103 -3.66 15.00 5.04
C PRO A 103 -5.05 15.11 5.63
N ASN A 104 -5.36 14.21 6.54
CA ASN A 104 -6.73 14.04 7.05
C ASN A 104 -6.87 14.46 8.50
N GLU A 105 -8.12 14.49 8.93
CA GLU A 105 -8.49 14.73 10.33
C GLU A 105 -8.06 13.54 11.19
N ASP A 106 -7.89 12.39 10.55
CA ASP A 106 -7.58 11.13 11.20
C ASP A 106 -6.42 10.46 10.47
N ASN A 107 -5.42 10.00 11.22
CA ASN A 107 -4.22 9.43 10.60
C ASN A 107 -4.54 8.13 9.89
N CYS A 108 -5.60 7.44 10.28
CA CYS A 108 -6.01 6.23 9.60
C CYS A 108 -6.41 6.55 8.16
N LEU A 109 -7.15 7.63 7.97
CA LEU A 109 -7.63 7.97 6.64
C LEU A 109 -6.50 8.51 5.77
N MET A 110 -5.52 9.17 6.38
CA MET A 110 -4.34 9.58 5.61
C MET A 110 -3.55 8.34 5.19
N ALA A 111 -3.40 7.38 6.09
CA ALA A 111 -2.69 6.14 5.78
C ALA A 111 -3.42 5.38 4.67
N LEU A 112 -4.74 5.37 4.70
CA LEU A 112 -5.50 4.71 3.63
C LEU A 112 -5.23 5.37 2.29
N GLY A 113 -5.23 6.70 2.26
CA GLY A 113 -4.98 7.40 1.02
C GLY A 113 -3.61 7.07 0.46
N ILE A 114 -2.60 7.07 1.32
CA ILE A 114 -1.24 6.72 0.89
C ILE A 114 -1.22 5.27 0.39
N SER A 115 -1.87 4.35 1.10
CA SER A 115 -1.84 2.95 0.69
C SER A 115 -2.49 2.69 -0.67
N MET A 116 -3.54 3.43 -1.00
CA MET A 116 -4.17 3.27 -2.31
C MET A 116 -3.24 3.84 -3.38
N CYS A 117 -2.70 5.00 -3.08
CA CYS A 117 -1.84 5.74 -3.99
C CYS A 117 -0.46 5.10 -4.22
N PHE A 118 -0.04 4.21 -3.33
CA PHE A 118 1.17 3.41 -3.55
C PHE A 118 1.08 2.66 -4.88
N LYS A 119 -0.07 2.07 -5.16
CA LYS A 119 -0.23 1.35 -6.43
C LYS A 119 -0.25 2.34 -7.57
N THR A 120 -0.94 3.45 -7.38
CA THR A 120 -1.08 4.48 -8.39
C THR A 120 0.23 5.07 -8.85
N GLU A 121 1.17 5.35 -7.96
CA GLU A 121 2.45 5.90 -8.40
C GLU A 121 3.25 4.92 -9.26
N ILE A 122 3.25 3.64 -8.91
CA ILE A 122 3.97 2.63 -9.70
C ILE A 122 3.22 2.40 -11.03
N HIS A 123 1.90 2.46 -10.97
CA HIS A 123 1.05 2.35 -12.17
C HIS A 123 1.32 3.50 -13.14
N LYS A 124 1.57 4.70 -12.63
CA LYS A 124 1.99 5.83 -13.48
C LYS A 124 3.40 5.68 -14.03
N LEU A 125 4.28 4.97 -13.33
CA LEU A 125 5.62 4.65 -13.85
C LEU A 125 5.58 3.51 -14.86
N ASN A 126 4.42 2.88 -14.99
CA ASN A 126 4.15 1.73 -15.85
C ASN A 126 5.01 0.53 -15.45
N TRP A 127 5.30 0.40 -14.16
CA TRP A 127 6.18 -0.67 -13.66
C TRP A 127 5.46 -1.66 -12.74
N ALA A 128 4.14 -1.67 -12.76
CA ALA A 128 3.39 -2.57 -11.89
C ALA A 128 3.28 -3.94 -12.58
N PRO A 129 3.14 -5.05 -11.82
CA PRO A 129 2.91 -6.33 -12.51
C PRO A 129 1.54 -6.46 -13.17
N ASP A 130 0.62 -5.58 -12.84
CA ASP A 130 -0.72 -5.57 -13.44
C ASP A 130 -0.70 -4.90 -14.82
N HIS A 131 0.01 -5.50 -15.77
CA HIS A 131 0.08 -4.97 -17.13
C HIS A 131 -1.28 -4.94 -17.81
N GLU A 132 -2.12 -5.94 -17.56
CA GLU A 132 -3.44 -5.99 -18.20
C GLU A 132 -4.33 -4.87 -17.69
N LEU A 133 -4.13 -4.45 -16.45
CA LEU A 133 -4.91 -3.35 -15.88
C LEU A 133 -4.45 -2.05 -16.50
N LEU A 134 -3.16 -1.94 -16.74
CA LEU A 134 -2.63 -0.75 -17.39
C LEU A 134 -3.17 -0.68 -18.82
N LEU A 135 -3.19 -1.79 -19.53
CA LEU A 135 -3.75 -1.83 -20.88
C LEU A 135 -5.22 -1.43 -20.87
N GLU A 136 -5.96 -1.95 -19.90
CA GLU A 136 -7.40 -1.67 -19.82
C GLU A 136 -7.64 -0.18 -19.61
N GLU A 137 -6.83 0.45 -18.79
CA GLU A 137 -6.95 1.88 -18.60
C GLU A 137 -6.48 2.68 -19.80
N MET A 138 -5.44 2.25 -20.49
CA MET A 138 -4.98 2.99 -21.67
C MET A 138 -5.96 2.85 -22.84
N MET A 139 -6.67 1.73 -22.94
CA MET A 139 -7.73 1.61 -23.94
C MET A 139 -8.90 2.52 -23.56
N ALA A 140 -9.15 2.71 -22.27
CA ALA A 140 -10.18 3.64 -21.83
C ALA A 140 -9.74 5.10 -22.03
N GLU A 141 -8.45 5.35 -21.99
CA GLU A 141 -7.89 6.69 -22.19
C GLU A 141 -8.12 7.18 -23.63
N MET A 142 -8.30 6.24 -24.55
CA MET A 142 -8.62 6.57 -25.94
C MET A 142 -9.99 7.25 -26.05
N LYS A 143 -10.83 7.07 -25.05
CA LYS A 143 -12.16 7.68 -25.02
C LYS A 143 -12.11 9.15 -24.58
N GLN A 144 -11.01 9.57 -23.98
CA GLN A 144 -10.84 10.98 -23.62
C GLN A 144 -10.52 11.74 -24.88
N SER A 1 11.20 -10.41 -9.90
CA SER A 1 10.33 -9.81 -10.94
C SER A 1 9.31 -8.89 -10.28
N GLN A 2 8.39 -8.30 -11.03
CA GLN A 2 7.35 -7.46 -10.46
C GLN A 2 6.39 -8.26 -9.57
N ALA A 3 6.24 -9.55 -9.83
CA ALA A 3 5.41 -10.43 -9.00
C ALA A 3 5.77 -10.42 -7.51
N VAL A 4 7.03 -10.11 -7.21
CA VAL A 4 7.51 -9.99 -5.84
C VAL A 4 6.72 -8.96 -5.05
N MET A 5 6.23 -7.92 -5.72
CA MET A 5 5.51 -6.84 -5.06
C MET A 5 4.18 -7.33 -4.49
N LYS A 6 3.65 -8.44 -5.02
CA LYS A 6 2.44 -9.05 -4.46
C LYS A 6 2.78 -9.91 -3.25
N ASP A 7 3.90 -10.61 -3.32
CA ASP A 7 4.31 -11.47 -2.20
C ASP A 7 4.78 -10.64 -1.01
N MET A 8 5.28 -9.44 -1.29
CA MET A 8 5.63 -8.49 -0.25
C MET A 8 4.39 -8.05 0.54
N THR A 9 3.25 -7.96 -0.12
CA THR A 9 2.00 -7.60 0.55
C THR A 9 1.65 -8.66 1.59
N LYS A 10 1.89 -9.93 1.26
CA LYS A 10 1.58 -11.05 2.16
C LYS A 10 2.39 -10.98 3.45
N ASN A 11 3.63 -10.52 3.36
CA ASN A 11 4.44 -10.35 4.57
C ASN A 11 3.97 -9.19 5.42
N PHE A 12 3.48 -8.11 4.81
CA PHE A 12 2.94 -6.99 5.57
C PHE A 12 1.71 -7.44 6.37
N ILE A 13 0.82 -8.17 5.73
CA ILE A 13 -0.41 -8.66 6.38
C ILE A 13 -0.21 -9.91 7.22
N LYS A 14 1.02 -10.38 7.37
CA LYS A 14 1.29 -11.62 8.10
C LYS A 14 0.76 -11.58 9.53
N ALA A 15 0.85 -10.41 10.14
CA ALA A 15 0.36 -10.20 11.51
C ALA A 15 -1.06 -9.61 11.61
N TYR A 16 -1.77 -9.51 10.49
CA TYR A 16 -3.05 -8.77 10.42
C TYR A 16 -4.09 -9.25 11.42
N GLU A 17 -4.25 -10.55 11.57
CA GLU A 17 -5.28 -11.07 12.48
C GLU A 17 -4.99 -10.68 13.92
N VAL A 18 -3.74 -10.78 14.33
CA VAL A 18 -3.38 -10.48 15.72
C VAL A 18 -3.47 -8.98 15.94
N CYS A 19 -3.08 -8.22 14.93
CA CYS A 19 -3.11 -6.76 15.02
C CYS A 19 -4.54 -6.26 15.20
N ALA A 20 -5.48 -6.94 14.55
CA ALA A 20 -6.89 -6.61 14.71
C ALA A 20 -7.37 -6.91 16.13
N LYS A 21 -6.86 -7.94 16.80
CA LYS A 21 -7.24 -8.20 18.20
C LYS A 21 -6.72 -7.08 19.08
N GLU A 22 -5.49 -6.68 18.82
CA GLU A 22 -4.80 -5.67 19.62
C GLU A 22 -5.38 -4.26 19.50
N TYR A 23 -5.89 -3.89 18.34
CA TYR A 23 -6.54 -2.58 18.15
C TYR A 23 -8.07 -2.71 18.27
N ASN A 24 -8.51 -3.92 18.61
CA ASN A 24 -9.92 -4.28 18.74
C ASN A 24 -10.76 -3.92 17.51
N LEU A 25 -10.23 -4.22 16.34
CA LEU A 25 -10.92 -3.93 15.10
C LEU A 25 -11.94 -5.03 14.83
N PRO A 26 -13.10 -4.69 14.23
CA PRO A 26 -14.07 -5.76 13.95
C PRO A 26 -13.62 -6.64 12.79
N GLU A 27 -14.29 -7.78 12.61
CA GLU A 27 -13.98 -8.68 11.50
C GLU A 27 -14.20 -7.98 10.17
N ALA A 28 -15.17 -7.07 10.14
CA ALA A 28 -15.47 -6.25 8.97
C ALA A 28 -14.28 -5.48 8.41
N ALA A 29 -13.31 -5.14 9.26
CA ALA A 29 -12.13 -4.42 8.80
C ALA A 29 -11.37 -5.20 7.72
N GLY A 30 -11.44 -6.53 7.80
CA GLY A 30 -10.81 -7.36 6.80
C GLY A 30 -11.40 -7.14 5.42
N ALA A 31 -12.71 -7.24 5.33
CA ALA A 31 -13.42 -7.03 4.07
C ALA A 31 -13.25 -5.59 3.58
N GLU A 32 -13.24 -4.65 4.51
CA GLU A 32 -13.07 -3.25 4.17
C GLU A 32 -11.70 -2.91 3.58
N VAL A 33 -10.65 -3.62 3.95
CA VAL A 33 -9.37 -3.50 3.24
C VAL A 33 -9.50 -4.19 1.88
N MET A 34 -10.09 -5.38 1.86
CA MET A 34 -10.13 -6.19 0.64
C MET A 34 -11.01 -5.65 -0.49
N ASN A 35 -11.99 -4.82 -0.18
CA ASN A 35 -12.88 -4.26 -1.21
C ASN A 35 -12.11 -3.44 -2.24
N PHE A 36 -11.00 -2.81 -1.85
CA PHE A 36 -10.17 -2.02 -2.75
C PHE A 36 -9.50 -2.84 -3.86
N TRP A 37 -9.42 -4.16 -3.71
CA TRP A 37 -8.86 -5.02 -4.74
C TRP A 37 -9.84 -5.28 -5.90
N LYS A 38 -11.10 -4.92 -5.72
CA LYS A 38 -12.09 -4.99 -6.80
C LYS A 38 -11.71 -3.90 -7.78
N GLU A 39 -12.12 -4.01 -9.03
CA GLU A 39 -11.97 -2.89 -9.96
C GLU A 39 -13.15 -1.95 -9.67
N GLY A 40 -12.94 -0.65 -9.86
CA GLY A 40 -13.95 0.36 -9.60
C GLY A 40 -14.23 0.72 -8.16
N TYR A 41 -14.28 -0.27 -7.28
CA TYR A 41 -14.64 -0.05 -5.88
C TYR A 41 -13.41 0.15 -5.00
N VAL A 42 -13.41 1.23 -4.25
CA VAL A 42 -12.34 1.59 -3.33
C VAL A 42 -13.04 2.18 -2.10
N LEU A 43 -13.30 1.36 -1.10
CA LEU A 43 -13.92 1.86 0.14
C LEU A 43 -12.77 2.24 1.07
N THR A 44 -13.04 3.19 1.97
CA THR A 44 -11.98 3.89 2.70
C THR A 44 -12.27 4.02 4.21
N SER A 45 -12.76 2.96 4.83
CA SER A 45 -13.15 3.06 6.24
C SER A 45 -11.99 3.27 7.21
N ARG A 46 -12.28 3.91 8.34
CA ARG A 46 -11.26 4.15 9.36
C ARG A 46 -10.63 2.85 9.85
N GLU A 47 -11.41 1.82 10.08
CA GLU A 47 -10.87 0.56 10.59
C GLU A 47 -9.95 -0.15 9.59
N ALA A 48 -10.24 -0.01 8.31
CA ALA A 48 -9.37 -0.59 7.28
C ALA A 48 -8.01 0.11 7.38
N GLY A 49 -8.04 1.41 7.61
CA GLY A 49 -6.81 2.15 7.78
C GLY A 49 -6.09 1.88 9.08
N CYS A 50 -6.84 1.64 10.14
CA CYS A 50 -6.24 1.37 11.43
C CYS A 50 -5.56 0.01 11.45
N ALA A 51 -6.02 -0.91 10.60
CA ALA A 51 -5.32 -2.17 10.46
C ALA A 51 -3.92 -1.96 9.88
N ILE A 52 -3.84 -1.09 8.89
CA ILE A 52 -2.56 -0.82 8.23
C ILE A 52 -1.67 -0.03 9.19
N LEU A 53 -2.26 0.93 9.89
CA LEU A 53 -1.53 1.73 10.87
C LEU A 53 -1.01 0.88 12.02
N CYS A 54 -1.81 -0.05 12.49
CA CYS A 54 -1.38 -0.89 13.61
C CYS A 54 -0.25 -1.80 13.13
N LEU A 55 -0.31 -2.28 11.89
CA LEU A 55 0.75 -3.14 11.38
C LEU A 55 2.09 -2.43 11.25
N SER A 56 2.10 -1.20 10.77
CA SER A 56 3.36 -0.46 10.64
C SER A 56 3.91 -0.08 12.01
N SER A 57 3.05 0.29 12.95
CA SER A 57 3.50 0.71 14.29
C SER A 57 3.79 -0.45 15.22
N LYS A 58 3.22 -1.62 15.01
CA LYS A 58 3.49 -2.80 15.86
C LYS A 58 4.96 -3.17 15.80
N LEU A 59 5.51 -3.09 14.60
CA LEU A 59 6.92 -3.41 14.37
C LEU A 59 7.79 -2.15 14.33
N ASN A 60 7.14 -0.99 14.30
CA ASN A 60 7.78 0.33 14.24
C ASN A 60 8.86 0.39 13.18
N LEU A 61 8.49 -0.04 11.99
CA LEU A 61 9.42 -0.12 10.86
C LEU A 61 9.75 1.26 10.34
N LEU A 62 8.85 2.19 10.59
CA LEU A 62 9.03 3.60 10.22
C LEU A 62 10.28 4.16 10.85
N ASP A 63 10.81 5.19 10.21
CA ASP A 63 11.95 5.92 10.75
C ASP A 63 11.48 6.56 12.05
N PRO A 64 12.42 6.91 12.97
CA PRO A 64 11.87 7.48 14.21
C PRO A 64 11.23 8.85 14.02
N GLU A 65 11.55 9.51 12.91
CA GLU A 65 10.97 10.78 12.51
C GLU A 65 9.59 10.61 11.87
N GLY A 66 9.18 9.36 11.64
CA GLY A 66 7.88 9.07 11.07
C GLY A 66 7.84 9.07 9.55
N THR A 67 8.99 9.30 8.95
CA THR A 67 9.13 9.25 7.50
C THR A 67 9.13 7.79 7.07
N LEU A 68 8.65 7.55 5.86
CA LEU A 68 8.55 6.19 5.33
C LEU A 68 9.93 5.56 5.20
N HIS A 69 10.02 4.34 5.70
CA HIS A 69 11.26 3.59 5.82
C HIS A 69 11.89 3.09 4.52
N ARG A 70 12.80 3.87 3.94
CA ARG A 70 13.55 3.44 2.75
C ARG A 70 14.30 2.15 2.98
N GLY A 71 14.87 1.99 4.17
CA GLY A 71 15.59 0.76 4.49
C GLY A 71 14.70 -0.46 4.59
N ASN A 72 13.70 -0.44 5.44
CA ASN A 72 12.80 -1.59 5.54
C ASN A 72 12.03 -1.85 4.25
N THR A 73 11.74 -0.82 3.46
CA THR A 73 11.06 -1.04 2.18
C THR A 73 11.90 -1.94 1.29
N VAL A 74 13.19 -1.66 1.15
CA VAL A 74 14.03 -2.50 0.30
C VAL A 74 14.28 -3.84 0.97
N GLU A 75 14.39 -3.90 2.29
CA GLU A 75 14.61 -5.17 2.97
C GLU A 75 13.46 -6.16 2.86
N PHE A 76 12.23 -5.74 3.08
CA PHE A 76 11.10 -6.66 2.99
C PHE A 76 10.87 -7.08 1.55
N ALA A 77 11.15 -6.18 0.62
CA ALA A 77 11.00 -6.54 -0.79
C ALA A 77 12.09 -7.55 -1.18
N LYS A 78 13.31 -7.34 -0.71
CA LYS A 78 14.42 -8.25 -1.00
C LYS A 78 14.26 -9.61 -0.33
N GLN A 79 13.56 -9.67 0.80
CA GLN A 79 13.22 -10.96 1.41
C GLN A 79 12.39 -11.84 0.49
N HIS A 80 11.69 -11.25 -0.47
CA HIS A 80 10.93 -12.00 -1.47
C HIS A 80 11.58 -11.95 -2.86
N GLY A 81 12.78 -11.39 -2.92
CA GLY A 81 13.59 -11.38 -4.13
C GLY A 81 13.49 -10.21 -5.09
N SER A 82 13.15 -9.01 -4.62
CA SER A 82 12.97 -7.86 -5.50
C SER A 82 14.26 -7.25 -6.02
N ASP A 83 14.10 -6.34 -6.97
CA ASP A 83 15.18 -5.44 -7.34
C ASP A 83 15.24 -4.31 -6.31
N ASP A 84 16.43 -3.88 -5.93
CA ASP A 84 16.57 -2.74 -5.01
C ASP A 84 16.03 -1.48 -5.67
N ALA A 85 16.21 -1.34 -6.97
CA ALA A 85 15.74 -0.14 -7.65
C ALA A 85 14.22 -0.07 -7.68
N MET A 86 13.55 -1.21 -7.81
CA MET A 86 12.09 -1.21 -7.83
C MET A 86 11.58 -0.87 -6.44
N ALA A 87 12.22 -1.42 -5.42
CA ALA A 87 11.77 -1.19 -4.06
C ALA A 87 12.04 0.24 -3.57
N HIS A 88 13.20 0.81 -3.89
CA HIS A 88 13.50 2.17 -3.43
C HIS A 88 12.63 3.21 -4.14
N GLN A 89 12.27 2.91 -5.38
CA GLN A 89 11.40 3.78 -6.16
C GLN A 89 10.09 4.02 -5.42
N LEU A 90 9.59 3.03 -4.68
CA LEU A 90 8.32 3.15 -3.98
C LEU A 90 8.30 4.31 -2.99
N VAL A 91 9.41 4.54 -2.29
CA VAL A 91 9.42 5.64 -1.32
C VAL A 91 9.62 6.95 -2.06
N ASP A 92 10.44 6.96 -3.11
CA ASP A 92 10.66 8.20 -3.84
C ASP A 92 9.39 8.69 -4.54
N ILE A 93 8.64 7.79 -5.16
CA ILE A 93 7.42 8.17 -5.87
C ILE A 93 6.27 8.46 -4.89
N VAL A 94 6.40 8.08 -3.62
CA VAL A 94 5.35 8.43 -2.65
C VAL A 94 5.27 9.95 -2.47
N HIS A 95 6.33 10.66 -2.82
CA HIS A 95 6.31 12.12 -2.79
C HIS A 95 5.23 12.67 -3.74
N ALA A 96 5.02 12.00 -4.87
CA ALA A 96 3.96 12.38 -5.80
C ALA A 96 2.60 11.96 -5.23
N CYS A 97 2.51 10.77 -4.66
CA CYS A 97 1.23 10.29 -4.14
C CYS A 97 0.76 11.02 -2.88
N GLU A 98 1.65 11.68 -2.17
CA GLU A 98 1.28 12.56 -1.05
C GLU A 98 0.45 13.75 -1.52
N LYS A 99 0.63 14.16 -2.78
CA LYS A 99 -0.15 15.27 -3.32
C LYS A 99 -1.59 14.81 -3.48
N SER A 100 -1.74 13.58 -3.93
CA SER A 100 -3.04 12.95 -4.11
C SER A 100 -3.70 12.63 -2.77
N VAL A 101 -2.88 12.32 -1.78
CA VAL A 101 -3.34 11.97 -0.43
C VAL A 101 -2.83 12.99 0.59
N PRO A 102 -3.56 14.11 0.76
CA PRO A 102 -3.11 15.00 1.83
C PRO A 102 -3.33 14.34 3.19
N PRO A 103 -2.62 14.80 4.24
CA PRO A 103 -2.89 14.13 5.52
C PRO A 103 -4.32 14.30 6.00
N ASN A 104 -4.82 13.30 6.70
CA ASN A 104 -6.16 13.34 7.28
C ASN A 104 -5.99 13.65 8.76
N GLU A 105 -7.08 14.00 9.43
CA GLU A 105 -7.01 14.27 10.87
C GLU A 105 -6.61 12.97 11.58
N ASP A 106 -7.25 11.88 11.18
CA ASP A 106 -6.95 10.57 11.75
C ASP A 106 -5.79 9.92 11.03
N ASN A 107 -4.87 9.36 11.80
CA ASN A 107 -3.70 8.68 11.25
C ASN A 107 -4.12 7.45 10.46
N CYS A 108 -5.22 6.82 10.84
CA CYS A 108 -5.70 5.64 10.13
C CYS A 108 -6.11 5.98 8.71
N LEU A 109 -6.84 7.07 8.56
CA LEU A 109 -7.36 7.47 7.26
C LEU A 109 -6.22 7.93 6.37
N MET A 110 -5.23 8.56 6.97
CA MET A 110 -4.03 8.95 6.24
C MET A 110 -3.28 7.72 5.74
N ALA A 111 -3.07 6.75 6.63
CA ALA A 111 -2.34 5.54 6.29
C ALA A 111 -3.04 4.79 5.18
N LEU A 112 -4.37 4.70 5.25
CA LEU A 112 -5.13 4.02 4.22
C LEU A 112 -5.01 4.70 2.88
N GLY A 113 -5.07 6.03 2.86
CA GLY A 113 -4.96 6.73 1.59
C GLY A 113 -3.63 6.47 0.93
N ILE A 114 -2.56 6.54 1.71
CA ILE A 114 -1.21 6.28 1.19
C ILE A 114 -1.14 4.84 0.70
N SER A 115 -1.76 3.91 1.39
CA SER A 115 -1.73 2.51 1.01
C SER A 115 -2.57 2.15 -0.22
N MET A 116 -3.65 2.88 -0.47
CA MET A 116 -4.41 2.68 -1.71
C MET A 116 -3.67 3.35 -2.87
N CYS A 117 -3.04 4.49 -2.59
CA CYS A 117 -2.22 5.20 -3.58
C CYS A 117 -0.95 4.42 -3.91
N PHE A 118 -0.58 3.44 -3.11
CA PHE A 118 0.57 2.58 -3.36
C PHE A 118 0.40 1.84 -4.69
N LYS A 119 -0.81 1.41 -4.98
CA LYS A 119 -1.03 0.76 -6.26
C LYS A 119 -1.03 1.81 -7.36
N THR A 120 -1.60 2.98 -7.08
CA THR A 120 -1.70 4.05 -8.08
C THR A 120 -0.35 4.54 -8.58
N GLU A 121 0.62 4.73 -7.70
CA GLU A 121 1.93 5.24 -8.12
C GLU A 121 2.61 4.32 -9.13
N ILE A 122 2.63 3.02 -8.88
CA ILE A 122 3.27 2.06 -9.79
C ILE A 122 2.37 1.80 -11.00
N HIS A 123 1.07 2.00 -10.85
CA HIS A 123 0.14 1.91 -11.97
C HIS A 123 0.42 3.05 -12.95
N LYS A 124 0.63 4.26 -12.45
CA LYS A 124 0.99 5.38 -13.31
C LYS A 124 2.35 5.20 -13.97
N LEU A 125 3.31 4.65 -13.24
CA LEU A 125 4.65 4.39 -13.77
C LEU A 125 4.69 3.27 -14.82
N ASN A 126 3.60 2.51 -14.91
CA ASN A 126 3.46 1.28 -15.71
C ASN A 126 4.44 0.20 -15.25
N TRP A 127 4.74 0.21 -13.96
CA TRP A 127 5.66 -0.77 -13.36
C TRP A 127 4.93 -1.68 -12.37
N ALA A 128 3.62 -1.58 -12.36
CA ALA A 128 2.79 -2.41 -11.48
C ALA A 128 2.75 -3.86 -11.99
N PRO A 129 2.71 -4.85 -11.08
CA PRO A 129 2.58 -6.22 -11.60
C PRO A 129 1.23 -6.57 -12.21
N ASP A 130 0.17 -5.82 -11.94
CA ASP A 130 -1.12 -6.05 -12.60
C ASP A 130 -1.15 -5.41 -13.97
N HIS A 131 -0.50 -6.05 -14.93
CA HIS A 131 -0.39 -5.56 -16.30
C HIS A 131 -1.74 -5.46 -16.99
N GLU A 132 -2.69 -6.32 -16.64
CA GLU A 132 -4.02 -6.25 -17.25
C GLU A 132 -4.68 -4.89 -17.00
N LEU A 133 -4.42 -4.31 -15.84
CA LEU A 133 -4.98 -2.99 -15.51
C LEU A 133 -4.14 -1.88 -16.13
N LEU A 134 -2.84 -2.11 -16.27
CA LEU A 134 -1.97 -1.12 -16.92
C LEU A 134 -2.40 -0.98 -18.36
N LEU A 135 -2.64 -2.12 -18.99
CA LEU A 135 -3.00 -2.21 -20.40
C LEU A 135 -4.34 -1.55 -20.66
N GLU A 136 -5.28 -1.73 -19.75
CA GLU A 136 -6.59 -1.10 -19.91
C GLU A 136 -6.47 0.41 -20.01
N GLU A 137 -5.58 1.02 -19.24
CA GLU A 137 -5.36 2.46 -19.39
C GLU A 137 -4.42 2.79 -20.55
N MET A 138 -3.44 1.96 -20.86
CA MET A 138 -2.54 2.24 -21.99
C MET A 138 -3.29 2.22 -23.31
N MET A 139 -4.29 1.36 -23.47
CA MET A 139 -5.07 1.36 -24.71
C MET A 139 -5.95 2.61 -24.76
N ALA A 140 -6.43 3.07 -23.62
CA ALA A 140 -7.25 4.29 -23.57
C ALA A 140 -6.45 5.54 -23.93
N GLU A 141 -5.12 5.50 -23.83
CA GLU A 141 -4.30 6.65 -24.20
C GLU A 141 -4.47 6.97 -25.68
N MET A 142 -4.81 5.97 -26.49
CA MET A 142 -4.99 6.15 -27.93
C MET A 142 -6.18 7.03 -28.29
N LYS A 143 -7.07 7.27 -27.33
CA LYS A 143 -8.20 8.19 -27.52
C LYS A 143 -7.69 9.60 -27.72
N GLN A 144 -6.58 9.92 -27.05
CA GLN A 144 -6.05 11.27 -26.95
C GLN A 144 -4.59 11.29 -27.41
N SER A 1 12.81 -9.42 -9.36
CA SER A 1 11.53 -9.85 -9.97
C SER A 1 10.39 -8.93 -9.56
N GLN A 2 9.56 -8.50 -10.51
CA GLN A 2 8.40 -7.65 -10.22
C GLN A 2 7.35 -8.42 -9.43
N ALA A 3 7.25 -9.72 -9.63
CA ALA A 3 6.28 -10.56 -8.91
C ALA A 3 6.45 -10.50 -7.39
N VAL A 4 7.66 -10.23 -6.93
CA VAL A 4 7.92 -10.03 -5.50
C VAL A 4 7.08 -8.87 -4.95
N MET A 5 6.83 -7.84 -5.74
CA MET A 5 6.06 -6.68 -5.27
C MET A 5 4.63 -7.09 -4.93
N LYS A 6 4.11 -8.10 -5.63
CA LYS A 6 2.77 -8.62 -5.33
C LYS A 6 2.82 -9.55 -4.11
N ASP A 7 3.82 -10.40 -4.07
CA ASP A 7 3.93 -11.40 -3.01
C ASP A 7 4.22 -10.77 -1.65
N MET A 8 4.85 -9.60 -1.69
CA MET A 8 5.14 -8.81 -0.50
C MET A 8 3.88 -8.47 0.30
N THR A 9 2.76 -8.27 -0.37
CA THR A 9 1.50 -7.99 0.31
C THR A 9 1.15 -9.12 1.27
N LYS A 10 1.43 -10.36 0.90
CA LYS A 10 1.14 -11.49 1.79
C LYS A 10 1.95 -11.43 3.08
N ASN A 11 3.20 -10.98 3.00
CA ASN A 11 4.02 -10.81 4.21
C ASN A 11 3.48 -9.67 5.05
N PHE A 12 2.99 -8.62 4.40
CA PHE A 12 2.50 -7.44 5.12
C PHE A 12 1.19 -7.75 5.85
N ILE A 13 0.29 -8.49 5.21
CA ILE A 13 -0.99 -8.87 5.84
C ILE A 13 -0.88 -10.10 6.73
N LYS A 14 0.32 -10.64 6.89
CA LYS A 14 0.53 -11.81 7.74
C LYS A 14 0.13 -11.52 9.19
N ALA A 15 0.22 -10.27 9.60
CA ALA A 15 -0.21 -9.84 10.93
C ALA A 15 -1.49 -9.00 10.91
N TYR A 16 -2.24 -9.05 9.82
CA TYR A 16 -3.46 -8.25 9.69
C TYR A 16 -4.47 -8.59 10.78
N GLU A 17 -4.61 -9.88 11.04
CA GLU A 17 -5.57 -10.35 12.04
C GLU A 17 -5.09 -9.97 13.44
N VAL A 18 -3.78 -9.91 13.63
CA VAL A 18 -3.20 -9.53 14.92
C VAL A 18 -3.52 -8.07 15.18
N CYS A 19 -3.34 -7.23 14.17
CA CYS A 19 -3.65 -5.81 14.29
C CYS A 19 -5.14 -5.59 14.51
N ALA A 20 -5.96 -6.38 13.84
CA ALA A 20 -7.40 -6.30 14.02
C ALA A 20 -7.77 -6.63 15.46
N LYS A 21 -7.12 -7.62 16.07
CA LYS A 21 -7.38 -7.95 17.47
C LYS A 21 -6.84 -6.88 18.41
N GLU A 22 -5.70 -6.31 18.09
CA GLU A 22 -5.09 -5.26 18.91
C GLU A 22 -5.94 -4.00 19.02
N TYR A 23 -6.57 -3.60 17.92
CA TYR A 23 -7.38 -2.38 17.89
C TYR A 23 -8.89 -2.68 17.91
N ASN A 24 -9.23 -3.95 18.09
CA ASN A 24 -10.60 -4.47 18.07
C ASN A 24 -11.39 -4.01 16.83
N LEU A 25 -10.73 -3.98 15.69
CA LEU A 25 -11.34 -3.51 14.45
C LEU A 25 -12.41 -4.52 14.00
N PRO A 26 -13.49 -4.04 13.34
CA PRO A 26 -14.50 -4.99 12.89
C PRO A 26 -14.04 -5.88 11.74
N GLU A 27 -14.72 -7.00 11.54
CA GLU A 27 -14.40 -7.93 10.45
C GLU A 27 -14.56 -7.26 9.09
N ALA A 28 -15.46 -6.29 9.03
CA ALA A 28 -15.70 -5.50 7.83
C ALA A 28 -14.42 -4.84 7.30
N ALA A 29 -13.51 -4.45 8.18
CA ALA A 29 -12.27 -3.78 7.75
C ALA A 29 -11.45 -4.69 6.84
N GLY A 30 -11.46 -5.99 7.13
CA GLY A 30 -10.76 -6.95 6.29
C GLY A 30 -11.31 -6.98 4.88
N ALA A 31 -12.64 -7.04 4.77
CA ALA A 31 -13.30 -7.05 3.48
C ALA A 31 -13.06 -5.74 2.74
N GLU A 32 -13.04 -4.64 3.46
CA GLU A 32 -12.79 -3.34 2.85
C GLU A 32 -11.38 -3.20 2.27
N VAL A 33 -10.38 -3.77 2.92
CA VAL A 33 -9.05 -3.77 2.33
C VAL A 33 -9.06 -4.66 1.08
N MET A 34 -9.75 -5.79 1.13
CA MET A 34 -9.81 -6.66 -0.05
C MET A 34 -10.61 -6.06 -1.21
N ASN A 35 -11.57 -5.19 -0.90
CA ASN A 35 -12.40 -4.54 -1.92
C ASN A 35 -11.58 -3.66 -2.85
N PHE A 36 -10.46 -3.15 -2.40
CA PHE A 36 -9.58 -2.35 -3.27
C PHE A 36 -9.13 -3.12 -4.51
N TRP A 37 -8.92 -4.42 -4.36
CA TRP A 37 -8.44 -5.25 -5.46
C TRP A 37 -9.51 -5.62 -6.46
N LYS A 38 -10.77 -5.51 -6.04
CA LYS A 38 -11.88 -6.00 -6.85
C LYS A 38 -12.24 -4.98 -7.93
N GLU A 39 -12.52 -5.46 -9.12
CA GLU A 39 -12.91 -4.60 -10.23
C GLU A 39 -14.20 -3.89 -9.86
N GLY A 40 -14.25 -2.57 -10.06
CA GLY A 40 -15.46 -1.80 -9.80
C GLY A 40 -15.75 -1.40 -8.37
N TYR A 41 -15.20 -2.09 -7.38
CA TYR A 41 -15.46 -1.78 -5.97
C TYR A 41 -14.70 -0.54 -5.54
N VAL A 42 -15.30 0.27 -4.67
CA VAL A 42 -14.64 1.45 -4.10
C VAL A 42 -15.15 1.53 -2.66
N LEU A 43 -14.34 2.05 -1.74
CA LEU A 43 -14.66 2.09 -0.33
C LEU A 43 -13.87 3.25 0.29
N THR A 44 -14.28 3.71 1.46
CA THR A 44 -13.64 4.85 2.13
C THR A 44 -13.58 4.70 3.66
N SER A 45 -13.86 3.51 4.17
CA SER A 45 -13.98 3.33 5.61
C SER A 45 -12.69 3.58 6.38
N ARG A 46 -12.85 4.13 7.57
CA ARG A 46 -11.71 4.52 8.41
C ARG A 46 -10.92 3.31 8.86
N GLU A 47 -11.64 2.24 9.14
CA GLU A 47 -11.05 1.05 9.74
C GLU A 47 -10.10 0.35 8.77
N ALA A 48 -10.39 0.45 7.48
CA ALA A 48 -9.52 -0.14 6.47
C ALA A 48 -8.15 0.54 6.50
N GLY A 49 -8.14 1.86 6.64
CA GLY A 49 -6.89 2.58 6.69
C GLY A 49 -6.19 2.41 8.02
N CYS A 50 -6.94 2.26 9.10
CA CYS A 50 -6.33 2.06 10.41
C CYS A 50 -5.61 0.73 10.47
N ALA A 51 -6.16 -0.26 9.79
CA ALA A 51 -5.53 -1.56 9.72
C ALA A 51 -4.16 -1.49 9.05
N ILE A 52 -4.06 -0.70 7.99
CA ILE A 52 -2.80 -0.56 7.24
C ILE A 52 -1.82 0.28 8.07
N LEU A 53 -2.34 1.32 8.71
CA LEU A 53 -1.56 2.22 9.56
C LEU A 53 -0.94 1.49 10.75
N CYS A 54 -1.69 0.60 11.38
CA CYS A 54 -1.17 -0.08 12.57
C CYS A 54 -0.17 -1.18 12.24
N LEU A 55 -0.12 -1.68 11.01
CA LEU A 55 0.82 -2.75 10.68
C LEU A 55 2.26 -2.27 10.68
N SER A 56 2.49 -1.07 10.18
CA SER A 56 3.85 -0.53 10.12
C SER A 56 4.33 -0.19 11.53
N SER A 57 3.44 0.31 12.37
CA SER A 57 3.80 0.67 13.74
C SER A 57 3.91 -0.55 14.64
N LYS A 58 3.23 -1.63 14.30
CA LYS A 58 3.31 -2.89 15.06
C LYS A 58 4.74 -3.37 15.16
N LEU A 59 5.43 -3.31 14.03
CA LEU A 59 6.79 -3.82 13.94
C LEU A 59 7.79 -2.67 13.97
N ASN A 60 7.27 -1.45 14.05
CA ASN A 60 8.05 -0.21 14.09
C ASN A 60 9.08 -0.12 12.98
N LEU A 61 8.65 -0.49 11.78
CA LEU A 61 9.51 -0.56 10.60
C LEU A 61 9.43 0.72 9.80
N LEU A 62 9.54 1.84 10.52
CA LEU A 62 9.57 3.16 9.92
C LEU A 62 10.88 3.79 10.37
N ASP A 63 11.19 4.92 9.80
CA ASP A 63 12.36 5.72 10.17
C ASP A 63 12.05 6.22 11.57
N PRO A 64 13.06 6.54 12.41
CA PRO A 64 12.64 6.97 13.75
C PRO A 64 11.93 8.31 13.79
N GLU A 65 11.95 9.06 12.70
CA GLU A 65 11.16 10.29 12.57
C GLU A 65 9.68 9.99 12.28
N GLY A 66 9.34 8.71 12.12
CA GLY A 66 7.97 8.32 11.85
C GLY A 66 7.60 8.49 10.40
N THR A 67 8.57 8.31 9.52
CA THR A 67 8.40 8.49 8.08
C THR A 67 8.77 7.18 7.39
N LEU A 68 8.43 7.03 6.12
CA LEU A 68 8.71 5.78 5.43
C LEU A 68 10.21 5.53 5.26
N HIS A 69 10.64 4.34 5.64
CA HIS A 69 12.04 3.97 5.72
C HIS A 69 12.56 3.25 4.49
N ARG A 70 13.58 3.79 3.84
CA ARG A 70 14.20 3.15 2.67
C ARG A 70 14.79 1.80 3.06
N GLY A 71 15.31 1.71 4.27
CA GLY A 71 15.86 0.45 4.75
C GLY A 71 14.84 -0.66 4.89
N ASN A 72 13.76 -0.42 5.62
CA ASN A 72 12.71 -1.44 5.73
C ASN A 72 12.14 -1.79 4.38
N THR A 73 11.98 -0.82 3.50
CA THR A 73 11.36 -1.10 2.22
C THR A 73 12.19 -2.10 1.42
N VAL A 74 13.51 -1.93 1.38
CA VAL A 74 14.33 -2.92 0.67
C VAL A 74 14.38 -4.22 1.47
N GLU A 75 14.51 -4.17 2.79
CA GLU A 75 14.64 -5.37 3.62
C GLU A 75 13.43 -6.29 3.59
N PHE A 76 12.24 -5.71 3.72
CA PHE A 76 11.01 -6.48 3.84
C PHE A 76 10.64 -7.12 2.51
N ALA A 77 10.89 -6.41 1.43
CA ALA A 77 10.63 -6.96 0.11
C ALA A 77 11.68 -8.02 -0.24
N LYS A 78 12.90 -7.88 0.26
CA LYS A 78 13.93 -8.89 0.07
C LYS A 78 13.71 -10.16 0.89
N GLN A 79 12.74 -10.16 1.81
CA GLN A 79 12.34 -11.42 2.45
C GLN A 79 11.78 -12.41 1.42
N HIS A 80 11.17 -11.90 0.35
CA HIS A 80 10.88 -12.75 -0.81
C HIS A 80 12.02 -12.71 -1.82
N GLY A 81 12.64 -11.55 -2.01
CA GLY A 81 13.82 -11.43 -2.86
C GLY A 81 13.85 -10.29 -3.86
N SER A 82 13.31 -9.13 -3.54
CA SER A 82 13.26 -8.01 -4.48
C SER A 82 14.63 -7.44 -4.81
N ASP A 83 14.71 -6.70 -5.90
CA ASP A 83 15.88 -5.90 -6.20
C ASP A 83 15.84 -4.70 -5.26
N ASP A 84 17.00 -4.27 -4.78
CA ASP A 84 17.06 -3.07 -3.91
C ASP A 84 16.56 -1.88 -4.72
N ALA A 85 16.93 -1.82 -5.98
CA ALA A 85 16.58 -0.69 -6.84
C ALA A 85 15.08 -0.55 -7.04
N MET A 86 14.38 -1.68 -7.10
CA MET A 86 12.93 -1.65 -7.29
C MET A 86 12.27 -1.17 -6.01
N ALA A 87 12.69 -1.70 -4.87
CA ALA A 87 12.07 -1.35 -3.60
C ALA A 87 12.39 0.09 -3.17
N HIS A 88 13.61 0.55 -3.45
CA HIS A 88 14.00 1.94 -3.18
C HIS A 88 13.13 2.93 -3.94
N GLN A 89 12.75 2.59 -5.17
CA GLN A 89 11.91 3.46 -5.99
C GLN A 89 10.54 3.68 -5.35
N LEU A 90 10.06 2.69 -4.63
CA LEU A 90 8.72 2.77 -4.04
C LEU A 90 8.65 3.82 -2.93
N VAL A 91 9.76 4.10 -2.29
CA VAL A 91 9.82 5.14 -1.26
C VAL A 91 9.93 6.50 -1.93
N ASP A 92 10.52 6.54 -3.11
CA ASP A 92 10.65 7.79 -3.86
C ASP A 92 9.30 8.22 -4.43
N ILE A 93 8.57 7.31 -5.05
CA ILE A 93 7.29 7.64 -5.66
C ILE A 93 6.20 7.88 -4.63
N VAL A 94 6.45 7.52 -3.38
CA VAL A 94 5.53 7.84 -2.30
C VAL A 94 5.38 9.36 -2.17
N HIS A 95 6.38 10.14 -2.55
CA HIS A 95 6.23 11.59 -2.54
C HIS A 95 5.32 12.08 -3.67
N ALA A 96 5.40 11.44 -4.83
CA ALA A 96 4.54 11.81 -5.95
C ALA A 96 3.10 11.38 -5.69
N CYS A 97 2.96 10.33 -4.89
CA CYS A 97 1.66 9.85 -4.43
C CYS A 97 0.92 10.96 -3.68
N GLU A 98 1.65 11.69 -2.86
CA GLU A 98 1.09 12.77 -2.04
C GLU A 98 0.52 13.90 -2.88
N LYS A 99 1.01 14.09 -4.10
CA LYS A 99 0.47 15.15 -4.96
C LYS A 99 -1.00 14.91 -5.30
N SER A 100 -1.40 13.65 -5.30
CA SER A 100 -2.79 13.26 -5.57
C SER A 100 -3.58 12.97 -4.30
N VAL A 101 -2.90 12.93 -3.16
CA VAL A 101 -3.51 12.61 -1.87
C VAL A 101 -3.19 13.71 -0.87
N PRO A 102 -4.06 14.73 -0.74
CA PRO A 102 -3.71 15.72 0.28
C PRO A 102 -3.88 15.13 1.69
N PRO A 103 -3.22 15.75 2.69
CA PRO A 103 -3.37 15.24 4.06
C PRO A 103 -4.81 15.33 4.54
N ASN A 104 -5.18 14.54 5.53
CA ASN A 104 -6.54 14.52 6.04
C ASN A 104 -6.52 14.65 7.55
N GLU A 105 -7.67 14.97 8.10
CA GLU A 105 -7.84 15.13 9.54
C GLU A 105 -7.50 13.85 10.30
N ASP A 106 -7.80 12.70 9.72
CA ASP A 106 -7.54 11.43 10.38
C ASP A 106 -6.45 10.65 9.67
N ASN A 107 -5.52 10.13 10.46
CA ASN A 107 -4.34 9.45 9.93
C ASN A 107 -4.74 8.20 9.17
N CYS A 108 -5.81 7.54 9.59
CA CYS A 108 -6.26 6.33 8.91
C CYS A 108 -6.77 6.65 7.52
N LEU A 109 -7.53 7.73 7.40
CA LEU A 109 -8.13 8.10 6.12
C LEU A 109 -7.03 8.50 5.14
N MET A 110 -6.03 9.21 5.65
CA MET A 110 -4.89 9.57 4.82
C MET A 110 -4.10 8.32 4.40
N ALA A 111 -3.89 7.40 5.34
CA ALA A 111 -3.16 6.16 5.05
C ALA A 111 -3.88 5.34 3.98
N LEU A 112 -5.20 5.29 4.02
CA LEU A 112 -5.96 4.59 2.99
C LEU A 112 -5.77 5.24 1.62
N GLY A 113 -5.74 6.57 1.59
CA GLY A 113 -5.54 7.26 0.32
C GLY A 113 -4.17 6.97 -0.26
N ILE A 114 -3.17 6.94 0.60
CA ILE A 114 -1.80 6.61 0.21
C ILE A 114 -1.77 5.16 -0.30
N SER A 115 -2.50 4.27 0.34
CA SER A 115 -2.54 2.87 -0.08
C SER A 115 -3.13 2.70 -1.48
N MET A 116 -4.06 3.55 -1.86
CA MET A 116 -4.63 3.50 -3.20
C MET A 116 -3.68 4.11 -4.23
N CYS A 117 -3.11 5.27 -3.93
CA CYS A 117 -2.25 5.94 -4.92
C CYS A 117 -0.93 5.22 -5.11
N PHE A 118 -0.56 4.36 -4.17
CA PHE A 118 0.69 3.61 -4.26
C PHE A 118 0.67 2.76 -5.52
N LYS A 119 -0.45 2.11 -5.78
CA LYS A 119 -0.56 1.31 -7.00
C LYS A 119 -0.67 2.20 -8.22
N THR A 120 -1.35 3.33 -8.13
CA THR A 120 -1.41 4.29 -9.22
C THR A 120 -0.01 4.73 -9.66
N GLU A 121 0.87 5.02 -8.71
CA GLU A 121 2.24 5.43 -9.03
C GLU A 121 3.06 4.31 -9.64
N ILE A 122 2.91 3.08 -9.16
CA ILE A 122 3.61 1.93 -9.74
C ILE A 122 3.10 1.72 -11.18
N HIS A 123 1.82 1.95 -11.40
CA HIS A 123 1.25 1.85 -12.74
C HIS A 123 1.80 2.95 -13.66
N LYS A 124 2.01 4.14 -13.14
CA LYS A 124 2.66 5.22 -13.93
C LYS A 124 4.09 4.87 -14.30
N LEU A 125 4.81 4.15 -13.45
CA LEU A 125 6.18 3.70 -13.77
C LEU A 125 6.27 2.64 -14.86
N ASN A 126 5.14 2.01 -15.18
CA ASN A 126 5.02 0.90 -16.14
C ASN A 126 5.77 -0.37 -15.70
N TRP A 127 6.06 -0.48 -14.41
CA TRP A 127 6.85 -1.61 -13.89
C TRP A 127 6.03 -2.50 -12.95
N ALA A 128 4.71 -2.41 -13.07
CA ALA A 128 3.83 -3.14 -12.17
C ALA A 128 3.87 -4.64 -12.44
N PRO A 129 3.66 -5.48 -11.41
CA PRO A 129 3.57 -6.91 -11.74
C PRO A 129 2.31 -7.29 -12.51
N ASP A 130 1.28 -6.46 -12.45
CA ASP A 130 0.04 -6.70 -13.19
C ASP A 130 -0.04 -5.69 -14.31
N HIS A 131 0.48 -6.03 -15.48
CA HIS A 131 0.49 -5.10 -16.59
C HIS A 131 -0.92 -4.80 -17.07
N GLU A 132 -1.80 -5.80 -17.03
CA GLU A 132 -3.17 -5.56 -17.47
C GLU A 132 -3.89 -4.62 -16.50
N LEU A 133 -3.53 -4.63 -15.23
CA LEU A 133 -4.15 -3.73 -14.26
C LEU A 133 -3.61 -2.33 -14.43
N LEU A 134 -2.33 -2.24 -14.78
CA LEU A 134 -1.71 -0.94 -15.02
C LEU A 134 -2.36 -0.29 -16.23
N LEU A 135 -2.53 -1.07 -17.30
CA LEU A 135 -3.19 -0.56 -18.49
C LEU A 135 -4.66 -0.30 -18.22
N GLU A 136 -5.30 -1.11 -17.38
CA GLU A 136 -6.72 -0.91 -17.07
C GLU A 136 -6.91 0.47 -16.47
N GLU A 137 -6.06 0.82 -15.51
CA GLU A 137 -6.18 2.12 -14.86
C GLU A 137 -5.82 3.26 -15.79
N MET A 138 -4.80 3.11 -16.63
CA MET A 138 -4.41 4.18 -17.55
C MET A 138 -5.43 4.40 -18.66
N MET A 139 -6.03 3.33 -19.16
CA MET A 139 -7.05 3.47 -20.17
C MET A 139 -8.32 4.04 -19.56
N ALA A 140 -8.64 3.67 -18.33
CA ALA A 140 -9.81 4.21 -17.64
C ALA A 140 -9.60 5.68 -17.26
N GLU A 141 -8.36 6.10 -17.10
CA GLU A 141 -8.06 7.50 -16.79
C GLU A 141 -8.52 8.40 -17.94
N MET A 142 -8.34 7.91 -19.15
CA MET A 142 -8.69 8.69 -20.35
C MET A 142 -10.06 8.38 -20.96
N LYS A 143 -10.56 7.16 -20.78
CA LYS A 143 -11.83 6.69 -21.37
C LYS A 143 -11.90 6.96 -22.87
N GLN A 144 -10.94 6.41 -23.59
CA GLN A 144 -10.86 6.52 -25.05
C GLN A 144 -10.85 5.10 -25.61
N SER A 1 9.79 -8.17 -10.68
CA SER A 1 9.34 -7.61 -9.37
C SER A 1 7.85 -7.24 -9.41
N GLN A 2 6.98 -8.15 -9.84
CA GLN A 2 5.52 -7.92 -9.84
C GLN A 2 4.82 -8.93 -8.93
N ALA A 3 5.17 -10.21 -9.02
CA ALA A 3 4.72 -11.19 -8.04
C ALA A 3 5.29 -10.84 -6.66
N VAL A 4 6.51 -10.33 -6.67
CA VAL A 4 7.18 -9.87 -5.45
C VAL A 4 6.40 -8.76 -4.77
N MET A 5 5.82 -7.87 -5.57
CA MET A 5 5.09 -6.72 -5.05
C MET A 5 3.85 -7.20 -4.27
N LYS A 6 3.23 -8.26 -4.77
CA LYS A 6 2.05 -8.84 -4.13
C LYS A 6 2.43 -9.69 -2.91
N ASP A 7 3.52 -10.44 -3.01
CA ASP A 7 3.96 -11.30 -1.92
C ASP A 7 4.51 -10.51 -0.73
N MET A 8 5.17 -9.39 -0.99
CA MET A 8 5.65 -8.55 0.11
C MET A 8 4.47 -7.99 0.89
N THR A 9 3.39 -7.66 0.20
CA THR A 9 2.17 -7.25 0.90
C THR A 9 1.60 -8.39 1.72
N LYS A 10 1.60 -9.61 1.20
CA LYS A 10 1.14 -10.76 2.01
C LYS A 10 1.96 -10.96 3.27
N ASN A 11 3.26 -10.75 3.21
CA ASN A 11 4.07 -10.76 4.43
C ASN A 11 3.80 -9.57 5.35
N PHE A 12 3.54 -8.39 4.80
CA PHE A 12 3.22 -7.22 5.61
C PHE A 12 1.90 -7.41 6.37
N ILE A 13 0.93 -8.04 5.74
CA ILE A 13 -0.38 -8.29 6.36
C ILE A 13 -0.43 -9.63 7.08
N LYS A 14 0.69 -10.32 7.21
CA LYS A 14 0.72 -11.61 7.91
C LYS A 14 0.22 -11.47 9.35
N ALA A 15 0.59 -10.38 10.00
CA ALA A 15 0.13 -10.04 11.35
C ALA A 15 -1.26 -9.37 11.43
N TYR A 16 -2.10 -9.49 10.41
CA TYR A 16 -3.38 -8.78 10.39
C TYR A 16 -4.31 -9.14 11.54
N GLU A 17 -4.49 -10.42 11.83
CA GLU A 17 -5.38 -10.83 12.92
C GLU A 17 -4.79 -10.41 14.27
N VAL A 18 -3.46 -10.46 14.36
CA VAL A 18 -2.75 -10.06 15.59
C VAL A 18 -2.99 -8.58 15.85
N CYS A 19 -2.97 -7.76 14.81
CA CYS A 19 -3.33 -6.35 14.93
C CYS A 19 -4.81 -6.16 15.25
N ALA A 20 -5.69 -6.92 14.61
CA ALA A 20 -7.13 -6.75 14.81
C ALA A 20 -7.48 -6.99 16.27
N LYS A 21 -6.85 -7.98 16.88
CA LYS A 21 -7.01 -8.23 18.33
C LYS A 21 -6.40 -7.11 19.18
N GLU A 22 -5.27 -6.58 18.80
CA GLU A 22 -4.62 -5.50 19.57
C GLU A 22 -5.39 -4.18 19.53
N TYR A 23 -5.78 -3.74 18.34
CA TYR A 23 -6.44 -2.45 18.16
C TYR A 23 -7.95 -2.58 18.34
N ASN A 24 -8.41 -3.80 18.59
CA ASN A 24 -9.82 -4.18 18.76
C ASN A 24 -10.68 -3.75 17.56
N LEU A 25 -10.15 -3.93 16.37
CA LEU A 25 -10.85 -3.50 15.16
C LEU A 25 -11.93 -4.50 14.77
N PRO A 26 -13.02 -4.04 14.15
CA PRO A 26 -14.07 -5.00 13.76
C PRO A 26 -13.63 -5.90 12.62
N GLU A 27 -14.28 -7.05 12.51
CA GLU A 27 -13.93 -8.07 11.51
C GLU A 27 -14.17 -7.56 10.09
N ALA A 28 -15.09 -6.60 9.98
CA ALA A 28 -15.39 -5.94 8.71
C ALA A 28 -14.15 -5.31 8.09
N ALA A 29 -13.20 -4.86 8.89
CA ALA A 29 -12.00 -4.24 8.36
C ALA A 29 -11.25 -5.21 7.43
N GLY A 30 -11.24 -6.50 7.76
CA GLY A 30 -10.59 -7.48 6.90
C GLY A 30 -11.19 -7.51 5.51
N ALA A 31 -12.52 -7.55 5.49
CA ALA A 31 -13.25 -7.53 4.24
C ALA A 31 -13.00 -6.22 3.48
N GLU A 32 -13.00 -5.10 4.18
CA GLU A 32 -12.81 -3.79 3.56
C GLU A 32 -11.43 -3.62 2.92
N VAL A 33 -10.39 -4.13 3.57
CA VAL A 33 -9.03 -4.03 3.02
C VAL A 33 -8.95 -4.89 1.76
N MET A 34 -9.57 -6.07 1.79
CA MET A 34 -9.59 -6.92 0.61
C MET A 34 -10.54 -6.43 -0.49
N ASN A 35 -11.53 -5.62 -0.13
CA ASN A 35 -12.45 -5.05 -1.11
C ASN A 35 -11.71 -4.09 -2.02
N PHE A 36 -10.68 -3.42 -1.51
CA PHE A 36 -9.86 -2.55 -2.37
C PHE A 36 -9.16 -3.32 -3.48
N TRP A 37 -9.04 -4.63 -3.33
CA TRP A 37 -8.35 -5.46 -4.33
C TRP A 37 -9.37 -6.02 -5.33
N LYS A 38 -10.65 -5.70 -5.19
CA LYS A 38 -11.68 -6.13 -6.15
C LYS A 38 -11.81 -5.13 -7.29
N GLU A 39 -12.17 -5.62 -8.47
CA GLU A 39 -12.36 -4.76 -9.64
C GLU A 39 -13.57 -3.85 -9.45
N GLY A 40 -13.43 -2.57 -9.76
CA GLY A 40 -14.53 -1.63 -9.68
C GLY A 40 -14.97 -1.26 -8.28
N TYR A 41 -14.23 -1.64 -7.25
CA TYR A 41 -14.60 -1.29 -5.89
C TYR A 41 -14.01 0.04 -5.47
N VAL A 42 -14.85 0.91 -4.91
CA VAL A 42 -14.41 2.19 -4.36
C VAL A 42 -15.08 2.31 -3.00
N LEU A 43 -14.32 2.26 -1.93
CA LEU A 43 -14.84 2.16 -0.57
C LEU A 43 -13.89 2.85 0.39
N THR A 44 -14.42 3.58 1.36
CA THR A 44 -13.61 4.24 2.37
C THR A 44 -14.13 3.86 3.76
N SER A 45 -13.25 3.44 4.65
CA SER A 45 -13.59 3.20 6.05
C SER A 45 -12.44 3.57 6.97
N ARG A 46 -12.77 4.04 8.17
CA ARG A 46 -11.75 4.30 9.18
C ARG A 46 -11.09 3.00 9.60
N GLU A 47 -11.89 1.94 9.69
CA GLU A 47 -11.41 0.67 10.22
C GLU A 47 -10.32 0.05 9.35
N ALA A 48 -10.55 0.05 8.05
CA ALA A 48 -9.55 -0.41 7.08
C ALA A 48 -8.28 0.42 7.17
N GLY A 49 -8.44 1.73 7.35
CA GLY A 49 -7.29 2.60 7.50
C GLY A 49 -6.47 2.30 8.74
N CYS A 50 -7.14 2.03 9.84
CA CYS A 50 -6.46 1.72 11.08
C CYS A 50 -5.79 0.35 10.97
N ALA A 51 -6.35 -0.53 10.15
CA ALA A 51 -5.77 -1.85 9.92
C ALA A 51 -4.47 -1.81 9.11
N ILE A 52 -4.26 -0.76 8.35
CA ILE A 52 -2.98 -0.56 7.66
C ILE A 52 -1.99 0.07 8.65
N LEU A 53 -2.46 1.09 9.37
CA LEU A 53 -1.64 1.86 10.29
C LEU A 53 -1.13 1.03 11.47
N CYS A 54 -1.95 0.11 11.94
CA CYS A 54 -1.54 -0.75 13.03
C CYS A 54 -0.40 -1.67 12.60
N LEU A 55 -0.33 -2.06 11.33
CA LEU A 55 0.68 -3.02 10.91
C LEU A 55 2.04 -2.36 10.72
N SER A 56 2.05 -1.16 10.18
CA SER A 56 3.31 -0.45 9.95
C SER A 56 3.98 -0.19 11.31
N SER A 57 3.16 0.13 12.31
CA SER A 57 3.64 0.26 13.68
C SER A 57 3.89 -1.07 14.40
N LYS A 58 3.14 -2.13 14.14
CA LYS A 58 3.32 -3.41 14.84
C LYS A 58 4.67 -3.99 14.43
N LEU A 59 4.89 -4.04 13.14
CA LEU A 59 6.12 -4.63 12.62
C LEU A 59 7.26 -3.66 12.85
N ASN A 60 6.88 -2.39 12.99
CA ASN A 60 7.79 -1.28 13.30
C ASN A 60 8.91 -1.21 12.26
N LEU A 61 8.51 -1.40 11.01
CA LEU A 61 9.43 -1.30 9.87
C LEU A 61 9.58 0.16 9.49
N LEU A 62 8.72 0.97 10.09
CA LEU A 62 8.87 2.43 10.01
C LEU A 62 10.11 2.82 10.79
N ASP A 63 10.68 3.94 10.38
CA ASP A 63 11.79 4.59 11.07
C ASP A 63 11.21 5.06 12.41
N PRO A 64 12.02 5.15 13.49
CA PRO A 64 11.37 5.69 14.69
C PRO A 64 10.90 7.14 14.58
N GLU A 65 11.38 7.89 13.59
CA GLU A 65 10.84 9.22 13.30
C GLU A 65 9.41 9.18 12.71
N GLY A 66 8.91 8.00 12.36
CA GLY A 66 7.57 7.88 11.81
C GLY A 66 7.53 8.05 10.30
N THR A 67 8.65 7.75 9.66
CA THR A 67 8.78 7.86 8.21
C THR A 67 9.04 6.46 7.67
N LEU A 68 8.91 6.27 6.36
CA LEU A 68 9.28 4.99 5.77
C LEU A 68 10.79 4.86 5.88
N HIS A 69 11.29 3.65 6.10
CA HIS A 69 12.73 3.43 6.26
C HIS A 69 13.24 2.72 5.03
N ARG A 70 14.16 3.34 4.32
CA ARG A 70 14.64 2.85 3.02
C ARG A 70 15.29 1.49 3.15
N GLY A 71 16.00 1.27 4.24
CA GLY A 71 16.60 -0.04 4.48
C GLY A 71 15.55 -1.12 4.60
N ASN A 72 14.55 -0.95 5.45
CA ASN A 72 13.54 -1.98 5.61
C ASN A 72 12.71 -2.16 4.34
N THR A 73 12.54 -1.07 3.60
CA THR A 73 11.82 -1.11 2.34
C THR A 73 12.52 -2.03 1.34
N VAL A 74 13.83 -1.94 1.21
CA VAL A 74 14.54 -2.80 0.27
C VAL A 74 14.76 -4.20 0.85
N GLU A 75 14.97 -4.32 2.16
CA GLU A 75 15.27 -5.61 2.77
C GLU A 75 14.11 -6.59 2.69
N PHE A 76 12.92 -6.16 3.06
CA PHE A 76 11.78 -7.07 3.07
C PHE A 76 11.31 -7.37 1.66
N ALA A 77 11.53 -6.44 0.75
CA ALA A 77 11.27 -6.73 -0.65
C ALA A 77 12.22 -7.81 -1.18
N LYS A 78 13.49 -7.74 -0.79
CA LYS A 78 14.47 -8.72 -1.28
C LYS A 78 14.33 -10.11 -0.67
N GLN A 79 13.66 -10.20 0.47
CA GLN A 79 13.27 -11.50 1.02
C GLN A 79 12.34 -12.23 0.05
N HIS A 80 11.61 -11.48 -0.77
CA HIS A 80 10.72 -12.05 -1.77
C HIS A 80 11.28 -11.93 -3.21
N GLY A 81 12.48 -11.40 -3.36
CA GLY A 81 13.16 -11.36 -4.65
C GLY A 81 13.08 -10.10 -5.51
N SER A 82 12.90 -8.93 -4.92
CA SER A 82 12.83 -7.67 -5.67
C SER A 82 14.13 -7.19 -6.29
N ASP A 83 14.00 -6.29 -7.24
CA ASP A 83 15.11 -5.42 -7.62
C ASP A 83 15.20 -4.30 -6.58
N ASP A 84 16.41 -4.07 -6.07
CA ASP A 84 16.66 -3.04 -5.06
C ASP A 84 16.30 -1.64 -5.52
N ALA A 85 16.46 -1.37 -6.81
CA ALA A 85 16.21 -0.03 -7.32
C ALA A 85 14.72 0.24 -7.34
N MET A 86 13.94 -0.78 -7.67
CA MET A 86 12.48 -0.62 -7.68
C MET A 86 12.02 -0.45 -6.25
N ALA A 87 12.57 -1.24 -5.32
CA ALA A 87 12.16 -1.13 -3.93
C ALA A 87 12.50 0.25 -3.34
N HIS A 88 13.65 0.81 -3.69
CA HIS A 88 14.02 2.15 -3.23
C HIS A 88 13.09 3.24 -3.76
N GLN A 89 12.64 3.06 -5.00
CA GLN A 89 11.69 3.97 -5.64
C GLN A 89 10.41 4.09 -4.81
N LEU A 90 10.01 2.99 -4.17
CA LEU A 90 8.77 2.94 -3.38
C LEU A 90 8.80 3.70 -2.06
N VAL A 91 9.90 4.38 -1.75
CA VAL A 91 9.89 5.36 -0.67
C VAL A 91 9.62 6.73 -1.27
N ASP A 92 10.31 7.07 -2.34
CA ASP A 92 10.27 8.44 -2.87
C ASP A 92 8.96 8.79 -3.54
N ILE A 93 8.36 7.86 -4.26
CA ILE A 93 7.10 8.14 -4.94
C ILE A 93 5.95 8.34 -3.94
N VAL A 94 6.09 7.82 -2.73
CA VAL A 94 5.07 8.04 -1.70
C VAL A 94 5.04 9.52 -1.31
N HIS A 95 6.19 10.19 -1.32
CA HIS A 95 6.21 11.63 -1.04
C HIS A 95 5.45 12.39 -2.13
N ALA A 96 5.57 11.97 -3.39
CA ALA A 96 4.82 12.62 -4.46
C ALA A 96 3.33 12.35 -4.30
N CYS A 97 2.99 11.16 -3.83
CA CYS A 97 1.59 10.80 -3.60
C CYS A 97 0.94 11.64 -2.50
N GLU A 98 1.71 12.25 -1.61
CA GLU A 98 1.16 13.10 -0.56
C GLU A 98 0.37 14.27 -1.15
N LYS A 99 0.72 14.70 -2.36
CA LYS A 99 -0.06 15.73 -3.06
C LYS A 99 -1.50 15.28 -3.30
N SER A 100 -1.67 14.01 -3.64
CA SER A 100 -3.00 13.45 -3.90
C SER A 100 -3.73 13.01 -2.63
N VAL A 101 -3.01 12.92 -1.53
CA VAL A 101 -3.55 12.45 -0.25
C VAL A 101 -3.35 13.52 0.82
N PRO A 102 -4.30 14.46 0.95
CA PRO A 102 -4.09 15.48 1.99
C PRO A 102 -4.24 14.88 3.39
N PRO A 103 -3.65 15.52 4.42
CA PRO A 103 -3.89 14.94 5.75
C PRO A 103 -5.36 14.98 6.15
N ASN A 104 -5.75 14.04 7.00
CA ASN A 104 -7.11 13.97 7.52
C ASN A 104 -7.03 14.33 9.00
N GLU A 105 -8.17 14.46 9.67
CA GLU A 105 -8.20 14.61 11.13
C GLU A 105 -7.62 13.35 11.77
N ASP A 106 -7.93 12.22 11.15
CA ASP A 106 -7.54 10.92 11.69
C ASP A 106 -6.45 10.26 10.87
N ASN A 107 -5.39 9.85 11.54
CA ASN A 107 -4.27 9.15 10.90
C ASN A 107 -4.73 7.89 10.19
N CYS A 108 -5.77 7.23 10.65
CA CYS A 108 -6.26 6.03 9.96
C CYS A 108 -6.76 6.37 8.56
N LEU A 109 -7.52 7.46 8.43
CA LEU A 109 -8.10 7.81 7.14
C LEU A 109 -7.00 8.25 6.17
N MET A 110 -5.99 8.93 6.69
CA MET A 110 -4.85 9.30 5.86
C MET A 110 -4.04 8.07 5.46
N ALA A 111 -3.85 7.14 6.39
CA ALA A 111 -3.09 5.91 6.10
C ALA A 111 -3.79 5.08 5.02
N LEU A 112 -5.12 5.09 5.02
CA LEU A 112 -5.87 4.45 3.95
C LEU A 112 -5.58 5.13 2.61
N GLY A 113 -5.59 6.45 2.59
CA GLY A 113 -5.31 7.17 1.36
C GLY A 113 -3.91 6.89 0.85
N ILE A 114 -2.94 6.85 1.76
CA ILE A 114 -1.55 6.54 1.42
C ILE A 114 -1.47 5.10 0.89
N SER A 115 -2.21 4.17 1.46
CA SER A 115 -2.18 2.79 0.95
C SER A 115 -2.77 2.70 -0.45
N MET A 116 -3.84 3.43 -0.71
CA MET A 116 -4.45 3.41 -2.04
C MET A 116 -3.58 4.15 -3.06
N CYS A 117 -2.86 5.18 -2.64
CA CYS A 117 -2.01 5.93 -3.58
C CYS A 117 -0.76 5.16 -3.95
N PHE A 118 -0.45 4.14 -3.16
CA PHE A 118 0.75 3.35 -3.39
C PHE A 118 0.62 2.67 -4.75
N LYS A 119 -0.56 2.15 -5.04
CA LYS A 119 -0.84 1.58 -6.35
C LYS A 119 -0.84 2.64 -7.43
N THR A 120 -1.39 3.82 -7.16
CA THR A 120 -1.46 4.89 -8.16
C THR A 120 -0.07 5.27 -8.67
N GLU A 121 0.88 5.42 -7.77
CA GLU A 121 2.23 5.80 -8.19
C GLU A 121 2.88 4.72 -9.02
N ILE A 122 2.76 3.45 -8.63
CA ILE A 122 3.41 2.37 -9.37
C ILE A 122 2.72 2.19 -10.72
N HIS A 123 1.42 2.42 -10.77
CA HIS A 123 0.66 2.48 -12.03
C HIS A 123 1.19 3.60 -12.92
N LYS A 124 1.44 4.79 -12.39
CA LYS A 124 2.01 5.88 -13.18
C LYS A 124 3.44 5.61 -13.65
N LEU A 125 4.19 4.84 -12.88
CA LEU A 125 5.52 4.38 -13.31
C LEU A 125 5.46 3.30 -14.40
N ASN A 126 4.27 2.77 -14.68
CA ASN A 126 4.02 1.67 -15.61
C ASN A 126 4.65 0.35 -15.12
N TRP A 127 4.80 0.21 -13.82
CA TRP A 127 5.46 -0.96 -13.23
C TRP A 127 4.52 -1.86 -12.42
N ALA A 128 3.24 -1.55 -12.36
CA ALA A 128 2.35 -2.22 -11.41
C ALA A 128 2.11 -3.69 -11.77
N PRO A 129 1.85 -4.55 -10.76
CA PRO A 129 1.42 -5.92 -11.12
C PRO A 129 0.09 -5.97 -11.87
N ASP A 130 -0.72 -4.93 -11.72
CA ASP A 130 -1.98 -4.79 -12.45
C ASP A 130 -1.70 -4.38 -13.90
N HIS A 131 -1.35 -5.38 -14.71
CA HIS A 131 -1.03 -5.20 -16.12
C HIS A 131 -2.29 -4.79 -16.87
N GLU A 132 -3.45 -5.22 -16.39
CA GLU A 132 -4.71 -4.81 -17.00
C GLU A 132 -4.97 -3.32 -16.87
N LEU A 133 -4.43 -2.67 -15.84
CA LEU A 133 -4.61 -1.23 -15.72
C LEU A 133 -3.71 -0.51 -16.71
N LEU A 134 -2.53 -1.05 -16.95
CA LEU A 134 -1.60 -0.49 -17.94
C LEU A 134 -2.20 -0.62 -19.33
N LEU A 135 -2.73 -1.80 -19.65
CA LEU A 135 -3.29 -2.01 -20.98
C LEU A 135 -4.48 -1.09 -21.20
N GLU A 136 -5.33 -0.95 -20.19
CA GLU A 136 -6.49 -0.07 -20.29
C GLU A 136 -6.07 1.40 -20.40
N GLU A 137 -5.00 1.80 -19.72
CA GLU A 137 -4.49 3.16 -19.82
C GLU A 137 -3.96 3.45 -21.22
N MET A 138 -3.25 2.48 -21.79
CA MET A 138 -2.70 2.64 -23.13
C MET A 138 -3.80 2.60 -24.20
N MET A 139 -4.79 1.75 -24.04
CA MET A 139 -5.87 1.68 -25.02
C MET A 139 -6.82 2.86 -24.90
N ALA A 140 -6.89 3.50 -23.74
CA ALA A 140 -7.62 4.75 -23.64
C ALA A 140 -6.95 5.86 -24.46
N GLU A 141 -5.63 5.80 -24.56
CA GLU A 141 -4.90 6.75 -25.41
C GLU A 141 -5.18 6.46 -26.88
N MET A 142 -5.39 5.20 -27.22
CA MET A 142 -5.75 4.85 -28.60
C MET A 142 -7.16 5.34 -28.93
N LYS A 143 -8.04 5.30 -27.94
CA LYS A 143 -9.44 5.70 -28.13
C LYS A 143 -9.63 7.20 -27.91
N GLN A 144 -9.17 7.98 -28.88
CA GLN A 144 -9.36 9.43 -28.87
C GLN A 144 -9.64 9.82 -30.32
N SER A 1 10.68 -10.36 -10.64
CA SER A 1 10.84 -9.16 -9.79
C SER A 1 9.53 -8.44 -9.53
N GLN A 2 8.57 -8.39 -10.45
CA GLN A 2 7.37 -7.57 -10.25
C GLN A 2 6.26 -8.25 -9.45
N ALA A 3 6.08 -9.56 -9.60
CA ALA A 3 4.99 -10.28 -8.90
C ALA A 3 5.24 -10.31 -7.39
N VAL A 4 6.49 -10.06 -7.03
CA VAL A 4 6.93 -9.91 -5.65
C VAL A 4 6.09 -8.87 -4.93
N MET A 5 5.70 -7.82 -5.65
CA MET A 5 4.94 -6.73 -5.04
C MET A 5 3.58 -7.19 -4.52
N LYS A 6 2.99 -8.21 -5.13
CA LYS A 6 1.70 -8.72 -4.66
C LYS A 6 1.89 -9.58 -3.42
N ASP A 7 2.95 -10.37 -3.43
CA ASP A 7 3.24 -11.27 -2.31
C ASP A 7 3.71 -10.49 -1.10
N MET A 8 4.38 -9.38 -1.34
CA MET A 8 4.78 -8.47 -0.27
C MET A 8 3.55 -7.88 0.42
N THR A 9 2.47 -7.62 -0.31
CA THR A 9 1.25 -7.14 0.33
C THR A 9 0.68 -8.22 1.26
N LYS A 10 0.71 -9.47 0.80
CA LYS A 10 0.27 -10.58 1.65
C LYS A 10 1.16 -10.68 2.89
N ASN A 11 2.45 -10.46 2.74
CA ASN A 11 3.34 -10.48 3.89
C ASN A 11 3.11 -9.31 4.86
N PHE A 12 2.72 -8.15 4.36
CA PHE A 12 2.40 -7.03 5.25
C PHE A 12 1.10 -7.29 6.01
N ILE A 13 0.18 -8.05 5.44
CA ILE A 13 -1.05 -8.42 6.16
C ILE A 13 -0.93 -9.77 6.87
N LYS A 14 0.28 -10.29 7.04
CA LYS A 14 0.50 -11.55 7.77
C LYS A 14 0.02 -11.43 9.22
N ALA A 15 0.18 -10.26 9.81
CA ALA A 15 -0.29 -9.97 11.16
C ALA A 15 -1.66 -9.25 11.17
N TYR A 16 -2.44 -9.33 10.10
CA TYR A 16 -3.71 -8.60 10.03
C TYR A 16 -4.68 -9.05 11.12
N GLU A 17 -4.76 -10.35 11.36
CA GLU A 17 -5.60 -10.88 12.43
C GLU A 17 -5.09 -10.39 13.78
N VAL A 18 -3.79 -10.31 13.96
CA VAL A 18 -3.22 -9.88 15.24
C VAL A 18 -3.59 -8.42 15.46
N CYS A 19 -3.48 -7.60 14.43
CA CYS A 19 -3.89 -6.20 14.49
C CYS A 19 -5.38 -6.07 14.82
N ALA A 20 -6.21 -6.90 14.17
CA ALA A 20 -7.64 -6.85 14.39
C ALA A 20 -7.98 -7.20 15.85
N LYS A 21 -7.25 -8.14 16.43
CA LYS A 21 -7.40 -8.42 17.86
C LYS A 21 -6.92 -7.27 18.71
N GLU A 22 -5.74 -6.74 18.43
CA GLU A 22 -5.11 -5.72 19.26
C GLU A 22 -5.90 -4.42 19.33
N TYR A 23 -6.47 -4.00 18.21
CA TYR A 23 -7.25 -2.75 18.16
C TYR A 23 -8.76 -2.97 18.19
N ASN A 24 -9.18 -4.23 18.36
CA ASN A 24 -10.58 -4.62 18.35
C ASN A 24 -11.32 -4.17 17.07
N LEU A 25 -10.67 -4.33 15.93
CA LEU A 25 -11.25 -3.91 14.64
C LEU A 25 -12.23 -4.98 14.19
N PRO A 26 -13.35 -4.59 13.55
CA PRO A 26 -14.32 -5.64 13.17
C PRO A 26 -13.87 -6.51 12.00
N GLU A 27 -14.57 -7.62 11.78
CA GLU A 27 -14.34 -8.46 10.60
C GLU A 27 -14.62 -7.65 9.33
N ALA A 28 -15.57 -6.73 9.46
CA ALA A 28 -15.93 -5.80 8.40
C ALA A 28 -14.75 -4.92 7.93
N ALA A 29 -13.75 -4.65 8.78
CA ALA A 29 -12.60 -3.88 8.35
C ALA A 29 -11.77 -4.72 7.37
N GLY A 30 -11.64 -6.01 7.65
CA GLY A 30 -10.94 -6.90 6.74
C GLY A 30 -11.65 -7.02 5.40
N ALA A 31 -12.97 -6.94 5.43
CA ALA A 31 -13.77 -6.98 4.21
C ALA A 31 -13.44 -5.80 3.30
N GLU A 32 -13.26 -4.62 3.89
CA GLU A 32 -12.93 -3.42 3.12
C GLU A 32 -11.60 -3.56 2.40
N VAL A 33 -10.64 -4.18 3.07
CA VAL A 33 -9.30 -4.34 2.52
C VAL A 33 -9.39 -5.31 1.34
N MET A 34 -10.10 -6.42 1.51
CA MET A 34 -10.23 -7.36 0.40
C MET A 34 -11.02 -6.77 -0.76
N ASN A 35 -12.01 -5.96 -0.45
CA ASN A 35 -12.80 -5.32 -1.50
C ASN A 35 -11.97 -4.29 -2.26
N PHE A 36 -11.09 -3.56 -1.60
CA PHE A 36 -10.17 -2.65 -2.30
C PHE A 36 -9.21 -3.41 -3.21
N TRP A 37 -8.78 -4.59 -2.80
CA TRP A 37 -7.87 -5.39 -3.62
C TRP A 37 -8.56 -5.88 -4.90
N LYS A 38 -9.88 -6.03 -4.87
CA LYS A 38 -10.64 -6.50 -6.03
C LYS A 38 -10.65 -5.43 -7.13
N GLU A 39 -10.38 -5.82 -8.36
CA GLU A 39 -10.33 -4.86 -9.46
C GLU A 39 -11.72 -4.28 -9.72
N GLY A 40 -11.81 -2.97 -9.82
CA GLY A 40 -13.07 -2.28 -10.07
C GLY A 40 -13.84 -1.89 -8.83
N TYR A 41 -13.33 -2.21 -7.64
CA TYR A 41 -14.04 -1.92 -6.39
C TYR A 41 -13.13 -1.15 -5.44
N VAL A 42 -13.65 -0.06 -4.87
CA VAL A 42 -12.96 0.71 -3.85
C VAL A 42 -14.06 1.07 -2.88
N LEU A 43 -13.78 0.93 -1.59
CA LEU A 43 -14.69 1.32 -0.52
C LEU A 43 -13.73 2.05 0.40
N THR A 44 -14.23 3.01 1.16
CA THR A 44 -13.36 3.84 2.00
C THR A 44 -13.95 3.91 3.40
N SER A 45 -13.23 3.44 4.40
CA SER A 45 -13.69 3.56 5.79
C SER A 45 -12.53 3.84 6.72
N ARG A 46 -12.83 4.46 7.85
CA ARG A 46 -11.79 4.81 8.82
C ARG A 46 -11.15 3.55 9.37
N GLU A 47 -11.94 2.55 9.74
CA GLU A 47 -11.37 1.34 10.34
C GLU A 47 -10.49 0.54 9.38
N ALA A 48 -10.75 0.61 8.07
CA ALA A 48 -9.88 -0.05 7.10
C ALA A 48 -8.52 0.62 7.09
N GLY A 49 -8.52 1.94 7.13
CA GLY A 49 -7.28 2.68 7.13
C GLY A 49 -6.55 2.54 8.46
N CYS A 50 -7.32 2.33 9.51
CA CYS A 50 -6.75 2.13 10.83
C CYS A 50 -6.00 0.81 10.86
N ALA A 51 -6.47 -0.21 10.15
CA ALA A 51 -5.73 -1.46 10.04
C ALA A 51 -4.38 -1.25 9.35
N ILE A 52 -4.35 -0.44 8.31
CA ILE A 52 -3.11 -0.17 7.58
C ILE A 52 -2.12 0.56 8.49
N LEU A 53 -2.60 1.57 9.21
CA LEU A 53 -1.75 2.32 10.14
C LEU A 53 -1.30 1.46 11.32
N CYS A 54 -2.19 0.60 11.79
CA CYS A 54 -1.91 -0.30 12.90
C CYS A 54 -0.80 -1.27 12.53
N LEU A 55 -0.83 -1.80 11.32
CA LEU A 55 0.19 -2.75 10.90
C LEU A 55 1.57 -2.08 10.83
N SER A 56 1.66 -0.84 10.39
CA SER A 56 2.95 -0.16 10.38
C SER A 56 3.40 0.20 11.79
N SER A 57 2.51 0.68 12.65
CA SER A 57 2.88 1.11 14.00
C SER A 57 3.13 -0.07 14.93
N LYS A 58 2.63 -1.24 14.57
CA LYS A 58 2.91 -2.48 15.31
C LYS A 58 4.40 -2.77 15.31
N LEU A 59 5.05 -2.47 14.20
CA LEU A 59 6.46 -2.81 14.03
C LEU A 59 7.40 -1.60 14.12
N ASN A 60 6.88 -0.42 13.80
CA ASN A 60 7.64 0.83 13.77
C ASN A 60 8.95 0.67 12.99
N LEU A 61 8.82 0.08 11.80
CA LEU A 61 9.93 -0.13 10.87
C LEU A 61 10.36 1.22 10.33
N LEU A 62 9.40 2.15 10.33
CA LEU A 62 9.61 3.54 9.92
C LEU A 62 10.75 4.11 10.75
N ASP A 63 11.49 5.03 10.14
CA ASP A 63 12.67 5.60 10.78
C ASP A 63 12.14 6.36 12.01
N PRO A 64 12.97 6.56 13.04
CA PRO A 64 12.40 7.05 14.30
C PRO A 64 11.84 8.47 14.26
N GLU A 65 12.17 9.19 13.20
CA GLU A 65 11.63 10.53 12.91
C GLU A 65 10.19 10.50 12.42
N GLY A 66 9.66 9.30 12.17
CA GLY A 66 8.30 9.15 11.65
C GLY A 66 8.30 9.09 10.13
N THR A 67 9.48 9.13 9.55
CA THR A 67 9.68 9.14 8.11
C THR A 67 9.80 7.72 7.57
N LEU A 68 9.81 7.61 6.25
CA LEU A 68 9.96 6.34 5.53
C LEU A 68 11.22 5.58 5.90
N HIS A 69 11.26 4.30 5.56
CA HIS A 69 12.33 3.38 5.98
C HIS A 69 13.11 2.73 4.84
N ARG A 70 14.07 3.42 4.26
CA ARG A 70 14.79 2.88 3.09
C ARG A 70 15.47 1.54 3.34
N GLY A 71 16.06 1.36 4.52
CA GLY A 71 16.70 0.09 4.82
C GLY A 71 15.74 -1.06 5.03
N ASN A 72 14.69 -0.85 5.82
CA ASN A 72 13.69 -1.91 6.01
C ASN A 72 12.92 -2.20 4.73
N THR A 73 12.76 -1.22 3.84
CA THR A 73 12.00 -1.45 2.61
C THR A 73 12.72 -2.45 1.73
N VAL A 74 14.02 -2.26 1.53
CA VAL A 74 14.76 -3.16 0.65
C VAL A 74 14.86 -4.54 1.29
N GLU A 75 14.98 -4.62 2.60
CA GLU A 75 15.07 -5.93 3.25
C GLU A 75 13.77 -6.71 3.28
N PHE A 76 12.67 -6.05 3.60
CA PHE A 76 11.39 -6.76 3.72
C PHE A 76 10.93 -7.25 2.35
N ALA A 77 11.17 -6.45 1.33
CA ALA A 77 10.82 -6.85 -0.02
C ALA A 77 11.72 -7.99 -0.52
N LYS A 78 12.99 -7.99 -0.11
CA LYS A 78 13.93 -9.03 -0.51
C LYS A 78 13.53 -10.40 0.03
N GLN A 79 12.77 -10.44 1.12
CA GLN A 79 12.24 -11.71 1.64
C GLN A 79 11.39 -12.45 0.62
N HIS A 80 10.71 -11.72 -0.27
CA HIS A 80 9.90 -12.32 -1.32
C HIS A 80 10.56 -12.24 -2.69
N GLY A 81 11.79 -11.77 -2.76
CA GLY A 81 12.56 -11.78 -4.00
C GLY A 81 12.66 -10.51 -4.83
N SER A 82 12.50 -9.33 -4.23
CA SER A 82 12.61 -8.08 -4.98
C SER A 82 14.05 -7.77 -5.37
N ASP A 83 14.22 -6.68 -6.10
CA ASP A 83 15.53 -6.12 -6.38
C ASP A 83 15.60 -4.86 -5.53
N ASP A 84 16.78 -4.51 -5.03
CA ASP A 84 16.92 -3.34 -4.16
C ASP A 84 16.54 -2.07 -4.89
N ALA A 85 16.87 -2.00 -6.18
CA ALA A 85 16.52 -0.83 -6.99
C ALA A 85 15.00 -0.64 -7.08
N MET A 86 14.26 -1.73 -7.16
CA MET A 86 12.80 -1.65 -7.25
C MET A 86 12.26 -1.15 -5.92
N ALA A 87 12.75 -1.73 -4.83
CA ALA A 87 12.26 -1.40 -3.51
C ALA A 87 12.62 0.03 -3.07
N HIS A 88 13.83 0.47 -3.37
CA HIS A 88 14.27 1.82 -3.00
C HIS A 88 13.54 2.89 -3.80
N GLN A 89 13.23 2.61 -5.06
CA GLN A 89 12.49 3.54 -5.90
C GLN A 89 11.10 3.83 -5.33
N LEU A 90 10.48 2.83 -4.73
CA LEU A 90 9.17 3.01 -4.11
C LEU A 90 9.21 4.01 -2.96
N VAL A 91 10.36 4.19 -2.34
CA VAL A 91 10.48 5.17 -1.25
C VAL A 91 10.65 6.58 -1.82
N ASP A 92 11.36 6.71 -2.92
CA ASP A 92 11.58 8.03 -3.53
C ASP A 92 10.29 8.62 -4.07
N ILE A 93 9.51 7.82 -4.76
CA ILE A 93 8.29 8.31 -5.42
C ILE A 93 7.13 8.64 -4.47
N VAL A 94 7.30 8.36 -3.18
CA VAL A 94 6.36 8.85 -2.16
C VAL A 94 6.33 10.38 -2.21
N HIS A 95 7.45 11.01 -2.55
CA HIS A 95 7.47 12.47 -2.64
C HIS A 95 6.44 13.00 -3.62
N ALA A 96 6.23 12.28 -4.73
CA ALA A 96 5.20 12.63 -5.69
C ALA A 96 3.81 12.26 -5.17
N CYS A 97 3.67 11.05 -4.65
CA CYS A 97 2.36 10.55 -4.23
C CYS A 97 1.79 11.25 -3.00
N GLU A 98 2.64 11.87 -2.21
CA GLU A 98 2.18 12.66 -1.06
C GLU A 98 1.38 13.85 -1.56
N LYS A 99 1.73 14.39 -2.73
CA LYS A 99 0.99 15.51 -3.30
C LYS A 99 -0.41 15.10 -3.73
N SER A 100 -0.58 13.82 -4.05
CA SER A 100 -1.89 13.29 -4.45
C SER A 100 -2.76 12.91 -3.25
N VAL A 101 -2.17 12.84 -2.06
CA VAL A 101 -2.88 12.42 -0.85
C VAL A 101 -2.66 13.49 0.23
N PRO A 102 -3.58 14.46 0.35
CA PRO A 102 -3.36 15.47 1.41
C PRO A 102 -3.54 14.88 2.81
N PRO A 103 -3.10 15.59 3.86
CA PRO A 103 -3.41 15.09 5.21
C PRO A 103 -4.91 15.00 5.45
N ASN A 104 -5.32 14.14 6.37
CA ASN A 104 -6.73 13.98 6.70
C ASN A 104 -6.89 14.27 8.19
N GLU A 105 -8.12 14.40 8.65
CA GLU A 105 -8.37 14.65 10.07
C GLU A 105 -7.96 13.44 10.89
N ASP A 106 -8.17 12.26 10.34
CA ASP A 106 -7.76 11.04 11.02
C ASP A 106 -6.60 10.42 10.24
N ASN A 107 -5.53 10.07 10.94
CA ASN A 107 -4.34 9.51 10.31
C ASN A 107 -4.66 8.13 9.74
N CYS A 108 -5.72 7.48 10.20
CA CYS A 108 -6.18 6.24 9.58
C CYS A 108 -6.57 6.48 8.12
N LEU A 109 -7.30 7.55 7.87
CA LEU A 109 -7.78 7.82 6.51
C LEU A 109 -6.61 8.24 5.63
N MET A 110 -5.65 8.92 6.23
CA MET A 110 -4.44 9.29 5.49
C MET A 110 -3.65 8.03 5.12
N ALA A 111 -3.52 7.09 6.04
CA ALA A 111 -2.83 5.82 5.76
C ALA A 111 -3.53 5.03 4.65
N LEU A 112 -4.85 5.08 4.62
CA LEU A 112 -5.59 4.43 3.55
C LEU A 112 -5.28 5.10 2.20
N GLY A 113 -5.21 6.42 2.17
CA GLY A 113 -4.87 7.13 0.94
C GLY A 113 -3.46 6.81 0.48
N ILE A 114 -2.53 6.72 1.42
CA ILE A 114 -1.14 6.34 1.12
C ILE A 114 -1.12 4.94 0.53
N SER A 115 -1.94 4.03 1.04
CA SER A 115 -1.97 2.68 0.51
C SER A 115 -2.56 2.60 -0.90
N MET A 116 -3.48 3.49 -1.24
CA MET A 116 -3.99 3.56 -2.61
C MET A 116 -2.87 4.06 -3.51
N CYS A 117 -2.20 5.11 -3.04
CA CYS A 117 -1.15 5.77 -3.81
C CYS A 117 0.07 4.88 -4.06
N PHE A 118 0.23 3.88 -3.21
CA PHE A 118 1.32 2.90 -3.37
C PHE A 118 1.19 2.17 -4.71
N LYS A 119 -0.04 1.85 -5.12
CA LYS A 119 -0.24 1.28 -6.46
C LYS A 119 -0.26 2.36 -7.52
N THR A 120 -0.82 3.51 -7.22
CA THR A 120 -0.95 4.61 -8.17
C THR A 120 0.39 5.06 -8.76
N GLU A 121 1.42 5.22 -7.94
CA GLU A 121 2.70 5.65 -8.50
C GLU A 121 3.38 4.56 -9.34
N ILE A 122 3.37 3.30 -8.90
CA ILE A 122 4.00 2.25 -9.71
C ILE A 122 3.21 1.99 -11.00
N HIS A 123 1.90 2.27 -10.97
CA HIS A 123 1.08 2.28 -12.18
C HIS A 123 1.55 3.36 -13.13
N LYS A 124 1.82 4.57 -12.65
CA LYS A 124 2.28 5.67 -13.50
C LYS A 124 3.70 5.46 -14.01
N LEU A 125 4.52 4.75 -13.25
CA LEU A 125 5.84 4.32 -13.71
C LEU A 125 5.78 3.22 -14.76
N ASN A 126 4.59 2.64 -14.95
CA ASN A 126 4.31 1.53 -15.86
C ASN A 126 5.04 0.24 -15.48
N TRP A 127 5.42 0.12 -14.21
CA TRP A 127 6.19 -1.03 -13.73
C TRP A 127 5.38 -1.87 -12.75
N ALA A 128 4.08 -1.59 -12.70
CA ALA A 128 3.18 -2.36 -11.84
C ALA A 128 3.16 -3.80 -12.35
N PRO A 129 2.98 -4.81 -11.47
CA PRO A 129 2.93 -6.16 -12.02
C PRO A 129 1.68 -6.44 -12.87
N ASP A 130 0.64 -5.65 -12.68
CA ASP A 130 -0.59 -5.81 -13.44
C ASP A 130 -0.49 -5.09 -14.78
N HIS A 131 0.21 -5.72 -15.72
CA HIS A 131 0.37 -5.19 -17.07
C HIS A 131 -0.98 -5.02 -17.76
N GLU A 132 -1.91 -5.94 -17.55
CA GLU A 132 -3.22 -5.82 -18.18
C GLU A 132 -3.97 -4.63 -17.61
N LEU A 133 -3.80 -4.35 -16.32
CA LEU A 133 -4.46 -3.20 -15.72
C LEU A 133 -3.85 -1.91 -16.25
N LEU A 134 -2.56 -1.92 -16.58
CA LEU A 134 -1.93 -0.75 -17.20
C LEU A 134 -2.65 -0.47 -18.51
N LEU A 135 -2.86 -1.51 -19.31
CA LEU A 135 -3.50 -1.35 -20.61
C LEU A 135 -4.94 -0.88 -20.50
N GLU A 136 -5.70 -1.47 -19.57
CA GLU A 136 -7.10 -1.08 -19.39
C GLU A 136 -7.22 0.35 -18.92
N GLU A 137 -6.32 0.77 -18.04
CA GLU A 137 -6.33 2.15 -17.55
C GLU A 137 -5.98 3.14 -18.65
N MET A 138 -5.00 2.78 -19.48
CA MET A 138 -4.60 3.64 -20.59
C MET A 138 -5.72 3.76 -21.61
N MET A 139 -6.49 2.70 -21.84
CA MET A 139 -7.62 2.78 -22.74
C MET A 139 -8.77 3.55 -22.12
N ALA A 140 -8.99 3.43 -20.83
CA ALA A 140 -10.03 4.22 -20.16
C ALA A 140 -9.70 5.71 -20.26
N GLU A 141 -8.42 6.06 -20.20
CA GLU A 141 -8.00 7.45 -20.38
C GLU A 141 -8.06 7.89 -21.84
N MET A 142 -7.82 6.98 -22.77
CA MET A 142 -7.98 7.31 -24.19
C MET A 142 -9.46 7.64 -24.45
N LYS A 143 -10.35 6.89 -23.82
CA LYS A 143 -11.78 7.16 -23.93
C LYS A 143 -12.16 8.50 -23.32
N GLN A 144 -11.74 8.76 -22.08
CA GLN A 144 -12.08 9.98 -21.32
C GLN A 144 -13.46 10.57 -21.60
N SER A 1 9.59 -11.07 -11.31
CA SER A 1 10.09 -9.98 -10.44
C SER A 1 8.95 -9.07 -9.95
N GLN A 2 8.04 -8.66 -10.82
CA GLN A 2 6.96 -7.75 -10.44
C GLN A 2 5.94 -8.37 -9.49
N ALA A 3 5.68 -9.66 -9.61
CA ALA A 3 4.71 -10.35 -8.75
C ALA A 3 5.09 -10.35 -7.26
N VAL A 4 6.35 -10.04 -6.97
CA VAL A 4 6.82 -9.87 -5.59
C VAL A 4 6.01 -8.78 -4.90
N MET A 5 5.53 -7.77 -5.62
CA MET A 5 4.70 -6.74 -5.00
C MET A 5 3.44 -7.30 -4.35
N LYS A 6 2.87 -8.33 -4.95
CA LYS A 6 1.64 -8.95 -4.43
C LYS A 6 1.97 -9.86 -3.26
N ASP A 7 3.06 -10.59 -3.37
CA ASP A 7 3.47 -11.54 -2.34
C ASP A 7 3.97 -10.81 -1.09
N MET A 8 4.57 -9.65 -1.28
CA MET A 8 5.03 -8.82 -0.17
C MET A 8 3.84 -8.38 0.70
N THR A 9 2.71 -8.11 0.06
CA THR A 9 1.50 -7.78 0.80
C THR A 9 1.06 -8.95 1.67
N LYS A 10 1.15 -10.17 1.15
CA LYS A 10 0.74 -11.36 1.91
C LYS A 10 1.53 -11.47 3.20
N ASN A 11 2.81 -11.16 3.15
CA ASN A 11 3.62 -11.22 4.37
C ASN A 11 3.18 -10.21 5.43
N PHE A 12 2.71 -9.03 5.04
CA PHE A 12 2.25 -8.08 6.06
C PHE A 12 0.91 -8.51 6.64
N ILE A 13 -0.02 -8.93 5.78
CA ILE A 13 -1.36 -9.32 6.24
C ILE A 13 -1.37 -10.71 6.86
N LYS A 14 -0.22 -11.35 6.93
CA LYS A 14 -0.07 -12.58 7.71
C LYS A 14 -0.37 -12.32 9.18
N ALA A 15 -0.07 -11.11 9.64
CA ALA A 15 -0.32 -10.70 11.02
C ALA A 15 -1.65 -9.94 11.18
N TYR A 16 -2.48 -9.92 10.13
CA TYR A 16 -3.68 -9.11 10.11
C TYR A 16 -4.66 -9.45 11.23
N GLU A 17 -4.86 -10.74 11.48
CA GLU A 17 -5.83 -11.14 12.49
C GLU A 17 -5.42 -10.68 13.89
N VAL A 18 -4.14 -10.79 14.20
CA VAL A 18 -3.64 -10.38 15.53
C VAL A 18 -3.70 -8.86 15.64
N CYS A 19 -3.38 -8.18 14.56
CA CYS A 19 -3.48 -6.73 14.51
C CYS A 19 -4.92 -6.26 14.71
N ALA A 20 -5.88 -6.97 14.12
CA ALA A 20 -7.28 -6.64 14.28
C ALA A 20 -7.74 -6.82 15.73
N LYS A 21 -7.15 -7.76 16.46
CA LYS A 21 -7.44 -7.89 17.90
C LYS A 21 -6.91 -6.67 18.64
N GLU A 22 -5.67 -6.31 18.35
CA GLU A 22 -5.00 -5.21 19.07
C GLU A 22 -5.67 -3.86 18.89
N TYR A 23 -6.06 -3.56 17.65
CA TYR A 23 -6.70 -2.28 17.34
C TYR A 23 -8.22 -2.40 17.44
N ASN A 24 -8.70 -3.57 17.88
CA ASN A 24 -10.12 -3.84 18.13
C ASN A 24 -11.00 -3.52 16.91
N LEU A 25 -10.53 -3.94 15.75
CA LEU A 25 -11.17 -3.59 14.49
C LEU A 25 -12.30 -4.55 14.14
N PRO A 26 -13.34 -4.07 13.44
CA PRO A 26 -14.43 -4.98 13.07
C PRO A 26 -14.07 -5.90 11.91
N GLU A 27 -14.90 -6.90 11.68
CA GLU A 27 -14.71 -7.83 10.56
C GLU A 27 -14.78 -7.14 9.20
N ALA A 28 -15.55 -6.05 9.09
CA ALA A 28 -15.63 -5.31 7.83
C ALA A 28 -14.30 -4.69 7.40
N ALA A 29 -13.42 -4.39 8.36
CA ALA A 29 -12.12 -3.84 8.02
C ALA A 29 -11.35 -4.84 7.16
N GLY A 30 -11.51 -6.12 7.47
CA GLY A 30 -10.83 -7.16 6.71
C GLY A 30 -11.35 -7.27 5.29
N ALA A 31 -12.64 -7.08 5.10
CA ALA A 31 -13.25 -7.13 3.77
C ALA A 31 -12.77 -5.93 2.94
N GLU A 32 -12.63 -4.80 3.58
CA GLU A 32 -12.16 -3.59 2.93
C GLU A 32 -10.66 -3.65 2.58
N VAL A 33 -9.83 -4.23 3.42
CA VAL A 33 -8.42 -4.45 3.07
C VAL A 33 -8.34 -5.52 1.98
N MET A 34 -9.29 -6.44 1.95
CA MET A 34 -9.35 -7.39 0.83
C MET A 34 -9.71 -6.65 -0.46
N ASN A 35 -10.56 -5.64 -0.40
CA ASN A 35 -10.85 -4.82 -1.58
C ASN A 35 -9.63 -4.01 -2.01
N PHE A 36 -8.79 -3.58 -1.08
CA PHE A 36 -7.53 -2.93 -1.45
C PHE A 36 -6.65 -3.90 -2.23
N TRP A 37 -6.66 -5.17 -1.83
CA TRP A 37 -5.84 -6.18 -2.52
C TRP A 37 -6.38 -6.54 -3.91
N LYS A 38 -7.69 -6.54 -4.07
CA LYS A 38 -8.33 -6.81 -5.37
C LYS A 38 -7.95 -5.69 -6.35
N GLU A 39 -7.74 -6.08 -7.59
CA GLU A 39 -7.20 -5.16 -8.59
C GLU A 39 -8.27 -4.17 -9.02
N GLY A 40 -8.00 -2.88 -8.91
CA GLY A 40 -8.91 -1.85 -9.43
C GLY A 40 -10.05 -1.48 -8.51
N TYR A 41 -10.20 -2.24 -7.44
CA TYR A 41 -11.23 -1.98 -6.44
C TYR A 41 -10.77 -0.79 -5.61
N VAL A 42 -11.70 0.05 -5.21
CA VAL A 42 -11.38 1.29 -4.49
C VAL A 42 -12.30 1.38 -3.28
N LEU A 43 -11.75 1.79 -2.14
CA LEU A 43 -12.50 1.89 -0.91
C LEU A 43 -11.90 2.99 -0.05
N THR A 44 -12.68 3.52 0.89
CA THR A 44 -12.22 4.57 1.79
C THR A 44 -12.71 4.28 3.23
N SER A 45 -12.49 3.07 3.72
CA SER A 45 -12.88 2.72 5.10
C SER A 45 -11.85 3.16 6.12
N ARG A 46 -12.28 3.85 7.17
CA ARG A 46 -11.36 4.31 8.21
C ARG A 46 -10.72 3.13 8.92
N GLU A 47 -11.49 2.09 9.17
CA GLU A 47 -10.99 0.94 9.93
C GLU A 47 -10.02 0.13 9.11
N ALA A 48 -10.19 0.14 7.79
CA ALA A 48 -9.23 -0.50 6.90
C ALA A 48 -7.91 0.25 6.96
N GLY A 49 -8.00 1.58 6.98
CA GLY A 49 -6.81 2.40 7.16
C GLY A 49 -6.16 2.15 8.50
N CYS A 50 -6.95 1.92 9.53
CA CYS A 50 -6.42 1.61 10.85
C CYS A 50 -5.73 0.26 10.87
N ALA A 51 -6.17 -0.70 10.08
CA ALA A 51 -5.48 -1.99 10.01
C ALA A 51 -4.11 -1.84 9.38
N ILE A 52 -4.04 -1.04 8.33
CA ILE A 52 -2.78 -0.85 7.61
C ILE A 52 -1.82 -0.08 8.52
N LEU A 53 -2.35 0.93 9.22
CA LEU A 53 -1.57 1.70 10.18
C LEU A 53 -1.11 0.80 11.33
N CYS A 54 -1.98 -0.07 11.78
CA CYS A 54 -1.65 -0.98 12.86
C CYS A 54 -0.54 -1.92 12.44
N LEU A 55 -0.60 -2.53 11.27
CA LEU A 55 0.45 -3.47 10.86
C LEU A 55 1.81 -2.81 10.78
N SER A 56 1.88 -1.58 10.28
CA SER A 56 3.16 -0.88 10.20
C SER A 56 3.64 -0.40 11.58
N SER A 57 2.74 0.14 12.39
CA SER A 57 3.12 0.70 13.70
C SER A 57 3.35 -0.35 14.79
N LYS A 58 2.71 -1.50 14.70
CA LYS A 58 2.89 -2.60 15.66
C LYS A 58 4.33 -3.10 15.68
N LEU A 59 4.98 -3.02 14.54
CA LEU A 59 6.39 -3.39 14.44
C LEU A 59 7.29 -2.15 14.37
N ASN A 60 6.64 -0.99 14.26
CA ASN A 60 7.29 0.31 14.03
C ASN A 60 8.25 0.26 12.85
N LEU A 61 7.72 -0.16 11.71
CA LEU A 61 8.52 -0.32 10.49
C LEU A 61 8.98 1.01 9.91
N LEU A 62 8.30 2.10 10.22
CA LEU A 62 8.76 3.42 9.78
C LEU A 62 10.04 3.78 10.51
N ASP A 63 10.77 4.72 9.94
CA ASP A 63 12.03 5.19 10.52
C ASP A 63 11.78 5.77 11.91
N PRO A 64 12.82 5.90 12.76
CA PRO A 64 12.53 6.50 14.06
C PRO A 64 12.16 7.99 14.00
N GLU A 65 12.46 8.64 12.88
CA GLU A 65 12.02 10.01 12.64
C GLU A 65 10.57 10.06 12.15
N GLY A 66 9.97 8.91 11.88
CA GLY A 66 8.64 8.85 11.30
C GLY A 66 8.66 9.09 9.80
N THR A 67 9.86 9.19 9.25
CA THR A 67 10.05 9.38 7.82
C THR A 67 9.84 8.06 7.10
N LEU A 68 9.69 8.16 5.79
CA LEU A 68 9.42 6.99 4.96
C LEU A 68 10.61 6.03 4.99
N HIS A 69 10.28 4.77 5.16
CA HIS A 69 11.23 3.71 5.48
C HIS A 69 11.93 3.05 4.30
N ARG A 70 12.96 3.74 3.82
CA ARG A 70 13.76 3.27 2.69
C ARG A 70 14.32 1.87 2.94
N GLY A 71 14.84 1.62 4.13
CA GLY A 71 15.40 0.31 4.43
C GLY A 71 14.37 -0.80 4.56
N ASN A 72 13.36 -0.61 5.39
CA ASN A 72 12.36 -1.65 5.59
C ASN A 72 11.58 -1.98 4.33
N THR A 73 11.39 -1.02 3.44
CA THR A 73 10.73 -1.31 2.18
C THR A 73 11.59 -2.25 1.33
N VAL A 74 12.88 -1.97 1.17
CA VAL A 74 13.70 -2.84 0.33
C VAL A 74 13.91 -4.19 1.01
N GLU A 75 14.00 -4.23 2.32
CA GLU A 75 14.18 -5.49 3.03
C GLU A 75 12.98 -6.43 2.93
N PHE A 76 11.77 -5.93 3.17
CA PHE A 76 10.60 -6.81 3.08
C PHE A 76 10.33 -7.21 1.65
N ALA A 77 10.70 -6.38 0.69
CA ALA A 77 10.53 -6.76 -0.70
C ALA A 77 11.52 -7.88 -1.06
N LYS A 78 12.76 -7.76 -0.58
CA LYS A 78 13.80 -8.75 -0.84
C LYS A 78 13.50 -10.09 -0.20
N GLN A 79 12.74 -10.08 0.89
CA GLN A 79 12.27 -11.34 1.50
C GLN A 79 11.43 -12.21 0.56
N HIS A 80 10.77 -11.62 -0.43
CA HIS A 80 10.10 -12.40 -1.49
C HIS A 80 10.83 -12.34 -2.84
N GLY A 81 11.94 -11.63 -2.92
CA GLY A 81 12.80 -11.66 -4.10
C GLY A 81 12.72 -10.53 -5.10
N SER A 82 12.45 -9.31 -4.63
CA SER A 82 12.37 -8.12 -5.48
C SER A 82 13.69 -7.68 -6.09
N ASP A 83 13.64 -6.56 -6.80
CA ASP A 83 14.83 -5.76 -7.07
C ASP A 83 14.77 -4.54 -6.17
N ASP A 84 15.92 -4.13 -5.65
CA ASP A 84 15.99 -2.96 -4.76
C ASP A 84 15.53 -1.72 -5.48
N ALA A 85 15.84 -1.64 -6.77
CA ALA A 85 15.41 -0.50 -7.58
C ALA A 85 13.89 -0.35 -7.58
N MET A 86 13.16 -1.45 -7.68
CA MET A 86 11.69 -1.39 -7.70
C MET A 86 11.15 -1.03 -6.33
N ALA A 87 11.74 -1.60 -5.30
CA ALA A 87 11.28 -1.36 -3.94
C ALA A 87 11.58 0.08 -3.49
N HIS A 88 12.74 0.62 -3.85
CA HIS A 88 13.07 1.99 -3.48
C HIS A 88 12.26 3.01 -4.27
N GLN A 89 11.87 2.67 -5.50
CA GLN A 89 11.02 3.53 -6.31
C GLN A 89 9.70 3.80 -5.58
N LEU A 90 9.16 2.80 -4.90
CA LEU A 90 7.94 2.98 -4.12
C LEU A 90 8.09 4.05 -3.05
N VAL A 91 9.25 4.15 -2.43
CA VAL A 91 9.46 5.11 -1.34
C VAL A 91 9.60 6.53 -1.92
N ASP A 92 10.21 6.62 -3.09
CA ASP A 92 10.42 7.92 -3.72
C ASP A 92 9.11 8.57 -4.19
N ILE A 93 8.26 7.79 -4.83
CA ILE A 93 7.02 8.32 -5.43
C ILE A 93 5.95 8.70 -4.42
N VAL A 94 6.14 8.39 -3.15
CA VAL A 94 5.21 8.83 -2.11
C VAL A 94 5.19 10.36 -2.08
N HIS A 95 6.29 11.00 -2.41
CA HIS A 95 6.32 12.46 -2.43
C HIS A 95 5.35 13.03 -3.47
N ALA A 96 5.28 12.45 -4.66
CA ALA A 96 4.33 12.90 -5.67
C ALA A 96 2.91 12.55 -5.24
N CYS A 97 2.76 11.40 -4.60
CA CYS A 97 1.48 10.91 -4.12
C CYS A 97 0.79 11.89 -3.17
N GLU A 98 1.56 12.67 -2.42
CA GLU A 98 0.99 13.69 -1.52
C GLU A 98 0.11 14.72 -2.25
N LYS A 99 0.37 14.93 -3.54
CA LYS A 99 -0.43 15.90 -4.30
C LYS A 99 -1.77 15.31 -4.76
N SER A 100 -1.85 13.98 -4.85
CA SER A 100 -3.12 13.30 -5.14
C SER A 100 -3.89 13.02 -3.86
N VAL A 101 -3.17 12.75 -2.78
CA VAL A 101 -3.77 12.43 -1.48
C VAL A 101 -3.54 13.61 -0.53
N PRO A 102 -4.57 14.47 -0.35
CA PRO A 102 -4.36 15.59 0.57
C PRO A 102 -4.20 15.10 2.01
N PRO A 103 -3.68 15.95 2.92
CA PRO A 103 -3.50 15.43 4.28
C PRO A 103 -4.80 15.13 4.98
N ASN A 104 -4.76 14.25 5.97
CA ASN A 104 -5.95 13.83 6.71
C ASN A 104 -5.68 14.09 8.17
N GLU A 105 -6.72 14.32 8.95
CA GLU A 105 -6.55 14.63 10.37
C GLU A 105 -6.30 13.36 11.16
N ASP A 106 -7.10 12.34 10.86
CA ASP A 106 -6.97 11.05 11.54
C ASP A 106 -5.82 10.27 10.93
N ASN A 107 -5.03 9.61 11.75
CA ASN A 107 -3.84 8.90 11.26
C ASN A 107 -4.23 7.67 10.43
N CYS A 108 -5.38 7.08 10.71
CA CYS A 108 -5.87 5.96 9.93
C CYS A 108 -6.28 6.41 8.54
N LEU A 109 -6.88 7.59 8.46
CA LEU A 109 -7.35 8.10 7.17
C LEU A 109 -6.16 8.51 6.31
N MET A 110 -5.08 8.93 6.94
CA MET A 110 -3.84 9.17 6.21
C MET A 110 -3.28 7.84 5.67
N ALA A 111 -3.20 6.83 6.53
CA ALA A 111 -2.67 5.53 6.13
C ALA A 111 -3.49 4.89 5.01
N LEU A 112 -4.79 5.08 5.06
CA LEU A 112 -5.72 4.64 4.02
C LEU A 112 -5.45 5.31 2.68
N GLY A 113 -5.32 6.62 2.69
CA GLY A 113 -5.16 7.36 1.45
C GLY A 113 -3.85 7.00 0.77
N ILE A 114 -2.77 7.00 1.54
CA ILE A 114 -1.45 6.70 0.98
C ILE A 114 -1.35 5.24 0.54
N SER A 115 -2.03 4.31 1.19
CA SER A 115 -1.91 2.91 0.78
C SER A 115 -2.60 2.67 -0.56
N MET A 116 -3.76 3.26 -0.77
CA MET A 116 -4.42 3.13 -2.07
C MET A 116 -3.54 3.75 -3.14
N CYS A 117 -2.91 4.85 -2.77
CA CYS A 117 -2.03 5.60 -3.66
C CYS A 117 -0.71 4.90 -3.98
N PHE A 118 -0.27 4.00 -3.11
CA PHE A 118 0.94 3.23 -3.40
C PHE A 118 0.71 2.31 -4.59
N LYS A 119 -0.53 1.87 -4.79
CA LYS A 119 -0.86 1.19 -6.05
C LYS A 119 -0.99 2.22 -7.17
N THR A 120 -1.69 3.31 -6.94
CA THR A 120 -1.92 4.33 -7.97
C THR A 120 -0.66 4.91 -8.61
N GLU A 121 0.35 5.27 -7.83
CA GLU A 121 1.57 5.83 -8.42
C GLU A 121 2.31 4.82 -9.28
N ILE A 122 2.29 3.56 -8.90
CA ILE A 122 2.98 2.53 -9.68
C ILE A 122 2.17 2.21 -10.93
N HIS A 123 0.85 2.34 -10.85
CA HIS A 123 0.02 2.28 -12.05
C HIS A 123 0.38 3.44 -12.98
N LYS A 124 0.58 4.65 -12.45
CA LYS A 124 0.96 5.79 -13.28
C LYS A 124 2.35 5.67 -13.88
N LEU A 125 3.26 5.01 -13.19
CA LEU A 125 4.58 4.66 -13.74
C LEU A 125 4.50 3.58 -14.82
N ASN A 126 3.38 2.89 -14.87
CA ASN A 126 3.12 1.73 -15.74
C ASN A 126 4.07 0.56 -15.46
N TRP A 127 4.52 0.44 -14.22
CA TRP A 127 5.46 -0.61 -13.81
C TRP A 127 4.83 -1.59 -12.81
N ALA A 128 3.50 -1.60 -12.76
CA ALA A 128 2.77 -2.43 -11.80
C ALA A 128 2.70 -3.90 -12.23
N PRO A 129 2.52 -4.84 -11.27
CA PRO A 129 2.26 -6.21 -11.72
C PRO A 129 0.86 -6.41 -12.30
N ASP A 130 -0.03 -5.46 -12.06
CA ASP A 130 -1.42 -5.55 -12.51
C ASP A 130 -1.57 -5.01 -13.93
N HIS A 131 -1.07 -5.78 -14.88
CA HIS A 131 -1.09 -5.38 -16.29
C HIS A 131 -2.50 -5.13 -16.81
N GLU A 132 -3.52 -5.81 -16.28
CA GLU A 132 -4.88 -5.54 -16.75
C GLU A 132 -5.29 -4.10 -16.47
N LEU A 133 -4.84 -3.55 -15.35
CA LEU A 133 -5.20 -2.18 -14.98
C LEU A 133 -4.36 -1.21 -15.77
N LEU A 134 -3.12 -1.60 -16.06
CA LEU A 134 -2.24 -0.75 -16.85
C LEU A 134 -2.82 -0.64 -18.26
N LEU A 135 -3.31 -1.75 -18.79
CA LEU A 135 -3.92 -1.74 -20.11
C LEU A 135 -5.16 -0.88 -20.13
N GLU A 136 -5.98 -0.97 -19.08
CA GLU A 136 -7.21 -0.19 -19.01
C GLU A 136 -6.91 1.31 -18.97
N GLU A 137 -5.84 1.69 -18.27
CA GLU A 137 -5.42 3.09 -18.24
C GLU A 137 -4.82 3.49 -19.59
N MET A 138 -3.97 2.65 -20.17
CA MET A 138 -3.29 3.00 -21.42
C MET A 138 -4.27 3.17 -22.57
N MET A 139 -5.31 2.34 -22.64
CA MET A 139 -6.31 2.48 -23.69
C MET A 139 -7.11 3.76 -23.52
N ALA A 140 -7.42 4.13 -22.29
CA ALA A 140 -8.17 5.35 -22.05
C ALA A 140 -7.28 6.57 -22.32
N GLU A 141 -6.01 6.48 -22.01
CA GLU A 141 -5.06 7.55 -22.28
C GLU A 141 -4.84 7.77 -23.78
N MET A 142 -5.06 6.75 -24.60
CA MET A 142 -5.01 6.95 -26.06
C MET A 142 -6.13 7.87 -26.55
N LYS A 143 -7.25 7.91 -25.84
CA LYS A 143 -8.34 8.79 -26.23
C LYS A 143 -8.03 10.25 -25.90
N GLN A 144 -7.26 10.44 -24.84
CA GLN A 144 -6.97 11.78 -24.31
C GLN A 144 -5.94 12.53 -25.15
N SER A 1 12.71 -9.49 -8.49
CA SER A 1 11.54 -10.02 -9.27
C SER A 1 10.33 -9.15 -9.04
N GLN A 2 9.54 -8.88 -10.08
CA GLN A 2 8.37 -8.02 -9.96
C GLN A 2 7.24 -8.73 -9.22
N ALA A 3 7.23 -10.06 -9.25
CA ALA A 3 6.23 -10.85 -8.51
C ALA A 3 6.34 -10.64 -6.99
N VAL A 4 7.51 -10.25 -6.52
CA VAL A 4 7.73 -9.94 -5.11
C VAL A 4 6.84 -8.80 -4.67
N MET A 5 6.51 -7.87 -5.57
CA MET A 5 5.67 -6.75 -5.18
C MET A 5 4.26 -7.20 -4.78
N LYS A 6 3.77 -8.29 -5.35
CA LYS A 6 2.49 -8.86 -4.94
C LYS A 6 2.66 -9.73 -3.70
N ASP A 7 3.73 -10.51 -3.66
CA ASP A 7 3.96 -11.44 -2.54
C ASP A 7 4.21 -10.69 -1.24
N MET A 8 4.81 -9.52 -1.35
CA MET A 8 5.06 -8.64 -0.20
C MET A 8 3.76 -8.11 0.41
N THR A 9 2.71 -7.96 -0.38
CA THR A 9 1.43 -7.51 0.16
C THR A 9 0.86 -8.60 1.06
N LYS A 10 1.00 -9.85 0.63
CA LYS A 10 0.59 -10.99 1.46
C LYS A 10 1.46 -11.08 2.71
N ASN A 11 2.75 -10.80 2.57
CA ASN A 11 3.66 -10.77 3.70
C ASN A 11 3.27 -9.69 4.72
N PHE A 12 2.75 -8.57 4.25
CA PHE A 12 2.32 -7.49 5.13
C PHE A 12 1.03 -7.85 5.89
N ILE A 13 0.08 -8.47 5.22
CA ILE A 13 -1.16 -8.90 5.88
C ILE A 13 -1.02 -10.21 6.66
N LYS A 14 0.19 -10.72 6.83
CA LYS A 14 0.42 -11.95 7.59
C LYS A 14 -0.10 -11.84 9.03
N ALA A 15 0.01 -10.66 9.61
CA ALA A 15 -0.46 -10.40 10.97
C ALA A 15 -1.77 -9.60 10.99
N TYR A 16 -2.52 -9.58 9.90
CA TYR A 16 -3.74 -8.77 9.81
C TYR A 16 -4.76 -9.11 10.88
N GLU A 17 -4.98 -10.39 11.11
CA GLU A 17 -5.96 -10.82 12.10
C GLU A 17 -5.49 -10.47 13.51
N VAL A 18 -4.18 -10.51 13.71
CA VAL A 18 -3.57 -10.19 15.01
C VAL A 18 -3.74 -8.70 15.28
N CYS A 19 -3.56 -7.89 14.25
CA CYS A 19 -3.78 -6.45 14.34
C CYS A 19 -5.25 -6.14 14.67
N ALA A 20 -6.17 -6.87 14.07
CA ALA A 20 -7.59 -6.63 14.36
C ALA A 20 -7.88 -6.89 15.84
N LYS A 21 -7.29 -7.92 16.42
CA LYS A 21 -7.42 -8.18 17.85
C LYS A 21 -6.75 -7.11 18.70
N GLU A 22 -5.61 -6.62 18.26
CA GLU A 22 -4.87 -5.58 18.98
C GLU A 22 -5.65 -4.27 19.02
N TYR A 23 -6.18 -3.85 17.89
CA TYR A 23 -6.89 -2.58 17.80
C TYR A 23 -8.40 -2.71 18.03
N ASN A 24 -8.83 -3.93 18.35
CA ASN A 24 -10.24 -4.25 18.63
C ASN A 24 -11.14 -3.80 17.49
N LEU A 25 -10.71 -4.04 16.26
CA LEU A 25 -11.39 -3.54 15.07
C LEU A 25 -12.68 -4.30 14.77
N PRO A 26 -13.65 -3.65 14.11
CA PRO A 26 -14.72 -4.50 13.57
C PRO A 26 -14.17 -5.42 12.46
N GLU A 27 -14.76 -6.58 12.31
CA GLU A 27 -14.24 -7.60 11.41
C GLU A 27 -14.41 -7.18 9.95
N ALA A 28 -15.37 -6.29 9.71
CA ALA A 28 -15.64 -5.72 8.40
C ALA A 28 -14.42 -5.04 7.78
N ALA A 29 -13.47 -4.61 8.61
CA ALA A 29 -12.24 -3.99 8.15
C ALA A 29 -11.47 -4.92 7.20
N GLY A 30 -11.51 -6.22 7.47
CA GLY A 30 -10.82 -7.18 6.63
C GLY A 30 -11.32 -7.12 5.20
N ALA A 31 -12.64 -7.23 5.04
CA ALA A 31 -13.26 -7.16 3.73
C ALA A 31 -13.00 -5.80 3.09
N GLU A 32 -13.02 -4.72 3.86
CA GLU A 32 -12.74 -3.39 3.31
C GLU A 32 -11.34 -3.25 2.71
N VAL A 33 -10.34 -3.93 3.29
CA VAL A 33 -9.01 -3.94 2.70
C VAL A 33 -8.96 -4.88 1.49
N MET A 34 -9.54 -6.07 1.60
CA MET A 34 -9.47 -7.02 0.49
C MET A 34 -10.23 -6.51 -0.73
N ASN A 35 -11.27 -5.71 -0.50
CA ASN A 35 -12.05 -5.17 -1.60
C ASN A 35 -11.26 -4.22 -2.47
N PHE A 36 -10.29 -3.49 -1.94
CA PHE A 36 -9.49 -2.61 -2.77
C PHE A 36 -8.71 -3.39 -3.83
N TRP A 37 -8.38 -4.64 -3.53
CA TRP A 37 -7.59 -5.45 -4.44
C TRP A 37 -8.42 -6.02 -5.59
N LYS A 38 -9.73 -6.14 -5.39
CA LYS A 38 -10.62 -6.71 -6.40
C LYS A 38 -10.78 -5.75 -7.57
N GLU A 39 -10.70 -6.23 -8.79
CA GLU A 39 -10.71 -5.36 -9.97
C GLU A 39 -12.03 -4.59 -10.13
N GLY A 40 -11.90 -3.28 -10.31
CA GLY A 40 -13.04 -2.39 -10.44
C GLY A 40 -13.73 -1.97 -9.14
N TYR A 41 -13.34 -2.55 -8.02
CA TYR A 41 -13.97 -2.23 -6.74
C TYR A 41 -13.39 -0.93 -6.19
N VAL A 42 -14.27 -0.06 -5.72
CA VAL A 42 -13.88 1.24 -5.15
C VAL A 42 -14.66 1.38 -3.85
N LEU A 43 -14.00 1.11 -2.73
CA LEU A 43 -14.63 1.13 -1.41
C LEU A 43 -13.73 2.00 -0.55
N THR A 44 -14.28 2.62 0.48
CA THR A 44 -13.52 3.46 1.40
C THR A 44 -14.13 3.37 2.80
N SER A 45 -13.33 2.99 3.79
CA SER A 45 -13.75 3.02 5.19
C SER A 45 -12.54 3.45 6.02
N ARG A 46 -12.77 4.02 7.18
CA ARG A 46 -11.68 4.49 8.05
C ARG A 46 -10.84 3.31 8.56
N GLU A 47 -11.51 2.22 8.86
CA GLU A 47 -10.82 1.06 9.42
C GLU A 47 -9.91 0.41 8.39
N ALA A 48 -10.21 0.61 7.11
CA ALA A 48 -9.39 0.04 6.05
C ALA A 48 -7.98 0.62 6.08
N GLY A 49 -7.86 1.89 6.42
CA GLY A 49 -6.55 2.51 6.55
C GLY A 49 -5.96 2.30 7.92
N CYS A 50 -6.81 2.21 8.94
CA CYS A 50 -6.32 1.98 10.29
C CYS A 50 -5.70 0.61 10.39
N ALA A 51 -6.22 -0.36 9.67
CA ALA A 51 -5.67 -1.71 9.65
C ALA A 51 -4.24 -1.73 9.12
N ILE A 52 -3.95 -0.92 8.11
CA ILE A 52 -2.61 -0.86 7.52
C ILE A 52 -1.68 -0.10 8.46
N LEU A 53 -2.18 1.01 8.99
CA LEU A 53 -1.39 1.84 9.91
C LEU A 53 -1.05 1.07 11.19
N CYS A 54 -2.00 0.27 11.67
CA CYS A 54 -1.79 -0.63 12.79
C CYS A 54 -0.70 -1.64 12.47
N LEU A 55 -0.71 -2.26 11.29
CA LEU A 55 0.32 -3.24 10.96
C LEU A 55 1.71 -2.62 10.85
N SER A 56 1.85 -1.43 10.29
CA SER A 56 3.16 -0.82 10.19
C SER A 56 3.67 -0.34 11.55
N SER A 57 2.77 0.17 12.38
CA SER A 57 3.14 0.63 13.71
C SER A 57 3.32 -0.50 14.72
N LYS A 58 2.71 -1.65 14.47
CA LYS A 58 2.90 -2.83 15.33
C LYS A 58 4.36 -3.19 15.43
N LEU A 59 5.04 -3.08 14.30
CA LEU A 59 6.45 -3.45 14.21
C LEU A 59 7.37 -2.25 14.27
N ASN A 60 6.79 -1.05 14.22
CA ASN A 60 7.51 0.23 14.33
C ASN A 60 8.70 0.33 13.38
N LEU A 61 8.47 0.00 12.11
CA LEU A 61 9.55 -0.07 11.12
C LEU A 61 9.83 1.28 10.46
N LEU A 62 9.01 2.27 10.79
CA LEU A 62 9.16 3.62 10.25
C LEU A 62 10.09 4.43 11.14
N ASP A 63 10.56 5.54 10.61
CA ASP A 63 11.38 6.50 11.35
C ASP A 63 10.53 7.10 12.46
N PRO A 64 11.13 7.66 13.53
CA PRO A 64 10.27 8.33 14.52
C PRO A 64 9.65 9.64 14.03
N GLU A 65 9.99 10.08 12.83
CA GLU A 65 9.27 11.17 12.16
C GLU A 65 7.94 10.69 11.55
N GLY A 66 7.68 9.40 11.62
CA GLY A 66 6.47 8.84 11.04
C GLY A 66 6.60 8.68 9.54
N THR A 67 7.83 8.52 9.07
CA THR A 67 8.12 8.41 7.64
C THR A 67 8.72 7.05 7.31
N LEU A 68 8.45 6.58 6.10
CA LEU A 68 8.90 5.28 5.62
C LEU A 68 10.42 5.18 5.60
N HIS A 69 10.99 4.28 6.40
CA HIS A 69 12.45 4.15 6.42
C HIS A 69 12.91 3.44 5.15
N ARG A 70 13.95 3.96 4.50
CA ARG A 70 14.46 3.34 3.26
C ARG A 70 14.90 1.90 3.50
N GLY A 71 15.56 1.69 4.64
CA GLY A 71 15.97 0.35 5.02
C GLY A 71 14.81 -0.60 5.21
N ASN A 72 13.71 -0.17 5.81
CA ASN A 72 12.55 -1.04 5.98
C ASN A 72 12.02 -1.45 4.61
N THR A 73 11.98 -0.48 3.70
CA THR A 73 11.41 -0.72 2.39
C THR A 73 12.19 -1.80 1.65
N VAL A 74 13.51 -1.74 1.68
CA VAL A 74 14.32 -2.76 1.00
C VAL A 74 14.38 -4.07 1.79
N GLU A 75 14.43 -4.03 3.10
CA GLU A 75 14.57 -5.26 3.90
C GLU A 75 13.31 -6.11 3.93
N PHE A 76 12.16 -5.49 4.05
CA PHE A 76 10.91 -6.25 4.16
C PHE A 76 10.62 -6.93 2.83
N ALA A 77 10.98 -6.24 1.76
CA ALA A 77 10.83 -6.80 0.42
C ALA A 77 11.83 -7.93 0.16
N LYS A 78 13.04 -7.81 0.71
CA LYS A 78 14.05 -8.85 0.55
C LYS A 78 13.73 -10.14 1.27
N GLN A 79 12.78 -10.13 2.20
CA GLN A 79 12.26 -11.37 2.79
C GLN A 79 11.62 -12.25 1.71
N HIS A 80 11.14 -11.64 0.63
CA HIS A 80 10.60 -12.35 -0.53
C HIS A 80 11.51 -12.32 -1.76
N GLY A 81 12.66 -11.68 -1.66
CA GLY A 81 13.63 -11.70 -2.75
C GLY A 81 13.64 -10.54 -3.75
N SER A 82 13.33 -9.34 -3.31
CA SER A 82 13.34 -8.18 -4.19
C SER A 82 14.73 -7.70 -4.61
N ASP A 83 14.74 -6.85 -5.63
CA ASP A 83 15.92 -6.06 -5.96
C ASP A 83 15.88 -4.80 -5.11
N ASP A 84 17.03 -4.42 -4.56
CA ASP A 84 17.11 -3.23 -3.71
C ASP A 84 16.78 -1.97 -4.49
N ALA A 85 17.07 -1.94 -5.77
CA ALA A 85 16.76 -0.77 -6.59
C ALA A 85 15.25 -0.58 -6.73
N MET A 86 14.52 -1.66 -7.02
CA MET A 86 13.07 -1.56 -7.21
C MET A 86 12.38 -1.25 -5.89
N ALA A 87 12.91 -1.80 -4.80
CA ALA A 87 12.34 -1.52 -3.49
C ALA A 87 12.64 -0.08 -3.06
N HIS A 88 13.84 0.41 -3.30
CA HIS A 88 14.19 1.79 -2.92
C HIS A 88 13.40 2.81 -3.73
N GLN A 89 13.12 2.50 -4.99
CA GLN A 89 12.30 3.35 -5.83
C GLN A 89 10.90 3.57 -5.26
N LEU A 90 10.40 2.66 -4.44
CA LEU A 90 9.12 2.88 -3.78
C LEU A 90 9.20 4.02 -2.77
N VAL A 91 10.35 4.28 -2.18
CA VAL A 91 10.47 5.43 -1.29
C VAL A 91 10.59 6.69 -2.14
N ASP A 92 11.34 6.61 -3.21
CA ASP A 92 11.58 7.81 -4.03
C ASP A 92 10.32 8.34 -4.70
N ILE A 93 9.47 7.45 -5.20
CA ILE A 93 8.26 7.90 -5.89
C ILE A 93 7.11 8.09 -4.89
N VAL A 94 7.35 7.76 -3.62
CA VAL A 94 6.39 8.12 -2.56
C VAL A 94 6.26 9.65 -2.51
N HIS A 95 7.29 10.36 -2.93
CA HIS A 95 7.24 11.82 -3.03
C HIS A 95 6.20 12.33 -4.02
N ALA A 96 6.10 11.67 -5.17
CA ALA A 96 5.13 12.07 -6.18
C ALA A 96 3.74 11.64 -5.73
N CYS A 97 3.67 10.48 -5.10
CA CYS A 97 2.40 9.97 -4.60
C CYS A 97 1.84 10.79 -3.43
N GLU A 98 2.71 11.46 -2.71
CA GLU A 98 2.29 12.36 -1.64
C GLU A 98 1.47 13.52 -2.22
N LYS A 99 1.79 13.94 -3.44
CA LYS A 99 1.01 15.01 -4.07
C LYS A 99 -0.37 14.49 -4.46
N SER A 100 -0.45 13.23 -4.85
CA SER A 100 -1.73 12.60 -5.16
C SER A 100 -2.59 12.37 -3.92
N VAL A 101 -1.96 12.22 -2.76
CA VAL A 101 -2.65 11.97 -1.50
C VAL A 101 -2.41 13.12 -0.51
N PRO A 102 -3.29 14.14 -0.52
CA PRO A 102 -3.07 15.21 0.46
C PRO A 102 -3.34 14.73 1.88
N PRO A 103 -2.83 15.44 2.91
CA PRO A 103 -3.20 14.95 4.24
C PRO A 103 -4.71 14.99 4.49
N ASN A 104 -5.20 14.00 5.21
CA ASN A 104 -6.62 13.91 5.54
C ASN A 104 -6.80 14.38 6.97
N GLU A 105 -8.03 14.52 7.43
CA GLU A 105 -8.29 14.82 8.83
C GLU A 105 -7.80 13.69 9.72
N ASP A 106 -7.99 12.46 9.26
CA ASP A 106 -7.62 11.27 10.02
C ASP A 106 -6.34 10.65 9.47
N ASN A 107 -5.51 10.14 10.38
CA ASN A 107 -4.27 9.48 10.00
C ASN A 107 -4.60 8.22 9.22
N CYS A 108 -5.66 7.54 9.61
CA CYS A 108 -6.07 6.33 8.90
C CYS A 108 -6.48 6.60 7.46
N LEU A 109 -7.22 7.68 7.22
CA LEU A 109 -7.65 7.99 5.85
C LEU A 109 -6.44 8.34 4.99
N MET A 110 -5.47 9.04 5.57
CA MET A 110 -4.26 9.36 4.81
C MET A 110 -3.47 8.09 4.54
N ALA A 111 -3.39 7.21 5.52
CA ALA A 111 -2.70 5.94 5.36
C ALA A 111 -3.36 5.11 4.26
N LEU A 112 -4.69 5.10 4.19
CA LEU A 112 -5.40 4.41 3.12
C LEU A 112 -5.07 5.00 1.75
N GLY A 113 -5.05 6.32 1.65
CA GLY A 113 -4.75 6.95 0.38
C GLY A 113 -3.36 6.60 -0.09
N ILE A 114 -2.40 6.61 0.83
CA ILE A 114 -1.01 6.23 0.52
C ILE A 114 -0.96 4.75 0.15
N SER A 115 -1.76 3.91 0.78
CA SER A 115 -1.78 2.49 0.46
C SER A 115 -2.34 2.21 -0.93
N MET A 116 -3.28 3.03 -1.39
CA MET A 116 -3.74 2.91 -2.77
C MET A 116 -2.66 3.45 -3.71
N CYS A 117 -2.04 4.56 -3.33
CA CYS A 117 -1.03 5.21 -4.16
C CYS A 117 0.24 4.36 -4.28
N PHE A 118 0.46 3.48 -3.33
CA PHE A 118 1.55 2.51 -3.37
C PHE A 118 1.51 1.66 -4.65
N LYS A 119 0.31 1.36 -5.13
CA LYS A 119 0.19 0.69 -6.42
C LYS A 119 0.30 1.70 -7.56
N THR A 120 -0.32 2.86 -7.41
CA THR A 120 -0.31 3.91 -8.44
C THR A 120 1.09 4.35 -8.88
N GLU A 121 2.03 4.52 -7.96
CA GLU A 121 3.37 4.98 -8.33
C GLU A 121 4.09 4.06 -9.32
N ILE A 122 4.10 2.75 -9.06
CA ILE A 122 4.75 1.80 -9.95
C ILE A 122 3.87 1.62 -11.20
N HIS A 123 2.58 1.87 -11.05
CA HIS A 123 1.66 1.81 -12.18
C HIS A 123 1.95 2.89 -13.21
N LYS A 124 2.27 4.10 -12.77
CA LYS A 124 2.64 5.17 -13.69
C LYS A 124 4.01 4.98 -14.29
N LEU A 125 4.89 4.26 -13.60
CA LEU A 125 6.19 3.88 -14.17
C LEU A 125 6.07 2.75 -15.20
N ASN A 126 4.88 2.20 -15.36
CA ASN A 126 4.57 1.10 -16.29
C ASN A 126 5.35 -0.17 -15.96
N TRP A 127 5.70 -0.33 -14.69
CA TRP A 127 6.46 -1.48 -14.22
C TRP A 127 5.67 -2.30 -13.21
N ALA A 128 4.40 -1.94 -13.04
CA ALA A 128 3.54 -2.65 -12.11
C ALA A 128 3.28 -4.06 -12.66
N PRO A 129 3.13 -5.08 -11.80
CA PRO A 129 2.67 -6.36 -12.35
C PRO A 129 1.24 -6.32 -12.90
N ASP A 130 0.47 -5.32 -12.51
CA ASP A 130 -0.93 -5.17 -12.92
C ASP A 130 -1.09 -4.57 -14.32
N HIS A 131 -0.71 -5.34 -15.32
CA HIS A 131 -0.82 -4.93 -16.71
C HIS A 131 -2.27 -4.84 -17.19
N GLU A 132 -3.16 -5.68 -16.66
CA GLU A 132 -4.57 -5.55 -17.05
C GLU A 132 -5.12 -4.22 -16.57
N LEU A 133 -4.73 -3.82 -15.37
CA LEU A 133 -5.13 -2.53 -14.81
C LEU A 133 -4.48 -1.39 -15.59
N LEU A 134 -3.31 -1.64 -16.17
CA LEU A 134 -2.65 -0.61 -16.98
C LEU A 134 -3.47 -0.35 -18.22
N LEU A 135 -3.88 -1.39 -18.92
CA LEU A 135 -4.68 -1.19 -20.13
C LEU A 135 -6.02 -0.55 -19.78
N GLU A 136 -6.57 -0.94 -18.64
CA GLU A 136 -7.81 -0.35 -18.15
C GLU A 136 -7.65 1.16 -17.93
N GLU A 137 -6.52 1.56 -17.35
CA GLU A 137 -6.28 2.97 -17.05
C GLU A 137 -5.96 3.78 -18.29
N MET A 138 -5.27 3.17 -19.24
CA MET A 138 -4.94 3.83 -20.51
C MET A 138 -6.22 4.09 -21.30
N MET A 139 -7.17 3.16 -21.25
CA MET A 139 -8.47 3.38 -21.89
C MET A 139 -9.32 4.38 -21.11
N ALA A 140 -9.20 4.40 -19.78
CA ALA A 140 -9.91 5.39 -18.98
C ALA A 140 -9.38 6.80 -19.29
N GLU A 141 -8.08 6.90 -19.54
CA GLU A 141 -7.43 8.17 -19.87
C GLU A 141 -7.94 8.76 -21.19
N MET A 142 -8.54 7.96 -22.05
CA MET A 142 -9.12 8.47 -23.29
C MET A 142 -10.30 9.41 -23.00
N LYS A 143 -10.92 9.23 -21.84
CA LYS A 143 -12.06 10.07 -21.44
C LYS A 143 -11.57 11.43 -20.98
N GLN A 144 -10.45 11.44 -20.27
CA GLN A 144 -9.87 12.65 -19.68
C GLN A 144 -8.47 12.85 -20.22
#